data_3VR5
#
_entry.id   3VR5
#
_cell.length_a   128.330
_cell.length_b   129.320
_cell.length_c   234.530
_cell.angle_alpha   90.00
_cell.angle_beta   90.00
_cell.angle_gamma   90.00
#
_symmetry.space_group_name_H-M   'P 21 21 21'
#
loop_
_entity.id
_entity.type
_entity.pdbx_description
1 polymer 'V-type sodium ATPase catalytic subunit A'
2 polymer 'V-type sodium ATPase subunit B'
3 polymer 'V-type sodium ATPase subunit D'
4 polymer 'V-type sodium ATPase subunit G'
#
loop_
_entity_poly.entity_id
_entity_poly.type
_entity_poly.pdbx_seq_one_letter_code
_entity_poly.pdbx_strand_id
1 'polypeptide(L)'
;GSSGSSG(MSE)QIGKIIKVSGPLV(MSE)AEN(MSE)SEASIQD(MSE)CLVGDLGVIGEIIE(MSE)RQDVASIQVYE
ETSGIGPGEPVRSTGEALSVELGPGIISQ(MSE)FDGIQRPLDTF(MSE)EVTQSNFLGRGVQLPALDHEKQWWFEATIE
EGTEVSAGDIIGYVDETKIIQHKI(MSE)VPNGIKGTVQKIESGSFTIDDPICVIETEQGLKELT(MSE)(MSE)QKWPV
RRGRPIKQKLNPDVP(MSE)ITGQRVIDTFFPVTKGGAAAVPGPFGAGKTVVQHQIAKWSDVDLVVYVGCGERGNE
(MSE)TDVVNEFPELIDPNTGESL(MSE)ERTVLIANTSN(MSE)PVAAREASIYTGITIAEYFRD(MSE)GYDVAI
(MSE)ADSTSRWAEALRE(MSE)SGRLEE(MSE)PGDEGYPAYLGSRLAEYYERSGRVIALGSDQREGSITAISAVSPSG
GDISEPVTQNTLRVVKVFWGLDSSLAQKRHFPSINWIQSYSLYSTEVGRY(MSE)DQILQQDWSD(MSE)VTEG(MSE)R
ILQEEEQLNEIVRLVGIDSLSDNDRLTLEVAKSIREDYLQQNAFDDVDTFTSREKQFN(MSE)LKVILTFGKEARKALSL
GAYFNEI(MSE)EGTVAVRERISRSKYIPEEELAKISSINEEIKETIQLIVSEGG(MSE)TDD
;
A,B,C
2 'polypeptide(L)'
;GSSGSSG(MSE)IKEYRTIKEVVGPL(MSE)AVEKVSGVKYEELIEVR(MSE)QNGEIRRGQVLEVQEDKA(MSE)VQIF
EGTSGINLKNSSVRFLGHPLQLGVSED(MSE)IGRVFDGLGRPKDNGPEILPEKYLDINGEVINPIARDYPDEFIQTGIS
AIDHLNTLVRGQKLPVFSGSGLPHKELAAQIARQATVLDSSDDFAVVFAAIGITFEEAEFF(MSE)EDFRQTGAIDRSV
(MSE)F(MSE)NLANDPAIERIATPR(MSE)ALTAAEYLAYEKG(MSE)HVLVI(MSE)TD(MSE)TNYAEALREISAAR
REVPGRRGYPGYLYTNLATLFERAGRIRGLKGSVTQIPILT(MSE)PEDDKTHPIPDLTGYITEGQIILTRELYKSGIQP
PIDVLPSLSRLKDKGTGAGKTREDHAAT(MSE)NQLFAAYAQGKQAKELAVVLGESALSDIDKIYAKFAERFENEYVNQG
FYTNRTITETLDLGWELLA(MSE)LPRTELKRIKDDLLDKYLPEGK
;
D,E,F
3 'polypeptide(L)'
;GSSGSSG(MSE)RLNVNPTR(MSE)ELTRLKKQLTTATRGHKLLKDKQDEL(MSE)RQFILLIRKNNELRQAIEKETQTA
(MSE)KDFVLAKSTVEEAFIDELLALPAENVSISVVEKNI(MSE)SVKVPL(MSE)NFQYDETLNETPLEYGYLHSNAEL
DRSIDGFTQLLPKLLKLAEVEKTCQL(MSE)AEEIEKTRRRVNALEY(MSE)TIPQLEETIYYIK(MSE)KLEENERAEV
TRLIKVKN(MSE)GTEE
;
G
4 'polypeptide(L)'
;(MSE)TYKIGVVGDKDSVSPFRLFGFDVQHGTTKTEIRKTIDE(MSE)AKNEYGVIYITEQCANLVPETIERYKGQLTPA
IILIPSHQGTLGIGLEEIQNSVEKAVGQNILSGPSSGENLYFQ
;
H
#
# COMPACT_ATOMS: atom_id res chain seq x y z
N GLY A 7 -5.69 32.39 43.55
CA GLY A 7 -7.09 32.09 44.04
C GLY A 7 -7.58 30.63 43.97
N GLN A 9 -6.27 26.55 43.64
CA GLN A 9 -5.16 25.82 44.28
C GLN A 9 -3.95 25.67 43.35
N ILE A 10 -2.75 25.97 43.84
CA ILE A 10 -1.54 25.78 43.05
C ILE A 10 -1.03 24.34 43.07
N GLY A 11 -0.79 23.78 41.88
CA GLY A 11 -0.37 22.38 41.72
C GLY A 11 1.10 22.16 41.98
N LYS A 12 1.50 20.92 42.20
CA LYS A 12 2.92 20.56 42.33
C LYS A 12 3.25 19.44 41.32
N ILE A 13 4.29 19.69 40.53
CA ILE A 13 4.78 18.74 39.56
C ILE A 13 5.28 17.42 40.18
N ILE A 14 4.80 16.32 39.62
CA ILE A 14 5.21 15.00 40.06
C ILE A 14 5.92 14.23 38.98
N LYS A 15 5.77 14.65 37.73
CA LYS A 15 6.47 13.99 36.60
C LYS A 15 6.77 14.92 35.43
N VAL A 16 8.05 14.98 35.01
CA VAL A 16 8.43 15.61 33.76
C VAL A 16 9.07 14.57 32.84
N SER A 17 8.47 14.38 31.67
CA SER A 17 8.94 13.36 30.77
C SER A 17 8.77 13.87 29.39
N GLY A 18 9.84 14.45 28.83
CA GLY A 18 9.74 15.05 27.50
C GLY A 18 8.78 16.23 27.61
N PRO A 19 7.79 16.32 26.72
CA PRO A 19 6.82 17.40 26.70
C PRO A 19 5.64 17.19 27.63
N LEU A 20 5.70 16.10 28.39
CA LEU A 20 4.56 15.71 29.23
C LEU A 20 4.86 15.99 30.66
N VAL A 21 3.95 16.74 31.31
CA VAL A 21 4.06 17.03 32.73
C VAL A 21 2.81 16.54 33.50
N ALA A 23 0.93 16.90 37.37
CA ALA A 23 0.93 17.66 38.62
C ALA A 23 -0.25 17.28 39.52
N GLU A 24 0.03 17.09 40.81
CA GLU A 24 -1.03 16.81 41.77
C GLU A 24 -1.56 18.12 42.32
N ASN A 25 -2.55 18.04 43.21
CA ASN A 25 -3.22 19.21 43.78
C ASN A 25 -3.85 20.12 42.71
N SER A 27 -7.02 19.59 41.57
CA SER A 27 -8.41 19.17 41.55
C SER A 27 -9.44 20.30 41.35
N GLU A 28 -9.03 21.54 41.48
CA GLU A 28 -9.95 22.65 41.32
C GLU A 28 -9.77 23.28 39.96
N ALA A 29 -8.77 22.84 39.20
CA ALA A 29 -8.59 23.27 37.80
C ALA A 29 -9.56 22.49 36.87
N SER A 30 -9.62 22.84 35.60
CA SER A 30 -10.59 22.22 34.69
C SER A 30 -9.92 21.63 33.46
N ILE A 31 -10.67 20.82 32.72
CA ILE A 31 -10.14 20.23 31.49
C ILE A 31 -9.97 21.33 30.44
N GLN A 32 -8.84 21.28 29.72
CA GLN A 32 -8.51 22.25 28.67
C GLN A 32 -8.04 23.62 29.20
N ASP A 33 -7.82 23.71 30.51
CA ASP A 33 -7.28 24.93 31.11
C ASP A 33 -5.89 25.16 30.61
N CYS A 35 -2.23 26.44 31.57
CA CYS A 35 -1.45 26.59 32.81
C CYS A 35 -0.03 27.11 32.62
N LEU A 36 0.55 27.66 33.69
CA LEU A 36 1.95 28.04 33.72
C LEU A 36 2.67 26.98 34.51
N VAL A 37 3.58 26.27 33.82
CA VAL A 37 4.22 25.06 34.35
C VAL A 37 5.63 25.35 34.85
N GLY A 38 5.90 24.89 36.06
CA GLY A 38 7.20 25.11 36.69
C GLY A 38 7.40 26.47 37.29
N ASP A 39 8.58 26.68 37.86
CA ASP A 39 8.97 27.98 38.39
C ASP A 39 9.02 29.01 37.28
N LEU A 40 9.51 28.54 36.12
CA LEU A 40 9.60 29.28 34.88
C LEU A 40 8.25 29.78 34.44
N GLY A 41 7.26 28.90 34.56
CA GLY A 41 5.87 29.20 34.20
C GLY A 41 5.58 29.13 32.72
N VAL A 42 6.04 28.05 32.07
CA VAL A 42 5.84 27.88 30.64
C VAL A 42 4.44 27.47 30.32
N ILE A 43 4.04 27.77 29.08
CA ILE A 43 2.70 27.49 28.57
C ILE A 43 2.48 26.00 28.43
N GLY A 44 1.37 25.60 29.04
CA GLY A 44 0.89 24.23 29.00
C GLY A 44 -0.64 24.20 28.95
N GLU A 45 -1.18 23.00 28.84
CA GLU A 45 -2.60 22.80 28.80
C GLU A 45 -2.99 21.48 29.46
N ILE A 46 -4.05 21.50 30.27
CA ILE A 46 -4.50 20.32 30.98
C ILE A 46 -5.30 19.44 30.02
N ILE A 47 -4.77 18.25 29.74
CA ILE A 47 -5.34 17.30 28.82
C ILE A 47 -6.16 16.24 29.51
N GLU A 48 -5.69 15.74 30.64
CA GLU A 48 -6.37 14.70 31.36
C GLU A 48 -6.46 15.00 32.82
N ARG A 50 -6.86 12.67 36.51
CA ARG A 50 -7.15 11.48 37.26
C ARG A 50 -7.06 11.84 38.75
N GLN A 51 -8.19 11.79 39.45
CA GLN A 51 -8.27 12.32 40.82
C GLN A 51 -7.81 13.79 40.84
N ASP A 52 -6.76 14.10 41.58
CA ASP A 52 -6.25 15.45 41.67
C ASP A 52 -5.04 15.66 40.78
N VAL A 53 -4.72 14.62 40.02
CA VAL A 53 -3.53 14.65 39.19
C VAL A 53 -3.89 14.99 37.74
N ALA A 54 -3.41 16.14 37.30
CA ALA A 54 -3.65 16.60 35.93
C ALA A 54 -2.47 16.20 35.03
N SER A 55 -2.77 15.74 33.82
CA SER A 55 -1.73 15.46 32.85
C SER A 55 -1.66 16.64 31.89
N ILE A 56 -0.47 17.21 31.75
CA ILE A 56 -0.32 18.47 31.05
C ILE A 56 0.60 18.38 29.82
N GLN A 57 0.14 18.84 28.66
CA GLN A 57 1.02 18.98 27.51
C GLN A 57 1.72 20.31 27.60
N VAL A 58 3.05 20.29 27.53
CA VAL A 58 3.82 21.52 27.61
C VAL A 58 4.32 21.94 26.22
N TYR A 59 4.09 23.22 25.87
CA TYR A 59 4.25 23.66 24.50
C TYR A 59 5.52 24.41 24.25
N GLU A 60 6.37 24.41 25.27
CA GLU A 60 7.65 25.11 25.27
C GLU A 60 8.67 24.13 25.83
N GLU A 61 9.94 24.37 25.59
CA GLU A 61 10.96 23.41 26.01
C GLU A 61 10.91 23.03 27.53
N THR A 62 10.89 21.73 27.84
CA THR A 62 10.74 21.30 29.25
C THR A 62 12.06 21.00 29.95
N SER A 63 13.17 21.19 29.21
CA SER A 63 14.51 21.18 29.77
C SER A 63 14.57 22.15 30.96
N GLY A 64 15.02 21.61 32.10
CA GLY A 64 15.23 22.38 33.29
C GLY A 64 14.10 22.35 34.30
N ILE A 65 12.97 21.75 33.92
CA ILE A 65 11.86 21.62 34.84
C ILE A 65 11.88 20.27 35.54
N GLY A 66 11.45 20.24 36.78
CA GLY A 66 11.46 19.00 37.53
C GLY A 66 10.35 18.94 38.54
N PRO A 67 10.14 17.75 39.12
CA PRO A 67 9.21 17.54 40.21
C PRO A 67 9.45 18.49 41.40
N GLY A 68 8.38 18.88 42.06
CA GLY A 68 8.46 19.82 43.15
C GLY A 68 7.91 21.16 42.73
N GLU A 69 8.23 21.57 41.50
CA GLU A 69 7.91 22.91 41.02
C GLU A 69 6.41 23.17 40.89
N PRO A 70 5.98 24.44 40.95
CA PRO A 70 4.55 24.73 40.93
C PRO A 70 3.88 24.72 39.56
N VAL A 71 2.58 24.41 39.52
CA VAL A 71 1.75 24.59 38.35
C VAL A 71 0.55 25.46 38.69
N ARG A 72 0.41 26.57 38.00
CA ARG A 72 -0.71 27.49 38.20
C ARG A 72 -1.66 27.42 37.00
N SER A 73 -2.94 27.13 37.25
CA SER A 73 -3.91 27.18 36.16
C SER A 73 -4.33 28.61 35.89
N THR A 74 -4.66 28.95 34.66
CA THR A 74 -5.15 30.28 34.34
C THR A 74 -6.67 30.41 34.55
N GLY A 75 -7.27 29.30 34.94
CA GLY A 75 -8.70 29.28 35.31
C GLY A 75 -9.68 29.20 34.14
N GLU A 76 -9.15 29.20 32.93
CA GLU A 76 -9.97 29.22 31.72
C GLU A 76 -9.22 28.54 30.60
N ALA A 77 -9.96 28.13 29.57
CA ALA A 77 -9.35 27.61 28.35
C ALA A 77 -8.84 28.79 27.54
N LEU A 78 -8.06 28.51 26.52
CA LEU A 78 -7.49 29.53 25.68
C LEU A 78 -8.56 30.51 25.15
N SER A 79 -8.35 31.79 25.49
CA SER A 79 -9.31 32.84 25.23
C SER A 79 -8.69 34.05 24.58
N VAL A 80 -9.53 35.00 24.13
CA VAL A 80 -9.03 36.28 23.66
C VAL A 80 -9.62 37.42 24.48
N GLU A 81 -8.80 38.43 24.74
CA GLU A 81 -9.30 39.71 25.24
C GLU A 81 -9.83 40.56 24.06
N LEU A 82 -11.04 41.07 24.20
CA LEU A 82 -11.71 41.79 23.13
C LEU A 82 -12.17 43.13 23.62
N GLY A 83 -11.61 44.18 23.03
CA GLY A 83 -11.93 45.54 23.43
C GLY A 83 -10.98 46.51 22.77
N PRO A 84 -11.18 47.81 23.03
CA PRO A 84 -10.35 48.86 22.48
C PRO A 84 -8.86 48.61 22.62
N GLY A 85 -8.14 48.66 21.50
CA GLY A 85 -6.70 48.44 21.51
C GLY A 85 -6.32 47.12 20.85
N ILE A 86 -7.29 46.49 20.22
CA ILE A 86 -7.05 45.27 19.47
C ILE A 86 -6.74 45.54 18.01
N ILE A 87 -7.23 46.66 17.47
CA ILE A 87 -6.99 46.99 16.07
C ILE A 87 -5.60 47.48 15.87
N SER A 88 -5.02 47.11 14.73
CA SER A 88 -3.66 47.42 14.33
C SER A 88 -2.59 46.76 15.17
N GLN A 89 -2.97 45.82 16.03
CA GLN A 89 -2.01 45.04 16.80
C GLN A 89 -1.68 43.70 16.11
N PHE A 91 -0.39 39.92 16.85
CA PHE A 91 -0.30 38.94 17.92
C PHE A 91 0.28 37.65 17.35
N ASP A 92 0.64 36.72 18.24
CA ASP A 92 0.83 35.33 17.81
C ASP A 92 -0.50 34.55 17.97
N GLY A 93 -0.42 33.24 17.81
CA GLY A 93 -1.61 32.43 17.82
C GLY A 93 -2.38 32.45 19.11
N ILE A 94 -1.69 32.73 20.22
CA ILE A 94 -2.35 32.73 21.51
C ILE A 94 -2.55 34.13 22.05
N GLN A 95 -2.51 35.09 21.13
CA GLN A 95 -2.75 36.50 21.43
C GLN A 95 -1.68 37.13 22.31
N ARG A 96 -0.40 36.82 22.05
CA ARG A 96 0.67 37.53 22.73
C ARG A 96 0.97 38.76 21.88
N PRO A 97 0.99 39.97 22.51
CA PRO A 97 1.23 41.22 21.80
C PRO A 97 2.69 41.36 21.42
N LEU A 98 2.98 41.18 20.14
CA LEU A 98 4.36 41.16 19.64
C LEU A 98 5.08 42.49 19.79
N ASP A 99 4.35 43.59 19.58
CA ASP A 99 4.90 44.94 19.78
C ASP A 99 5.30 45.20 21.23
N THR A 100 4.40 44.81 22.12
CA THR A 100 4.56 45.01 23.55
C THR A 100 5.75 44.18 24.07
N PHE A 101 5.92 42.99 23.53
CA PHE A 101 7.04 42.11 23.89
C PHE A 101 8.40 42.76 23.67
N GLU A 103 8.91 46.07 23.49
CA GLU A 103 8.99 47.26 24.33
C GLU A 103 9.29 46.91 25.77
N VAL A 104 8.47 46.02 26.33
CA VAL A 104 8.58 45.63 27.74
C VAL A 104 9.83 44.82 28.07
N THR A 105 9.98 43.66 27.43
CA THR A 105 11.09 42.77 27.78
C THR A 105 12.44 43.29 27.32
N GLN A 106 12.41 44.29 26.44
CA GLN A 106 13.62 44.90 25.88
C GLN A 106 14.53 43.85 25.23
N SER A 107 13.91 42.86 24.58
CA SER A 107 14.62 41.82 23.89
C SER A 107 13.96 41.52 22.55
N ASN A 108 14.69 40.77 21.74
CA ASN A 108 14.23 40.39 20.42
C ASN A 108 13.56 39.04 20.46
N PHE A 109 13.45 38.49 21.67
CA PHE A 109 13.03 37.13 21.85
C PHE A 109 11.79 37.00 22.75
N LEU A 110 11.10 35.88 22.59
CA LEU A 110 9.96 35.55 23.43
C LEU A 110 10.45 34.59 24.48
N GLY A 111 10.97 35.14 25.57
CA GLY A 111 11.48 34.26 26.64
C GLY A 111 10.43 33.36 27.23
N ARG A 112 10.79 32.09 27.49
CA ARG A 112 9.92 31.15 28.19
C ARG A 112 9.62 31.65 29.62
N GLY A 113 8.34 31.81 29.94
CA GLY A 113 7.97 32.30 31.26
C GLY A 113 7.50 33.73 31.25
N VAL A 114 7.77 34.45 30.17
CA VAL A 114 7.27 35.83 30.08
C VAL A 114 5.81 35.89 29.66
N GLN A 115 4.94 36.40 30.53
CA GLN A 115 3.53 36.48 30.25
C GLN A 115 3.07 37.95 30.27
N LEU A 116 2.54 38.45 29.17
CA LEU A 116 2.07 39.84 29.07
C LEU A 116 0.64 39.90 28.53
N PRO A 117 -0.22 40.76 29.10
CA PRO A 117 -1.62 40.97 28.66
C PRO A 117 -1.75 41.37 27.22
N ALA A 118 -2.76 40.83 26.57
CA ALA A 118 -2.93 40.97 25.13
C ALA A 118 -3.19 42.40 24.70
N LEU A 119 -4.02 43.11 25.47
CA LEU A 119 -4.36 44.49 25.15
C LEU A 119 -3.71 45.41 26.16
N ASP A 120 -3.81 46.71 25.91
CA ASP A 120 -3.22 47.70 26.81
C ASP A 120 -4.22 48.11 27.89
N HIS A 121 -3.95 47.71 29.13
CA HIS A 121 -4.85 47.99 30.27
C HIS A 121 -4.60 49.33 30.95
N GLU A 122 -3.75 50.15 30.33
CA GLU A 122 -3.36 51.41 30.89
C GLU A 122 -3.71 52.56 29.96
N LYS A 123 -3.99 52.27 28.69
CA LYS A 123 -4.26 53.34 27.74
C LYS A 123 -5.64 53.97 27.98
N GLN A 124 -5.69 55.29 28.04
CA GLN A 124 -6.96 56.04 28.18
C GLN A 124 -7.73 56.14 26.87
N TRP A 125 -9.02 55.84 26.92
CA TRP A 125 -9.92 55.95 25.74
C TRP A 125 -11.07 56.86 26.07
N TRP A 126 -11.55 57.63 25.10
CA TRP A 126 -12.80 58.37 25.33
C TRP A 126 -13.99 57.51 25.02
N PHE A 127 -14.75 57.16 26.06
CA PHE A 127 -15.99 56.41 25.89
C PHE A 127 -17.15 57.41 25.70
N GLU A 128 -17.92 57.22 24.64
CA GLU A 128 -19.11 58.07 24.37
C GLU A 128 -20.36 57.24 24.61
N ALA A 129 -21.13 57.62 25.63
CA ALA A 129 -22.36 56.92 25.97
C ALA A 129 -23.51 57.27 25.00
N THR A 130 -24.19 56.24 24.50
CA THR A 130 -25.26 56.42 23.51
C THR A 130 -26.61 55.84 23.97
N ILE A 131 -26.59 55.20 25.13
CA ILE A 131 -27.79 54.67 25.75
C ILE A 131 -27.96 55.47 27.03
N GLU A 132 -29.18 55.87 27.34
CA GLU A 132 -29.44 56.55 28.62
C GLU A 132 -29.92 55.54 29.67
N GLU A 133 -29.89 55.95 30.94
CA GLU A 133 -30.23 55.05 32.06
C GLU A 133 -31.68 54.56 32.06
N GLY A 134 -31.89 53.37 32.63
CA GLY A 134 -33.22 52.80 32.78
C GLY A 134 -33.63 51.92 31.61
N THR A 135 -32.74 51.83 30.63
CA THR A 135 -33.01 51.06 29.42
C THR A 135 -32.77 49.57 29.68
N GLU A 136 -33.72 48.74 29.25
CA GLU A 136 -33.57 47.29 29.33
C GLU A 136 -32.58 46.79 28.28
N VAL A 137 -31.61 46.00 28.73
CA VAL A 137 -30.58 45.50 27.81
C VAL A 137 -30.35 44.01 27.93
N SER A 138 -29.81 43.45 26.84
CA SER A 138 -29.29 42.10 26.87
C SER A 138 -28.05 42.03 25.97
N ALA A 139 -27.52 40.83 25.82
CA ALA A 139 -26.32 40.63 25.02
C ALA A 139 -26.46 41.22 23.63
N GLY A 140 -25.47 42.02 23.27
CA GLY A 140 -25.38 42.55 21.91
C GLY A 140 -25.75 44.01 21.82
N ASP A 141 -26.56 44.48 22.77
CA ASP A 141 -26.99 45.88 22.76
C ASP A 141 -25.80 46.82 22.92
N ILE A 142 -25.79 47.85 22.09
CA ILE A 142 -24.74 48.84 22.13
C ILE A 142 -25.01 49.93 23.18
N ILE A 143 -24.09 50.07 24.12
CA ILE A 143 -24.22 51.07 25.18
C ILE A 143 -23.40 52.31 24.87
N GLY A 144 -22.50 52.18 23.89
CA GLY A 144 -21.66 53.29 23.46
C GLY A 144 -20.60 52.89 22.45
N TYR A 145 -19.70 53.82 22.14
CA TYR A 145 -18.64 53.57 21.18
C TYR A 145 -17.34 54.28 21.55
N VAL A 146 -16.22 53.76 21.04
CA VAL A 146 -14.93 54.45 21.14
C VAL A 146 -14.34 54.57 19.74
N ASP A 147 -13.94 55.78 19.38
CA ASP A 147 -13.29 55.99 18.09
C ASP A 147 -11.85 55.44 18.20
N GLU A 148 -11.69 54.15 17.95
CA GLU A 148 -10.43 53.47 18.25
C GLU A 148 -9.32 53.79 17.28
N THR A 149 -9.58 53.67 15.97
CA THR A 149 -8.55 54.02 15.00
C THR A 149 -9.01 55.15 14.14
N LYS A 150 -8.13 55.53 13.22
CA LYS A 150 -8.39 56.55 12.24
C LYS A 150 -9.56 56.16 11.31
N ILE A 151 -9.87 54.86 11.21
CA ILE A 151 -10.95 54.40 10.35
C ILE A 151 -12.14 53.81 11.13
N ILE A 152 -11.85 52.88 12.05
CA ILE A 152 -12.89 52.03 12.67
C ILE A 152 -13.39 52.51 14.04
N GLN A 153 -14.72 52.49 14.17
CA GLN A 153 -15.39 52.88 15.41
C GLN A 153 -15.73 51.64 16.19
N HIS A 154 -15.19 51.53 17.38
CA HIS A 154 -15.33 50.33 18.21
C HIS A 154 -16.56 50.45 19.05
N LYS A 155 -17.50 49.54 18.79
CA LYS A 155 -18.79 49.56 19.48
C LYS A 155 -18.76 48.75 20.80
N ILE A 156 -19.10 49.42 21.91
CA ILE A 156 -19.12 48.77 23.21
C ILE A 156 -20.49 48.10 23.44
N VAL A 158 -23.17 45.18 25.32
CA VAL A 158 -23.45 44.35 26.50
C VAL A 158 -22.98 42.93 26.24
N PRO A 159 -22.10 42.40 27.13
CA PRO A 159 -21.49 41.08 26.97
C PRO A 159 -22.51 39.95 27.03
N ASN A 160 -22.16 38.78 26.49
CA ASN A 160 -23.03 37.63 26.68
C ASN A 160 -23.11 37.26 28.14
N GLY A 161 -24.34 36.87 28.52
CA GLY A 161 -24.65 36.40 29.86
C GLY A 161 -25.07 37.53 30.79
N ILE A 162 -25.13 38.74 30.25
CA ILE A 162 -25.66 39.88 30.97
C ILE A 162 -27.03 40.26 30.43
N LYS A 163 -28.00 40.36 31.33
CA LYS A 163 -29.35 40.79 30.99
C LYS A 163 -29.95 41.55 32.16
N GLY A 164 -30.50 42.73 31.90
CA GLY A 164 -31.00 43.60 32.94
C GLY A 164 -31.27 45.04 32.54
N THR A 165 -31.27 45.94 33.52
CA THR A 165 -31.56 47.36 33.32
C THR A 165 -30.33 48.23 33.57
N VAL A 166 -30.02 49.12 32.62
CA VAL A 166 -28.93 50.09 32.78
C VAL A 166 -29.25 51.05 33.92
N GLN A 167 -28.37 51.10 34.93
CA GLN A 167 -28.59 51.93 36.13
C GLN A 167 -27.73 53.19 36.15
N LYS A 168 -26.44 53.04 35.86
CA LYS A 168 -25.53 54.18 35.80
C LYS A 168 -24.60 54.15 34.59
N ILE A 169 -24.57 55.22 33.79
CA ILE A 169 -23.69 55.29 32.62
C ILE A 169 -23.44 56.73 32.17
N GLU A 170 -22.17 57.03 31.87
CA GLU A 170 -21.83 58.35 31.33
C GLU A 170 -20.55 58.35 30.50
N SER A 171 -20.43 59.33 29.60
CA SER A 171 -19.24 59.51 28.76
C SER A 171 -18.05 59.94 29.63
N GLY A 172 -16.85 59.69 29.13
CA GLY A 172 -15.64 60.01 29.86
C GLY A 172 -14.42 59.25 29.39
N SER A 173 -13.28 59.58 29.95
CA SER A 173 -12.04 58.87 29.64
C SER A 173 -11.81 57.72 30.63
N PHE A 174 -11.56 56.53 30.10
CA PHE A 174 -11.35 55.32 30.92
C PHE A 174 -10.30 54.40 30.30
N THR A 175 -9.74 53.51 31.12
CA THR A 175 -8.94 52.38 30.61
C THR A 175 -9.91 51.23 30.40
N ILE A 176 -9.43 50.15 29.78
CA ILE A 176 -10.31 49.01 29.52
C ILE A 176 -10.61 48.19 30.79
N ASP A 177 -10.06 48.63 31.93
CA ASP A 177 -10.32 47.97 33.22
C ASP A 177 -11.31 48.71 34.08
N ASP A 178 -11.61 49.96 33.71
CA ASP A 178 -12.52 50.80 34.49
C ASP A 178 -14.01 50.43 34.25
N PRO A 179 -14.82 50.42 35.33
CA PRO A 179 -16.27 50.17 35.16
C PRO A 179 -16.98 51.38 34.56
N ILE A 180 -17.52 51.22 33.36
CA ILE A 180 -18.15 52.33 32.62
C ILE A 180 -19.69 52.25 32.70
N CYS A 181 -20.21 51.22 33.34
CA CYS A 181 -21.64 50.96 33.34
C CYS A 181 -22.06 50.06 34.48
N VAL A 182 -23.25 50.31 35.00
CA VAL A 182 -23.83 49.48 36.04
C VAL A 182 -25.15 48.91 35.55
N ILE A 183 -25.27 47.59 35.56
CA ILE A 183 -26.50 46.92 35.14
C ILE A 183 -27.18 46.26 36.30
N GLU A 184 -28.48 46.51 36.45
CA GLU A 184 -29.28 45.83 37.48
C GLU A 184 -29.85 44.54 36.91
N THR A 185 -29.19 43.42 37.19
CA THR A 185 -29.62 42.14 36.63
C THR A 185 -30.43 41.38 37.64
N GLU A 186 -30.86 40.17 37.26
CA GLU A 186 -31.53 39.24 38.15
C GLU A 186 -30.61 38.82 39.29
N GLN A 187 -29.31 38.71 39.01
CA GLN A 187 -28.34 38.35 40.03
C GLN A 187 -27.83 39.58 40.83
N GLY A 188 -28.47 40.73 40.63
CA GLY A 188 -28.07 41.96 41.31
C GLY A 188 -27.25 42.92 40.45
N LEU A 189 -26.75 44.00 41.07
CA LEU A 189 -25.94 45.01 40.37
C LEU A 189 -24.62 44.40 39.87
N LYS A 190 -24.33 44.57 38.58
CA LYS A 190 -23.05 44.15 37.99
C LYS A 190 -22.38 45.33 37.24
N GLU A 191 -21.05 45.32 37.19
CA GLU A 191 -20.30 46.40 36.51
C GLU A 191 -19.73 45.94 35.18
N LEU A 192 -19.82 46.80 34.16
CA LEU A 192 -19.26 46.51 32.83
C LEU A 192 -18.03 47.36 32.56
N THR A 193 -17.07 46.82 31.83
CA THR A 193 -15.90 47.59 31.40
C THR A 193 -15.89 47.63 29.90
N GLN A 196 -14.26 42.54 27.04
CA GLN A 196 -14.82 41.24 27.39
C GLN A 196 -13.86 40.13 26.99
N LYS A 197 -13.90 39.01 27.68
CA LYS A 197 -13.15 37.84 27.28
C LYS A 197 -14.05 36.82 26.51
N TRP A 198 -13.41 36.02 25.64
CA TRP A 198 -14.09 34.91 24.93
C TRP A 198 -13.17 33.74 24.60
N PRO A 199 -13.60 32.50 24.87
CA PRO A 199 -12.82 31.30 24.52
C PRO A 199 -12.77 31.05 23.02
N VAL A 200 -11.57 30.93 22.43
CA VAL A 200 -11.41 30.95 20.97
C VAL A 200 -12.07 29.74 20.28
N ARG A 201 -12.25 28.67 21.05
CA ARG A 201 -12.73 27.39 20.55
C ARG A 201 -14.26 27.38 20.50
N ARG A 202 -14.93 28.34 21.14
CA ARG A 202 -16.39 28.39 21.14
C ARG A 202 -16.84 29.56 20.29
N GLY A 203 -17.72 29.32 19.34
CA GLY A 203 -18.22 30.39 18.49
C GLY A 203 -19.07 31.41 19.22
N ARG A 204 -18.83 32.67 18.98
CA ARG A 204 -19.65 33.74 19.56
C ARG A 204 -21.08 33.69 19.04
N PRO A 205 -22.05 33.71 19.95
CA PRO A 205 -23.41 33.31 19.57
C PRO A 205 -24.15 34.36 18.72
N ILE A 206 -25.11 33.91 17.92
CA ILE A 206 -25.89 34.79 17.05
C ILE A 206 -27.36 34.47 17.24
N LYS A 207 -28.25 35.28 16.67
CA LYS A 207 -29.72 35.00 16.68
C LYS A 207 -30.13 34.17 15.48
N GLN A 208 -29.58 34.48 14.31
CA GLN A 208 -29.93 33.78 13.07
C GLN A 208 -28.76 33.78 12.04
N LYS A 209 -28.42 32.59 11.56
CA LYS A 209 -27.50 32.42 10.44
C LYS A 209 -28.30 32.58 9.17
N LEU A 210 -27.81 33.41 8.26
CA LEU A 210 -28.54 33.67 7.02
C LEU A 210 -27.78 33.13 5.80
N ASN A 211 -28.45 33.03 4.66
CA ASN A 211 -27.74 32.76 3.41
C ASN A 211 -26.85 33.92 2.96
N PRO A 212 -25.57 33.64 2.63
CA PRO A 212 -24.71 34.65 2.05
C PRO A 212 -25.01 34.78 0.54
N ASP A 213 -25.84 35.75 0.20
CA ASP A 213 -26.27 35.94 -1.17
C ASP A 213 -25.88 37.31 -1.74
N VAL A 214 -25.07 38.08 -1.00
CA VAL A 214 -24.63 39.36 -1.51
C VAL A 214 -23.24 39.19 -2.04
N PRO A 215 -23.03 39.43 -3.34
CA PRO A 215 -21.69 39.26 -3.94
C PRO A 215 -20.68 40.25 -3.38
N ILE A 217 -17.62 42.72 -3.69
CA ILE A 217 -16.90 43.42 -4.74
C ILE A 217 -15.39 43.45 -4.45
N THR A 218 -14.62 42.60 -5.13
CA THR A 218 -13.18 42.57 -4.96
C THR A 218 -12.52 43.48 -5.95
N GLY A 219 -13.20 43.74 -7.05
CA GLY A 219 -12.68 44.63 -8.07
C GLY A 219 -11.76 43.90 -9.03
N GLN A 220 -11.49 42.64 -8.69
CA GLN A 220 -10.65 41.79 -9.54
C GLN A 220 -11.56 41.02 -10.49
N ARG A 221 -11.37 41.27 -11.78
CA ARG A 221 -12.33 40.87 -12.78
C ARG A 221 -12.59 39.35 -12.85
N VAL A 222 -11.53 38.54 -12.81
CA VAL A 222 -11.70 37.07 -12.93
C VAL A 222 -12.53 36.55 -11.77
N ILE A 223 -12.34 37.16 -10.60
CA ILE A 223 -13.12 36.78 -9.41
C ILE A 223 -14.59 37.23 -9.44
N ASP A 224 -14.81 38.54 -9.50
CA ASP A 224 -16.17 39.08 -9.41
C ASP A 224 -17.10 38.54 -10.49
N THR A 225 -16.54 38.37 -11.69
CA THR A 225 -17.31 37.94 -12.85
C THR A 225 -17.53 36.41 -12.90
N PHE A 226 -16.43 35.64 -12.93
CA PHE A 226 -16.51 34.21 -13.18
C PHE A 226 -16.51 33.33 -11.95
N PHE A 227 -15.81 33.76 -10.89
CA PHE A 227 -15.71 32.96 -9.66
C PHE A 227 -16.00 33.70 -8.38
N PRO A 228 -17.21 34.29 -8.24
CA PRO A 228 -17.48 35.24 -7.16
C PRO A 228 -17.66 34.61 -5.78
N VAL A 229 -17.20 35.30 -4.76
CA VAL A 229 -17.52 34.92 -3.41
C VAL A 229 -18.53 35.93 -2.83
N THR A 230 -19.41 35.43 -1.97
CA THR A 230 -20.40 36.28 -1.34
C THR A 230 -19.96 36.71 0.04
N LYS A 231 -20.63 37.74 0.58
CA LYS A 231 -20.40 38.19 1.94
C LYS A 231 -20.90 37.13 2.89
N GLY A 232 -19.99 36.39 3.48
CA GLY A 232 -20.34 35.29 4.34
C GLY A 232 -19.94 33.97 3.73
N GLY A 233 -19.43 34.06 2.50
CA GLY A 233 -18.98 32.86 1.77
C GLY A 233 -17.58 32.46 2.19
N ALA A 234 -17.01 31.43 1.57
CA ALA A 234 -15.62 31.09 1.84
C ALA A 234 -14.94 30.65 0.55
N ALA A 235 -13.65 30.90 0.42
CA ALA A 235 -12.92 30.45 -0.76
C ALA A 235 -11.54 29.80 -0.42
N ALA A 236 -11.21 28.69 -1.09
CA ALA A 236 -9.91 28.05 -0.92
C ALA A 236 -8.97 28.39 -2.09
N VAL A 237 -7.72 28.71 -1.77
CA VAL A 237 -6.74 29.14 -2.78
C VAL A 237 -5.43 28.37 -2.62
N PRO A 238 -5.12 27.47 -3.58
CA PRO A 238 -3.83 26.77 -3.55
C PRO A 238 -2.72 27.77 -3.83
N GLY A 239 -1.58 27.62 -3.18
CA GLY A 239 -0.59 28.72 -3.26
C GLY A 239 0.79 28.30 -3.67
N PRO A 240 0.95 27.72 -4.92
CA PRO A 240 2.23 27.29 -5.42
C PRO A 240 3.14 28.49 -5.57
N PHE A 241 4.44 28.23 -5.46
CA PHE A 241 5.41 29.27 -5.47
C PHE A 241 5.47 29.94 -6.84
N GLY A 242 5.59 31.26 -6.82
CA GLY A 242 5.78 32.06 -8.03
C GLY A 242 4.50 32.27 -8.84
N ALA A 243 3.35 32.04 -8.22
CA ALA A 243 2.03 32.21 -8.87
C ALA A 243 1.35 33.47 -8.37
N GLY A 244 2.04 34.18 -7.47
CA GLY A 244 1.64 35.50 -7.04
C GLY A 244 0.42 35.50 -6.16
N LYS A 245 0.38 34.51 -5.26
CA LYS A 245 -0.65 34.43 -4.21
C LYS A 245 -0.74 35.69 -3.35
N THR A 246 0.38 36.18 -2.82
CA THR A 246 0.38 37.40 -1.96
C THR A 246 -0.16 38.63 -2.64
N VAL A 247 0.14 38.85 -3.94
CA VAL A 247 -0.42 40.01 -4.65
C VAL A 247 -1.94 39.91 -4.73
N VAL A 248 -2.44 38.70 -5.05
CA VAL A 248 -3.88 38.43 -5.08
C VAL A 248 -4.51 38.64 -3.70
N GLN A 249 -3.85 38.15 -2.67
CA GLN A 249 -4.29 38.35 -1.29
C GLN A 249 -4.29 39.83 -0.92
N HIS A 250 -3.27 40.59 -1.31
CA HIS A 250 -3.23 41.99 -0.98
C HIS A 250 -4.29 42.75 -1.70
N GLN A 251 -4.53 42.42 -2.99
CA GLN A 251 -5.59 43.08 -3.76
C GLN A 251 -6.92 42.85 -3.06
N ILE A 252 -7.17 41.63 -2.63
CA ILE A 252 -8.40 41.26 -1.94
C ILE A 252 -8.55 41.95 -0.61
N ALA A 253 -7.48 42.01 0.12
CA ALA A 253 -7.53 42.69 1.42
C ALA A 253 -7.86 44.21 1.37
N LYS A 254 -7.35 44.93 0.37
CA LYS A 254 -7.54 46.39 0.35
C LYS A 254 -8.72 46.86 -0.51
N TRP A 255 -9.11 46.04 -1.49
CA TRP A 255 -10.17 46.44 -2.41
C TRP A 255 -11.53 45.89 -2.04
N SER A 256 -11.58 44.75 -1.39
CA SER A 256 -12.87 44.17 -1.04
C SER A 256 -13.65 45.02 -0.08
N ASP A 257 -14.96 45.05 -0.26
CA ASP A 257 -15.79 45.98 0.48
C ASP A 257 -16.23 45.43 1.81
N VAL A 258 -15.24 45.03 2.60
CA VAL A 258 -15.46 44.74 3.99
C VAL A 258 -14.91 45.81 4.91
N ASP A 259 -15.34 45.78 6.17
CA ASP A 259 -14.94 46.81 7.15
C ASP A 259 -13.58 46.53 7.77
N LEU A 260 -13.38 45.27 8.16
CA LEU A 260 -12.17 44.86 8.86
C LEU A 260 -11.55 43.62 8.22
N VAL A 261 -10.22 43.55 8.23
CA VAL A 261 -9.52 42.38 7.71
C VAL A 261 -8.81 41.73 8.88
N VAL A 262 -8.96 40.42 9.00
CA VAL A 262 -8.22 39.70 10.00
C VAL A 262 -7.29 38.78 9.27
N TYR A 263 -5.99 39.02 9.41
CA TYR A 263 -4.99 38.19 8.75
C TYR A 263 -4.37 37.19 9.73
N VAL A 264 -4.31 35.93 9.32
CA VAL A 264 -3.74 34.87 10.14
C VAL A 264 -2.63 34.12 9.41
N GLY A 265 -1.43 34.32 9.93
CA GLY A 265 -0.27 33.52 9.54
C GLY A 265 -0.22 32.34 10.49
N CYS A 266 -0.46 31.12 9.97
CA CYS A 266 -0.69 29.94 10.80
C CYS A 266 0.58 29.40 11.44
N GLY A 267 1.58 29.20 10.61
CA GLY A 267 2.83 28.64 11.05
C GLY A 267 3.77 28.68 9.89
N GLU A 268 4.26 29.87 9.60
CA GLU A 268 4.97 30.12 8.35
C GLU A 268 6.48 30.12 8.49
N ARG A 269 7.16 30.02 7.34
CA ARG A 269 8.60 30.01 7.35
C ARG A 269 9.02 31.35 7.91
N GLY A 270 10.00 31.35 8.80
CA GLY A 270 10.47 32.57 9.42
C GLY A 270 10.63 33.76 8.49
N ASN A 271 11.33 33.54 7.38
CA ASN A 271 11.57 34.62 6.46
C ASN A 271 10.37 35.04 5.62
N GLU A 272 9.45 34.11 5.41
CA GLU A 272 8.22 34.44 4.70
C GLU A 272 7.27 35.24 5.58
N THR A 274 8.18 37.33 7.80
CA THR A 274 8.72 38.66 7.94
C THR A 274 8.27 39.59 6.80
N ASP A 275 8.26 39.03 5.61
CA ASP A 275 7.70 39.69 4.41
C ASP A 275 6.31 40.26 4.64
N VAL A 276 5.41 39.40 5.15
CA VAL A 276 4.02 39.77 5.40
C VAL A 276 3.98 40.85 6.48
N VAL A 277 4.80 40.70 7.52
CA VAL A 277 4.82 41.67 8.60
C VAL A 277 5.31 43.01 8.06
N ASN A 278 6.17 42.99 7.05
CA ASN A 278 6.66 44.22 6.43
C ASN A 278 5.69 44.85 5.40
N GLU A 279 5.17 44.02 4.49
CA GLU A 279 4.37 44.49 3.37
C GLU A 279 2.94 44.89 3.69
N PHE A 280 2.38 44.26 4.71
CA PHE A 280 0.97 44.47 5.02
C PHE A 280 0.67 45.86 5.57
N PRO A 281 1.48 46.37 6.51
CA PRO A 281 1.25 47.74 6.94
C PRO A 281 1.47 48.77 5.82
N GLU A 282 2.27 48.41 4.81
CA GLU A 282 2.53 49.30 3.69
C GLU A 282 1.40 49.24 2.65
N LEU A 283 0.43 48.37 2.88
CA LEU A 283 -0.79 48.41 2.11
C LEU A 283 -1.63 49.63 2.47
N ILE A 284 -2.08 50.39 1.46
CA ILE A 284 -2.83 51.62 1.71
C ILE A 284 -4.33 51.46 1.45
N ASP A 285 -5.11 51.90 2.42
CA ASP A 285 -6.57 51.93 2.32
C ASP A 285 -6.99 52.89 1.23
N PRO A 286 -7.65 52.35 0.17
CA PRO A 286 -8.12 53.12 -0.98
C PRO A 286 -9.05 54.25 -0.63
N ASN A 287 -9.92 54.09 0.36
CA ASN A 287 -10.87 55.15 0.74
C ASN A 287 -10.23 56.35 1.47
N THR A 288 -9.42 56.05 2.47
CA THR A 288 -8.88 57.08 3.35
C THR A 288 -7.46 57.52 3.01
N GLY A 289 -6.71 56.66 2.34
CA GLY A 289 -5.27 56.90 2.13
C GLY A 289 -4.43 56.52 3.34
N GLU A 290 -5.06 56.09 4.43
CA GLU A 290 -4.33 55.53 5.60
C GLU A 290 -3.81 54.08 5.35
N SER A 291 -2.98 53.59 6.26
CA SER A 291 -2.50 52.20 6.26
C SER A 291 -3.67 51.30 6.46
N LEU A 292 -3.58 50.13 5.84
CA LEU A 292 -4.60 49.06 5.98
C LEU A 292 -4.69 48.55 7.41
N GLU A 294 -4.97 50.19 9.95
CA GLU A 294 -5.98 50.98 10.67
C GLU A 294 -7.33 50.25 10.79
N ARG A 295 -7.50 49.17 10.02
CA ARG A 295 -8.70 48.35 10.08
C ARG A 295 -8.34 46.87 9.93
N THR A 296 -7.21 46.46 10.51
CA THR A 296 -6.73 45.08 10.39
C THR A 296 -6.24 44.59 11.73
N VAL A 297 -6.54 43.33 12.01
CA VAL A 297 -5.90 42.61 13.12
C VAL A 297 -5.06 41.49 12.53
N LEU A 298 -3.80 41.40 12.95
CA LEU A 298 -2.89 40.45 12.32
C LEU A 298 -2.28 39.42 13.27
N ILE A 299 -2.37 38.14 12.90
CA ILE A 299 -1.75 37.06 13.65
C ILE A 299 -0.55 36.55 12.87
N ALA A 300 0.60 36.60 13.50
CA ALA A 300 1.81 36.15 12.87
C ALA A 300 2.48 35.02 13.66
N ASN A 301 2.44 33.82 13.11
CA ASN A 301 3.17 32.68 13.67
C ASN A 301 4.27 32.20 12.75
N THR A 302 5.48 32.00 13.29
CA THR A 302 6.49 31.27 12.54
C THR A 302 6.41 29.79 12.91
N SER A 303 7.08 28.91 12.18
CA SER A 303 7.05 27.46 12.51
C SER A 303 7.52 27.08 13.91
N ASN A 304 8.38 27.89 14.49
CA ASN A 304 8.90 27.67 15.83
C ASN A 304 8.10 28.34 16.96
N PRO A 306 5.04 28.05 19.53
CA PRO A 306 4.54 26.85 20.17
C PRO A 306 3.38 26.19 19.35
N VAL A 307 3.34 24.86 19.38
CA VAL A 307 2.33 24.12 18.63
C VAL A 307 0.91 24.60 18.98
N ALA A 308 0.73 25.03 20.23
CA ALA A 308 -0.52 25.64 20.72
C ALA A 308 -0.94 26.90 19.94
N ALA A 309 0.03 27.73 19.61
CA ALA A 309 -0.29 28.94 18.94
C ALA A 309 -0.57 28.68 17.47
N ARG A 310 0.08 27.66 16.91
CA ARG A 310 -0.10 27.36 15.49
C ARG A 310 -1.45 26.70 15.26
N GLU A 311 -1.89 25.91 16.24
CA GLU A 311 -3.20 25.29 16.15
C GLU A 311 -4.32 26.28 16.40
N ALA A 312 -4.09 27.19 17.36
CA ALA A 312 -5.09 28.16 17.75
C ALA A 312 -5.22 29.32 16.77
N SER A 313 -4.26 29.40 15.86
CA SER A 313 -4.15 30.53 14.94
C SER A 313 -5.48 30.92 14.28
N ILE A 314 -6.10 30.00 13.56
CA ILE A 314 -7.33 30.31 12.85
C ILE A 314 -8.52 30.54 13.77
N TYR A 315 -8.48 29.89 14.93
CA TYR A 315 -9.54 30.03 15.94
C TYR A 315 -9.47 31.38 16.64
N THR A 316 -8.25 31.76 17.04
CA THR A 316 -7.99 33.10 17.58
C THR A 316 -8.48 34.17 16.63
N GLY A 317 -8.19 33.98 15.36
CA GLY A 317 -8.54 34.96 14.38
C GLY A 317 -10.04 35.05 14.14
N ILE A 318 -10.73 33.92 14.06
CA ILE A 318 -12.16 33.96 13.74
C ILE A 318 -13.01 34.37 14.95
N THR A 319 -12.53 34.14 16.16
CA THR A 319 -13.20 34.66 17.33
C THR A 319 -13.17 36.20 17.31
N ILE A 320 -12.02 36.76 16.96
CA ILE A 320 -11.89 38.21 16.82
C ILE A 320 -12.79 38.72 15.69
N ALA A 321 -12.83 37.99 14.57
CA ALA A 321 -13.69 38.35 13.47
C ALA A 321 -15.14 38.31 13.89
N GLU A 322 -15.52 37.30 14.68
CA GLU A 322 -16.89 37.19 15.19
C GLU A 322 -17.24 38.38 16.07
N TYR A 323 -16.25 38.85 16.82
CA TYR A 323 -16.44 40.00 17.73
C TYR A 323 -16.81 41.25 16.96
N PHE A 324 -16.10 41.49 15.86
CA PHE A 324 -16.37 42.63 14.99
C PHE A 324 -17.63 42.45 14.16
N ARG A 325 -17.89 41.21 13.85
CA ARG A 325 -19.10 40.83 13.16
C ARG A 325 -20.31 41.17 13.99
N ASP A 326 -20.20 40.93 15.30
CA ASP A 326 -21.31 41.19 16.22
C ASP A 326 -21.70 42.66 16.33
N GLY A 328 -21.96 44.47 13.64
CA GLY A 328 -22.68 44.81 12.41
C GLY A 328 -21.72 45.06 11.27
N TYR A 329 -20.47 44.62 11.42
CA TYR A 329 -19.45 44.85 10.41
C TYR A 329 -19.34 43.65 9.46
N ASP A 330 -18.86 43.90 8.24
CA ASP A 330 -18.41 42.84 7.37
C ASP A 330 -16.90 42.64 7.56
N VAL A 331 -16.49 41.43 7.86
CA VAL A 331 -15.07 41.11 8.06
C VAL A 331 -14.56 40.10 6.99
N ALA A 332 -13.32 40.25 6.53
CA ALA A 332 -12.70 39.17 5.77
C ALA A 332 -11.67 38.50 6.67
N ILE A 333 -11.76 37.19 6.88
CA ILE A 333 -10.67 36.47 7.55
C ILE A 333 -9.82 35.67 6.59
N ALA A 335 -6.59 33.38 6.03
CA ALA A 335 -5.61 32.49 6.63
C ALA A 335 -4.62 31.94 5.58
N ASP A 336 -3.34 31.96 5.93
CA ASP A 336 -2.32 31.41 5.08
C ASP A 336 -1.17 30.96 5.96
N SER A 337 -0.87 29.66 5.99
CA SER A 337 -1.57 28.65 5.21
C SER A 337 -2.25 27.62 6.12
N THR A 338 -3.46 27.19 5.73
CA THR A 338 -4.22 26.24 6.54
C THR A 338 -3.59 24.86 6.50
N SER A 339 -2.72 24.63 5.53
CA SER A 339 -1.95 23.39 5.48
C SER A 339 -1.01 23.30 6.68
N ARG A 340 -0.49 24.45 7.06
CA ARG A 340 0.44 24.54 8.16
C ARG A 340 -0.34 24.49 9.49
N TRP A 341 -1.57 24.98 9.50
CA TRP A 341 -2.41 24.87 10.68
C TRP A 341 -2.70 23.42 10.96
N ALA A 342 -2.98 22.69 9.89
CA ALA A 342 -3.36 21.27 10.02
C ALA A 342 -2.15 20.43 10.44
N GLU A 343 -0.96 20.90 10.11
CA GLU A 343 0.23 20.22 10.50
C GLU A 343 0.39 20.28 12.01
N ALA A 344 -0.14 21.34 12.61
CA ALA A 344 -0.16 21.47 14.06
C ALA A 344 -1.10 20.49 14.67
N LEU A 345 -2.22 20.27 13.99
CA LEU A 345 -3.15 19.24 14.43
C LEU A 345 -2.57 17.81 14.33
N ARG A 346 -1.80 17.60 13.27
CA ARG A 346 -1.16 16.30 13.05
C ARG A 346 -0.10 16.04 14.11
N GLU A 347 0.63 17.08 14.47
CA GLU A 347 1.61 16.97 15.52
C GLU A 347 0.92 16.69 16.85
N SER A 349 -1.91 15.26 17.35
CA SER A 349 -2.46 13.88 17.30
C SER A 349 -1.45 12.88 17.76
N GLY A 350 -0.23 13.07 17.29
CA GLY A 350 0.88 12.21 17.64
C GLY A 350 1.29 12.35 19.09
N ARG A 351 1.24 13.58 19.59
CA ARG A 351 1.64 13.86 20.96
C ARG A 351 0.66 13.30 21.96
N LEU A 352 -0.61 13.16 21.55
CA LEU A 352 -1.66 12.64 22.41
C LEU A 352 -1.82 11.12 22.26
N GLU A 353 -0.96 10.53 21.44
CA GLU A 353 -1.01 9.09 21.17
C GLU A 353 -2.36 8.58 20.70
N GLU A 354 -2.99 9.33 19.81
CA GLU A 354 -4.32 9.00 19.33
C GLU A 354 -4.27 7.96 18.21
N PRO A 356 -4.74 7.46 14.56
CA PRO A 356 -4.62 8.40 13.44
C PRO A 356 -5.68 8.21 12.38
N GLY A 357 -6.04 9.31 11.72
CA GLY A 357 -6.90 9.26 10.52
C GLY A 357 -6.03 9.15 9.28
N ASP A 358 -6.49 9.67 8.14
CA ASP A 358 -5.71 9.59 6.91
C ASP A 358 -4.41 10.41 6.96
N GLU A 359 -3.34 9.75 6.54
CA GLU A 359 -2.03 10.35 6.42
C GLU A 359 -1.48 10.93 7.70
N GLY A 360 -1.97 10.38 8.81
CA GLY A 360 -1.47 10.69 10.15
C GLY A 360 -2.21 11.86 10.77
N TYR A 361 -3.08 12.52 9.99
CA TYR A 361 -3.92 13.59 10.51
C TYR A 361 -4.88 12.94 11.49
N PRO A 362 -5.28 13.69 12.52
CA PRO A 362 -6.24 13.19 13.47
C PRO A 362 -7.54 12.77 12.81
N ALA A 363 -8.24 11.83 13.43
CA ALA A 363 -9.49 11.35 12.89
C ALA A 363 -10.57 12.40 12.88
N TYR A 364 -10.34 13.49 13.63
CA TYR A 364 -11.31 14.58 13.70
C TYR A 364 -11.04 15.74 12.76
N LEU A 365 -10.15 15.53 11.77
CA LEU A 365 -9.65 16.66 10.98
C LEU A 365 -10.79 17.31 10.22
N GLY A 366 -11.60 16.47 9.58
CA GLY A 366 -12.79 16.92 8.83
C GLY A 366 -13.70 17.80 9.68
N SER A 367 -13.93 17.35 10.91
CA SER A 367 -14.81 18.04 11.86
C SER A 367 -14.24 19.43 12.27
N ARG A 368 -12.96 19.46 12.57
CA ARG A 368 -12.36 20.70 12.97
C ARG A 368 -12.42 21.75 11.87
N LEU A 369 -12.23 21.30 10.63
CA LEU A 369 -12.33 22.22 9.51
C LEU A 369 -13.74 22.73 9.33
N ALA A 370 -14.69 21.83 9.54
CA ALA A 370 -16.06 22.19 9.41
C ALA A 370 -16.43 23.15 10.53
N GLU A 371 -15.88 22.96 11.73
CA GLU A 371 -16.16 23.84 12.84
C GLU A 371 -15.71 25.26 12.52
N TYR A 372 -14.56 25.39 11.86
CA TYR A 372 -14.03 26.73 11.46
C TYR A 372 -14.83 27.48 10.40
N TYR A 373 -15.04 26.83 9.29
CA TYR A 373 -15.75 27.44 8.18
C TYR A 373 -17.21 27.72 8.46
N GLU A 374 -17.84 26.94 9.32
CA GLU A 374 -19.23 27.18 9.64
C GLU A 374 -19.38 28.31 10.63
N ARG A 375 -18.25 28.78 11.14
CA ARG A 375 -18.26 29.96 11.98
C ARG A 375 -18.23 31.26 11.18
N SER A 376 -17.77 31.16 9.92
CA SER A 376 -17.87 32.28 8.98
C SER A 376 -19.28 32.32 8.48
N GLY A 377 -19.68 33.47 7.92
CA GLY A 377 -21.00 33.54 7.31
C GLY A 377 -21.74 34.82 7.57
N ARG A 378 -22.95 34.94 7.01
CA ARG A 378 -23.81 36.08 7.22
C ARG A 378 -24.81 35.81 8.30
N VAL A 379 -24.89 36.72 9.26
CA VAL A 379 -25.66 36.48 10.45
C VAL A 379 -26.50 37.68 10.88
N ILE A 380 -27.49 37.42 11.72
CA ILE A 380 -28.15 38.47 12.45
C ILE A 380 -27.54 38.38 13.81
N ALA A 381 -26.81 39.41 14.21
CA ALA A 381 -26.21 39.49 15.52
C ALA A 381 -27.31 39.61 16.63
N LEU A 382 -26.99 39.13 17.83
CA LEU A 382 -27.86 39.34 18.99
C LEU A 382 -27.97 40.83 19.34
N GLY A 383 -29.06 41.14 20.04
CA GLY A 383 -29.42 42.52 20.36
C GLY A 383 -30.72 42.93 19.70
N SER A 384 -31.32 43.98 20.24
CA SER A 384 -32.63 44.38 19.76
C SER A 384 -32.55 45.14 18.43
N ASP A 385 -31.35 45.55 18.03
CA ASP A 385 -31.15 46.14 16.70
C ASP A 385 -31.38 45.16 15.57
N GLN A 386 -31.06 43.90 15.83
CA GLN A 386 -31.09 42.81 14.83
C GLN A 386 -30.19 43.17 13.65
N ARG A 387 -28.99 43.65 13.93
CA ARG A 387 -28.10 44.04 12.85
C ARG A 387 -27.47 42.82 12.21
N GLU A 388 -27.13 42.95 10.93
CA GLU A 388 -26.45 41.91 10.16
C GLU A 388 -24.97 42.16 10.13
N GLY A 389 -24.22 41.09 10.28
CA GLY A 389 -22.75 41.09 10.21
C GLY A 389 -22.38 39.94 9.30
N SER A 390 -21.13 39.89 8.90
CA SER A 390 -20.67 38.78 8.08
C SER A 390 -19.19 38.57 8.24
N ILE A 391 -18.79 37.32 8.06
CA ILE A 391 -17.39 36.96 8.01
C ILE A 391 -17.23 36.20 6.72
N THR A 392 -16.37 36.71 5.86
CA THR A 392 -16.05 35.99 4.64
C THR A 392 -14.66 35.37 4.79
N ALA A 393 -14.51 34.09 4.49
CA ALA A 393 -13.23 33.40 4.75
C ALA A 393 -12.45 33.13 3.49
N ILE A 394 -11.22 33.60 3.42
CA ILE A 394 -10.34 33.35 2.30
C ILE A 394 -9.15 32.55 2.82
N SER A 395 -9.04 31.31 2.38
CA SER A 395 -8.01 30.43 2.95
C SER A 395 -7.05 29.82 1.98
N ALA A 396 -5.77 29.94 2.31
CA ALA A 396 -4.74 29.35 1.45
C ALA A 396 -4.51 27.94 1.90
N VAL A 397 -4.36 27.06 0.94
CA VAL A 397 -3.89 25.71 1.17
C VAL A 397 -2.60 25.53 0.40
N SER A 398 -1.67 24.75 0.92
CA SER A 398 -0.41 24.56 0.22
C SER A 398 0.12 23.15 0.43
N PRO A 399 -0.52 22.17 -0.25
CA PRO A 399 -0.23 20.76 -0.08
C PRO A 399 1.21 20.38 -0.44
N SER A 400 1.69 19.25 0.09
CA SER A 400 3.06 18.75 -0.18
C SER A 400 3.38 18.65 -1.66
N GLY A 401 2.47 18.03 -2.42
CA GLY A 401 2.71 17.71 -3.82
C GLY A 401 2.01 18.62 -4.82
N GLY A 402 1.26 19.59 -4.31
CA GLY A 402 0.46 20.51 -5.13
C GLY A 402 -0.85 19.86 -5.55
N ASP A 403 -1.06 18.62 -5.10
CA ASP A 403 -2.18 17.81 -5.51
C ASP A 403 -3.29 18.07 -4.54
N ILE A 404 -4.49 18.20 -5.10
CA ILE A 404 -5.66 18.61 -4.38
C ILE A 404 -6.17 17.48 -3.49
N SER A 405 -6.03 16.24 -3.94
CA SER A 405 -6.72 15.11 -3.33
C SER A 405 -6.32 14.79 -1.87
N GLU A 406 -5.30 15.49 -1.38
CA GLU A 406 -4.83 15.34 -0.01
C GLU A 406 -5.87 15.80 1.03
N PRO A 407 -5.86 15.23 2.23
CA PRO A 407 -6.87 15.46 3.25
C PRO A 407 -7.23 16.90 3.58
N VAL A 408 -6.28 17.80 3.65
CA VAL A 408 -6.53 19.19 4.06
C VAL A 408 -7.36 19.96 3.07
N THR A 409 -6.94 19.95 1.81
CA THR A 409 -7.68 20.61 0.74
C THR A 409 -9.02 19.94 0.53
N GLN A 410 -9.04 18.61 0.62
CA GLN A 410 -10.25 17.87 0.35
C GLN A 410 -11.33 18.14 1.37
N ASN A 411 -10.97 18.17 2.66
CA ASN A 411 -11.98 18.43 3.69
C ASN A 411 -12.43 19.86 3.69
N THR A 412 -11.56 20.74 3.23
CA THR A 412 -11.87 22.16 3.09
C THR A 412 -12.91 22.38 2.01
N LEU A 413 -12.69 21.75 0.86
CA LEU A 413 -13.55 21.95 -0.28
C LEU A 413 -14.91 21.31 -0.11
N ARG A 414 -15.05 20.50 0.94
CA ARG A 414 -16.34 19.91 1.26
C ARG A 414 -17.26 20.88 1.93
N VAL A 415 -16.69 21.89 2.57
CA VAL A 415 -17.49 22.86 3.29
C VAL A 415 -17.37 24.29 2.79
N VAL A 416 -16.46 24.59 1.85
CA VAL A 416 -16.41 25.93 1.23
C VAL A 416 -16.96 25.87 -0.18
N LYS A 417 -17.46 27.02 -0.67
CA LYS A 417 -18.17 27.03 -1.97
C LYS A 417 -17.40 27.68 -3.14
N VAL A 418 -16.18 28.13 -2.87
CA VAL A 418 -15.40 28.79 -3.90
C VAL A 418 -13.98 28.30 -3.92
N PHE A 419 -13.48 28.10 -5.12
CA PHE A 419 -12.12 27.63 -5.33
C PHE A 419 -11.43 28.42 -6.44
N TRP A 420 -10.36 29.12 -6.05
CA TRP A 420 -9.57 29.88 -6.99
C TRP A 420 -8.28 29.17 -7.23
N GLY A 421 -8.21 28.42 -8.33
CA GLY A 421 -7.00 27.62 -8.64
C GLY A 421 -5.84 28.45 -9.20
N LEU A 422 -4.97 29.00 -8.33
CA LEU A 422 -3.79 29.67 -8.80
C LEU A 422 -2.89 28.67 -9.52
N ASP A 423 -2.35 29.08 -10.65
CA ASP A 423 -1.62 28.16 -11.53
C ASP A 423 -0.25 28.75 -11.84
N SER A 424 0.80 28.01 -11.55
CA SER A 424 2.14 28.49 -11.78
C SER A 424 2.52 28.53 -13.25
N SER A 425 1.85 27.69 -14.06
CA SER A 425 2.09 27.65 -15.51
C SER A 425 1.55 28.92 -16.14
N LEU A 426 0.42 29.43 -15.60
CA LEU A 426 -0.19 30.69 -16.07
C LEU A 426 0.71 31.87 -15.70
N ALA A 427 1.33 31.80 -14.53
CA ALA A 427 2.26 32.84 -14.12
C ALA A 427 3.50 32.88 -15.03
N GLN A 428 3.91 31.71 -15.51
CA GLN A 428 5.07 31.62 -16.37
C GLN A 428 4.72 32.09 -17.79
N LYS A 429 3.42 32.12 -18.10
CA LYS A 429 2.94 32.63 -19.39
C LYS A 429 2.47 34.08 -19.25
N ARG A 430 2.92 34.72 -18.17
CA ARG A 430 2.67 36.12 -17.86
C ARG A 430 1.16 36.42 -17.85
N HIS A 431 0.40 35.49 -17.29
CA HIS A 431 -1.04 35.70 -17.12
C HIS A 431 -1.37 35.98 -15.69
N PHE A 432 -1.68 37.24 -15.39
CA PHE A 432 -1.92 37.65 -14.00
C PHE A 432 -3.22 38.42 -13.85
N PRO A 433 -4.02 38.11 -12.78
CA PRO A 433 -3.78 37.09 -11.78
C PRO A 433 -3.83 35.65 -12.28
N SER A 434 -3.00 34.76 -11.70
CA SER A 434 -2.78 33.43 -12.26
C SER A 434 -3.92 32.42 -12.01
N ILE A 435 -5.17 32.87 -12.02
CA ILE A 435 -6.31 31.98 -11.70
C ILE A 435 -6.80 31.21 -12.92
N ASN A 436 -6.70 29.89 -12.84
CA ASN A 436 -7.09 29.01 -13.91
C ASN A 436 -8.62 29.01 -14.08
N TRP A 437 -9.08 29.53 -15.21
CA TRP A 437 -10.50 29.70 -15.52
C TRP A 437 -11.24 28.42 -15.85
N ILE A 438 -10.49 27.33 -16.05
CA ILE A 438 -11.11 26.03 -16.26
C ILE A 438 -11.26 25.27 -14.96
N GLN A 439 -10.21 25.26 -14.16
CA GLN A 439 -10.19 24.46 -12.94
C GLN A 439 -10.93 25.07 -11.76
N SER A 440 -10.93 26.39 -11.70
CA SER A 440 -11.63 27.14 -10.66
C SER A 440 -13.16 26.97 -10.70
N TYR A 441 -13.83 27.29 -9.61
CA TYR A 441 -15.29 27.25 -9.58
C TYR A 441 -15.87 28.09 -8.46
N SER A 442 -17.11 28.52 -8.64
CA SER A 442 -17.85 29.17 -7.56
C SER A 442 -19.28 28.68 -7.54
N LEU A 443 -19.67 28.15 -6.39
CA LEU A 443 -21.01 27.61 -6.23
C LEU A 443 -22.00 28.76 -6.00
N TYR A 444 -21.46 29.98 -5.90
CA TYR A 444 -22.28 31.15 -5.69
C TYR A 444 -22.66 31.78 -7.02
N SER A 445 -22.12 31.26 -8.12
CA SER A 445 -22.31 31.86 -9.45
C SER A 445 -23.78 32.08 -9.82
N THR A 446 -24.60 31.06 -9.60
CA THR A 446 -25.99 31.12 -9.98
C THR A 446 -26.79 32.15 -9.15
N GLU A 447 -26.52 32.21 -7.85
CA GLU A 447 -27.20 33.17 -6.95
C GLU A 447 -26.73 34.61 -7.20
N VAL A 448 -25.41 34.74 -7.34
CA VAL A 448 -24.79 36.01 -7.65
C VAL A 448 -25.36 36.51 -8.97
N GLY A 449 -25.52 35.60 -9.91
CA GLY A 449 -26.09 35.95 -11.21
C GLY A 449 -27.48 36.55 -11.13
N ARG A 450 -28.34 36.00 -10.27
CA ARG A 450 -29.69 36.54 -10.10
C ARG A 450 -29.61 37.94 -9.47
N TYR A 451 -28.72 38.11 -8.50
CA TYR A 451 -28.51 39.40 -7.83
C TYR A 451 -28.07 40.43 -8.82
N ASP A 453 -28.27 40.48 -12.17
CA ASP A 453 -29.24 40.79 -13.20
C ASP A 453 -30.28 41.80 -12.67
N GLN A 454 -30.60 41.65 -11.39
CA GLN A 454 -31.58 42.52 -10.76
C GLN A 454 -31.01 43.92 -10.52
N ILE A 455 -29.81 44.00 -9.96
CA ILE A 455 -29.21 45.28 -9.57
C ILE A 455 -28.76 46.08 -10.80
N LEU A 456 -28.42 45.39 -11.89
CA LEU A 456 -27.95 46.05 -13.12
C LEU A 456 -29.06 46.23 -14.12
N GLN A 457 -30.15 45.49 -13.94
CA GLN A 457 -31.25 45.46 -14.91
C GLN A 457 -30.69 45.06 -16.31
N GLN A 458 -29.81 44.06 -16.30
CA GLN A 458 -29.23 43.52 -17.52
C GLN A 458 -29.21 41.99 -17.46
N ASP A 459 -29.02 41.33 -18.60
CA ASP A 459 -28.83 39.88 -18.63
C ASP A 459 -27.35 39.55 -18.47
N TRP A 460 -26.83 39.96 -17.32
CA TRP A 460 -25.42 39.79 -16.95
C TRP A 460 -25.07 38.32 -16.87
N SER A 461 -25.96 37.51 -16.32
CA SER A 461 -25.69 36.09 -16.13
C SER A 461 -25.60 35.37 -17.46
N ASP A 462 -26.39 35.81 -18.43
CA ASP A 462 -26.33 35.23 -19.76
C ASP A 462 -24.99 35.53 -20.42
N VAL A 464 -22.10 36.19 -18.74
CA VAL A 464 -21.07 35.47 -17.99
C VAL A 464 -20.96 34.02 -18.51
N THR A 465 -22.09 33.35 -18.65
CA THR A 465 -22.09 31.98 -19.14
C THR A 465 -21.59 31.90 -20.57
N GLU A 466 -21.92 32.90 -21.38
CA GLU A 466 -21.43 32.93 -22.76
C GLU A 466 -19.92 33.16 -22.78
N GLY A 467 -19.45 34.00 -21.86
CA GLY A 467 -18.02 34.30 -21.71
C GLY A 467 -17.26 33.04 -21.35
N ARG A 469 -18.33 29.96 -21.91
CA ARG A 469 -18.54 28.97 -22.98
C ARG A 469 -17.47 29.09 -24.07
N ILE A 470 -17.12 30.33 -24.39
CA ILE A 470 -16.05 30.63 -25.35
C ILE A 470 -14.71 30.17 -24.80
N LEU A 471 -14.49 30.40 -23.51
CA LEU A 471 -13.26 29.97 -22.84
C LEU A 471 -13.14 28.45 -22.82
N GLN A 472 -14.27 27.76 -22.61
CA GLN A 472 -14.29 26.29 -22.60
C GLN A 472 -13.99 25.74 -23.99
N GLU A 473 -14.62 26.33 -24.99
CA GLU A 473 -14.41 25.89 -26.36
C GLU A 473 -12.99 26.21 -26.85
N GLU A 474 -12.39 27.26 -26.30
CA GLU A 474 -11.04 27.65 -26.67
C GLU A 474 -10.07 26.54 -26.35
N GLU A 475 -10.32 25.85 -25.23
CA GLU A 475 -9.41 24.78 -24.79
C GLU A 475 -9.38 23.71 -25.87
N GLN A 476 -10.56 23.38 -26.38
CA GLN A 476 -10.71 22.33 -27.41
C GLN A 476 -10.00 22.75 -28.71
N LEU A 477 -10.25 24.00 -29.13
CA LEU A 477 -9.66 24.58 -30.36
C LEU A 477 -8.12 24.71 -30.32
N ASN A 478 -7.57 24.99 -29.13
CA ASN A 478 -6.11 25.11 -28.94
C ASN A 478 -5.39 23.81 -29.22
N GLU A 479 -6.03 22.69 -28.85
CA GLU A 479 -5.44 21.37 -29.07
C GLU A 479 -5.36 21.06 -30.57
N ILE A 480 -6.38 21.47 -31.30
CA ILE A 480 -6.42 21.34 -32.74
C ILE A 480 -5.33 22.19 -33.40
N VAL A 481 -5.16 23.42 -32.94
CA VAL A 481 -4.12 24.33 -33.47
C VAL A 481 -2.74 23.72 -33.30
N ARG A 482 -2.51 23.12 -32.13
CA ARG A 482 -1.23 22.51 -31.83
C ARG A 482 -0.94 21.30 -32.75
N LEU A 483 -1.99 20.54 -33.05
CA LEU A 483 -1.87 19.36 -33.93
C LEU A 483 -1.93 19.73 -35.40
N VAL A 484 -3.10 20.22 -35.83
CA VAL A 484 -3.39 20.46 -37.24
C VAL A 484 -2.74 21.73 -37.78
N GLY A 485 -2.88 22.83 -37.05
CA GLY A 485 -2.27 24.09 -37.45
C GLY A 485 -3.32 25.16 -37.49
N ILE A 486 -2.91 26.40 -37.20
CA ILE A 486 -3.85 27.54 -37.18
C ILE A 486 -4.45 27.82 -38.57
N ASP A 487 -3.67 27.57 -39.64
CA ASP A 487 -4.11 27.82 -41.01
C ASP A 487 -5.21 26.84 -41.49
N SER A 488 -5.48 25.80 -40.71
CA SER A 488 -6.46 24.79 -41.07
C SER A 488 -7.80 24.96 -40.33
N LEU A 489 -7.99 26.07 -39.62
CA LEU A 489 -9.25 26.29 -38.86
C LEU A 489 -10.28 27.00 -39.73
N SER A 490 -11.57 26.81 -39.43
CA SER A 490 -12.63 27.51 -40.15
C SER A 490 -12.69 28.96 -39.68
N ASP A 491 -13.40 29.82 -40.42
CA ASP A 491 -13.50 31.23 -40.04
C ASP A 491 -14.20 31.41 -38.69
N ASN A 492 -15.24 30.61 -38.42
CA ASN A 492 -15.93 30.60 -37.12
C ASN A 492 -15.01 30.24 -35.97
N ASP A 493 -14.16 29.26 -36.18
CA ASP A 493 -13.22 28.81 -35.17
C ASP A 493 -12.10 29.82 -34.94
N ARG A 494 -11.58 30.40 -36.02
CA ARG A 494 -10.55 31.46 -35.95
C ARG A 494 -11.08 32.64 -35.14
N LEU A 495 -12.37 32.94 -35.34
CA LEU A 495 -13.02 34.05 -34.63
C LEU A 495 -13.15 33.74 -33.13
N THR A 496 -13.62 32.55 -32.82
CA THR A 496 -13.79 32.10 -31.43
C THR A 496 -12.49 32.19 -30.66
N LEU A 497 -11.40 31.84 -31.30
CA LEU A 497 -10.07 31.90 -30.67
C LEU A 497 -9.68 33.34 -30.36
N GLU A 498 -10.07 34.26 -31.26
CA GLU A 498 -9.80 35.69 -31.09
C GLU A 498 -10.60 36.26 -29.94
N VAL A 499 -11.87 35.88 -29.86
CA VAL A 499 -12.76 36.35 -28.80
C VAL A 499 -12.29 35.78 -27.47
N ALA A 500 -11.85 34.53 -27.47
CA ALA A 500 -11.32 33.92 -26.24
C ALA A 500 -10.00 34.55 -25.84
N LYS A 501 -9.19 34.92 -26.84
CA LYS A 501 -7.95 35.64 -26.59
C LYS A 501 -8.21 37.04 -26.02
N SER A 502 -9.28 37.67 -26.47
CA SER A 502 -9.68 38.98 -25.99
C SER A 502 -10.18 38.88 -24.56
N ILE A 503 -10.92 37.83 -24.25
CA ILE A 503 -11.39 37.64 -22.89
C ILE A 503 -10.19 37.46 -21.97
N ARG A 504 -9.23 36.63 -22.40
CA ARG A 504 -8.04 36.35 -21.60
C ARG A 504 -7.20 37.63 -21.40
N GLU A 505 -6.94 38.36 -22.50
CA GLU A 505 -6.03 39.51 -22.49
C GLU A 505 -6.70 40.79 -22.01
N ASP A 506 -7.86 41.08 -22.58
CA ASP A 506 -8.52 42.35 -22.33
C ASP A 506 -9.38 42.36 -21.07
N TYR A 507 -9.69 41.17 -20.56
CA TYR A 507 -10.59 41.05 -19.40
C TYR A 507 -9.95 40.37 -18.21
N LEU A 508 -9.56 39.11 -18.37
CA LEU A 508 -8.97 38.32 -17.28
C LEU A 508 -7.68 38.94 -16.76
N GLN A 509 -6.76 39.23 -17.68
CA GLN A 509 -5.43 39.79 -17.33
C GLN A 509 -5.59 41.18 -16.75
N GLN A 510 -5.01 41.39 -15.58
CA GLN A 510 -5.25 42.60 -14.82
C GLN A 510 -4.01 42.98 -14.01
N ASN A 511 -3.47 44.16 -14.29
CA ASN A 511 -2.27 44.67 -13.60
C ASN A 511 -2.61 45.38 -12.28
N ALA A 512 -2.20 44.76 -11.18
CA ALA A 512 -2.50 45.28 -9.85
C ALA A 512 -1.74 46.55 -9.57
N PHE A 513 -0.67 46.80 -10.33
CA PHE A 513 0.24 47.92 -10.03
C PHE A 513 -0.06 49.14 -10.93
N ASP A 514 -1.01 48.97 -11.85
CA ASP A 514 -1.47 50.09 -12.70
C ASP A 514 -2.54 50.89 -11.95
N ASP A 515 -2.45 52.22 -12.02
CA ASP A 515 -3.34 53.10 -11.24
C ASP A 515 -4.84 52.89 -11.53
N VAL A 516 -5.17 52.52 -12.78
CA VAL A 516 -6.57 52.31 -13.17
C VAL A 516 -6.97 50.84 -13.22
N ASP A 517 -6.04 50.00 -13.71
CA ASP A 517 -6.30 48.56 -13.88
C ASP A 517 -6.39 47.81 -12.56
N THR A 518 -5.90 48.42 -11.49
CA THR A 518 -5.86 47.76 -10.20
C THR A 518 -7.24 47.49 -9.63
N PHE A 519 -8.23 48.28 -10.01
CA PHE A 519 -9.61 48.00 -9.59
C PHE A 519 -10.61 48.24 -10.69
N THR A 520 -11.56 47.30 -10.82
CA THR A 520 -12.63 47.47 -11.77
C THR A 520 -13.98 47.47 -11.08
N SER A 521 -14.72 48.58 -11.13
CA SER A 521 -16.06 48.67 -10.53
C SER A 521 -17.01 47.71 -11.22
N ARG A 522 -18.10 47.41 -10.52
CA ARG A 522 -19.07 46.47 -11.04
C ARG A 522 -19.69 46.98 -12.34
N GLU A 523 -19.92 48.30 -12.37
CA GLU A 523 -20.46 48.92 -13.56
C GLU A 523 -19.46 48.83 -14.74
N LYS A 524 -18.19 49.04 -14.43
CA LYS A 524 -17.12 49.00 -15.46
C LYS A 524 -16.93 47.62 -16.06
N GLN A 525 -17.01 46.62 -15.17
CA GLN A 525 -16.90 45.22 -15.57
C GLN A 525 -17.97 44.84 -16.60
N PHE A 526 -19.20 45.30 -16.37
CA PHE A 526 -20.30 45.04 -17.30
C PHE A 526 -20.02 45.56 -18.68
N ASN A 527 -19.64 46.83 -18.70
CA ASN A 527 -19.39 47.50 -19.94
C ASN A 527 -18.24 46.87 -20.72
N LEU A 529 -17.15 43.60 -20.50
CA LEU A 529 -17.52 42.28 -21.01
C LEU A 529 -18.55 42.41 -22.15
N LYS A 530 -19.37 43.46 -22.08
CA LYS A 530 -20.38 43.75 -23.11
C LYS A 530 -19.72 43.99 -24.48
N VAL A 531 -18.72 44.87 -24.54
CA VAL A 531 -18.07 45.19 -25.82
C VAL A 531 -17.32 44.00 -26.40
N ILE A 532 -16.65 43.23 -25.54
CA ILE A 532 -15.87 42.07 -25.98
C ILE A 532 -16.80 41.05 -26.63
N LEU A 533 -17.96 40.85 -26.02
CA LEU A 533 -18.94 39.90 -26.55
C LEU A 533 -19.70 40.45 -27.76
N THR A 534 -19.92 41.75 -27.79
CA THR A 534 -20.56 42.39 -28.91
C THR A 534 -19.73 42.20 -30.17
N PHE A 535 -18.41 42.25 -30.03
CA PHE A 535 -17.56 42.10 -31.20
C PHE A 535 -17.69 40.70 -31.76
N GLY A 536 -17.73 39.73 -30.86
CA GLY A 536 -17.92 38.32 -31.23
C GLY A 536 -19.25 38.14 -31.93
N LYS A 537 -20.29 38.79 -31.40
CA LYS A 537 -21.64 38.69 -31.96
C LYS A 537 -21.73 39.31 -33.36
N GLU A 538 -21.23 40.54 -33.50
CA GLU A 538 -21.28 41.28 -34.77
C GLU A 538 -20.42 40.62 -35.86
N ALA A 539 -19.22 40.18 -35.48
CA ALA A 539 -18.30 39.55 -36.45
C ALA A 539 -18.84 38.21 -36.93
N ARG A 540 -19.53 37.50 -36.05
CA ARG A 540 -20.12 36.21 -36.39
C ARG A 540 -21.33 36.42 -37.29
N LYS A 541 -22.02 37.53 -37.09
CA LYS A 541 -23.14 37.90 -37.95
C LYS A 541 -22.61 38.30 -39.32
N ALA A 542 -21.40 38.82 -39.33
CA ALA A 542 -20.74 39.21 -40.57
C ALA A 542 -20.30 37.98 -41.36
N LEU A 543 -19.83 36.96 -40.64
CA LEU A 543 -19.42 35.70 -41.27
C LEU A 543 -20.59 35.02 -41.98
N SER A 544 -21.77 35.00 -41.34
CA SER A 544 -22.93 34.36 -41.90
C SER A 544 -23.60 35.20 -42.97
N LEU A 545 -23.05 36.39 -43.21
CA LEU A 545 -23.55 37.25 -44.30
C LEU A 545 -22.64 37.18 -45.53
N GLY A 546 -21.56 36.38 -45.43
CA GLY A 546 -20.63 36.18 -46.54
C GLY A 546 -19.30 36.90 -46.43
N ALA A 547 -19.03 37.52 -45.28
CA ALA A 547 -17.73 38.18 -45.05
C ALA A 547 -16.66 37.17 -44.61
N TYR A 548 -15.39 37.53 -44.78
CA TYR A 548 -14.27 36.63 -44.45
C TYR A 548 -13.57 37.06 -43.18
N PHE A 549 -13.01 36.08 -42.47
CA PHE A 549 -12.35 36.30 -41.19
C PHE A 549 -11.23 37.33 -41.24
N ASN A 550 -10.39 37.20 -42.26
CA ASN A 550 -9.22 38.05 -42.41
C ASN A 550 -9.63 39.51 -42.68
N GLU A 551 -10.71 39.65 -43.45
CA GLU A 551 -11.26 40.96 -43.80
C GLU A 551 -11.77 41.67 -42.55
N ILE A 552 -12.41 40.89 -41.67
CA ILE A 552 -12.95 41.44 -40.43
C ILE A 552 -11.83 41.88 -39.50
N GLU A 554 -8.59 42.59 -40.38
CA GLU A 554 -7.78 43.66 -40.98
C GLU A 554 -8.57 44.98 -41.03
N GLY A 555 -9.90 44.87 -40.96
CA GLY A 555 -10.79 46.03 -40.99
C GLY A 555 -11.09 46.64 -39.62
N THR A 556 -10.83 45.88 -38.56
CA THR A 556 -11.19 46.30 -37.21
C THR A 556 -10.00 46.45 -36.27
N VAL A 557 -8.87 46.87 -36.83
CA VAL A 557 -7.66 47.03 -36.06
C VAL A 557 -7.83 48.11 -34.99
N ALA A 558 -8.45 49.23 -35.38
CA ALA A 558 -8.57 50.39 -34.51
C ALA A 558 -9.54 50.10 -33.36
N VAL A 559 -10.65 49.45 -33.67
CA VAL A 559 -11.67 49.20 -32.65
C VAL A 559 -11.29 48.09 -31.67
N ARG A 560 -10.51 47.10 -32.13
CA ARG A 560 -10.05 46.01 -31.26
C ARG A 560 -9.02 46.48 -30.27
N GLU A 561 -8.26 47.50 -30.68
CA GLU A 561 -7.30 48.12 -29.78
C GLU A 561 -8.04 48.94 -28.69
N ARG A 562 -9.18 49.52 -29.06
CA ARG A 562 -10.03 50.23 -28.10
C ARG A 562 -10.56 49.29 -27.05
N ILE A 563 -10.85 48.06 -27.47
CA ILE A 563 -11.27 46.99 -26.56
C ILE A 563 -10.14 46.59 -25.63
N SER A 564 -8.93 46.54 -26.18
CA SER A 564 -7.74 46.18 -25.40
C SER A 564 -7.38 47.22 -24.35
N ARG A 565 -7.74 48.50 -24.62
CA ARG A 565 -7.43 49.62 -23.73
C ARG A 565 -8.61 49.99 -22.79
N SER A 566 -9.71 49.24 -22.92
CA SER A 566 -10.90 49.43 -22.06
C SER A 566 -10.58 49.34 -20.58
N LYS A 567 -9.62 48.47 -20.24
CA LYS A 567 -9.28 48.23 -18.85
C LYS A 567 -8.68 49.46 -18.20
N TYR A 568 -8.21 50.39 -19.01
CA TYR A 568 -7.55 51.61 -18.50
C TYR A 568 -8.46 52.84 -18.54
N ILE A 569 -9.72 52.65 -18.95
CA ILE A 569 -10.69 53.76 -18.99
C ILE A 569 -11.11 54.19 -17.60
N PRO A 570 -10.95 55.50 -17.29
CA PRO A 570 -11.19 56.05 -15.95
C PRO A 570 -12.62 55.82 -15.50
N GLU A 571 -12.83 55.75 -14.18
CA GLU A 571 -14.18 55.46 -13.64
C GLU A 571 -15.22 56.58 -13.94
N GLU A 572 -14.70 57.74 -14.29
CA GLU A 572 -15.52 58.91 -14.56
C GLU A 572 -16.00 58.93 -16.01
N GLU A 573 -15.39 58.10 -16.87
CA GLU A 573 -15.62 58.19 -18.31
C GLU A 573 -16.04 56.85 -18.91
N LEU A 574 -16.92 56.14 -18.20
CA LEU A 574 -17.37 54.80 -18.63
C LEU A 574 -18.05 54.76 -20.02
N ALA A 575 -18.40 55.95 -20.52
CA ALA A 575 -19.02 56.11 -21.83
C ALA A 575 -18.03 55.77 -22.95
N LYS A 576 -16.75 55.99 -22.67
CA LYS A 576 -15.72 55.75 -23.68
C LYS A 576 -15.52 54.25 -23.94
N ILE A 577 -16.07 53.43 -23.04
CA ILE A 577 -16.10 51.97 -23.20
C ILE A 577 -17.40 51.59 -23.89
N SER A 578 -18.48 52.17 -23.40
CA SER A 578 -19.82 51.90 -23.87
C SER A 578 -19.99 52.33 -25.32
N SER A 579 -19.24 53.35 -25.77
CA SER A 579 -19.37 53.87 -27.16
C SER A 579 -18.56 53.04 -28.16
N ILE A 580 -17.81 52.06 -27.64
CA ILE A 580 -17.09 51.13 -28.50
C ILE A 580 -18.09 50.25 -29.23
N ASN A 581 -19.20 49.97 -28.56
CA ASN A 581 -20.26 49.19 -29.14
C ASN A 581 -20.76 49.76 -30.48
N GLU A 582 -20.95 51.06 -30.57
CA GLU A 582 -21.39 51.70 -31.81
C GLU A 582 -20.31 51.62 -32.89
N GLU A 583 -19.05 51.76 -32.47
CA GLU A 583 -17.96 51.72 -33.41
C GLU A 583 -17.78 50.31 -33.99
N ILE A 584 -18.10 49.28 -33.18
CA ILE A 584 -18.02 47.89 -33.64
C ILE A 584 -19.01 47.64 -34.76
N LYS A 585 -20.26 48.04 -34.48
CA LYS A 585 -21.37 47.78 -35.38
C LYS A 585 -21.16 48.55 -36.67
N GLU A 586 -20.64 49.77 -36.54
CA GLU A 586 -20.43 50.68 -37.68
C GLU A 586 -19.28 50.21 -38.54
N THR A 587 -18.18 49.81 -37.89
CA THR A 587 -16.99 49.38 -38.61
C THR A 587 -17.26 48.10 -39.41
N ILE A 588 -17.85 47.11 -38.76
CA ILE A 588 -18.14 45.83 -39.39
C ILE A 588 -19.19 45.98 -40.51
N GLN A 589 -20.14 46.91 -40.30
CA GLN A 589 -21.13 47.24 -41.31
C GLN A 589 -20.45 47.67 -42.63
N LEU A 590 -19.45 48.54 -42.52
CA LEU A 590 -18.69 49.02 -43.67
C LEU A 590 -17.90 47.88 -44.30
N ILE A 591 -17.42 46.95 -43.48
CA ILE A 591 -16.67 45.78 -43.96
C ILE A 591 -17.55 44.85 -44.80
N VAL A 592 -18.75 44.57 -44.28
CA VAL A 592 -19.73 43.75 -45.01
C VAL A 592 -20.10 44.44 -46.33
N SER A 593 -20.14 45.78 -46.34
CA SER A 593 -20.41 46.55 -47.56
C SER A 593 -19.25 46.49 -48.54
N GLU A 594 -18.10 47.01 -48.08
CA GLU A 594 -16.89 47.12 -48.89
C GLU A 594 -16.17 45.79 -48.92
N GLY B 1 -25.39 -23.56 52.96
CA GLY B 1 -25.91 -22.56 51.97
C GLY B 1 -26.04 -21.15 52.53
N SER B 2 -27.18 -20.52 52.31
CA SER B 2 -27.40 -19.16 52.78
C SER B 2 -28.80 -18.98 53.37
N SER B 3 -28.85 -18.48 54.60
CA SER B 3 -30.11 -18.21 55.31
C SER B 3 -31.04 -19.41 55.45
N GLY B 4 -30.42 -20.59 55.56
CA GLY B 4 -31.13 -21.83 55.96
C GLY B 4 -31.46 -22.83 54.87
N SER B 5 -31.15 -22.46 53.63
CA SER B 5 -31.39 -23.33 52.49
C SER B 5 -30.22 -23.28 51.49
N SER B 6 -30.23 -24.12 50.47
CA SER B 6 -29.13 -24.15 49.49
C SER B 6 -29.54 -24.65 48.13
N GLY B 7 -28.88 -24.16 47.09
CA GLY B 7 -29.19 -24.58 45.74
C GLY B 7 -27.98 -24.62 44.84
N GLN B 9 -25.24 -22.97 41.98
CA GLN B 9 -24.34 -21.80 41.95
C GLN B 9 -24.95 -20.63 41.19
N ILE B 10 -24.87 -19.45 41.78
CA ILE B 10 -25.34 -18.28 41.07
C ILE B 10 -24.21 -17.27 40.82
N GLY B 11 -23.83 -17.07 39.55
CA GLY B 11 -22.81 -16.11 39.18
C GLY B 11 -23.32 -14.69 39.31
N LYS B 12 -22.42 -13.71 39.37
CA LYS B 12 -22.80 -12.30 39.35
C LYS B 12 -22.05 -11.53 38.26
N ILE B 13 -22.76 -10.80 37.42
CA ILE B 13 -22.11 -9.94 36.42
C ILE B 13 -21.20 -8.87 37.07
N ILE B 14 -19.98 -8.75 36.55
CA ILE B 14 -19.07 -7.72 37.01
C ILE B 14 -18.61 -6.78 35.89
N LYS B 15 -18.96 -7.10 34.65
CA LYS B 15 -18.74 -6.14 33.53
C LYS B 15 -19.51 -6.50 32.24
N VAL B 16 -19.90 -5.44 31.53
CA VAL B 16 -20.60 -5.57 30.26
C VAL B 16 -19.92 -4.68 29.21
N SER B 17 -19.50 -5.30 28.10
CA SER B 17 -18.96 -4.53 26.98
C SER B 17 -19.41 -5.17 25.68
N GLY B 18 -20.60 -4.78 25.25
CA GLY B 18 -21.18 -5.39 24.09
C GLY B 18 -21.49 -6.86 24.32
N PRO B 19 -21.08 -7.71 23.35
CA PRO B 19 -21.37 -9.11 23.36
C PRO B 19 -20.44 -9.90 24.28
N LEU B 20 -19.63 -9.20 25.04
CA LEU B 20 -18.75 -9.86 25.99
C LEU B 20 -19.13 -9.46 27.41
N VAL B 21 -19.44 -10.47 28.22
CA VAL B 21 -19.79 -10.24 29.63
C VAL B 21 -18.90 -11.04 30.59
N ALA B 23 -18.44 -12.45 34.48
CA ALA B 23 -19.25 -12.82 35.64
C ALA B 23 -18.43 -13.62 36.68
N GLU B 24 -18.57 -13.28 37.97
CA GLU B 24 -17.88 -13.95 39.07
C GLU B 24 -18.69 -15.04 39.69
N ASN B 25 -18.05 -15.87 40.49
CA ASN B 25 -18.69 -17.03 41.13
C ASN B 25 -19.26 -18.05 40.14
N SER B 27 -17.43 -20.91 39.18
CA SER B 27 -16.37 -21.91 39.27
C SER B 27 -16.81 -23.31 38.93
N GLU B 28 -18.11 -23.57 39.04
CA GLU B 28 -18.65 -24.90 38.77
C GLU B 28 -18.88 -25.14 37.30
N ALA B 29 -18.90 -24.07 36.51
CA ALA B 29 -19.19 -24.17 35.08
C ALA B 29 -17.95 -24.52 34.29
N SER B 30 -18.11 -25.11 33.12
CA SER B 30 -16.95 -25.42 32.29
C SER B 30 -16.81 -24.52 31.05
N ILE B 31 -15.66 -24.58 30.41
CA ILE B 31 -15.44 -23.90 29.14
C ILE B 31 -16.40 -24.47 28.09
N GLN B 32 -17.00 -23.57 27.31
CA GLN B 32 -17.97 -23.85 26.22
C GLN B 32 -19.40 -24.11 26.75
N ASP B 33 -19.59 -24.01 28.08
CA ASP B 33 -20.91 -24.18 28.68
C ASP B 33 -21.84 -23.05 28.36
N CYS B 35 -24.86 -20.53 29.28
CA CYS B 35 -25.33 -19.91 30.52
C CYS B 35 -26.36 -18.82 30.27
N LEU B 36 -27.16 -18.50 31.29
CA LEU B 36 -28.20 -17.47 31.18
C LEU B 36 -27.74 -16.26 31.88
N VAL B 37 -27.73 -15.14 31.18
CA VAL B 37 -27.03 -13.94 31.66
C VAL B 37 -27.96 -12.82 32.04
N GLY B 38 -27.77 -12.29 33.25
CA GLY B 38 -28.55 -11.17 33.73
C GLY B 38 -29.97 -11.51 34.12
N ASP B 39 -30.72 -10.50 34.52
CA ASP B 39 -32.13 -10.67 34.89
C ASP B 39 -32.95 -11.22 33.72
N LEU B 40 -32.61 -10.77 32.52
CA LEU B 40 -33.34 -11.13 31.33
C LEU B 40 -33.01 -12.54 30.88
N GLY B 41 -31.86 -13.04 31.35
CA GLY B 41 -31.44 -14.42 31.09
C GLY B 41 -31.14 -14.68 29.62
N VAL B 42 -30.29 -13.83 29.05
CA VAL B 42 -29.93 -13.97 27.64
C VAL B 42 -28.90 -15.11 27.43
N ILE B 43 -28.96 -15.75 26.26
CA ILE B 43 -28.22 -16.99 25.98
C ILE B 43 -26.76 -16.75 25.68
N GLY B 44 -25.88 -17.31 26.50
CA GLY B 44 -24.44 -17.05 26.32
C GLY B 44 -23.56 -18.25 26.48
N GLU B 45 -22.30 -18.13 26.07
CA GLU B 45 -21.36 -19.23 26.12
C GLU B 45 -20.07 -18.80 26.83
N ILE B 46 -19.61 -19.63 27.78
CA ILE B 46 -18.37 -19.40 28.52
C ILE B 46 -17.17 -19.76 27.66
N ILE B 47 -16.32 -18.77 27.40
CA ILE B 47 -15.17 -19.02 26.53
C ILE B 47 -13.83 -18.99 27.26
N GLU B 48 -13.83 -18.36 28.43
CA GLU B 48 -12.63 -18.25 29.24
C GLU B 48 -12.98 -18.27 30.72
N ARG B 50 -11.02 -17.48 34.45
CA ARG B 50 -9.89 -16.97 35.26
C ARG B 50 -10.34 -16.92 36.69
N GLN B 51 -9.75 -17.83 37.46
CA GLN B 51 -10.22 -18.17 38.79
C GLN B 51 -11.71 -18.56 38.69
N ASP B 52 -12.55 -17.74 39.28
CA ASP B 52 -13.98 -17.98 39.31
C ASP B 52 -14.72 -17.04 38.37
N VAL B 53 -13.97 -16.25 37.62
CA VAL B 53 -14.58 -15.28 36.70
C VAL B 53 -14.64 -15.88 35.31
N ALA B 54 -15.86 -15.98 34.81
CA ALA B 54 -16.09 -16.40 33.47
C ALA B 54 -16.17 -15.18 32.49
N SER B 55 -15.51 -15.35 31.35
CA SER B 55 -15.73 -14.48 30.22
C SER B 55 -16.83 -15.17 29.35
N ILE B 56 -17.87 -14.40 29.05
CA ILE B 56 -19.01 -14.93 28.31
C ILE B 56 -19.26 -14.25 26.94
N GLN B 57 -19.47 -15.07 25.90
CA GLN B 57 -19.87 -14.60 24.58
C GLN B 57 -21.37 -14.75 24.50
N VAL B 58 -22.06 -13.65 24.41
CA VAL B 58 -23.51 -13.61 24.46
C VAL B 58 -24.14 -13.58 23.05
N TYR B 59 -25.12 -14.43 22.79
CA TYR B 59 -25.73 -14.55 21.45
C TYR B 59 -27.00 -13.73 21.29
N GLU B 60 -27.23 -12.79 22.21
CA GLU B 60 -28.36 -11.87 22.13
C GLU B 60 -27.91 -10.50 22.52
N GLU B 61 -28.70 -9.46 22.22
CA GLU B 61 -28.27 -8.04 22.43
C GLU B 61 -28.14 -7.75 23.90
N THR B 62 -27.09 -7.01 24.30
CA THR B 62 -26.78 -6.84 25.74
C THR B 62 -27.03 -5.42 26.22
N SER B 63 -27.60 -4.63 25.34
CA SER B 63 -27.96 -3.30 25.71
C SER B 63 -28.96 -3.36 26.85
N GLY B 64 -28.63 -2.69 27.95
CA GLY B 64 -29.53 -2.60 29.09
C GLY B 64 -29.18 -3.57 30.21
N ILE B 65 -28.05 -4.26 30.07
CA ILE B 65 -27.55 -5.19 31.08
C ILE B 65 -26.41 -4.55 31.89
N GLY B 66 -26.32 -4.84 33.19
CA GLY B 66 -25.29 -4.24 34.05
C GLY B 66 -24.80 -5.15 35.16
N PRO B 67 -23.77 -4.74 35.89
CA PRO B 67 -23.14 -5.57 36.91
C PRO B 67 -24.06 -5.77 38.11
N GLY B 68 -23.90 -6.92 38.78
CA GLY B 68 -24.75 -7.30 39.90
C GLY B 68 -25.92 -8.19 39.51
N GLU B 69 -26.24 -8.28 38.21
CA GLU B 69 -27.27 -9.19 37.73
C GLU B 69 -26.76 -10.64 37.78
N PRO B 70 -27.64 -11.62 37.98
CA PRO B 70 -27.22 -13.02 38.23
C PRO B 70 -26.97 -13.82 36.96
N VAL B 71 -26.12 -14.83 37.03
CA VAL B 71 -25.82 -15.67 35.87
C VAL B 71 -25.95 -17.12 36.26
N ARG B 72 -26.63 -17.94 35.43
CA ARG B 72 -26.88 -19.35 35.75
C ARG B 72 -26.49 -20.26 34.60
N SER B 73 -25.58 -21.17 34.88
CA SER B 73 -25.12 -22.14 33.89
C SER B 73 -26.17 -23.20 33.55
N THR B 74 -26.12 -23.78 32.36
CA THR B 74 -26.97 -24.93 32.00
C THR B 74 -26.23 -26.26 32.13
N GLY B 75 -24.92 -26.17 32.30
CA GLY B 75 -24.05 -27.33 32.55
C GLY B 75 -23.69 -28.09 31.30
N GLU B 76 -24.15 -27.57 30.16
CA GLU B 76 -23.96 -28.21 28.87
C GLU B 76 -23.48 -27.23 27.80
N ALA B 77 -22.72 -27.74 26.85
CA ALA B 77 -22.21 -26.98 25.74
C ALA B 77 -23.31 -26.54 24.79
N LEU B 78 -23.00 -25.62 23.89
CA LEU B 78 -23.95 -25.28 22.84
C LEU B 78 -24.37 -26.51 21.98
N SER B 79 -25.66 -26.86 22.00
CA SER B 79 -26.13 -28.11 21.45
C SER B 79 -27.43 -27.97 20.69
N VAL B 80 -27.71 -28.89 19.78
CA VAL B 80 -28.97 -28.88 19.00
C VAL B 80 -29.81 -30.06 19.35
N GLU B 81 -31.13 -29.91 19.27
CA GLU B 81 -32.04 -31.06 19.40
C GLU B 81 -32.21 -31.76 18.07
N LEU B 82 -31.99 -33.07 18.04
CA LEU B 82 -32.01 -33.80 16.78
C LEU B 82 -33.01 -34.91 16.88
N GLY B 83 -34.15 -34.73 16.22
CA GLY B 83 -35.20 -35.74 16.24
C GLY B 83 -36.33 -35.30 15.36
N PRO B 84 -37.39 -36.07 15.32
CA PRO B 84 -38.54 -35.75 14.52
C PRO B 84 -39.16 -34.39 14.80
N GLY B 85 -39.47 -33.64 13.72
CA GLY B 85 -40.02 -32.25 13.83
C GLY B 85 -38.97 -31.15 13.49
N ILE B 86 -37.82 -31.62 13.00
CA ILE B 86 -36.73 -30.78 12.59
C ILE B 86 -36.82 -30.36 11.11
N ILE B 87 -37.35 -31.22 10.24
CA ILE B 87 -37.45 -30.94 8.81
C ILE B 87 -38.50 -29.87 8.52
N SER B 88 -38.18 -28.98 7.57
CA SER B 88 -39.07 -27.90 7.11
C SER B 88 -39.22 -26.77 8.11
N GLN B 89 -38.33 -26.75 9.10
CA GLN B 89 -38.34 -25.66 10.05
C GLN B 89 -37.40 -24.52 9.65
N PHE B 91 -35.09 -22.01 11.78
CA PHE B 91 -34.57 -21.72 13.11
C PHE B 91 -33.75 -20.45 13.10
N ASP B 92 -33.45 -19.86 14.27
CA ASP B 92 -32.44 -18.81 14.35
C ASP B 92 -31.06 -19.43 14.60
N GLY B 93 -30.06 -18.62 14.92
CA GLY B 93 -28.69 -19.10 15.09
C GLY B 93 -28.51 -20.21 16.12
N ILE B 94 -29.32 -20.17 17.17
CA ILE B 94 -29.17 -21.12 18.26
C ILE B 94 -30.28 -22.16 18.28
N GLN B 95 -30.91 -22.37 17.11
CA GLN B 95 -31.98 -23.36 16.88
C GLN B 95 -33.21 -23.04 17.71
N ARG B 96 -33.61 -21.79 17.79
CA ARG B 96 -34.93 -21.44 18.30
C ARG B 96 -35.90 -21.31 17.10
N PRO B 97 -37.04 -22.01 17.15
CA PRO B 97 -38.04 -22.01 16.06
C PRO B 97 -38.68 -20.64 15.89
N LEU B 98 -38.54 -20.03 14.71
CA LEU B 98 -38.96 -18.64 14.54
C LEU B 98 -40.47 -18.40 14.46
N ASP B 99 -41.21 -19.37 13.90
CA ASP B 99 -42.68 -19.28 13.88
C ASP B 99 -43.26 -19.37 15.30
N THR B 100 -42.72 -20.31 16.05
CA THR B 100 -43.08 -20.46 17.42
C THR B 100 -42.66 -19.24 18.25
N PHE B 101 -41.51 -18.67 17.90
CA PHE B 101 -41.00 -17.47 18.55
C PHE B 101 -42.02 -16.35 18.44
N GLU B 103 -45.36 -16.65 17.81
CA GLU B 103 -46.58 -17.03 18.54
C GLU B 103 -46.42 -16.73 20.04
N VAL B 104 -45.29 -17.15 20.59
CA VAL B 104 -45.07 -17.06 22.02
C VAL B 104 -44.96 -15.62 22.51
N THR B 105 -44.11 -14.83 21.85
CA THR B 105 -43.93 -13.42 22.22
C THR B 105 -45.08 -12.54 21.81
N GLN B 106 -45.91 -13.07 20.89
CA GLN B 106 -47.04 -12.31 20.37
C GLN B 106 -46.56 -10.95 19.83
N SER B 107 -45.51 -11.03 19.02
CA SER B 107 -44.89 -9.87 18.43
C SER B 107 -44.32 -10.23 17.08
N ASN B 108 -44.27 -9.23 16.22
CA ASN B 108 -43.76 -9.39 14.88
C ASN B 108 -42.22 -9.26 14.92
N PHE B 109 -41.72 -8.78 16.06
CA PHE B 109 -40.32 -8.51 16.24
C PHE B 109 -39.66 -9.38 17.30
N LEU B 110 -38.33 -9.36 17.27
CA LEU B 110 -37.50 -10.19 18.10
C LEU B 110 -37.31 -9.60 19.48
N GLY B 111 -37.83 -10.31 20.50
CA GLY B 111 -37.61 -9.92 21.89
C GLY B 111 -36.36 -10.54 22.46
N ARG B 112 -36.12 -10.29 23.74
CA ARG B 112 -34.98 -10.87 24.43
C ARG B 112 -35.33 -11.92 25.55
N GLY B 113 -34.40 -12.84 25.78
CA GLY B 113 -34.48 -13.73 26.95
C GLY B 113 -35.55 -14.79 26.83
N VAL B 114 -35.99 -15.07 25.60
CA VAL B 114 -37.04 -16.05 25.34
C VAL B 114 -36.44 -17.44 25.18
N GLN B 115 -36.88 -18.33 26.07
CA GLN B 115 -36.47 -19.72 26.03
C GLN B 115 -37.48 -20.56 25.27
N LEU B 116 -37.02 -21.16 24.18
CA LEU B 116 -37.84 -22.09 23.41
C LEU B 116 -37.10 -23.36 23.04
N PRO B 117 -37.74 -24.51 23.22
CA PRO B 117 -37.13 -25.75 22.77
C PRO B 117 -37.12 -25.74 21.27
N ALA B 118 -36.10 -26.36 20.67
CA ALA B 118 -35.99 -26.39 19.23
C ALA B 118 -37.13 -27.14 18.54
N LEU B 119 -37.52 -28.28 19.10
CA LEU B 119 -38.52 -29.13 18.47
C LEU B 119 -39.81 -29.10 19.24
N ASP B 120 -40.82 -29.67 18.59
CA ASP B 120 -42.12 -29.84 19.18
C ASP B 120 -42.14 -31.08 20.06
N HIS B 121 -42.07 -30.82 21.37
CA HIS B 121 -42.06 -31.88 22.38
C HIS B 121 -43.43 -32.44 22.69
N GLU B 122 -44.47 -31.92 22.03
CA GLU B 122 -45.84 -32.32 22.32
C GLU B 122 -46.46 -33.07 21.14
N LYS B 123 -45.77 -33.06 20.01
CA LYS B 123 -46.30 -33.67 18.80
C LYS B 123 -46.16 -35.19 18.83
N GLN B 124 -47.24 -35.88 18.47
CA GLN B 124 -47.24 -37.32 18.44
C GLN B 124 -46.71 -37.83 17.10
N TRP B 125 -45.75 -38.74 17.14
CA TRP B 125 -45.16 -39.36 15.93
C TRP B 125 -45.35 -40.85 15.96
N TRP B 126 -45.56 -41.49 14.82
CA TRP B 126 -45.57 -42.97 14.80
C TRP B 126 -44.17 -43.53 14.62
N PHE B 127 -43.63 -44.15 15.66
CA PHE B 127 -42.34 -44.83 15.57
C PHE B 127 -42.56 -46.26 15.08
N GLU B 128 -41.89 -46.62 13.99
CA GLU B 128 -41.96 -48.00 13.47
C GLU B 128 -40.67 -48.76 13.85
N ALA B 129 -40.75 -49.57 14.90
CA ALA B 129 -39.60 -50.31 15.37
C ALA B 129 -39.07 -51.25 14.27
N THR B 130 -37.76 -51.30 14.10
CA THR B 130 -37.17 -52.09 13.05
C THR B 130 -36.17 -53.13 13.57
N ILE B 131 -35.81 -53.03 14.84
CA ILE B 131 -34.80 -53.92 15.41
C ILE B 131 -35.40 -54.86 16.46
N GLU B 132 -34.74 -56.01 16.68
CA GLU B 132 -35.27 -57.04 17.58
C GLU B 132 -34.67 -57.00 18.94
N GLU B 133 -35.49 -57.35 19.94
CA GLU B 133 -35.03 -57.44 21.32
C GLU B 133 -33.97 -58.55 21.44
N GLY B 134 -32.89 -58.27 22.18
CA GLY B 134 -31.80 -59.23 22.35
C GLY B 134 -30.61 -58.93 21.44
N THR B 135 -30.83 -58.02 20.48
CA THR B 135 -29.81 -57.66 19.51
C THR B 135 -28.78 -56.71 20.13
N GLU B 136 -27.51 -57.00 19.86
CA GLU B 136 -26.39 -56.16 20.31
C GLU B 136 -26.20 -54.95 19.39
N VAL B 137 -26.16 -53.75 19.99
CA VAL B 137 -26.06 -52.52 19.23
C VAL B 137 -24.93 -51.61 19.72
N SER B 138 -24.49 -50.71 18.84
CA SER B 138 -23.58 -49.61 19.21
C SER B 138 -23.98 -48.32 18.49
N ALA B 139 -23.22 -47.24 18.67
CA ALA B 139 -23.62 -45.95 18.12
C ALA B 139 -23.81 -46.00 16.60
N GLY B 140 -24.93 -45.47 16.13
CA GLY B 140 -25.26 -45.42 14.71
C GLY B 140 -26.22 -46.49 14.19
N ASP B 141 -26.37 -47.57 14.94
CA ASP B 141 -27.28 -48.64 14.55
C ASP B 141 -28.73 -48.16 14.58
N ILE B 142 -29.50 -48.57 13.58
CA ILE B 142 -30.91 -48.17 13.50
C ILE B 142 -31.79 -49.05 14.40
N ILE B 143 -32.60 -48.43 15.27
CA ILE B 143 -33.57 -49.19 16.08
C ILE B 143 -34.98 -49.05 15.51
N GLY B 144 -35.19 -48.08 14.66
CA GLY B 144 -36.50 -47.85 14.05
C GLY B 144 -36.56 -46.59 13.20
N TYR B 145 -37.73 -46.28 12.61
CA TYR B 145 -37.86 -45.08 11.77
C TYR B 145 -39.18 -44.33 11.95
N VAL B 146 -39.22 -43.09 11.45
CA VAL B 146 -40.45 -42.26 11.44
C VAL B 146 -40.57 -41.68 10.05
N ASP B 147 -41.73 -41.85 9.41
CA ASP B 147 -41.99 -41.15 8.16
C ASP B 147 -42.28 -39.66 8.37
N GLU B 148 -41.25 -38.86 8.63
CA GLU B 148 -41.44 -37.45 8.96
C GLU B 148 -42.10 -36.68 7.81
N THR B 149 -41.67 -37.03 6.60
CA THR B 149 -42.32 -36.53 5.39
C THR B 149 -42.65 -37.74 4.51
N LYS B 150 -43.37 -37.47 3.42
CA LYS B 150 -43.85 -38.55 2.54
C LYS B 150 -42.77 -39.40 1.84
N ILE B 151 -41.54 -38.89 1.76
CA ILE B 151 -40.36 -39.62 1.24
C ILE B 151 -39.23 -39.85 2.24
N ILE B 152 -38.96 -38.83 3.08
CA ILE B 152 -37.84 -38.88 4.03
C ILE B 152 -38.19 -39.65 5.31
N GLN B 153 -37.58 -40.82 5.42
CA GLN B 153 -37.65 -41.65 6.60
C GLN B 153 -36.67 -41.15 7.64
N HIS B 154 -37.15 -40.72 8.80
CA HIS B 154 -36.29 -40.29 9.90
C HIS B 154 -35.83 -41.48 10.68
N LYS B 155 -34.61 -41.92 10.39
CA LYS B 155 -34.09 -43.12 11.02
C LYS B 155 -33.66 -42.84 12.52
N ILE B 156 -34.19 -43.61 13.47
CA ILE B 156 -33.80 -43.45 14.89
C ILE B 156 -32.58 -44.29 15.23
N VAL B 158 -28.95 -45.38 17.51
CA VAL B 158 -28.37 -45.45 18.87
C VAL B 158 -27.45 -44.28 19.06
N PRO B 159 -27.71 -43.42 20.10
CA PRO B 159 -26.92 -42.21 20.33
C PRO B 159 -25.46 -42.54 20.64
N ASN B 160 -24.56 -41.61 20.30
CA ASN B 160 -23.15 -41.82 20.54
C ASN B 160 -22.86 -42.00 22.01
N GLY B 161 -22.04 -43.02 22.30
CA GLY B 161 -21.59 -43.34 23.66
C GLY B 161 -22.42 -44.42 24.31
N ILE B 162 -23.42 -44.93 23.60
CA ILE B 162 -24.27 -46.02 24.08
C ILE B 162 -23.92 -47.34 23.41
N LYS B 163 -23.78 -48.40 24.21
CA LYS B 163 -23.44 -49.73 23.73
C LYS B 163 -23.98 -50.78 24.66
N GLY B 164 -24.66 -51.77 24.06
CA GLY B 164 -25.27 -52.92 24.77
C GLY B 164 -26.27 -53.72 23.92
N THR B 165 -27.22 -54.36 24.60
CA THR B 165 -28.24 -55.19 23.94
C THR B 165 -29.65 -54.67 24.19
N VAL B 166 -30.52 -54.85 23.18
CA VAL B 166 -31.85 -54.24 23.23
C VAL B 166 -32.73 -55.01 24.19
N GLN B 167 -33.20 -54.35 25.24
CA GLN B 167 -34.03 -55.03 26.25
C GLN B 167 -35.51 -55.02 25.90
N LYS B 168 -36.05 -53.86 25.56
CA LYS B 168 -37.48 -53.78 25.23
C LYS B 168 -37.71 -52.71 24.17
N ILE B 169 -38.50 -53.04 23.15
CA ILE B 169 -38.82 -52.08 22.07
C ILE B 169 -40.11 -52.44 21.37
N GLU B 170 -40.99 -51.45 21.19
CA GLU B 170 -42.24 -51.64 20.44
C GLU B 170 -42.62 -50.40 19.62
N SER B 171 -43.24 -50.61 18.47
CA SER B 171 -43.78 -49.52 17.67
C SER B 171 -44.97 -48.85 18.38
N GLY B 172 -45.36 -47.70 17.87
CA GLY B 172 -46.46 -46.92 18.44
C GLY B 172 -46.25 -45.40 18.36
N SER B 173 -47.26 -44.68 18.84
CA SER B 173 -47.27 -43.24 18.81
C SER B 173 -46.68 -42.66 20.09
N PHE B 174 -45.60 -41.90 19.93
CA PHE B 174 -44.91 -41.23 21.05
C PHE B 174 -44.54 -39.79 20.72
N THR B 175 -44.26 -39.03 21.75
CA THR B 175 -43.60 -37.77 21.55
C THR B 175 -42.10 -38.08 21.60
N ILE B 176 -41.30 -37.04 21.39
CA ILE B 176 -39.86 -37.17 21.39
C ILE B 176 -39.33 -37.23 22.81
N ASP B 177 -40.24 -37.13 23.79
CA ASP B 177 -39.89 -37.21 25.21
C ASP B 177 -40.13 -38.59 25.77
N ASP B 178 -40.94 -39.39 25.08
CA ASP B 178 -41.33 -40.69 25.57
C ASP B 178 -40.27 -41.74 25.28
N PRO B 179 -40.04 -42.58 26.28
CA PRO B 179 -39.10 -43.67 26.13
C PRO B 179 -39.64 -44.78 25.20
N ILE B 180 -38.88 -45.10 24.16
CA ILE B 180 -39.31 -46.06 23.15
C ILE B 180 -38.50 -47.34 23.20
N CYS B 181 -37.40 -47.31 23.94
CA CYS B 181 -36.45 -48.42 23.90
C CYS B 181 -35.62 -48.49 25.17
N VAL B 182 -35.37 -49.70 25.64
CA VAL B 182 -34.47 -49.91 26.75
C VAL B 182 -33.23 -50.69 26.31
N ILE B 183 -32.06 -50.13 26.54
CA ILE B 183 -30.81 -50.82 26.21
C ILE B 183 -30.13 -51.32 27.47
N GLU B 184 -29.77 -52.61 27.49
CA GLU B 184 -28.98 -53.12 28.60
C GLU B 184 -27.49 -52.86 28.37
N THR B 185 -26.93 -51.86 29.06
CA THR B 185 -25.50 -51.54 28.95
C THR B 185 -24.68 -52.17 30.08
N GLU B 186 -23.36 -52.10 29.98
CA GLU B 186 -22.48 -52.62 31.05
C GLU B 186 -22.58 -51.73 32.30
N GLN B 187 -22.93 -50.46 32.09
CA GLN B 187 -23.15 -49.53 33.20
C GLN B 187 -24.60 -49.57 33.72
N GLY B 188 -25.37 -50.56 33.28
CA GLY B 188 -26.76 -50.64 33.67
C GLY B 188 -27.73 -50.35 32.54
N LEU B 189 -29.02 -50.27 32.90
CA LEU B 189 -30.11 -50.03 31.94
C LEU B 189 -30.22 -48.57 31.56
N LYS B 190 -30.28 -48.33 30.25
CA LYS B 190 -30.52 -46.98 29.76
C LYS B 190 -31.72 -46.96 28.82
N GLU B 191 -32.60 -45.99 29.03
CA GLU B 191 -33.75 -45.75 28.16
C GLU B 191 -33.54 -44.63 27.11
N LEU B 192 -33.95 -44.88 25.88
CA LEU B 192 -33.76 -43.95 24.81
C LEU B 192 -35.09 -43.36 24.36
N THR B 193 -35.02 -42.14 23.84
CA THR B 193 -36.14 -41.51 23.16
C THR B 193 -35.78 -41.36 21.69
N GLN B 196 -32.07 -36.85 20.26
CA GLN B 196 -30.74 -36.74 20.84
C GLN B 196 -30.24 -35.32 20.74
N LYS B 197 -29.41 -34.91 21.70
CA LYS B 197 -28.71 -33.61 21.66
C LYS B 197 -27.27 -33.86 21.24
N TRP B 198 -26.65 -32.86 20.68
CA TRP B 198 -25.26 -32.96 20.31
C TRP B 198 -24.63 -31.58 20.32
N PRO B 199 -23.41 -31.43 20.90
CA PRO B 199 -22.70 -30.14 20.94
C PRO B 199 -22.23 -29.72 19.58
N VAL B 200 -22.63 -28.51 19.16
CA VAL B 200 -22.44 -28.07 17.74
C VAL B 200 -20.98 -27.83 17.30
N ARG B 201 -20.15 -27.63 18.30
CA ARG B 201 -18.78 -27.36 18.11
C ARG B 201 -17.92 -28.63 17.95
N ARG B 202 -18.51 -29.80 18.12
CA ARG B 202 -17.78 -31.07 17.93
C ARG B 202 -18.38 -31.87 16.78
N GLY B 203 -17.57 -32.18 15.79
CA GLY B 203 -18.06 -32.95 14.62
C GLY B 203 -18.58 -34.32 15.05
N ARG B 204 -19.72 -34.71 14.50
CA ARG B 204 -20.26 -36.02 14.81
C ARG B 204 -19.37 -37.13 14.22
N PRO B 205 -19.06 -38.17 15.03
CA PRO B 205 -18.18 -39.28 14.64
C PRO B 205 -18.71 -40.15 13.49
N ILE B 206 -17.75 -40.65 12.70
CA ILE B 206 -17.98 -41.56 11.57
C ILE B 206 -16.98 -42.71 11.64
N LYS B 207 -17.05 -43.64 10.69
CA LYS B 207 -16.04 -44.70 10.60
C LYS B 207 -14.79 -44.20 9.91
N GLN B 208 -14.95 -43.73 8.67
CA GLN B 208 -13.86 -43.06 7.92
C GLN B 208 -14.41 -42.26 6.76
N LYS B 209 -13.66 -41.23 6.36
CA LYS B 209 -13.98 -40.41 5.19
C LYS B 209 -13.63 -41.19 3.92
N LEU B 210 -14.36 -40.92 2.85
CA LEU B 210 -14.10 -41.53 1.56
C LEU B 210 -13.90 -40.46 0.53
N ASN B 211 -13.23 -40.80 -0.56
CA ASN B 211 -13.07 -39.84 -1.63
C ASN B 211 -14.39 -39.52 -2.29
N PRO B 212 -14.75 -38.23 -2.32
CA PRO B 212 -15.92 -37.82 -3.03
C PRO B 212 -15.62 -37.87 -4.53
N ASP B 213 -16.05 -38.95 -5.18
CA ASP B 213 -15.74 -39.14 -6.62
C ASP B 213 -16.96 -39.24 -7.55
N VAL B 214 -18.14 -38.95 -6.99
CA VAL B 214 -19.34 -38.92 -7.77
C VAL B 214 -19.76 -37.45 -8.04
N PRO B 215 -19.71 -36.99 -9.30
CA PRO B 215 -20.18 -35.65 -9.58
C PRO B 215 -21.66 -35.47 -9.21
N ILE B 217 -25.27 -33.66 -9.59
CA ILE B 217 -26.00 -33.07 -10.69
C ILE B 217 -26.75 -31.81 -10.21
N THR B 218 -26.22 -30.63 -10.56
CA THR B 218 -26.91 -29.39 -10.24
C THR B 218 -27.84 -28.99 -11.38
N GLY B 219 -27.61 -29.58 -12.56
CA GLY B 219 -28.33 -29.22 -13.78
C GLY B 219 -27.96 -27.85 -14.34
N GLN B 220 -26.95 -27.21 -13.73
CA GLN B 220 -26.46 -25.95 -14.24
C GLN B 220 -25.27 -26.22 -15.15
N ARG B 221 -25.45 -25.97 -16.46
CA ARG B 221 -24.51 -26.45 -17.49
C ARG B 221 -23.06 -26.05 -17.21
N VAL B 222 -22.83 -24.79 -16.83
CA VAL B 222 -21.48 -24.29 -16.56
C VAL B 222 -20.79 -25.07 -15.43
N ILE B 223 -21.59 -25.44 -14.43
CA ILE B 223 -21.11 -26.14 -13.26
C ILE B 223 -20.85 -27.61 -13.56
N ASP B 224 -21.88 -28.33 -14.00
CA ASP B 224 -21.72 -29.76 -14.25
C ASP B 224 -20.64 -30.10 -15.29
N THR B 225 -20.45 -29.20 -16.25
CA THR B 225 -19.53 -29.43 -17.36
C THR B 225 -18.09 -29.04 -17.05
N PHE B 226 -17.89 -27.79 -16.72
CA PHE B 226 -16.54 -27.27 -16.57
C PHE B 226 -16.02 -27.24 -15.11
N PHE B 227 -16.91 -26.97 -14.15
CA PHE B 227 -16.49 -26.85 -12.77
C PHE B 227 -17.30 -27.69 -11.78
N PRO B 228 -17.39 -29.04 -12.01
CA PRO B 228 -18.33 -29.88 -11.21
C PRO B 228 -17.88 -30.06 -9.76
N VAL B 229 -18.85 -30.16 -8.87
CA VAL B 229 -18.57 -30.46 -7.50
C VAL B 229 -19.02 -31.89 -7.27
N THR B 230 -18.26 -32.66 -6.48
CA THR B 230 -18.64 -34.06 -6.20
C THR B 230 -19.43 -34.15 -4.91
N LYS B 231 -20.18 -35.23 -4.74
CA LYS B 231 -20.94 -35.39 -3.51
C LYS B 231 -19.98 -35.69 -2.36
N GLY B 232 -19.89 -34.77 -1.41
CA GLY B 232 -18.90 -34.82 -0.31
C GLY B 232 -17.79 -33.80 -0.57
N GLY B 233 -17.89 -33.11 -1.71
CA GLY B 233 -16.94 -32.05 -2.10
C GLY B 233 -17.33 -30.73 -1.47
N ALA B 234 -16.44 -29.75 -1.59
CA ALA B 234 -16.78 -28.42 -1.15
C ALA B 234 -16.49 -27.39 -2.23
N ALA B 235 -17.42 -26.45 -2.40
CA ALA B 235 -17.32 -25.37 -3.36
C ALA B 235 -17.44 -24.00 -2.67
N ALA B 236 -16.44 -23.14 -2.88
CA ALA B 236 -16.54 -21.72 -2.51
C ALA B 236 -17.13 -20.87 -3.65
N VAL B 237 -18.05 -19.97 -3.34
CA VAL B 237 -18.64 -19.07 -4.33
C VAL B 237 -18.33 -17.60 -3.95
N PRO B 238 -17.07 -17.12 -4.18
CA PRO B 238 -16.76 -15.76 -3.80
C PRO B 238 -17.12 -14.83 -4.88
N GLY B 239 -17.75 -13.72 -4.55
CA GLY B 239 -18.01 -12.71 -5.56
C GLY B 239 -18.32 -11.35 -5.03
N PRO B 240 -18.33 -10.37 -5.91
CA PRO B 240 -18.63 -9.00 -5.54
C PRO B 240 -20.10 -8.85 -5.40
N PHE B 241 -20.55 -7.68 -4.94
CA PHE B 241 -21.96 -7.50 -4.68
C PHE B 241 -22.72 -7.48 -5.96
N GLY B 242 -23.97 -7.94 -5.85
CA GLY B 242 -24.89 -7.95 -6.96
C GLY B 242 -24.54 -8.82 -8.17
N ALA B 243 -23.90 -9.96 -7.93
CA ALA B 243 -23.45 -10.80 -9.04
C ALA B 243 -24.24 -12.06 -9.14
N GLY B 244 -25.38 -12.09 -8.42
CA GLY B 244 -26.36 -13.19 -8.55
C GLY B 244 -26.02 -14.41 -7.72
N LYS B 245 -25.37 -14.15 -6.60
CA LYS B 245 -25.00 -15.19 -5.64
C LYS B 245 -26.24 -15.93 -5.11
N THR B 246 -27.38 -15.22 -4.99
CA THR B 246 -28.63 -15.79 -4.43
C THR B 246 -29.35 -16.67 -5.43
N VAL B 247 -29.26 -16.29 -6.70
CA VAL B 247 -29.84 -17.09 -7.77
C VAL B 247 -29.09 -18.40 -7.93
N VAL B 248 -27.76 -18.34 -7.83
CA VAL B 248 -26.89 -19.51 -7.94
C VAL B 248 -27.18 -20.49 -6.86
N GLN B 249 -27.23 -20.00 -5.64
CA GLN B 249 -27.41 -20.86 -4.50
C GLN B 249 -28.78 -21.45 -4.47
N HIS B 250 -29.77 -20.69 -4.94
CA HIS B 250 -31.15 -21.23 -5.02
C HIS B 250 -31.27 -22.33 -6.03
N GLN B 251 -30.59 -22.16 -7.16
CA GLN B 251 -30.61 -23.15 -8.23
C GLN B 251 -30.01 -24.43 -7.70
N ILE B 252 -28.91 -24.36 -6.97
CA ILE B 252 -28.28 -25.58 -6.44
C ILE B 252 -29.14 -26.23 -5.38
N ALA B 253 -29.78 -25.41 -4.54
CA ALA B 253 -30.69 -25.90 -3.53
C ALA B 253 -31.87 -26.59 -4.25
N LYS B 254 -32.32 -25.97 -5.31
CA LYS B 254 -33.51 -26.41 -5.99
C LYS B 254 -33.30 -27.67 -6.82
N TRP B 255 -32.19 -27.78 -7.52
CA TRP B 255 -31.93 -28.88 -8.46
C TRP B 255 -30.98 -30.04 -8.13
N SER B 256 -30.14 -29.89 -7.11
CA SER B 256 -29.14 -30.93 -6.80
C SER B 256 -29.81 -32.22 -6.36
N ASP B 257 -29.21 -33.34 -6.77
CA ASP B 257 -29.73 -34.69 -6.46
C ASP B 257 -29.32 -35.16 -5.07
N VAL B 258 -29.72 -34.41 -4.04
CA VAL B 258 -29.45 -34.76 -2.65
C VAL B 258 -30.75 -34.98 -1.93
N ASP B 259 -30.66 -35.64 -0.78
CA ASP B 259 -31.84 -36.01 -0.01
C ASP B 259 -32.31 -34.84 0.84
N LEU B 260 -31.37 -34.01 1.26
CA LEU B 260 -31.68 -32.95 2.18
C LEU B 260 -30.77 -31.75 1.98
N VAL B 261 -31.37 -30.55 2.15
CA VAL B 261 -30.65 -29.31 2.00
C VAL B 261 -30.73 -28.58 3.32
N VAL B 262 -29.57 -28.20 3.84
CA VAL B 262 -29.47 -27.33 5.00
C VAL B 262 -28.99 -25.95 4.53
N TYR B 263 -29.85 -24.94 4.67
CA TYR B 263 -29.58 -23.63 4.13
C TYR B 263 -29.40 -22.65 5.28
N VAL B 264 -28.22 -22.08 5.34
CA VAL B 264 -27.89 -21.23 6.47
C VAL B 264 -27.72 -19.77 6.05
N GLY B 265 -28.70 -18.93 6.42
CA GLY B 265 -28.62 -17.49 6.19
C GLY B 265 -27.79 -16.77 7.24
N CYS B 266 -26.49 -16.64 6.98
CA CYS B 266 -25.52 -16.16 7.94
C CYS B 266 -25.12 -14.73 7.68
N GLY B 267 -25.80 -13.86 8.40
CA GLY B 267 -25.45 -12.41 8.40
C GLY B 267 -25.87 -11.68 7.14
N GLU B 268 -26.96 -12.17 6.56
CA GLU B 268 -27.41 -11.65 5.29
C GLU B 268 -28.78 -11.00 5.37
N ARG B 269 -29.38 -10.77 4.19
CA ARG B 269 -30.54 -9.88 4.03
C ARG B 269 -31.76 -10.55 4.64
N GLY B 270 -32.59 -9.82 5.40
CA GLY B 270 -33.85 -10.38 5.97
C GLY B 270 -34.82 -10.94 4.91
N ASN B 271 -34.94 -10.15 3.87
CA ASN B 271 -35.84 -10.47 2.78
C ASN B 271 -35.44 -11.74 2.05
N GLU B 272 -34.17 -12.11 2.04
CA GLU B 272 -33.72 -13.29 1.31
C GLU B 272 -34.11 -14.52 2.06
N THR B 274 -36.91 -14.51 3.95
CA THR B 274 -38.32 -14.48 3.71
C THR B 274 -38.66 -15.04 2.34
N ASP B 275 -37.80 -14.78 1.38
CA ASP B 275 -37.99 -15.25 0.02
C ASP B 275 -37.88 -16.75 -0.04
N VAL B 276 -36.97 -17.32 0.73
CA VAL B 276 -36.81 -18.77 0.76
C VAL B 276 -38.04 -19.45 1.33
N VAL B 277 -38.54 -18.97 2.47
CA VAL B 277 -39.75 -19.55 3.08
C VAL B 277 -41.00 -19.39 2.22
N ASN B 278 -41.05 -18.33 1.42
CA ASN B 278 -42.17 -18.14 0.49
C ASN B 278 -42.10 -19.00 -0.76
N GLU B 279 -40.91 -19.11 -1.33
CA GLU B 279 -40.70 -19.80 -2.60
C GLU B 279 -40.55 -21.33 -2.47
N PHE B 280 -39.81 -21.79 -1.46
CA PHE B 280 -39.51 -23.18 -1.32
C PHE B 280 -40.72 -24.09 -1.23
N PRO B 281 -41.79 -23.66 -0.51
CA PRO B 281 -43.04 -24.43 -0.49
C PRO B 281 -43.68 -24.63 -1.86
N GLU B 282 -43.36 -23.73 -2.79
CA GLU B 282 -44.01 -23.70 -4.09
C GLU B 282 -43.28 -24.50 -5.14
N LEU B 283 -42.05 -24.90 -4.82
CA LEU B 283 -41.23 -25.65 -5.77
C LEU B 283 -41.49 -27.15 -5.62
N ILE B 284 -42.40 -27.68 -6.42
CA ILE B 284 -42.86 -29.06 -6.30
C ILE B 284 -42.14 -30.03 -7.24
N ASP B 285 -41.63 -31.13 -6.71
CA ASP B 285 -41.15 -32.25 -7.55
C ASP B 285 -42.34 -32.92 -8.27
N PRO B 286 -42.30 -32.97 -9.62
CA PRO B 286 -43.43 -33.49 -10.38
C PRO B 286 -43.62 -35.01 -10.18
N ASN B 287 -42.53 -35.73 -9.96
CA ASN B 287 -42.60 -37.17 -9.74
C ASN B 287 -43.23 -37.54 -8.37
N THR B 288 -42.64 -37.03 -7.29
CA THR B 288 -43.03 -37.41 -5.92
C THR B 288 -44.05 -36.48 -5.27
N GLY B 289 -44.19 -35.29 -5.82
CA GLY B 289 -45.16 -34.33 -5.32
C GLY B 289 -44.73 -33.66 -4.04
N GLU B 290 -43.44 -33.77 -3.73
CA GLU B 290 -42.90 -33.14 -2.53
C GLU B 290 -42.33 -31.76 -2.87
N SER B 291 -42.48 -30.81 -1.94
CA SER B 291 -41.91 -29.44 -2.15
C SER B 291 -40.46 -29.41 -1.70
N LEU B 292 -39.74 -28.40 -2.11
CA LEU B 292 -38.37 -28.24 -1.66
C LEU B 292 -38.32 -27.98 -0.17
N GLU B 294 -40.04 -29.36 2.03
CA GLU B 294 -40.23 -30.64 2.72
C GLU B 294 -38.96 -31.48 2.77
N ARG B 295 -37.85 -30.93 2.27
CA ARG B 295 -36.55 -31.56 2.40
C ARG B 295 -35.45 -30.55 2.78
N THR B 296 -35.87 -29.45 3.39
CA THR B 296 -34.95 -28.39 3.75
C THR B 296 -35.03 -28.09 5.23
N VAL B 297 -33.87 -27.83 5.82
CA VAL B 297 -33.81 -27.15 7.11
C VAL B 297 -33.07 -25.85 6.85
N LEU B 298 -33.63 -24.72 7.27
CA LEU B 298 -32.95 -23.45 7.10
C LEU B 298 -32.72 -22.80 8.44
N ILE B 299 -31.56 -22.18 8.60
CA ILE B 299 -31.19 -21.51 9.84
C ILE B 299 -30.87 -20.04 9.51
N ALA B 300 -31.37 -19.10 10.31
CA ALA B 300 -31.38 -17.70 9.90
C ALA B 300 -30.94 -16.78 11.01
N ASN B 301 -29.83 -16.08 10.74
CA ASN B 301 -29.42 -14.99 11.56
C ASN B 301 -28.99 -13.89 10.67
N THR B 302 -29.91 -12.96 10.44
CA THR B 302 -29.73 -11.90 9.48
C THR B 302 -28.61 -10.93 9.92
N SER B 303 -28.25 -10.01 9.01
CA SER B 303 -27.19 -9.06 9.21
C SER B 303 -27.39 -8.20 10.42
N ASN B 304 -28.63 -7.87 10.75
CA ASN B 304 -28.85 -7.01 11.88
C ASN B 304 -29.24 -7.71 13.16
N PRO B 306 -28.32 -10.48 16.34
CA PRO B 306 -27.10 -10.53 17.15
C PRO B 306 -25.89 -11.12 16.44
N VAL B 307 -24.77 -10.40 16.62
CA VAL B 307 -23.60 -10.61 15.80
C VAL B 307 -22.98 -11.97 16.04
N ALA B 308 -22.86 -12.30 17.33
CA ALA B 308 -22.22 -13.55 17.75
C ALA B 308 -22.97 -14.76 17.16
N ALA B 309 -24.27 -14.56 16.94
CA ALA B 309 -25.15 -15.64 16.57
C ALA B 309 -24.90 -16.09 15.15
N ARG B 310 -24.12 -15.29 14.44
CA ARG B 310 -23.70 -15.68 13.10
C ARG B 310 -22.83 -16.92 13.16
N GLU B 311 -21.93 -16.96 14.12
CA GLU B 311 -21.09 -18.13 14.32
C GLU B 311 -21.93 -19.32 14.75
N ALA B 312 -22.89 -19.07 15.64
CA ALA B 312 -23.79 -20.11 16.12
C ALA B 312 -24.56 -20.78 14.97
N SER B 313 -25.04 -19.95 14.03
CA SER B 313 -25.84 -20.46 12.93
C SER B 313 -25.05 -21.41 12.04
N ILE B 314 -23.75 -21.15 11.92
CA ILE B 314 -22.90 -21.97 11.09
C ILE B 314 -22.79 -23.36 11.64
N TYR B 315 -22.54 -23.47 12.93
CA TYR B 315 -22.32 -24.75 13.53
C TYR B 315 -23.63 -25.51 13.79
N THR B 316 -24.70 -24.77 14.04
CA THR B 316 -26.03 -25.38 14.14
C THR B 316 -26.39 -26.11 12.84
N GLY B 317 -26.07 -25.45 11.72
CA GLY B 317 -26.32 -26.03 10.41
C GLY B 317 -25.54 -27.28 10.08
N ILE B 318 -24.23 -27.24 10.24
CA ILE B 318 -23.38 -28.32 9.85
C ILE B 318 -23.64 -29.53 10.73
N THR B 319 -24.01 -29.30 11.99
CA THR B 319 -24.31 -30.40 12.94
C THR B 319 -25.62 -31.15 12.54
N ILE B 320 -26.62 -30.39 12.05
CA ILE B 320 -27.84 -31.00 11.55
C ILE B 320 -27.57 -31.74 10.26
N ALA B 321 -26.66 -31.23 9.45
CA ALA B 321 -26.20 -31.94 8.24
C ALA B 321 -25.54 -33.26 8.57
N GLU B 322 -24.67 -33.26 9.57
CA GLU B 322 -23.97 -34.47 9.99
C GLU B 322 -24.97 -35.51 10.48
N TYR B 323 -26.00 -35.03 11.18
CA TYR B 323 -27.06 -35.89 11.73
C TYR B 323 -27.76 -36.72 10.63
N PHE B 324 -28.20 -36.04 9.59
CA PHE B 324 -28.85 -36.72 8.49
C PHE B 324 -27.85 -37.46 7.61
N ARG B 325 -26.60 -37.02 7.57
CA ARG B 325 -25.55 -37.78 6.92
C ARG B 325 -25.40 -39.14 7.58
N ASP B 326 -25.46 -39.15 8.92
CA ASP B 326 -25.31 -40.37 9.74
C ASP B 326 -26.34 -41.47 9.38
N GLY B 328 -27.27 -42.06 6.42
CA GLY B 328 -26.91 -42.58 5.10
C GLY B 328 -27.52 -41.78 3.95
N TYR B 329 -27.77 -40.51 4.21
CA TYR B 329 -28.31 -39.61 3.22
C TYR B 329 -27.18 -38.74 2.61
N ASP B 330 -27.44 -38.22 1.42
CA ASP B 330 -26.59 -37.20 0.84
C ASP B 330 -27.20 -35.84 1.19
N VAL B 331 -26.40 -34.98 1.83
CA VAL B 331 -26.86 -33.67 2.32
C VAL B 331 -26.06 -32.54 1.71
N ALA B 332 -26.73 -31.45 1.36
CA ALA B 332 -26.04 -30.25 0.97
C ALA B 332 -26.18 -29.17 2.06
N ILE B 333 -25.08 -28.52 2.41
CA ILE B 333 -25.13 -27.36 3.32
C ILE B 333 -24.70 -26.08 2.59
N ALA B 335 -23.92 -22.25 3.03
CA ALA B 335 -23.64 -21.15 3.95
C ALA B 335 -23.48 -19.84 3.19
N ASP B 336 -24.42 -18.94 3.45
CA ASP B 336 -24.47 -17.63 2.83
C ASP B 336 -24.68 -16.55 3.92
N SER B 337 -23.66 -15.78 4.31
CA SER B 337 -22.33 -15.85 3.73
C SER B 337 -21.29 -16.05 4.83
N THR B 338 -20.31 -16.91 4.58
CA THR B 338 -19.28 -17.21 5.57
C THR B 338 -18.46 -15.95 5.98
N SER B 339 -18.47 -14.93 5.11
CA SER B 339 -17.77 -13.65 5.37
C SER B 339 -18.32 -12.93 6.60
N ARG B 340 -19.61 -13.07 6.83
CA ARG B 340 -20.23 -12.44 7.99
C ARG B 340 -19.94 -13.18 9.29
N TRP B 341 -19.73 -14.49 9.17
CA TRP B 341 -19.28 -15.32 10.25
C TRP B 341 -17.91 -14.86 10.69
N ALA B 342 -17.04 -14.59 9.72
CA ALA B 342 -15.66 -14.17 10.02
C ALA B 342 -15.62 -12.80 10.63
N GLU B 343 -16.54 -11.95 10.23
CA GLU B 343 -16.64 -10.63 10.81
C GLU B 343 -17.04 -10.72 12.26
N ALA B 344 -17.93 -11.66 12.59
CA ALA B 344 -18.37 -11.81 13.96
C ALA B 344 -17.17 -12.22 14.79
N LEU B 345 -16.35 -13.17 14.29
CA LEU B 345 -15.13 -13.59 15.03
C LEU B 345 -14.13 -12.44 15.24
N ARG B 346 -14.06 -11.55 14.24
CA ARG B 346 -13.18 -10.42 14.31
C ARG B 346 -13.70 -9.47 15.40
N GLU B 347 -15.02 -9.26 15.46
CA GLU B 347 -15.62 -8.40 16.48
C GLU B 347 -15.31 -8.94 17.87
N SER B 349 -12.90 -11.02 18.72
CA SER B 349 -11.45 -10.99 18.96
C SER B 349 -11.00 -9.64 19.47
N GLY B 350 -11.64 -8.59 18.95
CA GLY B 350 -11.42 -7.23 19.40
C GLY B 350 -11.84 -7.02 20.83
N ARG B 351 -13.04 -7.47 21.16
CA ARG B 351 -13.55 -7.34 22.51
C ARG B 351 -12.63 -8.05 23.51
N LEU B 352 -12.07 -9.17 23.07
CA LEU B 352 -11.19 -9.96 23.92
C LEU B 352 -9.78 -9.40 24.00
N GLU B 353 -9.53 -8.38 23.18
CA GLU B 353 -8.19 -7.74 23.07
C GLU B 353 -7.08 -8.76 22.71
N GLU B 354 -7.35 -9.50 21.64
CA GLU B 354 -6.40 -10.45 21.10
C GLU B 354 -5.36 -9.76 20.22
N PRO B 356 -4.40 -9.18 16.69
CA PRO B 356 -5.08 -9.49 15.43
C PRO B 356 -4.08 -10.01 14.43
N GLY B 357 -4.57 -10.85 13.54
CA GLY B 357 -3.76 -11.35 12.42
C GLY B 357 -3.98 -10.55 11.13
N ASP B 358 -4.15 -11.29 10.03
CA ASP B 358 -4.38 -10.73 8.70
C ASP B 358 -5.70 -9.94 8.67
N GLU B 359 -5.58 -8.67 8.36
CA GLU B 359 -6.73 -7.82 8.24
C GLU B 359 -7.65 -7.76 9.45
N GLY B 360 -7.08 -8.00 10.62
CA GLY B 360 -7.82 -7.82 11.85
C GLY B 360 -8.58 -9.05 12.22
N TYR B 361 -8.64 -10.02 11.31
CA TYR B 361 -9.23 -11.34 11.59
C TYR B 361 -8.31 -12.03 12.58
N PRO B 362 -8.91 -12.85 13.44
CA PRO B 362 -8.10 -13.37 14.53
C PRO B 362 -7.10 -14.33 13.95
N ALA B 363 -6.02 -14.61 14.68
CA ALA B 363 -4.97 -15.48 14.12
C ALA B 363 -5.43 -16.93 13.80
N TYR B 364 -6.49 -17.34 14.45
CA TYR B 364 -7.06 -18.64 14.28
C TYR B 364 -8.18 -18.72 13.23
N LEU B 365 -8.29 -17.70 12.38
CA LEU B 365 -9.35 -17.73 11.35
C LEU B 365 -9.17 -18.92 10.47
N GLY B 366 -7.94 -19.14 10.04
CA GLY B 366 -7.62 -20.25 9.14
C GLY B 366 -8.13 -21.60 9.60
N SER B 367 -7.78 -21.88 10.86
CA SER B 367 -8.09 -23.16 11.44
C SER B 367 -9.57 -23.36 11.73
N ARG B 368 -10.27 -22.30 12.07
CA ARG B 368 -11.70 -22.43 12.29
C ARG B 368 -12.42 -22.79 10.99
N LEU B 369 -11.98 -22.16 9.91
CA LEU B 369 -12.60 -22.43 8.60
C LEU B 369 -12.23 -23.81 8.07
N ALA B 370 -10.97 -24.19 8.29
CA ALA B 370 -10.48 -25.50 7.93
C ALA B 370 -11.26 -26.56 8.67
N GLU B 371 -11.52 -26.35 9.97
CA GLU B 371 -12.29 -27.31 10.77
C GLU B 371 -13.69 -27.48 10.23
N TYR B 372 -14.30 -26.37 9.79
CA TYR B 372 -15.65 -26.39 9.26
C TYR B 372 -15.79 -27.31 8.02
N TYR B 373 -14.90 -27.08 7.06
CA TYR B 373 -14.97 -27.78 5.77
C TYR B 373 -14.53 -29.19 5.87
N GLU B 374 -13.70 -29.48 6.85
CA GLU B 374 -13.22 -30.83 7.00
C GLU B 374 -14.28 -31.71 7.67
N ARG B 375 -15.35 -31.08 8.16
CA ARG B 375 -16.55 -31.78 8.65
C ARG B 375 -17.47 -32.26 7.49
N SER B 376 -17.32 -31.62 6.32
CA SER B 376 -17.96 -32.08 5.10
C SER B 376 -17.19 -33.33 4.59
N GLY B 377 -17.78 -34.01 3.60
CA GLY B 377 -17.10 -35.13 2.95
C GLY B 377 -18.02 -36.31 2.84
N ARG B 378 -17.64 -37.26 1.97
CA ARG B 378 -18.33 -38.55 1.87
C ARG B 378 -17.76 -39.51 2.95
N VAL B 379 -18.61 -40.24 3.66
CA VAL B 379 -18.16 -41.06 4.79
C VAL B 379 -18.76 -42.47 4.75
N ILE B 380 -18.13 -43.38 5.50
CA ILE B 380 -18.78 -44.57 6.00
C ILE B 380 -19.25 -44.19 7.39
N ALA B 381 -20.56 -44.22 7.61
CA ALA B 381 -21.14 -43.72 8.88
C ALA B 381 -21.00 -44.75 9.99
N LEU B 382 -21.12 -44.31 11.24
CA LEU B 382 -21.11 -45.26 12.35
C LEU B 382 -22.33 -46.15 12.30
N GLY B 383 -22.17 -47.38 12.82
CA GLY B 383 -23.19 -48.42 12.72
C GLY B 383 -22.63 -49.63 12.04
N SER B 384 -23.09 -50.81 12.45
CA SER B 384 -22.57 -52.04 11.89
C SER B 384 -22.89 -52.13 10.40
N ASP B 385 -23.95 -51.41 10.02
CA ASP B 385 -24.41 -51.28 8.63
C ASP B 385 -23.33 -50.81 7.69
N GLN B 386 -22.45 -49.93 8.19
CA GLN B 386 -21.40 -49.34 7.36
C GLN B 386 -22.05 -48.65 6.17
N ARG B 387 -23.15 -47.96 6.44
CA ARG B 387 -23.85 -47.19 5.41
C ARG B 387 -23.07 -45.94 4.97
N GLU B 388 -23.28 -45.51 3.71
CA GLU B 388 -22.56 -44.35 3.17
C GLU B 388 -23.41 -43.09 3.13
N GLY B 389 -22.76 -41.97 3.40
CA GLY B 389 -23.43 -40.68 3.57
C GLY B 389 -22.46 -39.58 3.20
N SER B 390 -22.98 -38.40 2.89
CA SER B 390 -22.13 -37.32 2.46
C SER B 390 -22.72 -35.99 2.86
N ILE B 391 -21.79 -35.05 3.07
CA ILE B 391 -22.11 -33.64 3.16
C ILE B 391 -21.33 -32.87 2.08
N THR B 392 -22.07 -32.17 1.23
CA THR B 392 -21.50 -31.31 0.23
C THR B 392 -21.69 -29.88 0.65
N ALA B 393 -20.59 -29.14 0.74
CA ALA B 393 -20.62 -27.79 1.24
C ALA B 393 -20.60 -26.78 0.09
N ILE B 394 -21.63 -25.92 0.00
CA ILE B 394 -21.57 -24.76 -0.91
C ILE B 394 -21.56 -23.47 -0.10
N SER B 395 -20.43 -22.76 -0.10
CA SER B 395 -20.32 -21.54 0.72
C SER B 395 -20.10 -20.27 -0.10
N ALA B 396 -20.97 -19.28 0.08
CA ALA B 396 -20.73 -17.99 -0.49
C ALA B 396 -19.65 -17.27 0.36
N VAL B 397 -18.83 -16.50 -0.34
CA VAL B 397 -17.91 -15.58 0.31
C VAL B 397 -18.19 -14.21 -0.30
N SER B 398 -18.06 -13.17 0.53
CA SER B 398 -18.36 -11.82 0.09
C SER B 398 -17.15 -10.88 0.27
N PRO B 399 -16.05 -11.14 -0.48
CA PRO B 399 -14.83 -10.38 -0.32
C PRO B 399 -15.04 -8.93 -0.69
N SER B 400 -14.55 -8.06 0.18
CA SER B 400 -14.62 -6.64 0.03
C SER B 400 -14.14 -6.16 -1.35
N GLY B 401 -14.98 -5.40 -2.04
CA GLY B 401 -14.67 -4.97 -3.40
C GLY B 401 -14.56 -6.09 -4.44
N GLY B 402 -14.91 -7.32 -4.06
CA GLY B 402 -14.71 -8.46 -4.96
C GLY B 402 -13.29 -8.96 -5.03
N ASP B 403 -12.41 -8.43 -4.18
CA ASP B 403 -11.00 -8.75 -4.21
C ASP B 403 -10.75 -10.05 -3.46
N ILE B 404 -10.39 -11.10 -4.19
CA ILE B 404 -10.27 -12.43 -3.55
C ILE B 404 -8.99 -12.65 -2.73
N SER B 405 -8.15 -11.64 -2.64
CA SER B 405 -6.91 -11.78 -1.92
C SER B 405 -7.08 -11.64 -0.42
N GLU B 406 -8.29 -11.32 0.00
CA GLU B 406 -8.55 -11.16 1.43
C GLU B 406 -8.59 -12.53 2.16
N PRO B 407 -8.32 -12.55 3.47
CA PRO B 407 -8.14 -13.80 4.23
C PRO B 407 -9.28 -14.84 4.19
N VAL B 408 -10.53 -14.44 4.20
CA VAL B 408 -11.61 -15.43 4.20
C VAL B 408 -11.65 -16.25 2.92
N THR B 409 -11.63 -15.59 1.77
CA THR B 409 -11.54 -16.31 0.51
C THR B 409 -10.26 -17.14 0.40
N GLN B 410 -9.12 -16.55 0.77
CA GLN B 410 -7.81 -17.23 0.69
C GLN B 410 -7.75 -18.47 1.55
N ASN B 411 -8.19 -18.36 2.81
CA ASN B 411 -8.19 -19.48 3.71
C ASN B 411 -9.14 -20.55 3.29
N THR B 412 -10.24 -20.16 2.65
CA THR B 412 -11.18 -21.12 2.18
C THR B 412 -10.63 -21.92 1.00
N LEU B 413 -10.03 -21.22 0.06
CA LEU B 413 -9.48 -21.88 -1.11
C LEU B 413 -8.29 -22.75 -0.78
N ARG B 414 -7.76 -22.61 0.42
CA ARG B 414 -6.67 -23.46 0.89
C ARG B 414 -7.16 -24.89 1.20
N VAL B 415 -8.45 -25.03 1.54
CA VAL B 415 -9.01 -26.32 1.97
C VAL B 415 -10.17 -26.88 1.10
N VAL B 416 -10.63 -26.10 0.12
CA VAL B 416 -11.64 -26.59 -0.78
C VAL B 416 -11.10 -26.79 -2.20
N LYS B 417 -11.68 -27.71 -2.97
CA LYS B 417 -11.21 -28.06 -4.30
C LYS B 417 -12.00 -27.38 -5.45
N VAL B 418 -13.07 -26.63 -5.11
CA VAL B 418 -13.91 -25.95 -6.14
C VAL B 418 -14.05 -24.48 -5.87
N PHE B 419 -13.79 -23.68 -6.91
CA PHE B 419 -13.87 -22.21 -6.84
C PHE B 419 -14.73 -21.70 -7.97
N TRP B 420 -15.93 -21.22 -7.63
CA TRP B 420 -16.80 -20.58 -8.60
C TRP B 420 -16.72 -19.12 -8.37
N GLY B 421 -15.82 -18.47 -9.10
CA GLY B 421 -15.63 -17.03 -8.95
C GLY B 421 -16.70 -16.27 -9.72
N LEU B 422 -17.54 -15.57 -8.97
CA LEU B 422 -18.56 -14.73 -9.57
C LEU B 422 -17.91 -13.47 -10.08
N ASP B 423 -18.48 -12.92 -11.14
CA ASP B 423 -17.86 -11.85 -11.84
C ASP B 423 -18.86 -10.74 -12.02
N SER B 424 -18.44 -9.53 -11.66
CA SER B 424 -19.28 -8.36 -11.74
C SER B 424 -19.52 -7.94 -13.18
N SER B 425 -18.48 -8.07 -14.02
CA SER B 425 -18.57 -7.70 -15.43
C SER B 425 -19.56 -8.57 -16.19
N LEU B 426 -19.61 -9.86 -15.82
CA LEU B 426 -20.56 -10.78 -16.39
C LEU B 426 -21.97 -10.43 -15.94
N ALA B 427 -22.11 -10.07 -14.66
CA ALA B 427 -23.43 -9.73 -14.09
C ALA B 427 -24.02 -8.50 -14.71
N GLN B 428 -23.16 -7.53 -15.00
CA GLN B 428 -23.59 -6.31 -15.70
C GLN B 428 -23.99 -6.60 -17.11
N LYS B 429 -23.31 -7.55 -17.75
CA LYS B 429 -23.58 -7.94 -19.12
C LYS B 429 -24.69 -8.94 -19.25
N ARG B 430 -25.41 -9.16 -18.15
CA ARG B 430 -26.54 -10.11 -18.14
C ARG B 430 -26.13 -11.53 -18.53
N HIS B 431 -24.92 -11.92 -18.12
CA HIS B 431 -24.43 -13.28 -18.35
C HIS B 431 -24.63 -14.06 -17.11
N PHE B 432 -25.67 -14.89 -17.07
CA PHE B 432 -26.01 -15.63 -15.86
C PHE B 432 -26.07 -17.15 -16.05
N PRO B 433 -25.63 -17.92 -15.03
CA PRO B 433 -24.95 -17.44 -13.80
C PRO B 433 -23.59 -16.75 -14.10
N SER B 434 -23.18 -15.81 -13.25
CA SER B 434 -22.01 -14.96 -13.54
C SER B 434 -20.64 -15.56 -13.25
N ILE B 435 -20.46 -16.84 -13.52
CA ILE B 435 -19.24 -17.56 -13.15
C ILE B 435 -18.12 -17.35 -14.17
N ASN B 436 -16.98 -16.82 -13.70
CA ASN B 436 -15.80 -16.57 -14.55
C ASN B 436 -15.19 -17.86 -15.00
N TRP B 437 -15.31 -18.19 -16.28
CA TRP B 437 -14.88 -19.50 -16.78
C TRP B 437 -13.38 -19.63 -17.01
N ILE B 438 -12.68 -18.50 -16.95
CA ILE B 438 -11.23 -18.55 -17.05
C ILE B 438 -10.59 -18.71 -15.70
N GLN B 439 -11.12 -18.00 -14.70
CA GLN B 439 -10.55 -18.05 -13.35
C GLN B 439 -11.07 -19.17 -12.45
N SER B 440 -12.30 -19.62 -12.70
CA SER B 440 -12.89 -20.72 -11.91
C SER B 440 -12.18 -22.01 -12.16
N TYR B 441 -12.32 -22.92 -11.20
CA TYR B 441 -11.77 -24.23 -11.32
C TYR B 441 -12.47 -25.24 -10.47
N SER B 442 -12.37 -26.48 -10.94
CA SER B 442 -12.75 -27.65 -10.14
C SER B 442 -11.67 -28.71 -10.20
N LEU B 443 -11.09 -29.02 -9.03
CA LEU B 443 -10.01 -29.99 -8.96
C LEU B 443 -10.58 -31.39 -9.09
N TYR B 444 -11.90 -31.49 -9.26
CA TYR B 444 -12.55 -32.77 -9.43
C TYR B 444 -12.75 -33.11 -10.92
N SER B 445 -12.42 -32.17 -11.80
CA SER B 445 -12.61 -32.34 -13.24
C SER B 445 -12.01 -33.61 -13.86
N THR B 446 -10.78 -33.97 -13.50
CA THR B 446 -10.15 -35.17 -14.05
C THR B 446 -10.82 -36.44 -13.59
N GLU B 447 -11.14 -36.56 -12.31
CA GLU B 447 -11.83 -37.77 -11.82
C GLU B 447 -13.26 -37.80 -12.35
N VAL B 448 -13.94 -36.65 -12.37
CA VAL B 448 -15.29 -36.60 -12.90
C VAL B 448 -15.27 -36.94 -14.38
N GLY B 449 -14.24 -36.47 -15.08
CA GLY B 449 -14.04 -36.74 -16.50
C GLY B 449 -14.04 -38.21 -16.80
N ARG B 450 -13.30 -38.97 -16.00
CA ARG B 450 -13.26 -40.42 -16.13
C ARG B 450 -14.61 -41.04 -15.84
N TYR B 451 -15.29 -40.61 -14.77
CA TYR B 451 -16.63 -41.11 -14.42
C TYR B 451 -17.58 -40.85 -15.53
N ASP B 453 -16.95 -40.22 -18.82
CA ASP B 453 -16.59 -41.01 -20.00
C ASP B 453 -17.08 -42.42 -19.88
N GLN B 454 -17.01 -42.93 -18.67
CA GLN B 454 -17.33 -44.31 -18.45
C GLN B 454 -18.82 -44.55 -18.41
N ILE B 455 -19.57 -43.67 -17.74
CA ILE B 455 -21.00 -43.84 -17.62
C ILE B 455 -21.73 -43.45 -18.88
N LEU B 456 -21.16 -42.51 -19.65
CA LEU B 456 -21.78 -42.10 -20.93
C LEU B 456 -21.32 -42.95 -22.12
N GLN B 457 -20.16 -43.61 -21.95
CA GLN B 457 -19.47 -44.31 -23.05
C GLN B 457 -19.25 -43.37 -24.23
N GLN B 458 -18.88 -42.13 -23.95
CA GLN B 458 -18.45 -41.16 -24.98
C GLN B 458 -17.17 -40.49 -24.51
N ASP B 459 -16.39 -39.89 -25.42
CA ASP B 459 -15.22 -39.13 -24.98
C ASP B 459 -15.60 -37.73 -24.54
N TRP B 460 -16.34 -37.68 -23.44
CA TRP B 460 -16.85 -36.43 -22.86
C TRP B 460 -15.77 -35.60 -22.31
N SER B 461 -14.79 -36.20 -21.64
CA SER B 461 -13.70 -35.43 -21.05
C SER B 461 -12.88 -34.70 -22.08
N ASP B 462 -12.71 -35.32 -23.24
CA ASP B 462 -11.94 -34.72 -24.29
C ASP B 462 -12.76 -33.59 -24.92
N VAL B 464 -15.00 -31.65 -23.18
CA VAL B 464 -14.94 -30.60 -22.16
C VAL B 464 -13.62 -29.89 -22.27
N THR B 465 -12.55 -30.66 -22.43
CA THR B 465 -11.21 -30.12 -22.57
C THR B 465 -11.10 -29.30 -23.84
N GLU B 466 -11.64 -29.79 -24.96
CA GLU B 466 -11.66 -29.03 -26.23
C GLU B 466 -12.46 -27.73 -26.08
N GLY B 467 -13.59 -27.78 -25.40
CA GLY B 467 -14.43 -26.61 -25.21
C GLY B 467 -13.74 -25.55 -24.41
N ARG B 469 -10.43 -25.34 -24.22
CA ARG B 469 -9.27 -24.93 -25.02
C ARG B 469 -9.71 -23.77 -25.91
N ILE B 470 -10.88 -23.90 -26.49
CA ILE B 470 -11.50 -22.86 -27.32
C ILE B 470 -11.74 -21.55 -26.53
N LEU B 471 -12.26 -21.67 -25.31
CA LEU B 471 -12.52 -20.51 -24.43
C LEU B 471 -11.24 -19.81 -24.06
N GLN B 472 -10.23 -20.63 -23.75
CA GLN B 472 -8.91 -20.11 -23.40
C GLN B 472 -8.26 -19.41 -24.59
N GLU B 473 -8.41 -20.00 -25.77
CA GLU B 473 -7.88 -19.39 -26.97
C GLU B 473 -8.65 -18.10 -27.30
N GLU B 474 -9.94 -18.06 -26.97
CA GLU B 474 -10.73 -16.85 -27.18
C GLU B 474 -10.18 -15.69 -26.39
N GLU B 475 -9.81 -15.95 -25.15
CA GLU B 475 -9.24 -14.89 -24.31
C GLU B 475 -7.95 -14.35 -24.89
N GLN B 476 -7.16 -15.25 -25.51
CA GLN B 476 -5.91 -14.89 -26.19
C GLN B 476 -6.21 -14.05 -27.42
N LEU B 477 -7.20 -14.51 -28.19
CA LEU B 477 -7.61 -13.84 -29.42
C LEU B 477 -8.15 -12.44 -29.14
N ASN B 478 -8.92 -12.32 -28.06
CA ASN B 478 -9.56 -11.04 -27.71
C ASN B 478 -8.57 -9.93 -27.40
N GLU B 479 -7.41 -10.31 -26.86
CA GLU B 479 -6.34 -9.35 -26.58
C GLU B 479 -5.76 -8.82 -27.89
N ILE B 480 -5.69 -9.69 -28.89
CA ILE B 480 -5.18 -9.33 -30.21
C ILE B 480 -6.15 -8.42 -31.00
N VAL B 481 -7.45 -8.74 -30.89
CA VAL B 481 -8.51 -7.90 -31.48
C VAL B 481 -8.46 -6.49 -30.88
N ARG B 482 -8.16 -6.40 -29.58
CA ARG B 482 -8.06 -5.11 -28.92
C ARG B 482 -6.92 -4.27 -29.50
N LEU B 483 -5.87 -4.95 -29.96
CA LEU B 483 -4.67 -4.27 -30.47
C LEU B 483 -4.72 -3.95 -31.96
N VAL B 484 -5.18 -4.93 -32.76
CA VAL B 484 -5.12 -4.81 -34.21
C VAL B 484 -6.50 -4.67 -34.87
N GLY B 485 -7.53 -5.20 -34.21
CA GLY B 485 -8.90 -5.12 -34.76
C GLY B 485 -9.29 -6.48 -35.25
N ILE B 486 -10.59 -6.79 -35.28
CA ILE B 486 -11.04 -8.17 -35.54
C ILE B 486 -10.80 -8.62 -36.97
N ASP B 487 -10.72 -7.66 -37.88
CA ASP B 487 -10.53 -7.93 -39.31
C ASP B 487 -9.11 -8.45 -39.62
N SER B 488 -8.24 -8.44 -38.62
CA SER B 488 -6.85 -8.80 -38.80
C SER B 488 -6.57 -10.22 -38.39
N LEU B 489 -7.55 -10.88 -37.76
CA LEU B 489 -7.45 -12.32 -37.44
C LEU B 489 -7.67 -13.16 -38.71
N SER B 490 -6.96 -14.29 -38.81
CA SER B 490 -7.08 -15.18 -39.95
C SER B 490 -8.46 -15.84 -39.98
N ASP B 491 -8.82 -16.51 -41.08
CA ASP B 491 -10.13 -17.17 -41.16
C ASP B 491 -10.25 -18.24 -40.08
N ASN B 492 -9.14 -18.96 -39.82
CA ASN B 492 -9.12 -19.98 -38.77
C ASN B 492 -9.41 -19.42 -37.38
N ASP B 493 -8.87 -18.24 -37.10
CA ASP B 493 -9.04 -17.62 -35.81
C ASP B 493 -10.39 -16.92 -35.70
N ARG B 494 -10.93 -16.44 -36.84
CA ARG B 494 -12.27 -15.87 -36.88
C ARG B 494 -13.29 -16.93 -36.48
N LEU B 495 -13.02 -18.16 -36.91
CA LEU B 495 -13.91 -19.28 -36.66
C LEU B 495 -13.93 -19.64 -35.19
N THR B 496 -12.74 -19.67 -34.61
CA THR B 496 -12.54 -20.03 -33.21
C THR B 496 -13.36 -19.10 -32.33
N LEU B 497 -13.39 -17.81 -32.69
CA LEU B 497 -14.11 -16.83 -31.89
C LEU B 497 -15.62 -17.05 -31.97
N GLU B 498 -16.12 -17.38 -33.15
CA GLU B 498 -17.54 -17.67 -33.34
C GLU B 498 -17.99 -18.92 -32.56
N VAL B 499 -17.14 -19.96 -32.58
CA VAL B 499 -17.38 -21.18 -31.81
C VAL B 499 -17.35 -20.89 -30.29
N ALA B 500 -16.36 -20.09 -29.87
CA ALA B 500 -16.28 -19.64 -28.50
C ALA B 500 -17.54 -18.85 -28.13
N LYS B 501 -17.98 -17.99 -29.04
CA LYS B 501 -19.21 -17.19 -28.85
C LYS B 501 -20.42 -18.07 -28.61
N SER B 502 -20.49 -19.12 -29.41
CA SER B 502 -21.58 -20.06 -29.31
C SER B 502 -21.54 -20.75 -27.95
N ILE B 503 -20.34 -21.13 -27.50
CA ILE B 503 -20.21 -21.80 -26.20
C ILE B 503 -20.68 -20.90 -25.07
N ARG B 504 -20.25 -19.65 -25.11
CA ARG B 504 -20.61 -18.68 -24.08
C ARG B 504 -22.14 -18.48 -23.94
N GLU B 505 -22.81 -18.16 -25.04
CA GLU B 505 -24.21 -17.77 -24.94
C GLU B 505 -25.24 -18.85 -25.30
N ASP B 506 -24.79 -19.93 -25.92
CA ASP B 506 -25.71 -21.03 -26.23
C ASP B 506 -25.58 -22.17 -25.22
N TYR B 507 -24.51 -22.17 -24.44
CA TYR B 507 -24.28 -23.21 -23.44
C TYR B 507 -24.09 -22.67 -22.00
N LEU B 508 -23.11 -21.81 -21.78
CA LEU B 508 -22.81 -21.35 -20.42
C LEU B 508 -23.93 -20.53 -19.79
N GLN B 509 -24.42 -19.57 -20.56
CA GLN B 509 -25.55 -18.72 -20.13
C GLN B 509 -26.80 -19.53 -19.93
N GLN B 510 -27.42 -19.41 -18.76
CA GLN B 510 -28.61 -20.21 -18.46
C GLN B 510 -29.57 -19.43 -17.62
N ASN B 511 -30.81 -19.31 -18.10
CA ASN B 511 -31.89 -18.54 -17.43
C ASN B 511 -32.58 -19.34 -16.32
N ALA B 512 -32.35 -18.93 -15.07
CA ALA B 512 -32.90 -19.65 -13.91
C ALA B 512 -34.43 -19.55 -13.86
N PHE B 513 -34.98 -18.48 -14.47
CA PHE B 513 -36.41 -18.23 -14.48
C PHE B 513 -37.19 -18.78 -15.66
N ASP B 514 -36.54 -19.60 -16.47
CA ASP B 514 -37.21 -20.21 -17.61
C ASP B 514 -37.48 -21.68 -17.35
N ASP B 515 -38.73 -22.10 -17.54
CA ASP B 515 -39.20 -23.46 -17.23
C ASP B 515 -38.35 -24.59 -17.79
N VAL B 516 -37.77 -24.39 -18.97
CA VAL B 516 -36.96 -25.41 -19.64
C VAL B 516 -35.48 -25.19 -19.38
N ASP B 517 -35.06 -23.91 -19.42
CA ASP B 517 -33.67 -23.56 -19.29
C ASP B 517 -33.20 -23.63 -17.84
N THR B 518 -34.12 -23.69 -16.90
CA THR B 518 -33.77 -23.70 -15.46
C THR B 518 -32.98 -24.95 -15.05
N PHE B 519 -33.19 -26.07 -15.72
CA PHE B 519 -32.45 -27.29 -15.41
C PHE B 519 -32.10 -28.02 -16.71
N THR B 520 -30.85 -28.47 -16.82
CA THR B 520 -30.40 -29.25 -18.00
C THR B 520 -29.87 -30.62 -17.56
N SER B 521 -30.52 -31.69 -18.03
CA SER B 521 -30.11 -33.04 -17.68
C SER B 521 -28.73 -33.35 -18.23
N ARG B 522 -28.12 -34.37 -17.65
CA ARG B 522 -26.76 -34.75 -18.04
C ARG B 522 -26.71 -35.17 -19.53
N GLU B 523 -27.74 -35.85 -19.98
CA GLU B 523 -27.83 -36.31 -21.36
C GLU B 523 -27.99 -35.13 -22.33
N LYS B 524 -28.89 -34.20 -21.98
CA LYS B 524 -29.16 -33.01 -22.74
C LYS B 524 -27.88 -32.18 -22.86
N GLN B 525 -27.12 -32.05 -21.76
CA GLN B 525 -25.83 -31.32 -21.76
C GLN B 525 -24.81 -31.90 -22.76
N PHE B 526 -24.76 -33.23 -22.84
CA PHE B 526 -23.84 -33.86 -23.74
C PHE B 526 -24.19 -33.54 -25.20
N ASN B 527 -25.49 -33.63 -25.51
CA ASN B 527 -25.99 -33.37 -26.87
C ASN B 527 -25.75 -31.92 -27.30
N LEU B 529 -23.44 -29.69 -26.12
CA LEU B 529 -22.02 -29.41 -26.31
C LEU B 529 -21.48 -30.09 -27.56
N LYS B 530 -21.99 -31.29 -27.83
CA LYS B 530 -21.58 -32.06 -29.02
C LYS B 530 -21.93 -31.30 -30.29
N VAL B 531 -23.14 -30.73 -30.33
CA VAL B 531 -23.61 -29.99 -31.49
C VAL B 531 -22.76 -28.75 -31.72
N ILE B 532 -22.52 -28.01 -30.63
CA ILE B 532 -21.72 -26.78 -30.70
C ILE B 532 -20.31 -27.08 -31.22
N LEU B 533 -19.72 -28.16 -30.73
CA LEU B 533 -18.39 -28.55 -31.14
C LEU B 533 -18.35 -29.13 -32.56
N THR B 534 -19.46 -29.73 -33.00
CA THR B 534 -19.53 -30.30 -34.35
C THR B 534 -19.50 -29.20 -35.41
N PHE B 535 -20.20 -28.10 -35.13
CA PHE B 535 -20.21 -26.95 -36.04
C PHE B 535 -18.79 -26.45 -36.30
N GLY B 536 -18.03 -26.25 -35.22
CA GLY B 536 -16.66 -25.82 -35.33
C GLY B 536 -15.79 -26.81 -36.07
N LYS B 537 -16.03 -28.11 -35.82
CA LYS B 537 -15.27 -29.20 -36.45
C LYS B 537 -15.52 -29.21 -37.98
N GLU B 538 -16.79 -29.08 -38.36
CA GLU B 538 -17.14 -29.13 -39.77
C GLU B 538 -16.74 -27.86 -40.51
N ALA B 539 -16.85 -26.72 -39.83
CA ALA B 539 -16.46 -25.45 -40.42
C ALA B 539 -14.93 -25.38 -40.59
N ARG B 540 -14.22 -25.99 -39.64
CA ARG B 540 -12.75 -26.06 -39.67
C ARG B 540 -12.29 -26.84 -40.88
N LYS B 541 -12.98 -27.94 -41.19
CA LYS B 541 -12.64 -28.80 -42.34
C LYS B 541 -12.93 -28.06 -43.64
N ALA B 542 -13.99 -27.26 -43.64
CA ALA B 542 -14.33 -26.45 -44.79
C ALA B 542 -13.23 -25.42 -45.11
N LEU B 543 -12.68 -24.80 -44.07
CA LEU B 543 -11.58 -23.84 -44.25
C LEU B 543 -10.33 -24.47 -44.85
N SER B 544 -10.02 -25.69 -44.42
CA SER B 544 -8.85 -26.41 -44.92
C SER B 544 -9.08 -26.92 -46.34
N LEU B 545 -10.34 -26.94 -46.77
CA LEU B 545 -10.68 -27.40 -48.13
C LEU B 545 -10.83 -26.21 -49.09
N GLY B 546 -10.43 -25.01 -48.64
CA GLY B 546 -10.41 -23.81 -49.49
C GLY B 546 -11.60 -22.86 -49.34
N ALA B 547 -12.55 -23.19 -48.48
CA ALA B 547 -13.70 -22.33 -48.26
C ALA B 547 -13.28 -21.17 -47.37
N TYR B 548 -13.96 -20.03 -47.56
CA TYR B 548 -13.68 -18.82 -46.80
C TYR B 548 -14.64 -18.63 -45.64
N PHE B 549 -14.14 -17.94 -44.61
CA PHE B 549 -14.85 -17.73 -43.33
C PHE B 549 -16.34 -17.26 -43.37
N ASN B 550 -16.60 -16.10 -44.00
CA ASN B 550 -17.98 -15.54 -44.10
C ASN B 550 -18.93 -16.28 -45.03
N GLU B 551 -18.34 -16.97 -46.00
CA GLU B 551 -19.12 -17.76 -46.92
C GLU B 551 -19.74 -18.82 -46.03
N ILE B 552 -18.93 -19.38 -45.13
CA ILE B 552 -19.42 -20.43 -44.24
C ILE B 552 -20.49 -19.89 -43.28
N GLU B 554 -22.33 -17.09 -43.70
CA GLU B 554 -23.50 -16.57 -44.39
C GLU B 554 -24.48 -17.66 -44.76
N GLY B 555 -23.96 -18.87 -44.99
CA GLY B 555 -24.78 -20.01 -45.39
C GLY B 555 -25.24 -20.95 -44.29
N THR B 556 -24.91 -20.57 -43.06
CA THR B 556 -25.27 -21.38 -41.91
C THR B 556 -26.05 -20.56 -40.88
N VAL B 557 -26.76 -19.55 -41.35
CA VAL B 557 -27.57 -18.67 -40.50
C VAL B 557 -28.69 -19.43 -39.77
N ALA B 558 -29.37 -20.30 -40.50
CA ALA B 558 -30.53 -21.02 -39.97
C ALA B 558 -30.12 -22.08 -38.96
N VAL B 559 -29.05 -22.82 -39.25
CA VAL B 559 -28.60 -23.89 -38.35
C VAL B 559 -27.98 -23.33 -37.07
N ARG B 560 -27.31 -22.18 -37.17
CA ARG B 560 -26.68 -21.56 -36.00
C ARG B 560 -27.74 -20.97 -35.10
N GLU B 561 -28.85 -20.52 -35.67
CA GLU B 561 -29.95 -20.02 -34.88
C GLU B 561 -30.65 -21.16 -34.16
N ARG B 562 -30.64 -22.33 -34.78
CA ARG B 562 -31.25 -23.52 -34.19
C ARG B 562 -30.39 -24.08 -33.04
N ILE B 563 -29.06 -23.99 -33.19
CA ILE B 563 -28.13 -24.37 -32.12
C ILE B 563 -28.38 -23.49 -30.91
N SER B 564 -28.60 -22.20 -31.15
CA SER B 564 -28.76 -21.21 -30.09
C SER B 564 -30.10 -21.33 -29.38
N ARG B 565 -30.99 -22.16 -29.90
CA ARG B 565 -32.28 -22.37 -29.26
C ARG B 565 -32.34 -23.69 -28.53
N SER B 566 -31.34 -24.56 -28.73
CA SER B 566 -31.39 -25.95 -28.24
C SER B 566 -31.52 -26.06 -26.73
N LYS B 567 -31.14 -25.01 -26.01
CA LYS B 567 -31.25 -24.96 -24.56
C LYS B 567 -32.74 -25.01 -24.14
N TYR B 568 -33.63 -24.63 -25.06
CA TYR B 568 -35.06 -24.61 -24.79
C TYR B 568 -35.80 -25.84 -25.28
N ILE B 569 -35.08 -26.77 -25.92
CA ILE B 569 -35.71 -28.03 -26.34
C ILE B 569 -36.03 -28.90 -25.13
N PRO B 570 -37.30 -29.31 -24.95
CA PRO B 570 -37.73 -30.08 -23.79
C PRO B 570 -36.99 -31.42 -23.65
N GLU B 571 -36.91 -31.90 -22.41
CA GLU B 571 -36.13 -33.09 -22.08
C GLU B 571 -36.60 -34.35 -22.80
N GLU B 572 -37.86 -34.41 -23.23
CA GLU B 572 -38.41 -35.59 -23.90
C GLU B 572 -38.29 -35.51 -25.41
N GLU B 573 -37.73 -34.42 -25.91
CA GLU B 573 -37.54 -34.25 -27.35
C GLU B 573 -36.07 -34.06 -27.69
N LEU B 574 -35.19 -34.76 -26.96
CA LEU B 574 -33.74 -34.57 -27.10
C LEU B 574 -33.20 -34.97 -28.47
N ALA B 575 -34.03 -35.68 -29.22
CA ALA B 575 -33.68 -36.11 -30.57
C ALA B 575 -33.58 -34.91 -31.47
N LYS B 576 -34.28 -33.84 -31.10
CA LYS B 576 -34.29 -32.61 -31.88
C LYS B 576 -32.95 -31.87 -31.75
N ILE B 577 -32.20 -32.17 -30.68
CA ILE B 577 -30.88 -31.58 -30.51
C ILE B 577 -29.85 -32.38 -31.27
N SER B 578 -29.87 -33.70 -31.09
CA SER B 578 -28.88 -34.56 -31.71
C SER B 578 -28.94 -34.54 -33.25
N SER B 579 -30.12 -34.29 -33.80
CA SER B 579 -30.31 -34.28 -35.24
C SER B 579 -29.74 -33.02 -35.89
N ILE B 580 -29.36 -32.03 -35.08
CA ILE B 580 -28.72 -30.81 -35.59
C ILE B 580 -27.36 -31.17 -36.17
N ASN B 581 -26.71 -32.17 -35.60
CA ASN B 581 -25.42 -32.69 -36.08
C ASN B 581 -25.40 -33.04 -37.58
N GLU B 582 -26.43 -33.75 -38.02
CA GLU B 582 -26.58 -34.13 -39.44
C GLU B 582 -26.80 -32.89 -40.30
N GLU B 583 -27.61 -31.96 -39.83
CA GLU B 583 -27.94 -30.74 -40.57
C GLU B 583 -26.69 -29.88 -40.75
N ILE B 584 -25.81 -29.89 -39.74
CA ILE B 584 -24.52 -29.19 -39.81
C ILE B 584 -23.67 -29.79 -40.92
N LYS B 585 -23.51 -31.11 -40.87
CA LYS B 585 -22.71 -31.84 -41.86
C LYS B 585 -23.20 -31.62 -43.29
N GLU B 586 -24.53 -31.67 -43.47
CA GLU B 586 -25.16 -31.47 -44.79
C GLU B 586 -24.91 -30.09 -45.39
N THR B 587 -25.33 -29.04 -44.68
CA THR B 587 -25.30 -27.69 -45.20
C THR B 587 -23.88 -27.21 -45.52
N ILE B 588 -22.93 -27.55 -44.64
CA ILE B 588 -21.54 -27.13 -44.83
C ILE B 588 -20.91 -27.77 -46.08
N GLN B 589 -21.15 -29.08 -46.24
CA GLN B 589 -20.67 -29.81 -47.41
C GLN B 589 -21.28 -29.25 -48.69
N LEU B 590 -22.53 -28.79 -48.60
CA LEU B 590 -23.23 -28.18 -49.73
C LEU B 590 -22.63 -26.83 -50.06
N ILE B 591 -22.17 -26.11 -49.02
CA ILE B 591 -21.55 -24.79 -49.22
C ILE B 591 -20.21 -24.96 -49.94
N VAL B 592 -19.48 -26.03 -49.59
CA VAL B 592 -18.19 -26.35 -50.22
C VAL B 592 -18.35 -26.63 -51.71
N SER B 593 -19.51 -27.17 -52.09
CA SER B 593 -19.85 -27.36 -53.51
C SER B 593 -20.36 -26.07 -54.17
N GLN C 9 28.89 -15.49 46.02
CA GLN C 9 27.45 -15.48 45.97
C GLN C 9 26.97 -16.42 44.91
N ILE C 10 25.90 -17.12 45.24
CA ILE C 10 25.26 -17.98 44.25
C ILE C 10 23.85 -17.43 43.95
N GLY C 11 23.59 -17.13 42.67
CA GLY C 11 22.26 -16.67 42.28
C GLY C 11 21.28 -17.85 42.22
N LYS C 12 20.00 -17.52 42.16
CA LYS C 12 18.98 -18.53 41.92
C LYS C 12 18.00 -18.06 40.82
N ILE C 13 17.76 -18.94 39.85
CA ILE C 13 16.81 -18.68 38.80
C ILE C 13 15.39 -18.49 39.31
N ILE C 14 14.73 -17.41 38.87
CA ILE C 14 13.33 -17.15 39.18
C ILE C 14 12.45 -16.97 37.93
N LYS C 15 13.05 -17.08 36.74
CA LYS C 15 12.26 -17.13 35.52
C LYS C 15 13.02 -17.67 34.32
N VAL C 16 12.33 -18.45 33.48
CA VAL C 16 12.88 -18.88 32.18
C VAL C 16 11.89 -18.66 31.06
N SER C 17 12.32 -18.00 29.99
CA SER C 17 11.49 -17.73 28.82
C SER C 17 12.37 -17.73 27.55
N GLY C 18 12.53 -18.90 26.95
CA GLY C 18 13.42 -19.07 25.81
C GLY C 18 14.83 -18.76 26.27
N PRO C 19 15.54 -17.93 25.51
CA PRO C 19 16.95 -17.60 25.80
C PRO C 19 17.12 -16.57 26.91
N LEU C 20 16.01 -16.16 27.51
CA LEU C 20 16.07 -15.15 28.52
C LEU C 20 15.79 -15.73 29.89
N VAL C 21 16.70 -15.52 30.83
CA VAL C 21 16.62 -16.16 32.17
C VAL C 21 16.89 -15.11 33.23
N ALA C 23 17.57 -14.19 37.31
CA ALA C 23 18.11 -14.78 38.54
C ALA C 23 18.22 -13.73 39.62
N GLU C 24 17.75 -14.07 40.83
CA GLU C 24 17.88 -13.16 41.94
C GLU C 24 19.16 -13.44 42.68
N ASN C 25 19.46 -12.57 43.62
CA ASN C 25 20.65 -12.65 44.45
C ASN C 25 21.91 -12.60 43.63
N SER C 27 23.63 -9.52 43.29
CA SER C 27 24.02 -8.15 43.63
C SER C 27 25.54 -7.87 43.62
N GLU C 28 26.35 -8.92 43.65
CA GLU C 28 27.79 -8.78 43.60
C GLU C 28 28.29 -8.60 42.17
N ALA C 29 27.49 -9.09 41.25
CA ALA C 29 27.88 -9.10 39.85
C ALA C 29 27.67 -7.71 39.19
N SER C 30 28.23 -7.58 37.99
CA SER C 30 28.11 -6.37 37.19
C SER C 30 27.52 -6.64 35.79
N ILE C 31 26.96 -5.61 35.16
CA ILE C 31 26.42 -5.68 33.80
C ILE C 31 27.47 -6.24 32.83
N GLN C 32 27.04 -7.12 31.92
CA GLN C 32 27.87 -7.75 30.87
C GLN C 32 28.80 -8.88 31.37
N ASP C 33 28.71 -9.20 32.67
CA ASP C 33 29.47 -10.34 33.22
C ASP C 33 28.99 -11.61 32.58
N CYS C 35 28.22 -15.64 32.77
CA CYS C 35 27.76 -16.48 33.88
C CYS C 35 27.53 -17.91 33.48
N LEU C 36 27.60 -18.82 34.46
CA LEU C 36 27.20 -20.20 34.28
C LEU C 36 25.83 -20.41 34.86
N VAL C 37 24.87 -20.76 33.99
CA VAL C 37 23.44 -20.81 34.34
C VAL C 37 22.89 -22.20 34.57
N GLY C 38 22.24 -22.39 35.71
CA GLY C 38 21.53 -23.63 35.98
C GLY C 38 22.42 -24.75 36.41
N ASP C 39 21.84 -25.94 36.60
CA ASP C 39 22.59 -27.13 36.99
C ASP C 39 23.64 -27.46 35.92
N LEU C 40 23.28 -27.21 34.66
CA LEU C 40 24.13 -27.56 33.52
C LEU C 40 25.29 -26.58 33.39
N GLY C 41 25.09 -25.37 33.92
CA GLY C 41 26.11 -24.33 33.83
C GLY C 41 26.27 -23.85 32.41
N VAL C 42 25.17 -23.68 31.69
CA VAL C 42 25.21 -23.11 30.35
C VAL C 42 25.69 -21.67 30.38
N ILE C 43 26.27 -21.24 29.27
CA ILE C 43 26.99 -19.97 29.23
C ILE C 43 26.08 -18.81 28.84
N GLY C 44 26.10 -17.78 29.67
CA GLY C 44 25.22 -16.63 29.49
C GLY C 44 25.84 -15.29 29.86
N GLU C 45 25.09 -14.21 29.66
CA GLU C 45 25.59 -12.88 29.91
C GLU C 45 24.51 -12.00 30.53
N ILE C 46 24.89 -11.30 31.59
CA ILE C 46 23.98 -10.41 32.30
C ILE C 46 23.76 -9.16 31.47
N ILE C 47 22.51 -8.87 31.12
CA ILE C 47 22.21 -7.70 30.31
C ILE C 47 21.49 -6.61 31.05
N GLU C 48 20.84 -6.97 32.13
CA GLU C 48 20.03 -6.02 32.89
C GLU C 48 20.11 -6.39 34.37
N ARG C 50 17.89 -5.41 37.91
CA ARG C 50 16.87 -4.68 38.64
C ARG C 50 16.93 -5.11 40.09
N GLN C 51 17.37 -4.20 40.96
CA GLN C 51 17.72 -4.54 42.36
C GLN C 51 18.76 -5.69 42.37
N ASP C 52 18.37 -6.83 42.91
CA ASP C 52 19.29 -7.96 42.93
C ASP C 52 19.00 -8.98 41.83
N VAL C 53 18.00 -8.68 41.00
CA VAL C 53 17.58 -9.60 39.93
C VAL C 53 18.22 -9.25 38.61
N ALA C 54 18.99 -10.21 38.10
CA ALA C 54 19.70 -10.03 36.85
C ALA C 54 18.91 -10.67 35.72
N SER C 55 18.84 -9.97 34.59
CA SER C 55 18.31 -10.57 33.37
C SER C 55 19.46 -11.16 32.55
N ILE C 56 19.37 -12.45 32.25
CA ILE C 56 20.45 -13.16 31.60
C ILE C 56 20.11 -13.65 30.22
N GLN C 57 20.99 -13.34 29.28
CA GLN C 57 20.88 -13.81 27.93
C GLN C 57 21.79 -15.04 27.78
N VAL C 58 21.17 -16.19 27.53
CA VAL C 58 21.87 -17.46 27.42
C VAL C 58 22.29 -17.78 25.98
N TYR C 59 23.54 -18.19 25.82
CA TYR C 59 24.10 -18.44 24.51
C TYR C 59 23.98 -19.91 24.16
N GLU C 60 23.15 -20.64 24.91
CA GLU C 60 22.97 -22.07 24.64
C GLU C 60 21.49 -22.36 24.82
N GLU C 61 21.03 -23.55 24.45
CA GLU C 61 19.62 -23.91 24.62
C GLU C 61 19.29 -23.99 26.11
N THR C 62 18.11 -23.47 26.50
CA THR C 62 17.72 -23.43 27.93
C THR C 62 16.61 -24.43 28.27
N SER C 63 16.27 -25.30 27.32
CA SER C 63 15.33 -26.39 27.59
C SER C 63 15.74 -27.20 28.83
N GLY C 64 14.77 -27.38 29.70
CA GLY C 64 14.93 -28.17 30.88
C GLY C 64 15.38 -27.36 32.07
N ILE C 65 15.69 -26.10 31.88
CA ILE C 65 16.16 -25.21 32.97
C ILE C 65 15.00 -24.41 33.57
N GLY C 66 15.03 -24.19 34.89
CA GLY C 66 13.87 -23.58 35.53
C GLY C 66 14.20 -23.09 36.91
N PRO C 67 13.21 -22.49 37.63
CA PRO C 67 13.43 -21.80 38.89
C PRO C 67 14.05 -22.66 39.96
N GLY C 68 14.97 -22.04 40.71
CA GLY C 68 15.62 -22.68 41.84
C GLY C 68 17.00 -23.24 41.53
N GLU C 69 17.40 -23.19 40.26
CA GLU C 69 18.74 -23.65 39.90
C GLU C 69 19.74 -22.52 40.14
N PRO C 70 21.00 -22.87 40.43
CA PRO C 70 22.03 -21.88 40.75
C PRO C 70 22.56 -21.13 39.54
N VAL C 71 23.08 -19.93 39.78
CA VAL C 71 23.75 -19.10 38.75
C VAL C 71 25.00 -18.49 39.35
N ARG C 72 26.12 -18.64 38.65
CA ARG C 72 27.40 -18.07 39.07
C ARG C 72 28.00 -17.14 38.01
N SER C 73 28.36 -15.91 38.43
CA SER C 73 29.08 -15.00 37.56
C SER C 73 30.57 -15.36 37.51
N THR C 74 31.23 -15.08 36.37
CA THR C 74 32.65 -15.30 36.25
C THR C 74 33.42 -14.02 36.56
N GLY C 75 32.72 -12.89 36.61
CA GLY C 75 33.38 -11.60 36.92
C GLY C 75 34.08 -10.92 35.72
N GLU C 76 33.98 -11.57 34.56
CA GLU C 76 34.63 -11.09 33.35
C GLU C 76 33.62 -11.06 32.19
N ALA C 77 33.83 -10.08 31.31
CA ALA C 77 32.94 -9.86 30.18
C ALA C 77 33.31 -10.89 29.14
N LEU C 78 32.47 -11.04 28.11
CA LEU C 78 32.79 -11.95 27.01
C LEU C 78 34.12 -11.56 26.33
N SER C 79 35.07 -12.51 26.31
CA SER C 79 36.43 -12.20 25.87
C SER C 79 36.97 -13.26 24.92
N VAL C 80 38.04 -12.89 24.22
CA VAL C 80 38.72 -13.84 23.32
C VAL C 80 40.15 -14.01 23.72
N GLU C 81 40.67 -15.22 23.54
CA GLU C 81 42.07 -15.48 23.80
C GLU C 81 42.83 -15.12 22.53
N LEU C 82 43.85 -14.30 22.67
CA LEU C 82 44.63 -13.82 21.54
C LEU C 82 46.11 -14.19 21.69
N GLY C 83 46.55 -15.16 20.89
CA GLY C 83 47.92 -15.68 20.97
C GLY C 83 48.12 -16.77 19.93
N PRO C 84 49.33 -17.33 19.87
CA PRO C 84 49.68 -18.39 18.93
C PRO C 84 48.73 -19.58 19.01
N GLY C 85 48.27 -20.03 17.84
CA GLY C 85 47.36 -21.17 17.74
C GLY C 85 45.96 -20.74 17.33
N ILE C 86 45.87 -19.52 16.81
CA ILE C 86 44.56 -18.95 16.44
C ILE C 86 44.29 -19.03 14.94
N ILE C 87 45.38 -18.98 14.16
CA ILE C 87 45.32 -19.08 12.71
C ILE C 87 44.96 -20.50 12.25
N SER C 88 44.09 -20.57 11.25
CA SER C 88 43.64 -21.83 10.65
C SER C 88 42.68 -22.68 11.53
N GLN C 89 42.17 -22.15 12.60
CA GLN C 89 41.20 -22.94 13.26
C GLN C 89 39.77 -22.52 12.91
N PHE C 91 36.26 -21.73 15.13
CA PHE C 91 35.62 -21.51 16.43
C PHE C 91 34.11 -21.28 16.27
N ASP C 92 33.35 -21.43 17.36
CA ASP C 92 31.93 -21.00 17.37
C ASP C 92 31.85 -19.53 17.72
N GLY C 93 30.63 -19.04 17.93
CA GLY C 93 30.44 -17.60 18.19
C GLY C 93 31.19 -17.02 19.38
N ILE C 94 31.44 -17.82 20.39
CA ILE C 94 32.11 -17.37 21.60
C ILE C 94 33.50 -17.97 21.70
N GLN C 95 34.11 -18.21 20.54
CA GLN C 95 35.52 -18.69 20.44
C GLN C 95 35.80 -20.02 21.15
N ARG C 96 34.88 -20.98 21.00
CA ARG C 96 35.14 -22.32 21.44
C ARG C 96 35.57 -23.16 20.24
N PRO C 97 36.74 -23.84 20.37
CA PRO C 97 37.25 -24.64 19.26
C PRO C 97 36.35 -25.83 18.94
N LEU C 98 35.83 -25.86 17.71
CA LEU C 98 34.84 -26.86 17.32
C LEU C 98 35.44 -28.26 17.11
N ASP C 99 36.73 -28.31 16.80
CA ASP C 99 37.42 -29.59 16.62
C ASP C 99 37.75 -30.21 17.97
N THR C 100 38.23 -29.38 18.91
CA THR C 100 38.50 -29.87 20.27
C THR C 100 37.21 -30.29 20.97
N PHE C 101 36.15 -29.55 20.67
CA PHE C 101 34.81 -29.87 21.12
C PHE C 101 34.44 -31.31 20.75
N GLU C 103 36.57 -33.74 19.92
CA GLU C 103 37.46 -34.70 20.58
C GLU C 103 37.07 -34.94 22.06
N VAL C 104 36.75 -33.86 22.76
CA VAL C 104 36.41 -33.92 24.19
C VAL C 104 35.09 -34.66 24.45
N THR C 105 34.04 -34.26 23.76
CA THR C 105 32.73 -34.88 23.94
C THR C 105 32.58 -36.19 23.17
N GLN C 106 33.56 -36.47 22.31
CA GLN C 106 33.55 -37.64 21.45
C GLN C 106 32.23 -37.74 20.66
N SER C 107 31.79 -36.60 20.13
CA SER C 107 30.50 -36.52 19.45
C SER C 107 30.56 -35.68 18.19
N ASN C 108 29.71 -36.02 17.24
CA ASN C 108 29.60 -35.25 16.01
C ASN C 108 28.59 -34.10 16.16
N PHE C 109 28.04 -33.97 17.36
CA PHE C 109 27.02 -32.99 17.64
C PHE C 109 27.47 -32.04 18.74
N LEU C 110 26.80 -30.88 18.81
CA LEU C 110 27.15 -29.84 19.75
C LEU C 110 26.26 -29.86 21.00
N GLY C 111 26.79 -30.32 22.12
CA GLY C 111 25.98 -30.49 23.33
C GLY C 111 26.13 -29.30 24.27
N ARG C 112 25.68 -29.40 25.53
CA ARG C 112 25.59 -28.20 26.39
C ARG C 112 26.52 -28.17 27.60
N GLY C 113 26.91 -26.96 27.98
CA GLY C 113 27.57 -26.73 29.26
C GLY C 113 29.03 -27.10 29.34
N VAL C 114 29.68 -27.31 28.19
CA VAL C 114 31.13 -27.54 28.17
C VAL C 114 31.94 -26.27 27.91
N GLN C 115 32.87 -25.97 28.80
CA GLN C 115 33.68 -24.76 28.74
C GLN C 115 35.10 -25.12 28.33
N LEU C 116 35.43 -24.98 27.05
CA LEU C 116 36.77 -25.33 26.58
C LEU C 116 37.55 -24.09 26.24
N PRO C 117 38.83 -24.03 26.62
CA PRO C 117 39.68 -22.91 26.29
C PRO C 117 39.81 -22.78 24.79
N ALA C 118 39.85 -21.54 24.31
CA ALA C 118 39.93 -21.26 22.88
C ALA C 118 41.16 -21.89 22.23
N LEU C 119 42.31 -21.65 22.82
CA LEU C 119 43.56 -22.07 22.24
C LEU C 119 44.14 -23.30 22.95
N ASP C 120 45.11 -23.95 22.31
CA ASP C 120 45.82 -25.07 22.93
C ASP C 120 46.87 -24.50 23.90
N HIS C 121 46.58 -24.54 25.20
CA HIS C 121 47.48 -24.03 26.24
C HIS C 121 48.66 -24.97 26.56
N GLU C 122 48.69 -26.13 25.89
CA GLU C 122 49.71 -27.15 26.12
C GLU C 122 50.69 -27.22 24.96
N LYS C 123 50.34 -26.65 23.81
CA LYS C 123 51.18 -26.71 22.61
C LYS C 123 52.45 -25.88 22.76
N GLN C 124 53.57 -26.45 22.35
CA GLN C 124 54.87 -25.77 22.45
C GLN C 124 55.16 -24.94 21.20
N TRP C 125 55.58 -23.70 21.42
CA TRP C 125 56.00 -22.79 20.36
C TRP C 125 57.43 -22.33 20.59
N TRP C 126 58.17 -22.08 19.51
CA TRP C 126 59.43 -21.35 19.66
C TRP C 126 59.26 -19.85 19.69
N PHE C 127 59.53 -19.24 20.84
CA PHE C 127 59.46 -17.78 20.96
C PHE C 127 60.82 -17.16 20.68
N GLU C 128 60.88 -16.32 19.66
CA GLU C 128 62.11 -15.62 19.31
C GLU C 128 62.06 -14.19 19.85
N ALA C 129 62.81 -13.95 20.92
CA ALA C 129 62.88 -12.61 21.52
C ALA C 129 63.60 -11.63 20.61
N THR C 130 63.01 -10.46 20.42
CA THR C 130 63.59 -9.46 19.52
C THR C 130 63.91 -8.15 20.23
N ILE C 131 63.44 -8.01 21.46
CA ILE C 131 63.69 -6.79 22.20
C ILE C 131 64.76 -6.94 23.28
N GLU C 132 65.51 -5.86 23.50
CA GLU C 132 66.61 -5.85 24.48
C GLU C 132 66.09 -5.60 25.89
N GLU C 133 66.74 -6.23 26.87
CA GLU C 133 66.44 -5.96 28.27
C GLU C 133 66.86 -4.53 28.63
N GLY C 134 66.07 -3.89 29.49
CA GLY C 134 66.34 -2.51 29.89
C GLY C 134 65.57 -1.50 29.06
N THR C 135 64.81 -1.97 28.09
CA THR C 135 64.05 -1.09 27.20
C THR C 135 62.77 -0.59 27.88
N GLU C 136 62.48 0.71 27.73
CA GLU C 136 61.15 1.26 28.11
C GLU C 136 60.08 0.87 27.10
N VAL C 137 59.05 0.15 27.55
CA VAL C 137 57.97 -0.30 26.66
C VAL C 137 56.60 0.19 27.14
N SER C 138 55.63 0.13 26.24
CA SER C 138 54.22 0.36 26.56
C SER C 138 53.35 -0.47 25.61
N ALA C 139 52.03 -0.31 25.71
CA ALA C 139 51.10 -1.15 24.94
C ALA C 139 51.38 -1.16 23.45
N GLY C 140 51.40 -2.36 22.88
CA GLY C 140 51.59 -2.52 21.44
C GLY C 140 53.03 -2.78 21.05
N ASP C 141 53.96 -2.54 21.96
CA ASP C 141 55.37 -2.74 21.68
C ASP C 141 55.66 -4.22 21.51
N ILE C 142 56.41 -4.55 20.46
CA ILE C 142 56.71 -5.96 20.16
C ILE C 142 57.90 -6.44 20.98
N ILE C 143 57.75 -7.54 21.71
CA ILE C 143 58.85 -8.09 22.51
C ILE C 143 59.49 -9.28 21.83
N GLY C 144 58.81 -9.82 20.84
CA GLY C 144 59.31 -10.98 20.10
C GLY C 144 58.24 -11.53 19.17
N TYR C 145 58.48 -12.72 18.62
CA TYR C 145 57.53 -13.30 17.71
C TYR C 145 57.50 -14.83 17.71
N VAL C 146 56.49 -15.39 17.07
CA VAL C 146 56.43 -16.80 16.76
C VAL C 146 56.00 -16.99 15.31
N ASP C 147 56.75 -17.83 14.60
CA ASP C 147 56.35 -18.26 13.26
C ASP C 147 55.08 -19.15 13.30
N GLU C 148 53.90 -18.53 13.44
CA GLU C 148 52.64 -19.30 13.50
C GLU C 148 52.36 -20.01 12.17
N THR C 149 52.73 -19.36 11.06
CA THR C 149 52.79 -20.02 9.74
C THR C 149 54.11 -19.72 9.06
N LYS C 150 54.32 -20.26 7.86
CA LYS C 150 55.58 -20.04 7.16
C LYS C 150 55.78 -18.56 6.79
N ILE C 151 54.67 -17.84 6.64
CA ILE C 151 54.71 -16.42 6.23
C ILE C 151 54.28 -15.43 7.33
N ILE C 152 53.14 -15.70 7.98
CA ILE C 152 52.66 -14.82 9.07
C ILE C 152 53.46 -14.97 10.37
N GLN C 153 54.20 -13.92 10.70
CA GLN C 153 54.86 -13.78 11.99
C GLN C 153 53.84 -13.35 13.03
N HIS C 154 53.66 -14.14 14.08
CA HIS C 154 52.77 -13.78 15.17
C HIS C 154 53.55 -13.00 16.16
N LYS C 155 53.35 -11.69 16.14
CA LYS C 155 54.09 -10.75 16.96
C LYS C 155 53.47 -10.65 18.36
N ILE C 156 54.32 -10.84 19.37
CA ILE C 156 53.90 -10.85 20.76
C ILE C 156 54.03 -9.44 21.27
N VAL C 158 53.21 -6.13 23.94
CA VAL C 158 52.91 -5.70 25.30
C VAL C 158 51.42 -5.38 25.36
N PRO C 159 50.67 -6.13 26.22
CA PRO C 159 49.21 -5.93 26.30
C PRO C 159 48.86 -4.52 26.80
N ASN C 160 47.67 -4.06 26.49
CA ASN C 160 47.20 -2.76 27.02
C ASN C 160 47.15 -2.79 28.54
N GLY C 161 47.57 -1.70 29.17
CA GLY C 161 47.57 -1.64 30.64
C GLY C 161 48.88 -2.06 31.27
N ILE C 162 49.84 -2.43 30.42
CA ILE C 162 51.21 -2.72 30.85
C ILE C 162 52.16 -1.63 30.36
N LYS C 163 52.96 -1.09 31.27
CA LYS C 163 53.93 -0.03 30.97
C LYS C 163 55.09 -0.11 31.94
N GLY C 164 56.32 -0.08 31.43
CA GLY C 164 57.52 -0.11 32.29
C GLY C 164 58.82 -0.44 31.56
N THR C 165 59.77 -1.02 32.30
CA THR C 165 61.05 -1.41 31.74
C THR C 165 61.24 -2.95 31.67
N VAL C 166 61.65 -3.45 30.51
CA VAL C 166 61.90 -4.90 30.33
C VAL C 166 63.06 -5.33 31.21
N GLN C 167 62.79 -6.20 32.16
CA GLN C 167 63.83 -6.67 33.10
C GLN C 167 64.48 -7.98 32.66
N LYS C 168 63.66 -8.96 32.29
CA LYS C 168 64.17 -10.24 31.82
C LYS C 168 63.40 -10.73 30.60
N ILE C 169 64.15 -11.22 29.60
CA ILE C 169 63.57 -11.81 28.39
C ILE C 169 64.60 -12.67 27.64
N GLU C 170 64.11 -13.73 26.97
CA GLU C 170 64.97 -14.64 26.24
C GLU C 170 64.18 -15.54 25.30
N SER C 171 64.80 -15.92 24.19
CA SER C 171 64.20 -16.88 23.26
C SER C 171 64.08 -18.27 23.89
N GLY C 172 63.21 -19.11 23.34
CA GLY C 172 63.06 -20.46 23.86
C GLY C 172 61.75 -21.13 23.51
N SER C 173 61.60 -22.38 23.93
CA SER C 173 60.36 -23.15 23.70
C SER C 173 59.43 -23.01 24.89
N PHE C 174 58.23 -22.48 24.66
CA PHE C 174 57.27 -22.26 25.73
C PHE C 174 55.86 -22.65 25.29
N THR C 175 54.96 -22.79 26.27
CA THR C 175 53.51 -22.77 26.00
C THR C 175 53.05 -21.31 26.16
N ILE C 176 51.81 -21.03 25.81
CA ILE C 176 51.29 -19.68 25.91
C ILE C 176 50.96 -19.30 27.37
N ASP C 177 51.22 -20.20 28.33
CA ASP C 177 51.00 -19.94 29.76
C ASP C 177 52.32 -19.62 30.48
N ASP C 178 53.43 -20.00 29.86
CA ASP C 178 54.74 -19.80 30.44
C ASP C 178 55.10 -18.33 30.40
N PRO C 179 55.72 -17.82 31.49
CA PRO C 179 56.20 -16.45 31.54
C PRO C 179 57.43 -16.30 30.64
N ILE C 180 57.34 -15.41 29.67
CA ILE C 180 58.43 -15.19 28.73
C ILE C 180 59.08 -13.81 28.90
N CYS C 181 58.55 -13.00 29.80
CA CYS C 181 59.03 -11.64 29.98
C CYS C 181 58.61 -11.04 31.31
N VAL C 182 59.54 -10.38 31.97
CA VAL C 182 59.21 -9.63 33.18
C VAL C 182 59.45 -8.14 32.96
N ILE C 183 58.43 -7.33 33.24
CA ILE C 183 58.56 -5.88 33.09
C ILE C 183 58.41 -5.19 34.45
N GLU C 184 59.34 -4.26 34.74
CA GLU C 184 59.32 -3.47 35.97
C GLU C 184 58.34 -2.31 35.83
N THR C 185 57.17 -2.45 36.47
CA THR C 185 56.11 -1.46 36.33
C THR C 185 55.91 -0.71 37.63
N GLU C 186 55.14 0.38 37.59
CA GLU C 186 54.83 1.16 38.80
C GLU C 186 53.88 0.41 39.73
N GLN C 187 53.21 -0.59 39.17
CA GLN C 187 52.34 -1.48 39.92
C GLN C 187 53.09 -2.75 40.36
N GLY C 188 54.42 -2.70 40.29
CA GLY C 188 55.28 -3.83 40.71
C GLY C 188 55.82 -4.63 39.53
N LEU C 189 56.54 -5.74 39.78
CA LEU C 189 56.92 -6.63 38.66
C LEU C 189 55.72 -7.40 38.11
N LYS C 190 55.57 -7.40 36.79
CA LYS C 190 54.45 -8.08 36.12
C LYS C 190 54.99 -9.02 35.04
N GLU C 191 54.51 -10.27 35.07
CA GLU C 191 54.97 -11.31 34.16
C GLU C 191 54.05 -11.38 32.98
N LEU C 192 54.63 -11.59 31.80
CA LEU C 192 53.87 -11.60 30.55
C LEU C 192 54.02 -12.93 29.84
N THR C 193 52.94 -13.39 29.22
CA THR C 193 52.93 -14.62 28.44
C THR C 193 52.77 -14.26 26.98
N GLN C 196 47.13 -12.85 25.35
CA GLN C 196 46.33 -11.80 26.04
C GLN C 196 44.85 -12.02 25.78
N LYS C 197 44.02 -11.75 26.78
CA LYS C 197 42.57 -11.79 26.60
C LYS C 197 42.03 -10.34 26.34
N TRP C 198 40.89 -10.23 25.66
CA TRP C 198 40.31 -8.94 25.34
C TRP C 198 38.80 -9.07 25.17
N PRO C 199 38.03 -8.10 25.72
CA PRO C 199 36.57 -8.09 25.63
C PRO C 199 36.15 -7.74 24.22
N VAL C 200 35.32 -8.60 23.63
CA VAL C 200 34.93 -8.48 22.24
C VAL C 200 34.07 -7.25 21.92
N ARG C 201 33.44 -6.67 22.92
CA ARG C 201 32.60 -5.51 22.69
C ARG C 201 33.37 -4.20 22.86
N ARG C 202 34.65 -4.28 23.20
CA ARG C 202 35.51 -3.09 23.21
C ARG C 202 36.48 -3.08 22.03
N GLY C 203 36.47 -2.00 21.25
CA GLY C 203 37.46 -1.82 20.19
C GLY C 203 38.89 -1.80 20.73
N ARG C 204 39.78 -2.60 20.17
CA ARG C 204 41.18 -2.58 20.58
C ARG C 204 41.81 -1.24 20.18
N PRO C 205 42.43 -0.55 21.13
CA PRO C 205 42.85 0.84 20.94
C PRO C 205 44.02 1.01 19.98
N ILE C 206 44.01 2.16 19.32
CA ILE C 206 44.99 2.54 18.33
C ILE C 206 45.58 3.91 18.69
N LYS C 207 46.62 4.33 17.97
CA LYS C 207 47.17 5.67 18.13
C LYS C 207 46.36 6.65 17.31
N GLN C 208 46.10 6.30 16.05
CA GLN C 208 45.54 7.24 15.09
C GLN C 208 44.77 6.50 14.02
N LYS C 209 43.60 7.02 13.66
CA LYS C 209 42.88 6.51 12.50
C LYS C 209 43.34 7.28 11.26
N LEU C 210 43.55 6.59 10.14
CA LEU C 210 44.00 7.23 8.90
C LEU C 210 42.96 7.08 7.76
N ASN C 211 43.19 7.78 6.66
CA ASN C 211 42.34 7.65 5.49
C ASN C 211 42.73 6.41 4.65
N PRO C 212 41.81 5.47 4.38
CA PRO C 212 42.09 4.32 3.53
C PRO C 212 42.12 4.72 2.06
N ASP C 213 43.34 4.87 1.52
CA ASP C 213 43.57 5.42 0.18
C ASP C 213 44.33 4.46 -0.75
N VAL C 214 44.72 3.29 -0.25
CA VAL C 214 45.26 2.27 -1.13
C VAL C 214 44.17 1.28 -1.56
N PRO C 215 43.84 1.22 -2.86
CA PRO C 215 42.80 0.28 -3.32
C PRO C 215 43.17 -1.20 -3.14
N ILE C 217 43.19 -4.97 -4.35
CA ILE C 217 43.03 -5.74 -5.58
C ILE C 217 42.18 -6.99 -5.35
N THR C 218 40.94 -6.98 -5.81
CA THR C 218 40.08 -8.16 -5.66
C THR C 218 40.13 -9.05 -6.89
N GLY C 219 40.53 -8.47 -8.02
CA GLY C 219 40.59 -9.22 -9.26
C GLY C 219 39.27 -9.44 -9.95
N GLN C 220 38.20 -8.99 -9.30
CA GLN C 220 36.84 -9.06 -9.86
C GLN C 220 36.60 -7.74 -10.59
N ARG C 221 36.44 -7.84 -11.91
CA ARG C 221 36.45 -6.67 -12.80
C ARG C 221 35.51 -5.52 -12.40
N VAL C 222 34.24 -5.87 -12.19
CA VAL C 222 33.22 -4.86 -11.87
C VAL C 222 33.56 -4.09 -10.59
N ILE C 223 34.11 -4.80 -9.62
CA ILE C 223 34.45 -4.20 -8.33
C ILE C 223 35.67 -3.33 -8.44
N ASP C 224 36.79 -3.92 -8.83
CA ASP C 224 38.06 -3.20 -8.87
C ASP C 224 37.99 -1.97 -9.80
N THR C 225 37.17 -2.05 -10.84
CA THR C 225 37.08 -0.97 -11.81
C THR C 225 36.05 0.11 -11.41
N PHE C 226 34.80 -0.30 -11.20
CA PHE C 226 33.70 0.66 -11.02
C PHE C 226 33.29 0.94 -9.58
N PHE C 227 33.38 -0.08 -8.73
CA PHE C 227 33.01 0.10 -7.33
C PHE C 227 34.10 -0.42 -6.40
N PRO C 228 35.28 0.24 -6.43
CA PRO C 228 36.43 -0.26 -5.71
C PRO C 228 36.39 -0.02 -4.23
N VAL C 229 37.10 -0.88 -3.51
CA VAL C 229 37.28 -0.76 -2.11
C VAL C 229 38.76 -0.62 -1.78
N THR C 230 39.06 0.21 -0.80
CA THR C 230 40.41 0.44 -0.34
C THR C 230 40.75 -0.41 0.88
N LYS C 231 42.03 -0.52 1.18
CA LYS C 231 42.48 -1.16 2.40
C LYS C 231 42.07 -0.30 3.58
N GLY C 232 41.09 -0.77 4.35
CA GLY C 232 40.56 0.00 5.48
C GLY C 232 39.14 0.46 5.19
N GLY C 233 38.66 0.10 4.01
CA GLY C 233 37.33 0.43 3.60
C GLY C 233 36.27 -0.51 4.12
N ALA C 234 35.00 -0.18 3.91
CA ALA C 234 33.91 -1.06 4.30
C ALA C 234 32.89 -1.09 3.17
N ALA C 235 32.56 -2.32 2.76
CA ALA C 235 31.63 -2.55 1.68
C ALA C 235 30.51 -3.48 2.09
N ALA C 236 29.30 -3.13 1.66
CA ALA C 236 28.12 -3.96 1.93
C ALA C 236 27.59 -4.59 0.66
N VAL C 237 27.20 -5.85 0.74
CA VAL C 237 26.71 -6.56 -0.42
C VAL C 237 25.29 -7.04 -0.15
N PRO C 238 24.28 -6.16 -0.36
CA PRO C 238 22.90 -6.58 -0.17
C PRO C 238 22.36 -7.25 -1.41
N GLY C 239 21.72 -8.40 -1.22
CA GLY C 239 21.28 -9.25 -2.33
C GLY C 239 20.15 -10.17 -1.91
N PRO C 240 19.28 -10.55 -2.87
CA PRO C 240 18.18 -11.49 -2.57
C PRO C 240 18.73 -12.88 -2.42
N PHE C 241 17.95 -13.89 -2.01
CA PHE C 241 18.58 -15.26 -1.94
C PHE C 241 18.79 -15.80 -3.35
N GLY C 242 19.88 -16.54 -3.54
CA GLY C 242 20.17 -17.12 -4.84
C GLY C 242 20.72 -16.12 -5.81
N ALA C 243 21.42 -15.12 -5.28
CA ALA C 243 22.07 -14.10 -6.13
C ALA C 243 23.54 -14.38 -6.35
N GLY C 244 23.97 -15.52 -5.83
CA GLY C 244 25.38 -15.90 -5.78
C GLY C 244 25.99 -15.22 -4.56
N LYS C 245 25.21 -15.11 -3.48
CA LYS C 245 25.67 -14.38 -2.26
C LYS C 245 27.13 -14.81 -1.78
N THR C 246 27.23 -16.12 -1.57
CA THR C 246 28.45 -16.86 -1.20
C THR C 246 29.74 -16.80 -2.06
N VAL C 247 29.60 -17.10 -3.35
CA VAL C 247 30.68 -17.13 -4.31
C VAL C 247 31.39 -15.78 -4.38
N VAL C 248 30.62 -14.70 -4.29
CA VAL C 248 31.21 -13.37 -4.31
C VAL C 248 32.18 -13.16 -3.15
N GLN C 249 31.72 -13.55 -1.96
CA GLN C 249 32.52 -13.42 -0.76
C GLN C 249 33.76 -14.33 -0.77
N HIS C 250 33.56 -15.56 -1.28
CA HIS C 250 34.67 -16.52 -1.45
C HIS C 250 35.74 -15.99 -2.37
N GLN C 251 35.31 -15.33 -3.45
CA GLN C 251 36.23 -14.80 -4.43
C GLN C 251 37.08 -13.72 -3.80
N ILE C 252 36.45 -12.86 -3.01
CA ILE C 252 37.17 -11.76 -2.38
C ILE C 252 38.14 -12.31 -1.37
N ALA C 253 37.68 -13.27 -0.60
CA ALA C 253 38.52 -13.88 0.42
C ALA C 253 39.78 -14.52 -0.16
N LYS C 254 39.64 -15.10 -1.35
CA LYS C 254 40.74 -15.87 -1.92
C LYS C 254 41.69 -15.04 -2.79
N TRP C 255 41.21 -13.96 -3.36
CA TRP C 255 42.02 -13.18 -4.30
C TRP C 255 42.53 -11.82 -3.78
N SER C 256 41.92 -11.31 -2.68
CA SER C 256 42.34 -10.02 -2.12
C SER C 256 43.79 -10.04 -1.64
N ASP C 257 44.50 -8.94 -1.84
CA ASP C 257 45.87 -8.84 -1.37
C ASP C 257 45.96 -8.31 0.05
N VAL C 258 45.37 -9.05 0.97
CA VAL C 258 45.52 -8.78 2.42
C VAL C 258 46.40 -9.82 3.08
N ASP C 259 46.85 -9.56 4.31
CA ASP C 259 47.74 -10.49 5.01
C ASP C 259 46.95 -11.60 5.69
N LEU C 260 45.76 -11.26 6.18
CA LEU C 260 44.92 -12.22 6.91
C LEU C 260 43.41 -12.03 6.65
N VAL C 261 42.65 -13.12 6.69
CA VAL C 261 41.23 -13.08 6.43
C VAL C 261 40.48 -13.71 7.59
N VAL C 262 39.58 -12.93 8.19
CA VAL C 262 38.75 -13.46 9.28
C VAL C 262 37.31 -13.67 8.74
N TYR C 263 36.88 -14.93 8.60
CA TYR C 263 35.59 -15.24 7.97
C TYR C 263 34.55 -15.63 9.00
N VAL C 264 33.46 -14.86 9.07
CA VAL C 264 32.44 -15.11 10.11
C VAL C 264 31.14 -15.59 9.50
N GLY C 265 30.82 -16.86 9.74
CA GLY C 265 29.56 -17.40 9.30
C GLY C 265 28.46 -17.11 10.31
N CYS C 266 27.73 -16.03 10.08
CA CYS C 266 26.76 -15.54 11.05
C CYS C 266 25.34 -15.91 10.71
N GLY C 267 24.83 -16.90 11.44
CA GLY C 267 23.43 -17.38 11.30
C GLY C 267 23.10 -18.01 9.93
N GLU C 268 24.11 -18.58 9.29
CA GLU C 268 23.96 -19.09 7.94
C GLU C 268 24.09 -20.61 7.89
N ARG C 269 24.21 -21.14 6.68
CA ARG C 269 24.22 -22.59 6.46
C ARG C 269 25.54 -23.18 6.87
N GLY C 270 25.44 -24.32 7.56
CA GLY C 270 26.60 -24.99 8.07
C GLY C 270 27.50 -25.54 6.97
N ASN C 271 26.89 -25.92 5.84
CA ASN C 271 27.60 -26.59 4.75
C ASN C 271 28.59 -25.63 4.09
N GLU C 272 28.30 -24.34 4.18
CA GLU C 272 29.16 -23.29 3.62
C GLU C 272 30.45 -23.12 4.43
N THR C 274 31.73 -25.70 5.99
CA THR C 274 32.36 -26.99 5.65
C THR C 274 33.08 -26.80 4.31
N ASP C 275 32.43 -26.12 3.37
CA ASP C 275 33.05 -25.86 2.10
C ASP C 275 34.32 -25.02 2.23
N VAL C 276 34.29 -23.99 3.07
CA VAL C 276 35.48 -23.12 3.24
C VAL C 276 36.69 -23.89 3.79
N VAL C 277 36.49 -24.71 4.83
CA VAL C 277 37.59 -25.50 5.42
C VAL C 277 38.11 -26.57 4.48
N ASN C 278 37.32 -26.94 3.46
CA ASN C 278 37.73 -27.95 2.49
C ASN C 278 38.45 -27.35 1.29
N GLU C 279 37.98 -26.18 0.87
CA GLU C 279 38.50 -25.52 -0.32
C GLU C 279 39.74 -24.68 -0.02
N PHE C 280 39.72 -23.92 1.09
CA PHE C 280 40.82 -22.98 1.44
C PHE C 280 42.22 -23.60 1.55
N PRO C 281 42.35 -24.75 2.22
CA PRO C 281 43.65 -25.39 2.27
C PRO C 281 44.17 -25.86 0.90
N GLU C 282 43.29 -25.92 -0.09
CA GLU C 282 43.67 -26.43 -1.41
C GLU C 282 44.01 -25.30 -2.38
N LEU C 283 43.81 -24.06 -1.91
CA LEU C 283 44.13 -22.89 -2.73
C LEU C 283 45.52 -22.36 -2.41
N ILE C 284 46.44 -22.69 -3.29
CA ILE C 284 47.83 -22.41 -3.04
C ILE C 284 48.33 -21.14 -3.74
N ASP C 285 48.86 -20.20 -2.95
CA ASP C 285 49.57 -19.04 -3.50
C ASP C 285 50.93 -19.53 -4.07
N PRO C 286 51.10 -19.44 -5.40
CA PRO C 286 52.29 -19.94 -6.09
C PRO C 286 53.56 -19.17 -5.74
N ASN C 287 53.41 -17.90 -5.39
CA ASN C 287 54.55 -17.06 -4.97
C ASN C 287 55.00 -17.37 -3.53
N THR C 288 54.24 -18.23 -2.86
CA THR C 288 54.44 -18.52 -1.43
C THR C 288 54.55 -20.02 -1.13
N GLY C 289 53.68 -20.80 -1.77
CA GLY C 289 53.64 -22.26 -1.59
C GLY C 289 52.77 -22.79 -0.46
N GLU C 290 52.20 -21.88 0.34
CA GLU C 290 51.26 -22.29 1.40
C GLU C 290 49.83 -21.88 1.04
N SER C 291 48.85 -22.52 1.62
CA SER C 291 47.46 -22.29 1.30
C SER C 291 46.80 -21.01 1.88
N LEU C 292 45.59 -20.71 1.41
CA LEU C 292 44.82 -19.60 1.92
C LEU C 292 44.33 -19.84 3.38
N GLU C 294 46.11 -21.02 5.70
CA GLU C 294 47.23 -20.63 6.54
C GLU C 294 47.27 -19.11 6.74
N ARG C 295 46.27 -18.40 6.21
CA ARG C 295 46.11 -16.96 6.49
C ARG C 295 44.67 -16.62 6.81
N THR C 296 43.91 -17.61 7.23
CA THR C 296 42.49 -17.49 7.53
C THR C 296 42.10 -17.93 8.97
N VAL C 297 41.18 -17.17 9.57
CA VAL C 297 40.52 -17.56 10.82
C VAL C 297 39.00 -17.70 10.59
N LEU C 298 38.39 -18.80 11.04
CA LEU C 298 36.94 -19.03 10.85
C LEU C 298 36.08 -19.00 12.11
N ILE C 299 35.02 -18.21 12.10
CA ILE C 299 34.06 -18.20 13.19
C ILE C 299 32.70 -18.67 12.67
N ALA C 300 32.15 -19.73 13.25
CA ALA C 300 30.88 -20.30 12.78
C ALA C 300 29.75 -20.36 13.83
N ASN C 301 28.66 -19.63 13.60
CA ASN C 301 27.43 -19.81 14.38
C ASN C 301 26.24 -19.97 13.46
N THR C 302 25.94 -21.22 13.11
CA THR C 302 24.92 -21.53 12.11
C THR C 302 23.53 -21.05 12.48
N SER C 303 22.66 -21.08 11.49
CA SER C 303 21.29 -20.66 11.61
C SER C 303 20.48 -21.41 12.68
N ASN C 304 20.82 -22.67 12.95
CA ASN C 304 20.14 -23.42 14.01
C ASN C 304 20.93 -23.54 15.32
N PRO C 306 22.40 -21.50 18.79
CA PRO C 306 21.70 -20.54 19.64
C PRO C 306 21.77 -19.10 19.15
N VAL C 307 20.61 -18.45 19.24
CA VAL C 307 20.35 -17.16 18.59
C VAL C 307 21.30 -16.07 19.05
N ALA C 308 21.47 -16.02 20.35
CA ALA C 308 22.20 -14.96 21.01
C ALA C 308 23.71 -14.96 20.58
N ALA C 309 24.17 -16.12 20.15
CA ALA C 309 25.57 -16.31 19.80
C ALA C 309 25.92 -15.73 18.42
N ARG C 310 24.89 -15.26 17.71
CA ARG C 310 25.12 -14.62 16.40
C ARG C 310 25.82 -13.30 16.58
N GLU C 311 25.36 -12.58 17.62
CA GLU C 311 25.95 -11.29 17.98
C GLU C 311 27.40 -11.46 18.40
N ALA C 312 27.62 -12.54 19.15
CA ALA C 312 28.94 -12.84 19.64
C ALA C 312 29.92 -13.14 18.50
N SER C 313 29.46 -13.88 17.51
CA SER C 313 30.32 -14.25 16.38
C SER C 313 30.82 -13.01 15.64
N ILE C 314 29.95 -12.03 15.50
CA ILE C 314 30.31 -10.76 14.88
C ILE C 314 31.43 -10.05 15.65
N TYR C 315 31.24 -9.88 16.95
CA TYR C 315 32.22 -9.21 17.80
C TYR C 315 33.51 -10.04 18.00
N THR C 316 33.38 -11.36 18.08
CA THR C 316 34.53 -12.24 18.16
C THR C 316 35.41 -12.04 16.95
N GLY C 317 34.79 -12.02 15.79
CA GLY C 317 35.52 -11.85 14.56
C GLY C 317 36.27 -10.54 14.44
N ILE C 318 35.60 -9.43 14.74
CA ILE C 318 36.20 -8.11 14.58
C ILE C 318 37.37 -7.90 15.57
N THR C 319 37.25 -8.45 16.77
CA THR C 319 38.30 -8.30 17.76
C THR C 319 39.59 -9.03 17.35
N ILE C 320 39.43 -10.25 16.82
CA ILE C 320 40.57 -11.00 16.29
C ILE C 320 41.23 -10.26 15.11
N ALA C 321 40.42 -9.65 14.26
CA ALA C 321 40.93 -8.85 13.17
C ALA C 321 41.70 -7.62 13.66
N GLU C 322 41.23 -7.01 14.73
CA GLU C 322 41.92 -5.86 15.29
C GLU C 322 43.26 -6.24 15.95
N TYR C 323 43.31 -7.45 16.49
CA TYR C 323 44.53 -7.97 17.07
C TYR C 323 45.63 -8.08 16.02
N PHE C 324 45.29 -8.65 14.86
CA PHE C 324 46.21 -8.76 13.72
C PHE C 324 46.52 -7.42 13.07
N ARG C 325 45.53 -6.55 13.10
CA ARG C 325 45.71 -5.17 12.64
C ARG C 325 46.83 -4.47 13.43
N ASP C 326 46.81 -4.66 14.74
CA ASP C 326 47.77 -4.04 15.65
C ASP C 326 49.22 -4.49 15.40
N GLY C 328 50.48 -4.63 12.42
CA GLY C 328 50.88 -3.93 11.19
C GLY C 328 50.39 -4.63 9.92
N TYR C 329 49.44 -5.55 10.09
CA TYR C 329 48.94 -6.32 8.96
C TYR C 329 47.65 -5.72 8.35
N ASP C 330 47.42 -5.97 7.06
CA ASP C 330 46.15 -5.64 6.42
C ASP C 330 45.21 -6.82 6.53
N VAL C 331 44.04 -6.60 7.11
CA VAL C 331 43.10 -7.70 7.39
C VAL C 331 41.77 -7.46 6.71
N ALA C 332 41.16 -8.53 6.18
CA ALA C 332 39.80 -8.46 5.65
C ALA C 332 38.85 -9.30 6.50
N ILE C 333 37.75 -8.71 6.95
CA ILE C 333 36.76 -9.47 7.75
C ILE C 333 35.47 -9.65 7.00
N ALA C 335 31.70 -10.71 7.16
CA ALA C 335 30.52 -10.99 7.96
C ALA C 335 29.34 -11.44 7.09
N ASP C 336 28.99 -12.73 7.20
CA ASP C 336 27.95 -13.30 6.39
C ASP C 336 27.01 -14.14 7.23
N SER C 337 25.81 -13.64 7.55
CA SER C 337 25.32 -12.34 7.07
C SER C 337 24.93 -11.45 8.26
N THR C 338 25.06 -10.15 8.04
CA THR C 338 24.75 -9.19 9.09
C THR C 338 23.26 -9.15 9.45
N SER C 339 22.42 -9.56 8.50
CA SER C 339 20.98 -9.54 8.71
C SER C 339 20.57 -10.51 9.83
N ARG C 340 21.27 -11.66 9.91
CA ARG C 340 20.96 -12.66 10.93
C ARG C 340 21.34 -12.15 12.31
N TRP C 341 22.36 -11.29 12.33
CA TRP C 341 22.76 -10.60 13.55
C TRP C 341 21.68 -9.65 13.97
N ALA C 342 21.19 -8.87 13.02
CA ALA C 342 20.15 -7.90 13.31
C ALA C 342 18.86 -8.58 13.77
N GLU C 343 18.56 -9.75 13.24
CA GLU C 343 17.38 -10.48 13.66
C GLU C 343 17.51 -11.04 15.07
N ALA C 344 18.74 -11.25 15.50
CA ALA C 344 19.01 -11.66 16.86
C ALA C 344 18.78 -10.49 17.82
N LEU C 345 19.12 -9.27 17.38
CA LEU C 345 18.81 -8.08 18.14
C LEU C 345 17.31 -7.91 18.26
N ARG C 346 16.60 -8.14 17.15
CA ARG C 346 15.16 -8.00 17.08
C ARG C 346 14.41 -9.00 17.97
N GLU C 347 14.86 -10.25 17.98
CA GLU C 347 14.23 -11.27 18.80
C GLU C 347 14.40 -10.97 20.27
N SER C 349 15.07 -7.91 21.50
CA SER C 349 14.32 -6.68 21.74
C SER C 349 12.89 -6.99 22.03
N GLY C 350 12.31 -7.92 21.24
CA GLY C 350 10.93 -8.41 21.40
C GLY C 350 10.74 -9.06 22.76
N ARG C 351 11.75 -9.79 23.19
CA ARG C 351 11.67 -10.52 24.44
C ARG C 351 11.87 -9.60 25.64
N LEU C 352 12.50 -8.45 25.42
CA LEU C 352 12.63 -7.46 26.46
C LEU C 352 11.47 -6.51 26.45
N GLU C 353 10.57 -6.75 25.49
CA GLU C 353 9.39 -5.92 25.26
C GLU C 353 9.74 -4.42 25.13
N GLU C 354 10.85 -4.17 24.46
CA GLU C 354 11.23 -2.84 24.10
C GLU C 354 10.34 -2.39 22.94
N PRO C 356 9.86 -1.38 19.50
CA PRO C 356 10.62 -1.66 18.29
C PRO C 356 10.58 -0.51 17.34
N GLY C 357 11.56 -0.46 16.46
CA GLY C 357 11.60 0.55 15.39
C GLY C 357 11.00 -0.11 14.18
N ASP C 358 11.49 0.25 12.99
CA ASP C 358 11.00 -0.35 11.76
C ASP C 358 11.16 -1.85 11.66
N GLU C 359 10.11 -2.51 11.21
CA GLU C 359 10.09 -3.97 11.07
C GLU C 359 10.42 -4.79 12.35
N GLY C 360 10.27 -4.18 13.52
CA GLY C 360 10.48 -4.90 14.75
C GLY C 360 11.90 -4.80 15.24
N TYR C 361 12.80 -4.28 14.40
CA TYR C 361 14.19 -4.06 14.83
C TYR C 361 14.27 -2.99 15.88
N PRO C 362 15.20 -3.13 16.81
CA PRO C 362 15.29 -2.21 17.92
C PRO C 362 15.68 -0.85 17.46
N ALA C 363 15.31 0.17 18.25
CA ALA C 363 15.60 1.59 17.93
C ALA C 363 17.10 1.89 17.90
N TYR C 364 17.90 1.01 18.50
CA TYR C 364 19.35 1.22 18.52
C TYR C 364 20.06 0.51 17.39
N LEU C 365 19.32 0.05 16.41
CA LEU C 365 19.91 -0.74 15.34
C LEU C 365 20.98 0.00 14.58
N GLY C 366 20.65 1.23 14.13
CA GLY C 366 21.59 2.09 13.36
C GLY C 366 22.93 2.28 14.08
N SER C 367 22.79 2.47 15.39
CA SER C 367 23.90 2.74 16.25
C SER C 367 24.77 1.51 16.40
N ARG C 368 24.18 0.32 16.46
CA ARG C 368 24.97 -0.91 16.61
C ARG C 368 25.80 -1.16 15.41
N LEU C 369 25.19 -1.04 14.25
CA LEU C 369 25.89 -1.25 13.03
C LEU C 369 27.04 -0.28 12.91
N ALA C 370 26.79 0.96 13.33
CA ALA C 370 27.80 2.03 13.30
C ALA C 370 29.00 1.70 14.15
N GLU C 371 28.75 1.08 15.30
CA GLU C 371 29.80 0.74 16.24
C GLU C 371 30.73 -0.35 15.67
N TYR C 372 30.14 -1.26 14.87
CA TYR C 372 30.89 -2.33 14.21
C TYR C 372 31.77 -1.78 13.10
N TYR C 373 31.17 -1.05 12.17
CA TYR C 373 31.92 -0.56 11.01
C TYR C 373 32.96 0.50 11.37
N GLU C 374 32.73 1.26 12.44
CA GLU C 374 33.73 2.19 12.97
C GLU C 374 34.93 1.51 13.59
N ARG C 375 34.86 0.19 13.70
CA ARG C 375 36.01 -0.57 14.15
C ARG C 375 36.87 -0.99 12.99
N SER C 376 36.29 -1.04 11.79
CA SER C 376 37.09 -1.26 10.59
C SER C 376 37.93 0.01 10.30
N GLY C 377 38.88 -0.07 9.37
CA GLY C 377 39.60 1.13 8.94
C GLY C 377 41.11 1.04 8.97
N ARG C 378 41.78 2.01 8.35
CA ARG C 378 43.24 2.08 8.33
C ARG C 378 43.73 2.86 9.54
N VAL C 379 44.74 2.33 10.23
CA VAL C 379 45.23 2.96 11.47
C VAL C 379 46.73 2.94 11.62
N ILE C 380 47.19 3.74 12.58
CA ILE C 380 48.53 3.62 13.11
C ILE C 380 48.33 2.95 14.45
N ALA C 381 48.96 1.79 14.63
CA ALA C 381 48.76 1.00 15.85
C ALA C 381 49.58 1.57 17.01
N LEU C 382 49.20 1.22 18.24
CA LEU C 382 49.95 1.66 19.40
C LEU C 382 51.31 1.00 19.39
N GLY C 383 52.31 1.71 19.88
CA GLY C 383 53.66 1.18 19.90
C GLY C 383 54.64 2.16 19.31
N SER C 384 55.89 2.06 19.77
CA SER C 384 56.92 3.02 19.41
C SER C 384 57.21 3.02 17.91
N ASP C 385 57.03 1.87 17.27
CA ASP C 385 57.24 1.71 15.82
C ASP C 385 56.27 2.57 14.99
N GLN C 386 55.06 2.77 15.53
CA GLN C 386 53.94 3.40 14.81
C GLN C 386 53.64 2.66 13.51
N ARG C 387 53.44 1.35 13.63
CA ARG C 387 53.14 0.49 12.50
C ARG C 387 51.77 0.79 11.90
N GLU C 388 51.71 0.68 10.58
CA GLU C 388 50.47 0.96 9.84
C GLU C 388 49.71 -0.34 9.51
N GLY C 389 48.42 -0.38 9.82
CA GLY C 389 47.61 -1.57 9.63
C GLY C 389 46.18 -1.18 9.34
N SER C 390 45.33 -2.13 8.99
CA SER C 390 44.00 -1.80 8.51
C SER C 390 43.03 -3.00 8.55
N ILE C 391 41.74 -2.69 8.60
CA ILE C 391 40.68 -3.70 8.51
C ILE C 391 39.73 -3.27 7.43
N THR C 392 39.57 -4.13 6.43
CA THR C 392 38.59 -3.98 5.38
C THR C 392 37.38 -4.92 5.65
N ALA C 393 36.21 -4.32 5.81
CA ALA C 393 34.98 -5.05 6.11
C ALA C 393 34.17 -5.33 4.85
N ILE C 394 33.88 -6.61 4.63
CA ILE C 394 32.98 -7.08 3.57
C ILE C 394 31.78 -7.76 4.20
N SER C 395 30.60 -7.14 4.08
CA SER C 395 29.40 -7.61 4.75
C SER C 395 28.30 -7.96 3.80
N ALA C 396 27.77 -9.17 3.94
CA ALA C 396 26.56 -9.57 3.23
C ALA C 396 25.35 -9.02 3.99
N VAL C 397 24.34 -8.56 3.24
CA VAL C 397 23.06 -8.18 3.81
C VAL C 397 21.99 -8.95 3.07
N SER C 398 20.95 -9.35 3.78
CA SER C 398 19.91 -10.20 3.20
C SER C 398 18.52 -9.60 3.36
N PRO C 399 18.24 -8.49 2.65
CA PRO C 399 16.91 -7.85 2.69
C PRO C 399 15.76 -8.72 2.16
N SER C 400 14.64 -8.91 2.87
CA SER C 400 13.62 -9.85 2.32
C SER C 400 13.09 -9.43 0.95
N GLY C 401 13.13 -10.36 0.01
CA GLY C 401 12.70 -10.11 -1.36
C GLY C 401 13.65 -9.23 -2.16
N GLY C 402 14.72 -8.79 -1.53
CA GLY C 402 15.67 -7.92 -2.20
C GLY C 402 15.21 -6.47 -2.06
N ASP C 403 14.23 -6.21 -1.20
CA ASP C 403 13.78 -4.81 -0.91
C ASP C 403 14.84 -4.05 -0.06
N ILE C 404 15.61 -3.19 -0.70
CA ILE C 404 16.77 -2.62 0.03
C ILE C 404 16.36 -1.46 0.96
N SER C 405 15.05 -1.19 1.02
CA SER C 405 14.54 -0.13 1.86
C SER C 405 14.44 -0.57 3.32
N GLU C 406 14.69 -1.86 3.57
CA GLU C 406 14.55 -2.43 4.90
C GLU C 406 15.63 -1.87 5.83
N PRO C 407 15.36 -1.79 7.12
CA PRO C 407 16.20 -1.06 8.05
C PRO C 407 17.67 -1.53 8.12
N VAL C 408 17.93 -2.82 7.94
CA VAL C 408 19.31 -3.31 8.03
C VAL C 408 20.16 -2.76 6.91
N THR C 409 19.70 -2.92 5.67
CA THR C 409 20.41 -2.37 4.50
C THR C 409 20.56 -0.83 4.60
N GLN C 410 19.46 -0.16 4.96
CA GLN C 410 19.42 1.28 4.99
C GLN C 410 20.31 1.90 6.05
N ASN C 411 20.30 1.33 7.24
CA ASN C 411 21.16 1.84 8.28
C ASN C 411 22.60 1.53 7.98
N THR C 412 22.84 0.41 7.30
CA THR C 412 24.18 -0.01 6.91
C THR C 412 24.78 0.98 5.91
N LEU C 413 24.00 1.35 4.93
CA LEU C 413 24.48 2.22 3.88
C LEU C 413 24.76 3.66 4.32
N ARG C 414 24.27 4.04 5.50
CA ARG C 414 24.59 5.33 6.07
C ARG C 414 26.00 5.36 6.73
N VAL C 415 26.57 4.18 7.00
CA VAL C 415 27.91 4.10 7.66
C VAL C 415 29.01 3.41 6.88
N VAL C 416 28.65 2.54 5.94
CA VAL C 416 29.62 2.03 5.00
C VAL C 416 29.87 3.03 3.83
N LYS C 417 30.87 2.75 3.00
CA LYS C 417 31.17 3.65 1.90
C LYS C 417 31.00 3.00 0.51
N VAL C 418 30.82 1.68 0.47
CA VAL C 418 30.69 0.99 -0.81
C VAL C 418 29.47 0.12 -0.82
N PHE C 419 28.70 0.20 -1.90
CA PHE C 419 27.46 -0.51 -2.04
C PHE C 419 27.50 -1.43 -3.28
N TRP C 420 27.61 -2.75 -3.08
CA TRP C 420 27.51 -3.69 -4.19
C TRP C 420 26.17 -4.35 -4.19
N GLY C 421 25.19 -3.70 -4.81
CA GLY C 421 23.84 -4.25 -4.87
C GLY C 421 23.75 -5.44 -5.81
N LEU C 422 23.53 -6.64 -5.28
CA LEU C 422 23.25 -7.82 -6.11
C LEU C 422 21.81 -7.77 -6.62
N ASP C 423 21.59 -8.26 -7.83
CA ASP C 423 20.32 -8.09 -8.52
C ASP C 423 19.71 -9.45 -8.94
N SER C 424 18.44 -9.68 -8.63
CA SER C 424 17.86 -10.99 -8.96
C SER C 424 17.64 -11.14 -10.43
N SER C 425 17.28 -10.04 -11.09
CA SER C 425 17.06 -10.04 -12.55
C SER C 425 18.32 -10.49 -13.33
N LEU C 426 19.48 -9.97 -12.92
CA LEU C 426 20.78 -10.32 -13.50
C LEU C 426 21.09 -11.80 -13.22
N ALA C 427 20.80 -12.24 -12.00
CA ALA C 427 21.07 -13.58 -11.57
C ALA C 427 20.28 -14.59 -12.39
N GLN C 428 19.04 -14.26 -12.72
CA GLN C 428 18.16 -15.22 -13.40
C GLN C 428 18.60 -15.49 -14.84
N LYS C 429 19.16 -14.47 -15.47
CA LYS C 429 19.70 -14.60 -16.83
C LYS C 429 21.19 -14.98 -16.79
N ARG C 430 21.64 -15.44 -15.61
CA ARG C 430 23.00 -15.93 -15.36
C ARG C 430 24.09 -14.89 -15.70
N HIS C 431 23.85 -13.66 -15.27
CA HIS C 431 24.84 -12.60 -15.33
C HIS C 431 25.52 -12.56 -13.97
N PHE C 432 26.74 -13.06 -13.88
CA PHE C 432 27.47 -13.12 -12.59
C PHE C 432 28.84 -12.42 -12.65
N PRO C 433 29.27 -11.76 -11.54
CA PRO C 433 28.50 -11.42 -10.31
C PRO C 433 27.32 -10.51 -10.65
N SER C 434 26.20 -10.77 -10.03
CA SER C 434 24.97 -10.08 -10.41
C SER C 434 24.88 -8.68 -9.81
N ILE C 435 25.94 -7.88 -9.95
CA ILE C 435 26.01 -6.51 -9.39
C ILE C 435 25.26 -5.51 -10.26
N ASN C 436 24.27 -4.86 -9.68
CA ASN C 436 23.53 -3.82 -10.36
C ASN C 436 24.39 -2.59 -10.49
N TRP C 437 24.87 -2.32 -11.71
CA TRP C 437 25.82 -1.21 -11.95
C TRP C 437 25.20 0.17 -11.88
N ILE C 438 23.87 0.24 -11.86
CA ILE C 438 23.19 1.52 -11.77
C ILE C 438 22.88 1.86 -10.32
N GLN C 439 22.59 0.82 -9.55
CA GLN C 439 22.22 0.96 -8.16
C GLN C 439 23.47 1.04 -7.31
N SER C 440 24.50 0.25 -7.67
CA SER C 440 25.75 0.19 -6.89
C SER C 440 26.56 1.47 -6.91
N TYR C 441 27.38 1.67 -5.89
CA TYR C 441 28.25 2.83 -5.85
C TYR C 441 29.45 2.62 -4.97
N SER C 442 30.48 3.44 -5.13
CA SER C 442 31.62 3.44 -4.25
C SER C 442 32.04 4.87 -3.98
N LEU C 443 32.03 5.26 -2.73
CA LEU C 443 32.54 6.57 -2.34
C LEU C 443 34.10 6.65 -2.39
N TYR C 444 34.75 5.56 -2.78
CA TYR C 444 36.21 5.57 -2.99
C TYR C 444 36.61 5.74 -4.46
N SER C 445 35.61 5.80 -5.34
CA SER C 445 35.86 5.84 -6.81
C SER C 445 36.83 6.92 -7.22
N THR C 446 36.59 8.11 -6.69
CA THR C 446 37.39 9.29 -6.96
C THR C 446 38.87 9.12 -6.60
N GLU C 447 39.10 8.74 -5.33
CA GLU C 447 40.45 8.52 -4.84
C GLU C 447 41.16 7.36 -5.54
N VAL C 448 40.46 6.23 -5.70
CA VAL C 448 41.07 5.08 -6.40
C VAL C 448 41.41 5.44 -7.84
N GLY C 449 40.52 6.19 -8.47
CA GLY C 449 40.78 6.72 -9.82
C GLY C 449 42.10 7.49 -9.92
N ARG C 450 42.35 8.36 -8.94
CA ARG C 450 43.60 9.12 -8.89
C ARG C 450 44.80 8.19 -8.77
N TYR C 451 44.70 7.24 -7.84
CA TYR C 451 45.74 6.25 -7.63
C TYR C 451 46.05 5.46 -8.89
N ASP C 453 45.30 6.12 -12.12
CA ASP C 453 45.84 7.00 -13.15
C ASP C 453 47.35 7.11 -13.00
N GLN C 454 47.79 7.28 -11.75
CA GLN C 454 49.20 7.41 -11.47
C GLN C 454 50.00 6.11 -11.67
N ILE C 455 49.45 5.01 -11.16
CA ILE C 455 50.13 3.71 -11.25
C ILE C 455 50.23 3.21 -12.68
N LEU C 456 49.13 3.33 -13.41
CA LEU C 456 49.08 2.78 -14.77
C LEU C 456 49.62 3.77 -15.81
N GLN C 457 49.66 5.04 -15.45
CA GLN C 457 49.90 6.12 -16.40
C GLN C 457 48.93 6.00 -17.59
N TRP C 460 42.72 6.44 -17.14
CA TRP C 460 41.91 5.41 -16.47
C TRP C 460 40.69 6.01 -15.85
N SER C 461 40.85 7.14 -15.13
CA SER C 461 39.72 7.83 -14.49
C SER C 461 38.65 8.18 -15.50
N ASP C 462 39.10 8.73 -16.63
CA ASP C 462 38.21 9.14 -17.71
C ASP C 462 37.48 7.92 -18.29
N VAL C 464 36.80 5.00 -16.86
CA VAL C 464 35.80 4.50 -15.91
C VAL C 464 34.56 5.41 -15.89
N THR C 465 34.79 6.72 -15.91
CA THR C 465 33.70 7.70 -15.98
C THR C 465 32.88 7.49 -17.26
N GLU C 466 33.59 7.30 -18.38
CA GLU C 466 32.99 7.09 -19.69
C GLU C 466 32.25 5.74 -19.75
N GLY C 467 32.81 4.73 -19.11
CA GLY C 467 32.17 3.42 -19.07
C GLY C 467 30.85 3.49 -18.31
N ARG C 469 29.10 6.16 -17.76
CA ARG C 469 28.22 7.07 -18.47
C ARG C 469 27.48 6.35 -19.58
N ILE C 470 28.17 5.43 -20.27
CA ILE C 470 27.55 4.58 -21.28
C ILE C 470 26.47 3.68 -20.68
N LEU C 471 26.81 3.12 -19.52
CA LEU C 471 25.91 2.24 -18.80
C LEU C 471 24.67 2.99 -18.34
N GLN C 472 24.88 4.23 -17.87
CA GLN C 472 23.78 5.11 -17.41
C GLN C 472 22.91 5.51 -18.59
N GLU C 473 23.52 5.73 -19.75
CA GLU C 473 22.81 6.14 -20.95
C GLU C 473 21.95 4.99 -21.48
N GLU C 474 22.52 3.76 -21.47
CA GLU C 474 21.79 2.55 -21.88
C GLU C 474 20.53 2.38 -21.04
N GLU C 475 20.70 2.62 -19.74
CA GLU C 475 19.62 2.55 -18.77
C GLU C 475 18.49 3.51 -19.10
N GLN C 476 18.82 4.77 -19.39
CA GLN C 476 17.82 5.78 -19.73
C GLN C 476 17.15 5.46 -21.06
N LEU C 477 17.92 4.94 -22.02
CA LEU C 477 17.36 4.53 -23.31
C LEU C 477 16.39 3.34 -23.13
N ASN C 478 16.80 2.37 -22.32
CA ASN C 478 15.95 1.22 -22.04
C ASN C 478 14.66 1.54 -21.28
N GLU C 479 14.62 2.65 -20.56
CA GLU C 479 13.38 3.09 -19.88
C GLU C 479 12.31 3.35 -20.92
N ILE C 480 12.75 3.83 -22.10
CA ILE C 480 11.85 4.14 -23.19
C ILE C 480 11.53 2.90 -24.04
N VAL C 481 12.55 2.19 -24.45
CA VAL C 481 12.39 0.96 -25.23
C VAL C 481 11.42 -0.06 -24.58
N ARG C 482 11.38 -0.10 -23.25
CA ARG C 482 10.45 -0.99 -22.52
C ARG C 482 8.99 -0.56 -22.70
N LEU C 483 8.77 0.75 -22.72
CA LEU C 483 7.41 1.30 -22.83
C LEU C 483 7.16 1.97 -24.17
N VAL C 484 7.84 1.52 -25.23
CA VAL C 484 7.69 2.10 -26.59
C VAL C 484 8.17 1.18 -27.70
N GLY C 485 9.22 0.43 -27.43
CA GLY C 485 9.79 -0.48 -28.42
C GLY C 485 11.08 0.03 -29.01
N ILE C 486 11.86 -0.91 -29.54
CA ILE C 486 13.14 -0.62 -30.17
C ILE C 486 12.99 -0.08 -31.61
N ASP C 487 11.79 0.38 -31.97
CA ASP C 487 11.41 0.67 -33.35
C ASP C 487 12.21 1.80 -34.00
N SER C 488 12.14 2.97 -33.40
CA SER C 488 12.59 4.20 -34.05
C SER C 488 13.99 4.65 -33.62
N LEU C 489 14.82 3.69 -33.25
CA LEU C 489 16.17 4.05 -32.74
C LEU C 489 17.11 4.53 -33.85
N SER C 490 17.76 5.68 -33.62
CA SER C 490 18.79 6.17 -34.54
C SER C 490 20.04 5.29 -34.49
N ASP C 491 20.94 5.50 -35.45
CA ASP C 491 22.19 4.77 -35.50
C ASP C 491 23.07 5.02 -34.26
N ASN C 492 23.06 6.27 -33.80
CA ASN C 492 23.82 6.66 -32.59
C ASN C 492 23.38 5.91 -31.34
N ASP C 493 22.06 5.86 -31.13
CA ASP C 493 21.51 5.19 -29.98
C ASP C 493 21.75 3.69 -30.07
N ARG C 494 21.65 3.13 -31.28
CA ARG C 494 21.92 1.70 -31.53
C ARG C 494 23.36 1.37 -31.24
N LEU C 495 24.26 2.32 -31.54
CA LEU C 495 25.69 2.12 -31.24
C LEU C 495 25.94 2.13 -29.73
N THR C 496 25.28 3.07 -29.04
CA THR C 496 25.38 3.19 -27.59
C THR C 496 24.99 1.86 -26.92
N LEU C 497 23.88 1.29 -27.38
CA LEU C 497 23.37 0.03 -26.85
C LEU C 497 24.37 -1.13 -27.13
N GLU C 498 25.07 -1.08 -28.26
CA GLU C 498 26.04 -2.10 -28.57
C GLU C 498 27.32 -2.00 -27.72
N VAL C 499 27.75 -0.77 -27.48
CA VAL C 499 28.91 -0.54 -26.60
C VAL C 499 28.61 -1.01 -25.15
N ALA C 500 27.42 -0.63 -24.68
CA ALA C 500 26.94 -1.03 -23.37
C ALA C 500 26.79 -2.53 -23.29
N LYS C 501 26.32 -3.17 -24.36
CA LYS C 501 26.22 -4.64 -24.45
C LYS C 501 27.59 -5.28 -24.27
N SER C 502 28.58 -4.70 -24.93
CA SER C 502 29.96 -5.14 -24.84
C SER C 502 30.51 -5.02 -23.40
N ILE C 503 30.25 -3.87 -22.76
CA ILE C 503 30.69 -3.67 -21.38
C ILE C 503 30.07 -4.73 -20.47
N ARG C 504 28.78 -4.99 -20.67
CA ARG C 504 28.05 -5.92 -19.82
C ARG C 504 28.53 -7.39 -20.01
N GLU C 505 28.53 -7.83 -21.27
CA GLU C 505 28.80 -9.25 -21.60
C GLU C 505 30.29 -9.62 -21.63
N ASP C 506 31.12 -8.70 -22.09
CA ASP C 506 32.55 -8.98 -22.26
C ASP C 506 33.42 -8.56 -21.05
N TYR C 507 32.89 -7.65 -20.22
CA TYR C 507 33.66 -7.15 -19.06
C TYR C 507 33.01 -7.48 -17.71
N LEU C 508 31.76 -7.08 -17.53
CA LEU C 508 31.07 -7.23 -16.23
C LEU C 508 30.88 -8.68 -15.82
N GLN C 509 30.43 -9.49 -16.79
CA GLN C 509 30.20 -10.92 -16.58
C GLN C 509 31.54 -11.65 -16.38
N GLN C 510 31.66 -12.43 -15.31
CA GLN C 510 32.95 -13.06 -14.91
C GLN C 510 32.73 -14.37 -14.12
N ASN C 511 33.23 -15.48 -14.65
CA ASN C 511 33.00 -16.77 -14.02
C ASN C 511 34.07 -17.15 -13.03
N ALA C 512 33.73 -17.14 -11.75
CA ALA C 512 34.64 -17.56 -10.67
C ALA C 512 35.20 -19.00 -10.77
N PHE C 513 34.50 -19.82 -11.56
CA PHE C 513 34.86 -21.24 -11.73
C PHE C 513 35.73 -21.52 -12.96
N ASP C 514 35.94 -20.50 -13.78
CA ASP C 514 36.87 -20.60 -14.88
C ASP C 514 38.25 -20.30 -14.36
N ASP C 515 39.19 -21.15 -14.78
CA ASP C 515 40.57 -21.17 -14.30
C ASP C 515 41.27 -19.82 -14.53
N VAL C 516 40.94 -19.19 -15.64
CA VAL C 516 41.55 -17.92 -16.03
C VAL C 516 40.71 -16.73 -15.60
N ASP C 517 39.40 -16.86 -15.80
CA ASP C 517 38.44 -15.76 -15.62
C ASP C 517 38.25 -15.43 -14.15
N THR C 518 38.62 -16.38 -13.27
CA THR C 518 38.44 -16.25 -11.82
C THR C 518 39.14 -15.03 -11.23
N PHE C 519 40.19 -14.58 -11.90
CA PHE C 519 40.93 -13.40 -11.46
C PHE C 519 41.44 -12.62 -12.67
N THR C 520 41.34 -11.30 -12.61
CA THR C 520 41.85 -10.44 -13.66
C THR C 520 42.74 -9.35 -13.04
N SER C 521 43.98 -9.27 -13.48
CA SER C 521 44.96 -8.30 -12.92
C SER C 521 44.60 -6.89 -13.32
N ARG C 522 45.24 -5.90 -12.68
CA ARG C 522 44.99 -4.48 -13.00
C ARG C 522 45.28 -4.15 -14.50
N GLU C 523 46.41 -4.66 -14.97
CA GLU C 523 46.82 -4.42 -16.34
C GLU C 523 45.89 -5.09 -17.35
N LYS C 524 45.51 -6.34 -17.10
CA LYS C 524 44.57 -7.07 -17.98
C LYS C 524 43.22 -6.35 -18.01
N GLN C 525 42.81 -5.85 -16.83
CA GLN C 525 41.61 -5.03 -16.71
C GLN C 525 41.69 -3.78 -17.58
N PHE C 526 42.83 -3.08 -17.50
CA PHE C 526 43.05 -1.89 -18.33
C PHE C 526 42.93 -2.15 -19.85
N ASN C 527 43.60 -3.23 -20.28
CA ASN C 527 43.62 -3.59 -21.70
C ASN C 527 42.24 -3.98 -22.22
N LEU C 529 39.22 -2.98 -20.91
CA LEU C 529 38.37 -1.77 -20.97
C LEU C 529 38.78 -0.87 -22.15
N LYS C 530 40.09 -0.76 -22.36
CA LYS C 530 40.61 0.00 -23.50
C LYS C 530 40.05 -0.52 -24.82
N VAL C 531 40.10 -1.85 -25.03
CA VAL C 531 39.61 -2.48 -26.27
C VAL C 531 38.13 -2.20 -26.51
N ILE C 532 37.33 -2.39 -25.46
CA ILE C 532 35.89 -2.17 -25.52
C ILE C 532 35.56 -0.72 -25.93
N LEU C 533 36.19 0.24 -25.24
CA LEU C 533 35.95 1.66 -25.51
C LEU C 533 36.45 2.05 -26.90
N THR C 534 37.56 1.45 -27.33
CA THR C 534 38.15 1.74 -28.63
C THR C 534 37.19 1.44 -29.76
N PHE C 535 36.56 0.25 -29.70
CA PHE C 535 35.61 -0.14 -30.72
C PHE C 535 34.47 0.88 -30.80
N GLY C 536 33.97 1.27 -29.62
CA GLY C 536 32.91 2.26 -29.52
C GLY C 536 33.29 3.58 -30.15
N LYS C 537 34.48 4.06 -29.80
CA LYS C 537 34.97 5.35 -30.28
C LYS C 537 35.16 5.37 -31.81
N GLU C 538 35.76 4.29 -32.34
CA GLU C 538 36.02 4.16 -33.78
C GLU C 538 34.73 3.98 -34.58
N ALA C 539 33.82 3.17 -34.04
CA ALA C 539 32.53 2.95 -34.69
C ALA C 539 31.69 4.22 -34.68
N ARG C 540 31.81 4.99 -33.59
CA ARG C 540 31.10 6.26 -33.44
C ARG C 540 31.54 7.21 -34.54
N LYS C 541 32.86 7.26 -34.76
CA LYS C 541 33.43 8.09 -35.80
C LYS C 541 32.90 7.69 -37.18
N PHE C 549 25.14 1.90 -39.39
CA PHE C 549 25.25 1.08 -38.19
C PHE C 549 25.23 -0.41 -38.56
N ASN C 550 24.28 -0.78 -39.41
CA ASN C 550 24.15 -2.14 -39.91
C ASN C 550 25.41 -2.45 -40.70
N GLU C 551 25.90 -1.45 -41.43
CA GLU C 551 27.16 -1.54 -42.17
C GLU C 551 28.35 -2.02 -41.30
N ILE C 552 28.69 -1.20 -40.33
CA ILE C 552 29.73 -1.48 -39.34
C ILE C 552 29.64 -2.80 -38.50
N GLU C 554 28.03 -5.73 -39.33
CA GLU C 554 28.17 -6.95 -40.18
C GLU C 554 29.62 -7.31 -40.49
N GLY C 555 30.46 -6.28 -40.58
CA GLY C 555 31.93 -6.49 -40.63
C GLY C 555 32.62 -6.82 -39.29
N ARG C 560 35.06 -8.55 -32.96
CA ARG C 560 34.20 -8.43 -31.77
C ARG C 560 34.11 -9.74 -30.98
N GLU C 561 34.39 -10.86 -31.65
CA GLU C 561 34.53 -12.18 -31.02
C GLU C 561 35.82 -12.24 -30.19
N ARG C 562 36.86 -11.60 -30.70
CA ARG C 562 38.13 -11.50 -29.99
C ARG C 562 37.94 -10.67 -28.71
N ILE C 563 37.10 -9.65 -28.76
CA ILE C 563 36.81 -8.84 -27.59
C ILE C 563 36.04 -9.67 -26.55
N SER C 564 35.07 -10.45 -27.04
CA SER C 564 34.20 -11.28 -26.17
C SER C 564 34.98 -12.31 -25.40
N ARG C 565 36.12 -12.72 -25.93
CA ARG C 565 36.93 -13.80 -25.34
C ARG C 565 38.28 -13.30 -24.79
N SER C 566 38.39 -11.98 -24.64
CA SER C 566 39.55 -11.36 -24.01
C SER C 566 39.73 -11.83 -22.57
N LYS C 567 38.61 -12.07 -21.90
CA LYS C 567 38.60 -12.47 -20.50
C LYS C 567 39.30 -13.80 -20.27
N TYR C 568 39.45 -14.60 -21.32
CA TYR C 568 40.08 -15.92 -21.23
C TYR C 568 41.57 -15.94 -21.60
N ILE C 569 42.09 -14.79 -22.04
CA ILE C 569 43.50 -14.68 -22.39
C ILE C 569 44.39 -14.69 -21.14
N PRO C 570 45.38 -15.61 -21.09
CA PRO C 570 46.35 -15.72 -19.98
C PRO C 570 47.13 -14.43 -19.70
N LEU C 574 49.49 -10.99 -22.53
CA LEU C 574 48.75 -9.72 -22.61
C LEU C 574 48.71 -9.11 -24.02
N ALA C 575 49.68 -9.50 -24.85
CA ALA C 575 49.83 -8.93 -26.19
C ALA C 575 48.68 -9.33 -27.12
N LYS C 576 47.98 -10.41 -26.77
CA LYS C 576 46.85 -10.90 -27.55
C LYS C 576 45.59 -10.06 -27.33
N ILE C 577 45.59 -9.25 -26.27
CA ILE C 577 44.49 -8.31 -26.00
C ILE C 577 44.78 -6.94 -26.61
N SER C 578 45.98 -6.44 -26.35
CA SER C 578 46.38 -5.10 -26.79
C SER C 578 46.34 -4.97 -28.32
N SER C 579 46.62 -6.07 -29.01
CA SER C 579 46.67 -6.08 -30.48
C SER C 579 45.30 -5.92 -31.13
N ILE C 580 44.24 -6.17 -30.35
CA ILE C 580 42.87 -6.04 -30.84
C ILE C 580 42.56 -4.61 -31.30
N ASN C 581 43.12 -3.63 -30.58
CA ASN C 581 42.94 -2.21 -30.90
C ASN C 581 43.25 -1.88 -32.38
N GLU C 582 44.25 -2.55 -32.92
CA GLU C 582 44.70 -2.30 -34.28
C GLU C 582 43.81 -3.00 -35.31
N GLU C 583 43.23 -4.13 -34.92
CA GLU C 583 42.32 -4.87 -35.78
C GLU C 583 40.98 -4.13 -35.91
N ILE C 584 40.54 -3.55 -34.79
CA ILE C 584 39.33 -2.70 -34.75
C ILE C 584 39.41 -1.53 -35.73
N LYS C 585 40.52 -0.78 -35.62
CA LYS C 585 40.70 0.46 -36.39
C LYS C 585 40.86 0.19 -37.87
N GLU C 586 41.53 -0.92 -38.19
CA GLU C 586 41.75 -1.29 -39.59
C GLU C 586 40.44 -1.77 -40.24
N GLU D 11 26.05 13.45 46.94
CA GLU D 11 26.33 12.31 46.00
C GLU D 11 25.44 11.10 46.34
N TYR D 12 24.99 10.35 45.32
CA TYR D 12 24.00 9.26 45.52
C TYR D 12 24.51 7.86 45.22
N ARG D 13 24.39 6.97 46.20
CA ARG D 13 24.71 5.55 45.99
C ARG D 13 23.42 4.72 45.81
N THR D 14 22.58 5.14 44.88
CA THR D 14 21.20 4.67 44.86
C THR D 14 20.65 4.21 43.50
N ILE D 15 21.53 3.66 42.67
CA ILE D 15 21.12 2.99 41.44
C ILE D 15 20.18 1.81 41.75
N LYS D 16 18.98 1.86 41.21
CA LYS D 16 17.98 0.84 41.44
C LYS D 16 17.86 -0.17 40.29
N GLU D 17 17.93 0.31 39.04
CA GLU D 17 17.82 -0.58 37.85
C GLU D 17 18.84 -0.24 36.75
N VAL D 18 19.23 -1.22 35.94
CA VAL D 18 20.03 -0.94 34.71
C VAL D 18 19.55 -1.80 33.55
N VAL D 19 18.91 -1.15 32.58
CA VAL D 19 18.33 -1.79 31.40
C VAL D 19 18.94 -1.13 30.16
N GLY D 20 19.93 -1.81 29.60
CA GLY D 20 20.74 -1.25 28.55
C GLY D 20 21.58 -0.08 29.04
N PRO D 21 21.61 0.97 28.25
CA PRO D 21 22.36 2.16 28.59
C PRO D 21 21.61 3.08 29.58
N LEU D 22 20.40 2.64 29.95
CA LEU D 22 19.53 3.40 30.83
C LEU D 22 19.58 2.84 32.23
N ALA D 24 18.03 3.64 36.46
CA ALA D 24 17.05 4.36 37.28
C ALA D 24 17.66 4.66 38.61
N VAL D 25 17.59 5.91 39.06
CA VAL D 25 18.27 6.35 40.27
C VAL D 25 17.28 6.90 41.28
N GLU D 26 17.29 6.37 42.50
CA GLU D 26 16.31 6.77 43.52
C GLU D 26 16.85 7.84 44.48
N LYS D 27 16.05 8.14 45.52
CA LYS D 27 16.38 9.16 46.49
C LYS D 27 16.82 10.50 45.85
N VAL D 28 16.32 10.83 44.68
CA VAL D 28 16.56 12.11 44.04
C VAL D 28 15.66 13.23 44.61
N SER D 29 16.09 14.48 44.47
CA SER D 29 15.25 15.64 44.75
C SER D 29 15.85 16.86 44.08
N GLY D 30 15.01 17.73 43.51
CA GLY D 30 15.50 18.94 42.86
C GLY D 30 16.16 18.64 41.53
N VAL D 31 15.91 17.44 41.04
CA VAL D 31 16.43 16.97 39.75
C VAL D 31 15.53 17.48 38.61
N LYS D 32 16.14 17.96 37.54
CA LYS D 32 15.36 18.44 36.39
C LYS D 32 15.51 17.51 35.15
N TYR D 33 14.54 17.58 34.25
CA TYR D 33 14.62 16.92 32.97
C TYR D 33 15.82 17.46 32.18
N GLU D 34 16.54 16.55 31.56
CA GLU D 34 17.76 16.84 30.80
C GLU D 34 18.95 17.31 31.64
N GLU D 35 18.84 17.23 32.96
CA GLU D 35 19.96 17.56 33.84
C GLU D 35 21.14 16.60 33.61
N LEU D 36 22.37 17.15 33.65
CA LEU D 36 23.56 16.31 33.49
C LEU D 36 23.87 15.53 34.76
N ILE D 37 24.34 14.29 34.58
CA ILE D 37 24.71 13.48 35.71
C ILE D 37 26.11 12.93 35.54
N GLU D 38 26.62 12.45 36.65
CA GLU D 38 27.90 11.83 36.64
C GLU D 38 27.88 10.52 37.43
N VAL D 39 28.33 9.44 36.80
CA VAL D 39 28.43 8.14 37.48
C VAL D 39 29.85 7.80 37.91
N ARG D 40 30.07 7.71 39.22
CA ARG D 40 31.33 7.21 39.76
C ARG D 40 31.22 5.72 39.98
N GLN D 42 32.39 1.63 40.66
CA GLN D 42 33.06 0.95 41.78
C GLN D 42 34.59 0.94 41.62
N ASN D 43 35.05 1.07 40.39
CA ASN D 43 36.45 1.03 40.07
C ASN D 43 37.07 2.44 39.98
N GLY D 44 36.30 3.46 40.31
CA GLY D 44 36.79 4.83 40.26
C GLY D 44 36.57 5.53 38.93
N GLU D 45 36.29 4.75 37.89
CA GLU D 45 36.02 5.29 36.57
C GLU D 45 34.79 6.21 36.57
N ILE D 46 34.85 7.30 35.78
CA ILE D 46 33.78 8.29 35.72
C ILE D 46 33.05 8.32 34.37
N ARG D 47 31.72 8.21 34.41
CA ARG D 47 30.91 8.29 33.19
C ARG D 47 29.84 9.34 33.37
N ARG D 48 29.58 10.07 32.29
CA ARG D 48 28.53 11.12 32.33
C ARG D 48 27.24 10.64 31.63
N GLY D 49 26.12 11.27 32.01
CA GLY D 49 24.81 10.93 31.45
C GLY D 49 23.85 12.10 31.55
N GLN D 50 22.62 11.84 31.15
CA GLN D 50 21.62 12.91 31.04
C GLN D 50 20.29 12.37 31.46
N VAL D 51 19.54 13.20 32.17
CA VAL D 51 18.25 12.74 32.68
C VAL D 51 17.26 12.74 31.52
N LEU D 52 16.68 11.57 31.22
CA LEU D 52 15.72 11.48 30.13
C LEU D 52 14.30 11.60 30.62
N GLU D 53 14.11 11.47 31.93
CA GLU D 53 12.80 11.43 32.55
C GLU D 53 12.97 11.48 34.05
N VAL D 54 12.08 12.17 34.76
CA VAL D 54 12.24 12.32 36.20
C VAL D 54 10.91 12.32 36.96
N GLN D 55 10.85 11.54 38.06
CA GLN D 55 9.63 11.43 38.90
C GLN D 55 9.98 11.86 40.31
N GLU D 56 9.00 11.74 41.21
CA GLU D 56 9.19 12.13 42.61
C GLU D 56 10.36 11.37 43.25
N ASP D 57 10.22 10.06 43.19
CA ASP D 57 11.14 9.13 43.83
C ASP D 57 12.44 8.95 43.03
N LYS D 58 12.35 8.99 41.72
CA LYS D 58 13.46 8.58 40.88
C LYS D 58 13.65 9.42 39.61
N ALA D 59 14.76 9.18 38.94
CA ALA D 59 15.05 9.77 37.69
C ALA D 59 15.62 8.70 36.74
N VAL D 61 18.11 7.96 33.61
CA VAL D 61 19.25 8.55 32.90
C VAL D 61 19.83 7.64 31.83
N GLN D 62 20.41 8.23 30.79
CA GLN D 62 21.14 7.44 29.79
C GLN D 62 22.60 7.79 29.85
N ILE D 63 23.44 6.75 29.91
CA ILE D 63 24.88 6.97 30.03
C ILE D 63 25.49 7.08 28.64
N PHE D 64 26.21 8.18 28.40
CA PHE D 64 26.83 8.41 27.10
C PHE D 64 27.76 7.24 26.76
N GLU D 65 28.58 6.82 27.72
CA GLU D 65 29.58 5.78 27.46
C GLU D 65 29.05 4.34 27.52
N GLY D 66 27.78 4.18 27.89
CA GLY D 66 27.22 2.87 28.13
C GLY D 66 27.33 2.39 29.57
N THR D 67 26.83 1.19 29.83
CA THR D 67 26.69 0.69 31.18
C THR D 67 27.46 -0.61 31.45
N SER D 68 28.27 -1.03 30.48
CA SER D 68 29.09 -2.24 30.62
C SER D 68 30.01 -2.16 31.83
N GLY D 69 29.96 -3.20 32.66
CA GLY D 69 30.86 -3.38 33.81
C GLY D 69 30.52 -2.62 35.09
N ILE D 70 29.39 -1.92 35.08
CA ILE D 70 28.95 -1.16 36.24
C ILE D 70 28.31 -2.07 37.28
N ASN D 71 28.81 -2.03 38.50
CA ASN D 71 28.14 -2.68 39.63
C ASN D 71 27.21 -1.68 40.27
N LEU D 72 25.91 -1.96 40.26
CA LEU D 72 24.90 -1.03 40.74
C LEU D 72 25.11 -0.63 42.21
N LYS D 73 25.26 -1.63 43.08
CA LYS D 73 25.27 -1.39 44.53
C LYS D 73 26.42 -0.52 44.96
N ASN D 74 27.55 -0.69 44.28
CA ASN D 74 28.79 -0.05 44.67
C ASN D 74 29.18 1.17 43.84
N SER D 75 28.31 1.57 42.90
CA SER D 75 28.56 2.78 42.12
C SER D 75 27.73 3.96 42.64
N SER D 76 28.16 5.16 42.31
CA SER D 76 27.51 6.35 42.78
C SER D 76 27.10 7.29 41.64
N VAL D 77 26.12 8.14 41.91
CA VAL D 77 25.65 9.09 40.92
C VAL D 77 25.57 10.49 41.55
N ARG D 78 26.01 11.47 40.76
CA ARG D 78 26.04 12.85 41.21
C ARG D 78 25.31 13.73 40.19
N PHE D 79 24.45 14.61 40.70
CA PHE D 79 23.63 15.43 39.80
C PHE D 79 24.22 16.81 39.74
N LEU D 80 24.55 17.26 38.53
CA LEU D 80 25.35 18.44 38.36
C LEU D 80 24.58 19.76 38.51
N GLY D 81 23.25 19.69 38.47
CA GLY D 81 22.43 20.88 38.68
C GLY D 81 22.16 21.70 37.43
N HIS D 82 22.59 21.20 36.27
CA HIS D 82 22.48 21.93 35.01
C HIS D 82 22.47 21.00 33.81
N PRO D 83 21.87 21.44 32.69
CA PRO D 83 21.93 20.65 31.44
C PRO D 83 23.20 20.89 30.67
N LEU D 84 23.29 20.41 29.44
CA LEU D 84 24.44 20.75 28.59
C LEU D 84 24.51 22.24 28.29
N GLN D 85 25.73 22.78 28.36
CA GLN D 85 25.94 24.21 28.17
C GLN D 85 27.16 24.47 27.34
N LEU D 86 27.10 25.54 26.55
CA LEU D 86 28.22 25.94 25.74
C LEU D 86 28.93 27.14 26.33
N GLY D 87 30.23 26.98 26.51
CA GLY D 87 31.10 28.04 26.98
C GLY D 87 31.56 28.86 25.79
N VAL D 88 30.89 30.00 25.59
CA VAL D 88 31.13 30.85 24.42
C VAL D 88 32.31 31.81 24.59
N SER D 89 32.98 32.07 23.46
CA SER D 89 34.12 33.01 23.44
C SER D 89 34.48 33.26 21.98
N GLU D 90 35.02 34.43 21.67
CA GLU D 90 35.40 34.71 20.29
C GLU D 90 36.60 33.86 19.87
N ASP D 91 37.24 33.22 20.86
CA ASP D 91 38.41 32.39 20.64
C ASP D 91 38.04 30.99 20.16
N ILE D 93 36.83 30.57 17.26
CA ILE D 93 37.19 30.64 15.86
C ILE D 93 38.53 29.95 15.67
N GLY D 94 38.59 29.01 14.74
CA GLY D 94 39.80 28.26 14.46
C GLY D 94 40.00 27.01 15.31
N ARG D 95 38.99 26.70 16.11
CA ARG D 95 39.05 25.54 16.99
C ARG D 95 38.04 24.44 16.57
N VAL D 96 38.38 23.18 16.87
CA VAL D 96 37.55 22.02 16.57
C VAL D 96 37.12 21.31 17.85
N PHE D 97 35.82 21.21 18.02
CA PHE D 97 35.24 20.57 19.18
C PHE D 97 34.44 19.32 18.75
N ASP D 98 34.06 18.49 19.72
CA ASP D 98 33.16 17.39 19.44
C ASP D 98 31.75 17.84 19.66
N GLY D 99 30.81 16.89 19.63
CA GLY D 99 29.39 17.19 19.78
C GLY D 99 29.06 17.89 21.07
N LEU D 100 29.80 17.57 22.13
CA LEU D 100 29.56 18.09 23.44
C LEU D 100 30.40 19.33 23.75
N GLY D 101 31.10 19.82 22.72
CA GLY D 101 31.86 21.06 22.84
C GLY D 101 33.23 20.89 23.44
N ARG D 102 33.65 19.64 23.60
CA ARG D 102 34.97 19.32 24.13
C ARG D 102 36.03 19.42 23.00
N PRO D 103 37.20 20.01 23.32
CA PRO D 103 38.34 20.14 22.41
C PRO D 103 38.65 18.84 21.65
N LYS D 104 38.92 18.96 20.37
CA LYS D 104 39.30 17.79 19.59
C LYS D 104 40.72 17.94 19.02
N ASP D 105 41.21 19.18 19.00
CA ASP D 105 42.39 19.50 18.23
C ASP D 105 43.55 19.64 19.21
N ASN D 106 43.25 19.35 20.47
CA ASN D 106 44.29 19.50 21.53
C ASN D 106 45.04 20.86 21.46
N GLY D 107 44.27 21.93 21.41
CA GLY D 107 44.78 23.27 21.26
C GLY D 107 44.67 23.82 22.65
N PRO D 108 45.11 25.08 22.87
CA PRO D 108 45.15 25.68 24.21
C PRO D 108 43.75 25.84 24.83
N GLU D 109 43.73 25.91 26.16
CA GLU D 109 42.49 26.02 26.95
C GLU D 109 41.69 27.29 26.64
N ILE D 110 40.36 27.17 26.67
CA ILE D 110 39.46 28.30 26.46
C ILE D 110 38.82 28.76 27.76
N LEU D 111 38.97 30.04 28.06
CA LEU D 111 38.31 30.66 29.22
C LEU D 111 37.04 31.34 28.73
N PRO D 112 35.88 30.73 29.02
CA PRO D 112 34.60 31.20 28.43
C PRO D 112 34.14 32.54 28.99
N GLU D 113 33.57 33.36 28.13
CA GLU D 113 33.04 34.64 28.55
C GLU D 113 31.80 34.37 29.40
N LYS D 114 31.02 33.37 28.98
CA LYS D 114 29.73 33.06 29.62
C LYS D 114 29.30 31.64 29.22
N TYR D 115 28.50 30.99 30.06
CA TYR D 115 27.93 29.71 29.69
C TYR D 115 26.43 29.83 29.31
N LEU D 116 26.06 29.29 28.15
CA LEU D 116 24.67 29.42 27.70
C LEU D 116 24.00 28.05 27.58
N ASP D 117 22.69 27.96 27.84
CA ASP D 117 21.95 26.70 27.49
C ASP D 117 21.76 26.67 25.97
N ILE D 118 21.69 25.47 25.44
CA ILE D 118 21.87 25.29 24.00
C ILE D 118 20.56 25.21 23.23
N ASN D 119 19.44 25.47 23.91
CA ASN D 119 18.15 25.40 23.25
C ASN D 119 17.78 26.65 22.48
N GLY D 120 18.35 27.76 22.90
CA GLY D 120 18.06 29.01 22.26
C GLY D 120 16.69 29.55 22.66
N GLU D 121 16.44 30.76 22.19
CA GLU D 121 15.19 31.44 22.44
C GLU D 121 14.58 31.75 21.08
N VAL D 122 13.27 31.73 21.01
CA VAL D 122 12.66 31.95 19.72
C VAL D 122 12.60 33.44 19.41
N ILE D 123 13.05 33.79 18.21
CA ILE D 123 13.06 35.17 17.68
C ILE D 123 11.65 35.71 17.52
N ASN D 124 11.37 36.88 18.09
CA ASN D 124 10.08 37.53 17.85
C ASN D 124 9.89 37.72 16.35
N PRO D 125 8.79 37.17 15.79
CA PRO D 125 8.54 37.19 14.34
C PRO D 125 8.61 38.60 13.71
N ILE D 126 8.35 39.65 14.49
CA ILE D 126 8.37 41.00 13.97
C ILE D 126 9.72 41.64 14.10
N ALA D 127 10.65 40.94 14.77
CA ALA D 127 11.95 41.48 15.04
C ALA D 127 12.96 40.98 14.00
N ARG D 128 12.56 39.98 13.24
CA ARG D 128 13.39 39.49 12.17
C ARG D 128 13.39 40.48 11.02
N ASP D 129 14.52 40.63 10.34
CA ASP D 129 14.59 41.53 9.20
C ASP D 129 14.66 40.71 7.90
N TYR D 130 14.25 41.29 6.76
CA TYR D 130 14.26 40.55 5.50
C TYR D 130 15.65 40.35 4.89
N PRO D 131 15.96 39.13 4.41
CA PRO D 131 17.22 38.81 3.72
C PRO D 131 17.43 39.71 2.51
N ASP D 132 18.61 40.30 2.40
CA ASP D 132 18.85 41.32 1.38
C ASP D 132 20.07 41.02 0.53
N GLU D 133 21.15 40.53 1.14
CA GLU D 133 22.44 40.45 0.47
C GLU D 133 22.65 39.11 -0.25
N PHE D 134 23.07 39.19 -1.50
CA PHE D 134 23.47 38.06 -2.32
C PHE D 134 24.70 37.38 -1.75
N ILE D 135 24.67 36.07 -1.68
CA ILE D 135 25.83 35.30 -1.28
C ILE D 135 26.35 34.56 -2.49
N GLN D 136 27.58 34.84 -2.89
CA GLN D 136 28.20 34.11 -3.99
C GLN D 136 28.81 32.80 -3.49
N THR D 137 28.17 31.68 -3.83
CA THR D 137 28.70 30.38 -3.48
C THR D 137 29.75 29.89 -4.47
N GLY D 138 29.78 30.51 -5.63
CA GLY D 138 30.74 30.12 -6.66
C GLY D 138 30.25 28.98 -7.50
N ILE D 139 29.01 28.60 -7.25
CA ILE D 139 28.41 27.51 -7.96
C ILE D 139 27.26 28.03 -8.80
N SER D 140 27.40 27.94 -10.12
CA SER D 140 26.45 28.51 -11.07
C SER D 140 25.03 28.09 -10.78
N ALA D 141 24.81 26.78 -10.64
CA ALA D 141 23.48 26.20 -10.40
C ALA D 141 22.80 26.66 -9.12
N ILE D 142 23.59 27.22 -8.20
CA ILE D 142 23.02 27.87 -7.02
C ILE D 142 22.91 29.37 -7.20
N ASP D 143 24.03 30.07 -7.36
CA ASP D 143 24.02 31.52 -7.40
C ASP D 143 23.03 32.06 -8.41
N HIS D 144 22.88 31.40 -9.54
CA HIS D 144 22.13 31.94 -10.66
C HIS D 144 20.72 31.50 -10.61
N LEU D 145 20.50 30.20 -10.50
CA LEU D 145 19.18 29.62 -10.64
C LEU D 145 18.43 29.42 -9.30
N ASN D 146 19.18 29.24 -8.19
CA ASN D 146 18.60 29.03 -6.87
C ASN D 146 19.35 29.80 -5.80
N THR D 147 19.36 31.12 -5.98
CA THR D 147 20.24 32.02 -5.22
C THR D 147 20.08 31.95 -3.71
N LEU D 148 21.22 31.83 -3.03
CA LEU D 148 21.27 31.93 -1.59
C LEU D 148 21.40 33.37 -1.12
N VAL D 149 20.50 33.79 -0.23
CA VAL D 149 20.50 35.13 0.29
C VAL D 149 20.87 35.14 1.78
N ARG D 150 21.62 36.17 2.20
CA ARG D 150 22.04 36.32 3.59
C ARG D 150 20.87 36.34 4.59
N GLY D 151 20.79 35.29 5.42
CA GLY D 151 19.73 35.14 6.41
C GLY D 151 18.73 34.03 6.07
N GLN D 152 18.92 33.41 4.92
CA GLN D 152 18.00 32.38 4.43
C GLN D 152 18.34 31.03 5.06
N LYS D 153 17.38 30.11 5.07
CA LYS D 153 17.61 28.71 5.42
C LYS D 153 17.39 27.95 4.14
N LEU D 154 18.47 27.46 3.54
CA LEU D 154 18.41 26.82 2.23
C LEU D 154 19.14 25.49 2.28
N PRO D 155 18.41 24.40 2.45
CA PRO D 155 18.98 23.08 2.64
C PRO D 155 19.31 22.33 1.33
N VAL D 156 20.21 21.34 1.45
CA VAL D 156 20.56 20.49 0.33
C VAL D 156 19.95 19.13 0.59
N PHE D 157 19.10 18.68 -0.34
CA PHE D 157 18.54 17.32 -0.25
C PHE D 157 19.39 16.38 -1.10
N SER D 158 20.04 15.44 -0.41
CA SER D 158 20.97 14.51 -1.04
C SER D 158 20.51 13.10 -0.80
N GLY D 159 21.45 12.18 -0.88
CA GLY D 159 21.14 10.76 -0.71
C GLY D 159 22.37 9.93 -0.42
N SER D 160 22.17 8.70 0.08
CA SER D 160 23.29 7.82 0.35
C SER D 160 24.11 7.61 -0.92
N GLY D 161 25.42 7.90 -0.85
CA GLY D 161 26.32 7.76 -2.00
C GLY D 161 26.26 8.86 -3.04
N LEU D 162 25.55 9.93 -2.69
CA LEU D 162 25.65 11.17 -3.44
C LEU D 162 26.72 12.01 -2.82
N PRO D 163 27.40 12.85 -3.62
CA PRO D 163 28.55 13.60 -3.12
C PRO D 163 28.20 14.94 -2.42
N HIS D 164 27.27 14.91 -1.46
CA HIS D 164 26.96 16.11 -0.69
C HIS D 164 28.13 16.53 0.16
N LYS D 165 29.05 15.58 0.40
CA LYS D 165 30.26 15.86 1.19
C LYS D 165 31.11 16.89 0.48
N GLU D 166 31.38 16.64 -0.80
CA GLU D 166 32.20 17.52 -1.63
C GLU D 166 31.52 18.86 -1.85
N LEU D 167 30.20 18.85 -1.99
CA LEU D 167 29.48 20.09 -2.21
C LEU D 167 29.49 20.95 -0.93
N ALA D 168 29.37 20.30 0.22
CA ALA D 168 29.38 21.01 1.50
C ALA D 168 30.71 21.67 1.72
N ALA D 169 31.78 20.94 1.39
CA ALA D 169 33.14 21.44 1.53
C ALA D 169 33.32 22.63 0.57
N GLN D 170 32.79 22.49 -0.65
CA GLN D 170 32.94 23.53 -1.68
C GLN D 170 32.21 24.81 -1.30
N ILE D 171 30.98 24.69 -0.82
CA ILE D 171 30.18 25.85 -0.38
C ILE D 171 30.82 26.58 0.76
N ALA D 172 31.26 25.85 1.79
CA ALA D 172 31.96 26.45 2.93
C ALA D 172 33.20 27.23 2.49
N ARG D 173 33.85 26.65 1.47
CA ARG D 173 35.11 27.12 0.94
C ARG D 173 34.95 28.39 0.13
N GLN D 174 33.92 28.41 -0.70
CA GLN D 174 33.78 29.43 -1.71
C GLN D 174 32.81 30.52 -1.33
N ALA D 175 31.97 30.28 -0.34
CA ALA D 175 30.96 31.26 0.07
C ALA D 175 31.58 32.60 0.43
N THR D 176 31.08 33.67 -0.22
CA THR D 176 31.40 35.03 0.16
C THR D 176 30.34 36.05 -0.26
N VAL D 177 30.30 37.15 0.47
CA VAL D 177 29.44 38.27 0.13
C VAL D 177 30.28 39.36 -0.56
N LEU D 178 29.76 39.90 -1.66
CA LEU D 178 30.47 40.86 -2.46
C LEU D 178 30.70 42.17 -1.67
N ASP D 179 31.93 42.72 -1.76
CA ASP D 179 32.38 43.90 -0.99
C ASP D 179 32.40 43.63 0.53
N SER D 180 31.74 44.47 1.32
CA SER D 180 31.51 44.23 2.75
C SER D 180 32.71 44.45 3.65
N SER D 181 33.92 44.10 3.20
CA SER D 181 35.09 43.99 4.11
C SER D 181 34.96 42.84 5.15
N ASP D 182 33.85 42.83 5.90
CA ASP D 182 33.45 41.75 6.81
C ASP D 182 33.39 40.41 6.10
N ASP D 183 34.18 39.47 6.60
CA ASP D 183 34.24 38.12 6.02
C ASP D 183 33.34 37.18 6.81
N PHE D 184 33.14 36.00 6.21
CA PHE D 184 32.19 35.01 6.70
C PHE D 184 32.83 34.12 7.76
N ALA D 185 32.21 34.04 8.93
CA ALA D 185 32.60 33.07 9.96
C ALA D 185 31.74 31.85 9.73
N VAL D 186 32.38 30.70 9.56
CA VAL D 186 31.64 29.47 9.25
C VAL D 186 31.54 28.56 10.46
N VAL D 187 30.32 28.25 10.88
CA VAL D 187 30.10 27.23 11.90
C VAL D 187 29.74 25.92 11.19
N PHE D 188 30.56 24.87 11.37
CA PHE D 188 30.31 23.57 10.72
C PHE D 188 30.01 22.51 11.74
N ALA D 189 28.79 21.98 11.69
CA ALA D 189 28.38 20.84 12.54
C ALA D 189 28.28 19.53 11.74
N ALA D 190 29.06 18.54 12.17
CA ALA D 190 29.01 17.22 11.57
C ALA D 190 28.22 16.31 12.51
N ILE D 191 27.12 15.73 12.01
CA ILE D 191 26.20 14.96 12.84
C ILE D 191 26.17 13.50 12.43
N GLY D 192 26.73 12.66 13.30
CA GLY D 192 26.69 11.22 13.11
C GLY D 192 27.39 10.69 11.89
N ILE D 193 28.41 11.38 11.41
CA ILE D 193 29.12 10.93 10.22
C ILE D 193 30.28 9.99 10.56
N THR D 194 30.76 9.27 9.55
CA THR D 194 31.90 8.36 9.75
C THR D 194 33.19 9.18 9.99
N PHE D 195 34.19 8.54 10.62
CA PHE D 195 35.49 9.18 10.87
C PHE D 195 36.11 9.67 9.57
N GLU D 196 36.00 8.84 8.54
CA GLU D 196 36.60 9.11 7.27
C GLU D 196 36.09 10.42 6.65
N GLU D 197 34.81 10.67 6.87
CA GLU D 197 34.18 11.86 6.35
C GLU D 197 34.56 13.06 7.23
N ALA D 198 34.63 12.85 8.53
CA ALA D 198 34.98 13.94 9.46
C ALA D 198 36.37 14.42 9.19
N GLU D 199 37.25 13.46 8.91
CA GLU D 199 38.63 13.75 8.60
C GLU D 199 38.75 14.52 7.28
N PHE D 200 37.92 14.19 6.32
CA PHE D 200 37.90 14.91 5.04
C PHE D 200 37.59 16.37 5.24
N PHE D 201 36.56 16.64 6.02
CA PHE D 201 36.11 18.00 6.28
C PHE D 201 37.18 18.79 7.01
N GLU D 203 40.32 18.14 7.21
CA GLU D 203 41.54 18.27 6.38
C GLU D 203 41.35 19.29 5.28
N ASP D 204 40.14 19.40 4.74
CA ASP D 204 39.86 20.40 3.73
C ASP D 204 39.89 21.81 4.31
N PHE D 205 39.32 21.97 5.50
CA PHE D 205 39.32 23.27 6.19
C PHE D 205 40.73 23.72 6.56
N ARG D 206 41.58 22.78 6.92
CA ARG D 206 42.96 23.07 7.27
C ARG D 206 43.81 23.36 6.04
N GLN D 207 43.64 22.55 5.00
CA GLN D 207 44.46 22.64 3.79
C GLN D 207 44.21 23.89 2.97
N THR D 208 43.06 24.51 3.19
CA THR D 208 42.70 25.70 2.44
C THR D 208 42.78 26.99 3.29
N GLY D 209 42.98 26.83 4.59
CA GLY D 209 43.03 27.97 5.51
C GLY D 209 41.67 28.45 5.97
N ALA D 210 40.63 27.76 5.52
CA ALA D 210 39.28 28.10 5.87
C ALA D 210 39.02 27.88 7.37
N ILE D 211 39.83 27.05 8.01
CA ILE D 211 39.68 26.77 9.46
C ILE D 211 39.90 28.05 10.30
N ASP D 212 40.70 28.99 9.78
CA ASP D 212 40.93 30.27 10.46
C ASP D 212 39.67 31.15 10.49
N ARG D 213 38.68 30.82 9.66
CA ARG D 213 37.40 31.50 9.61
C ARG D 213 36.31 30.71 10.35
N SER D 214 36.64 29.50 10.83
CA SER D 214 35.57 28.54 11.21
C SER D 214 35.52 28.11 12.67
N VAL D 215 34.35 27.62 13.10
CA VAL D 215 34.24 26.83 14.36
C VAL D 215 33.60 25.47 14.03
N PHE D 217 32.15 21.66 15.01
CA PHE D 217 31.64 20.73 16.01
C PHE D 217 31.47 19.37 15.35
N ASN D 219 30.63 15.46 15.43
CA ASN D 219 30.00 14.30 16.09
C ASN D 219 30.04 13.10 15.14
N LEU D 220 30.44 11.95 15.67
CA LEU D 220 30.68 10.80 14.80
C LEU D 220 29.56 9.73 14.90
N ALA D 221 29.55 8.82 13.94
CA ALA D 221 28.53 7.78 13.88
C ALA D 221 28.47 6.90 15.12
N ASN D 222 29.64 6.67 15.71
CA ASN D 222 29.74 5.81 16.89
C ASN D 222 29.70 6.56 18.21
N ASP D 223 29.36 7.83 18.14
CA ASP D 223 29.07 8.61 19.33
C ASP D 223 27.61 8.31 19.75
N PRO D 224 27.30 8.48 21.04
CA PRO D 224 25.93 8.28 21.56
C PRO D 224 24.87 9.11 20.86
N ALA D 225 23.67 8.57 20.86
CA ALA D 225 22.56 9.25 20.24
C ALA D 225 22.22 10.59 20.89
N ILE D 226 22.40 10.68 22.20
CA ILE D 226 22.16 11.95 22.92
C ILE D 226 23.23 13.01 22.58
N GLU D 227 24.43 12.57 22.17
CA GLU D 227 25.45 13.51 21.72
C GLU D 227 25.10 14.07 20.34
N ARG D 228 24.50 13.23 19.52
CA ARG D 228 24.12 13.62 18.17
C ARG D 228 23.00 14.64 18.25
N ILE D 229 22.12 14.49 19.25
CA ILE D 229 21.03 15.42 19.46
C ILE D 229 21.54 16.77 19.95
N ALA D 230 22.57 16.73 20.78
CA ALA D 230 23.12 17.96 21.34
C ALA D 230 23.91 18.78 20.29
N THR D 231 24.55 18.10 19.35
CA THR D 231 25.43 18.70 18.34
C THR D 231 24.89 19.92 17.58
N PRO D 232 23.72 19.80 16.93
CA PRO D 232 23.22 20.97 16.20
C PRO D 232 22.94 22.17 17.11
N ARG D 233 22.53 21.88 18.33
CA ARG D 233 22.19 22.90 19.30
C ARG D 233 23.41 23.58 19.82
N ALA D 235 26.20 23.95 17.99
CA ALA D 235 26.64 24.71 16.85
C ALA D 235 25.87 26.02 16.67
N LEU D 236 24.55 25.93 16.79
CA LEU D 236 23.69 27.08 16.57
C LEU D 236 23.79 28.05 17.74
N THR D 237 24.09 27.57 18.93
CA THR D 237 24.27 28.46 20.07
C THR D 237 25.54 29.28 19.88
N ALA D 238 26.55 28.64 19.32
CA ALA D 238 27.80 29.32 18.99
C ALA D 238 27.58 30.36 17.89
N ALA D 239 26.77 30.01 16.91
CA ALA D 239 26.51 30.89 15.79
C ALA D 239 25.75 32.14 16.19
N GLU D 240 24.75 31.99 17.05
CA GLU D 240 23.93 33.12 17.46
C GLU D 240 24.69 34.05 18.38
N TYR D 241 25.70 33.50 19.06
CA TYR D 241 26.57 34.30 19.89
C TYR D 241 27.49 35.14 19.05
N LEU D 242 28.12 34.51 18.06
CA LEU D 242 29.00 35.24 17.13
C LEU D 242 28.22 36.28 16.33
N ALA D 243 27.02 35.91 15.90
CA ALA D 243 26.24 36.77 15.04
C ALA D 243 25.54 37.90 15.80
N TYR D 244 24.70 37.55 16.77
CA TYR D 244 23.83 38.54 17.41
C TYR D 244 24.47 39.26 18.58
N GLU D 245 25.54 38.70 19.13
CA GLU D 245 26.21 39.34 20.25
C GLU D 245 27.54 39.97 19.81
N LYS D 246 28.21 39.38 18.82
CA LYS D 246 29.49 39.91 18.36
C LYS D 246 29.41 40.65 17.01
N GLY D 247 28.24 40.52 16.36
CA GLY D 247 27.94 41.25 15.12
C GLY D 247 28.56 40.65 13.86
N HIS D 249 28.86 37.97 10.56
CA HIS D 249 28.07 37.26 9.58
C HIS D 249 28.43 35.81 9.54
N VAL D 250 27.46 34.97 9.89
CA VAL D 250 27.73 33.56 10.11
C VAL D 250 27.01 32.65 9.09
N LEU D 251 27.79 31.74 8.50
CA LEU D 251 27.24 30.68 7.68
C LEU D 251 27.25 29.41 8.48
N VAL D 252 26.07 28.81 8.71
CA VAL D 252 26.01 27.52 9.41
C VAL D 252 25.72 26.37 8.44
N ILE D 253 26.65 25.42 8.38
CA ILE D 253 26.44 24.21 7.58
C ILE D 253 26.36 22.95 8.46
N THR D 255 25.62 18.74 8.30
CA THR D 255 25.30 17.40 7.73
C THR D 255 25.67 16.34 8.77
N ASP D 256 24.89 15.25 8.88
CA ASP D 256 23.68 14.94 8.11
C ASP D 256 22.47 15.05 9.04
N THR D 258 19.60 13.86 8.80
CA THR D 258 18.90 12.57 8.91
C THR D 258 19.44 11.82 10.10
N ASN D 259 20.74 11.90 10.32
CA ASN D 259 21.33 11.25 11.48
C ASN D 259 20.81 11.84 12.79
N TYR D 260 20.52 13.15 12.79
CA TYR D 260 19.93 13.82 13.95
C TYR D 260 18.55 13.23 14.24
N ALA D 261 17.76 13.04 13.17
CA ALA D 261 16.40 12.54 13.28
C ALA D 261 16.37 11.10 13.80
N GLU D 262 17.34 10.27 13.35
CA GLU D 262 17.42 8.89 13.81
C GLU D 262 17.74 8.82 15.26
N ALA D 263 18.48 9.78 15.75
CA ALA D 263 18.85 9.85 17.15
C ALA D 263 17.66 10.18 18.00
N LEU D 264 16.76 10.99 17.47
CA LEU D 264 15.50 11.28 18.15
C LEU D 264 14.68 10.03 18.41
N ARG D 265 14.59 9.18 17.40
CA ARG D 265 13.80 7.96 17.46
C ARG D 265 14.34 7.06 18.54
N GLU D 266 15.66 7.06 18.69
CA GLU D 266 16.33 6.21 19.66
C GLU D 266 15.95 6.62 21.08
N ILE D 267 15.98 7.92 21.35
CA ILE D 267 15.62 8.42 22.67
C ILE D 267 14.13 8.32 22.89
N SER D 268 13.36 8.57 21.85
CA SER D 268 11.90 8.43 21.91
C SER D 268 11.46 7.03 22.27
N ALA D 269 12.15 6.02 21.72
CA ALA D 269 11.87 4.62 22.03
C ALA D 269 12.31 4.30 23.44
N ALA D 270 13.36 4.95 23.94
CA ALA D 270 13.82 4.74 25.29
C ALA D 270 12.82 5.25 26.33
N ARG D 271 11.99 6.21 25.93
CA ARG D 271 10.94 6.68 26.81
C ARG D 271 9.62 6.04 26.45
N ARG D 272 9.67 5.05 25.57
CA ARG D 272 8.50 4.28 25.11
C ARG D 272 7.36 5.16 24.60
N GLU D 273 7.73 6.13 23.79
CA GLU D 273 6.78 6.95 23.09
C GLU D 273 6.29 6.24 21.80
N VAL D 274 5.01 6.27 21.51
CA VAL D 274 4.47 5.67 20.29
C VAL D 274 4.74 6.60 19.12
N PRO D 275 5.34 6.09 18.04
CA PRO D 275 5.78 6.95 16.92
C PRO D 275 4.64 7.68 16.21
N GLY D 276 4.98 8.73 15.47
CA GLY D 276 4.00 9.37 14.59
C GLY D 276 4.10 8.80 13.18
N ARG D 277 4.03 9.66 12.16
CA ARG D 277 4.13 9.27 10.75
C ARG D 277 5.46 8.62 10.43
N ARG D 278 5.38 7.43 9.82
CA ARG D 278 6.56 6.68 9.34
C ARG D 278 7.66 6.41 10.40
N GLY D 279 7.25 6.34 11.67
CA GLY D 279 8.16 5.91 12.71
C GLY D 279 8.91 7.00 13.43
N TYR D 280 8.66 8.27 13.08
CA TYR D 280 9.31 9.38 13.76
C TYR D 280 8.42 10.00 14.83
N PRO D 281 9.02 10.69 15.83
CA PRO D 281 8.23 11.39 16.85
C PRO D 281 7.26 12.37 16.21
N GLY D 282 6.08 12.51 16.80
CA GLY D 282 5.09 13.48 16.32
C GLY D 282 5.63 14.90 16.44
N TYR D 283 6.47 15.11 17.47
CA TYR D 283 7.03 16.39 17.71
C TYR D 283 8.33 16.63 16.86
N LEU D 284 8.56 15.82 15.83
CA LEU D 284 9.64 16.06 14.84
C LEU D 284 9.58 17.46 14.21
N TYR D 285 8.39 17.95 13.90
CA TYR D 285 8.20 19.27 13.30
C TYR D 285 8.73 20.34 14.18
N THR D 286 8.24 20.39 15.41
CA THR D 286 8.64 21.36 16.41
C THR D 286 10.13 21.32 16.56
N ASN D 287 10.67 20.11 16.63
CA ASN D 287 12.09 19.86 16.84
C ASN D 287 12.92 20.47 15.72
N LEU D 288 12.59 20.12 14.48
CA LEU D 288 13.31 20.64 13.34
C LEU D 288 13.10 22.14 13.12
N ALA D 289 11.89 22.62 13.40
CA ALA D 289 11.57 24.02 13.21
C ALA D 289 12.31 24.91 14.19
N THR D 290 12.48 24.40 15.40
CA THR D 290 13.21 25.10 16.45
C THR D 290 14.66 25.29 16.04
N LEU D 291 15.22 24.27 15.37
CA LEU D 291 16.60 24.33 14.85
C LEU D 291 16.76 25.30 13.69
N PHE D 292 15.97 25.08 12.66
CA PHE D 292 16.15 25.83 11.42
C PHE D 292 15.78 27.32 11.49
N GLU D 293 14.90 27.67 12.42
CA GLU D 293 14.49 29.06 12.57
C GLU D 293 15.42 29.87 13.50
N ARG D 294 16.50 29.23 13.93
CA ARG D 294 17.55 29.92 14.65
C ARG D 294 18.50 30.55 13.64
N ALA D 295 17.97 31.54 12.90
CA ALA D 295 18.63 32.05 11.69
C ALA D 295 17.99 33.33 11.18
N GLY D 296 18.71 34.04 10.31
CA GLY D 296 18.18 35.26 9.67
C GLY D 296 18.74 36.55 10.23
N ARG D 297 18.33 37.67 9.65
CA ARG D 297 18.75 38.97 10.17
C ARG D 297 17.85 39.37 11.31
N ILE D 298 18.33 40.25 12.19
CA ILE D 298 17.52 40.84 13.22
C ILE D 298 17.57 42.36 13.11
N ARG D 299 16.39 43.00 13.17
CA ARG D 299 16.30 44.45 13.17
C ARG D 299 17.15 45.11 14.26
N GLY D 300 17.99 46.03 13.84
CA GLY D 300 18.85 46.76 14.76
C GLY D 300 20.22 46.11 14.95
N LEU D 301 20.39 44.85 14.50
CA LEU D 301 21.64 44.14 14.75
C LEU D 301 22.46 43.92 13.50
N LYS D 302 23.78 43.98 13.64
CA LYS D 302 24.68 44.04 12.44
C LYS D 302 24.91 42.68 11.85
N GLY D 303 25.01 41.67 12.72
CA GLY D 303 25.30 40.30 12.31
C GLY D 303 24.09 39.52 11.79
N SER D 304 24.35 38.33 11.24
CA SER D 304 23.28 37.46 10.75
C SER D 304 23.68 36.00 10.79
N VAL D 305 22.64 35.15 10.77
CA VAL D 305 22.82 33.71 10.64
C VAL D 305 22.17 33.21 9.36
N THR D 306 22.97 32.55 8.54
CA THR D 306 22.51 31.88 7.33
C THR D 306 22.72 30.38 7.53
N GLN D 307 21.69 29.62 7.20
CA GLN D 307 21.70 28.19 7.48
C GLN D 307 21.61 27.32 6.23
N ILE D 308 22.50 26.34 6.13
CA ILE D 308 22.45 25.33 5.07
C ILE D 308 22.48 23.93 5.67
N PRO D 309 21.28 23.42 6.04
CA PRO D 309 21.18 22.05 6.53
C PRO D 309 21.31 21.07 5.40
N ILE D 310 22.01 19.98 5.63
CA ILE D 310 22.17 18.93 4.60
C ILE D 310 21.63 17.60 5.15
N LEU D 311 20.80 16.97 4.34
CA LEU D 311 20.21 15.75 4.75
C LEU D 311 20.15 14.78 3.57
N THR D 312 20.27 13.49 3.91
CA THR D 312 20.10 12.44 2.92
C THR D 312 18.68 11.95 2.98
N PRO D 314 16.03 9.23 2.76
CA PRO D 314 15.79 7.79 2.75
C PRO D 314 15.08 7.30 1.47
N GLU D 315 15.67 6.28 0.84
CA GLU D 315 15.18 5.74 -0.45
C GLU D 315 14.92 6.83 -1.52
N ASP D 316 15.65 7.95 -1.40
CA ASP D 316 15.53 9.07 -2.33
C ASP D 316 14.08 9.61 -2.43
N ASP D 317 13.37 9.58 -1.30
CA ASP D 317 11.96 9.92 -1.25
C ASP D 317 11.75 11.29 -0.61
N LYS D 318 11.24 12.22 -1.40
CA LYS D 318 11.05 13.59 -0.91
C LYS D 318 9.79 13.74 -0.02
N THR D 319 8.93 12.72 -0.03
CA THR D 319 7.71 12.73 0.79
C THR D 319 7.98 12.19 2.18
N HIS D 320 9.19 11.67 2.36
CA HIS D 320 9.62 11.18 3.67
C HIS D 320 9.54 12.32 4.67
N PRO D 321 9.11 12.03 5.91
CA PRO D 321 9.00 13.03 6.97
C PRO D 321 10.17 14.00 7.10
N ILE D 322 11.39 13.52 6.93
CA ILE D 322 12.58 14.37 7.11
C ILE D 322 12.70 15.49 6.05
N PRO D 323 12.77 15.13 4.76
CA PRO D 323 12.77 16.22 3.80
C PRO D 323 11.43 16.94 3.70
N ASP D 324 10.31 16.23 3.93
CA ASP D 324 8.96 16.81 3.79
C ASP D 324 8.72 17.93 4.78
N LEU D 325 9.06 17.68 6.04
CA LEU D 325 8.90 18.70 7.08
C LEU D 325 9.93 19.81 6.96
N THR D 326 11.15 19.46 6.53
CA THR D 326 12.20 20.47 6.40
C THR D 326 11.76 21.52 5.37
N GLY D 327 11.15 21.05 4.27
CA GLY D 327 10.66 21.91 3.21
C GLY D 327 9.61 22.89 3.66
N TYR D 328 8.85 22.46 4.66
CA TYR D 328 7.80 23.30 5.21
C TYR D 328 8.36 24.38 6.07
N ILE D 329 9.63 24.20 6.47
CA ILE D 329 10.30 25.15 7.37
C ILE D 329 11.25 26.07 6.61
N THR D 330 12.05 25.47 5.75
CA THR D 330 13.10 26.17 5.03
C THR D 330 12.58 26.88 3.79
N GLU D 331 13.34 27.91 3.34
CA GLU D 331 12.97 28.64 2.12
C GLU D 331 13.51 28.04 0.85
N GLY D 332 13.03 26.85 0.55
CA GLY D 332 13.40 26.13 -0.67
C GLY D 332 14.27 24.91 -0.38
N GLN D 333 14.88 24.36 -1.44
CA GLN D 333 15.82 23.27 -1.28
C GLN D 333 16.66 23.07 -2.54
N ILE D 334 17.91 22.63 -2.34
CA ILE D 334 18.80 22.28 -3.46
C ILE D 334 18.79 20.74 -3.56
N ILE D 335 18.49 20.24 -4.75
CA ILE D 335 18.34 18.81 -4.93
C ILE D 335 19.51 18.19 -5.75
N LEU D 336 20.16 17.18 -5.17
CA LEU D 336 21.17 16.42 -5.88
C LEU D 336 20.54 15.12 -6.38
N THR D 337 20.87 14.71 -7.60
CA THR D 337 20.28 13.48 -8.14
C THR D 337 21.30 12.42 -8.61
N ARG D 338 20.85 11.15 -8.54
CA ARG D 338 21.68 10.00 -8.92
C ARG D 338 21.93 9.96 -10.42
N GLU D 339 20.90 10.36 -11.19
CA GLU D 339 20.98 10.36 -12.64
C GLU D 339 22.10 11.26 -13.15
N LEU D 340 22.22 12.44 -12.54
CA LEU D 340 23.25 13.39 -12.93
C LEU D 340 24.64 12.89 -12.48
N TYR D 341 24.72 12.36 -11.28
CA TYR D 341 25.99 11.85 -10.77
C TYR D 341 26.51 10.65 -11.59
N LYS D 342 25.61 9.72 -11.95
CA LYS D 342 25.97 8.58 -12.77
C LYS D 342 26.45 9.01 -14.16
N SER D 343 26.08 10.23 -14.57
CA SER D 343 26.54 10.77 -15.85
C SER D 343 27.86 11.56 -15.68
N GLY D 344 28.33 11.66 -14.46
CA GLY D 344 29.54 12.41 -14.16
C GLY D 344 29.40 13.93 -14.05
N ILE D 345 28.18 14.43 -13.85
CA ILE D 345 27.94 15.86 -13.60
C ILE D 345 28.22 16.27 -12.15
N GLN D 346 29.13 17.21 -11.98
CA GLN D 346 29.62 17.60 -10.66
C GLN D 346 29.59 19.12 -10.50
N PRO D 347 28.79 19.63 -9.55
CA PRO D 347 27.89 18.91 -8.68
C PRO D 347 26.61 18.49 -9.40
N PRO D 348 26.07 17.32 -9.02
CA PRO D 348 24.89 16.80 -9.67
C PRO D 348 23.62 17.52 -9.19
N ILE D 349 23.56 18.85 -9.32
CA ILE D 349 22.36 19.63 -8.95
C ILE D 349 21.33 19.63 -10.08
N ASP D 350 20.11 19.18 -9.76
CA ASP D 350 19.03 19.20 -10.73
C ASP D 350 18.22 20.45 -10.48
N VAL D 351 18.37 21.42 -11.38
CA VAL D 351 17.76 22.73 -11.25
C VAL D 351 16.23 22.73 -11.33
N LEU D 352 15.66 21.75 -12.05
CA LEU D 352 14.22 21.72 -12.23
C LEU D 352 13.43 21.51 -10.93
N PRO D 353 13.79 20.49 -10.10
CA PRO D 353 13.10 20.38 -8.81
C PRO D 353 13.68 21.25 -7.69
N SER D 354 14.86 21.82 -7.90
CA SER D 354 15.44 22.76 -6.93
C SER D 354 14.67 24.09 -6.89
N LEU D 355 14.66 24.71 -5.71
CA LEU D 355 14.05 26.05 -5.53
C LEU D 355 14.68 26.87 -4.36
N SER D 356 14.84 28.17 -4.60
CA SER D 356 15.17 29.12 -3.55
C SER D 356 14.03 30.13 -3.52
N ARG D 357 13.36 30.28 -2.38
CA ARG D 357 12.18 31.14 -2.29
C ARG D 357 12.48 32.59 -2.07
N LEU D 358 13.73 32.90 -1.75
CA LEU D 358 14.12 34.27 -1.47
C LEU D 358 15.00 34.85 -2.59
N LYS D 359 15.11 34.12 -3.70
CA LYS D 359 16.07 34.45 -4.76
C LYS D 359 15.86 35.84 -5.36
N ASP D 360 14.60 36.27 -5.53
CA ASP D 360 14.28 37.56 -6.14
C ASP D 360 14.72 38.74 -5.28
N LYS D 361 15.19 38.46 -4.08
CA LYS D 361 15.56 39.49 -3.11
C LYS D 361 17.07 39.77 -3.10
N GLY D 362 17.87 38.89 -3.68
CA GLY D 362 19.33 39.03 -3.70
C GLY D 362 19.93 39.24 -5.08
N THR D 363 19.06 39.47 -6.07
CA THR D 363 19.50 39.54 -7.46
C THR D 363 19.04 40.83 -8.17
N GLY D 364 19.71 41.16 -9.29
CA GLY D 364 19.42 42.37 -10.07
C GLY D 364 20.53 43.38 -10.03
N ALA D 365 20.27 44.60 -10.49
CA ALA D 365 21.31 45.64 -10.48
C ALA D 365 21.59 46.15 -9.07
N GLY D 366 22.87 46.26 -8.75
CA GLY D 366 23.28 46.67 -7.42
C GLY D 366 23.71 45.46 -6.64
N LYS D 367 22.94 44.39 -6.82
CA LYS D 367 23.08 43.15 -6.07
C LYS D 367 23.90 42.10 -6.83
N THR D 368 23.45 41.72 -8.02
CA THR D 368 24.32 41.03 -8.99
C THR D 368 24.47 41.85 -10.29
N ARG D 369 23.62 41.55 -11.27
CA ARG D 369 23.62 42.28 -12.53
C ARG D 369 22.18 42.28 -13.06
N GLU D 370 21.85 43.26 -13.89
CA GLU D 370 20.44 43.44 -14.33
C GLU D 370 19.87 42.22 -15.11
N ASP D 371 20.77 41.47 -15.75
CA ASP D 371 20.35 40.39 -16.63
C ASP D 371 20.32 39.07 -15.87
N HIS D 372 20.35 39.13 -14.53
CA HIS D 372 20.28 37.92 -13.68
C HIS D 372 18.98 37.18 -13.80
N ALA D 373 17.89 37.91 -13.52
CA ALA D 373 16.54 37.37 -13.51
C ALA D 373 16.12 36.79 -14.88
N ALA D 374 16.33 37.59 -15.92
CA ALA D 374 15.87 37.22 -17.25
C ALA D 374 16.58 36.01 -17.81
N THR D 375 17.90 35.95 -17.61
CA THR D 375 18.66 34.81 -18.10
C THR D 375 18.32 33.52 -17.33
N ASN D 377 15.31 32.77 -16.03
CA ASN D 377 14.03 32.28 -16.54
C ASN D 377 14.20 31.62 -17.90
N GLN D 378 15.05 32.24 -18.72
CA GLN D 378 15.30 31.76 -20.07
C GLN D 378 16.04 30.42 -20.09
N LEU D 379 17.07 30.34 -19.25
CA LEU D 379 17.87 29.13 -19.19
C LEU D 379 17.02 27.97 -18.69
N PHE D 380 16.14 28.26 -17.73
CA PHE D 380 15.29 27.26 -17.12
C PHE D 380 14.34 26.68 -18.18
N ALA D 381 13.74 27.59 -18.95
CA ALA D 381 12.77 27.18 -19.96
C ALA D 381 13.42 26.40 -21.12
N ALA D 382 14.57 26.88 -21.60
CA ALA D 382 15.29 26.20 -22.71
C ALA D 382 15.78 24.83 -22.28
N TYR D 383 16.16 24.72 -20.99
CA TYR D 383 16.63 23.44 -20.44
C TYR D 383 15.55 22.41 -20.45
N ALA D 384 14.36 22.81 -20.00
CA ALA D 384 13.19 21.93 -20.00
C ALA D 384 12.78 21.56 -21.40
N GLN D 385 12.89 22.52 -22.31
CA GLN D 385 12.55 22.33 -23.70
C GLN D 385 13.53 21.38 -24.39
N GLY D 386 14.79 21.51 -24.03
CA GLY D 386 15.82 20.68 -24.63
C GLY D 386 15.72 19.23 -24.18
N LYS D 387 15.35 19.03 -22.92
CA LYS D 387 15.17 17.68 -22.35
C LYS D 387 13.99 17.01 -23.05
N GLN D 388 12.93 17.78 -23.32
CA GLN D 388 11.75 17.31 -24.08
C GLN D 388 12.17 16.89 -25.49
N ALA D 389 13.07 17.65 -26.08
CA ALA D 389 13.56 17.37 -27.42
C ALA D 389 14.37 16.10 -27.49
N LYS D 390 15.18 15.86 -26.46
CA LYS D 390 15.97 14.64 -26.37
C LYS D 390 15.06 13.43 -26.29
N GLU D 391 14.00 13.55 -25.50
CA GLU D 391 13.04 12.48 -25.34
C GLU D 391 12.25 12.24 -26.64
N LEU D 392 11.90 13.32 -27.33
CA LEU D 392 11.25 13.23 -28.64
C LEU D 392 12.09 12.44 -29.64
N ALA D 393 13.40 12.65 -29.62
CA ALA D 393 14.29 11.95 -30.55
C ALA D 393 14.32 10.44 -30.29
N VAL D 394 14.17 10.06 -29.03
CA VAL D 394 14.18 8.67 -28.63
C VAL D 394 12.86 8.01 -28.98
N VAL D 395 11.76 8.73 -28.78
CA VAL D 395 10.41 8.20 -29.04
C VAL D 395 10.10 8.08 -30.54
N LEU D 396 10.29 9.16 -31.29
CA LEU D 396 9.85 9.24 -32.67
C LEU D 396 11.01 9.23 -33.68
N GLY D 397 12.25 9.34 -33.21
CA GLY D 397 13.44 9.29 -34.10
C GLY D 397 14.00 10.67 -34.39
N GLU D 398 15.19 10.77 -35.00
CA GLU D 398 15.76 12.11 -35.33
C GLU D 398 15.02 12.77 -36.51
N SER D 399 14.17 11.96 -37.13
CA SER D 399 13.30 12.33 -38.24
C SER D 399 12.32 13.44 -37.82
N ALA D 400 11.82 13.31 -36.60
CA ALA D 400 10.72 14.11 -36.11
C ALA D 400 11.21 15.47 -35.58
N LEU D 401 12.51 15.61 -35.33
CA LEU D 401 13.07 16.86 -34.81
C LEU D 401 13.14 17.95 -35.89
N SER D 402 12.68 19.17 -35.58
CA SER D 402 12.89 20.32 -36.47
C SER D 402 14.31 20.84 -36.26
N ASP D 403 14.70 21.85 -37.03
CA ASP D 403 16.04 22.43 -36.90
C ASP D 403 16.23 23.18 -35.56
N ILE D 404 15.15 23.79 -35.09
CA ILE D 404 15.14 24.45 -33.80
C ILE D 404 15.24 23.40 -32.68
N ASP D 405 14.55 22.28 -32.89
CA ASP D 405 14.50 21.21 -31.90
C ASP D 405 15.88 20.56 -31.69
N LYS D 406 16.64 20.41 -32.79
CA LYS D 406 18.00 19.83 -32.74
C LYS D 406 18.93 20.71 -31.89
N ILE D 407 18.66 22.00 -31.91
CA ILE D 407 19.43 22.97 -31.14
C ILE D 407 19.11 22.84 -29.64
N TYR D 408 17.83 22.80 -29.30
CA TYR D 408 17.43 22.68 -27.91
C TYR D 408 18.02 21.43 -27.29
N ALA D 409 17.98 20.34 -28.04
CA ALA D 409 18.60 19.07 -27.59
C ALA D 409 20.09 19.26 -27.30
N LYS D 410 20.76 19.97 -28.19
CA LYS D 410 22.17 20.26 -28.01
C LYS D 410 22.39 21.25 -26.87
N PHE D 411 21.42 22.15 -26.67
CA PHE D 411 21.47 23.11 -25.54
C PHE D 411 21.51 22.36 -24.20
N ALA D 412 20.54 21.46 -24.02
CA ALA D 412 20.40 20.70 -22.77
C ALA D 412 21.63 19.85 -22.47
N GLU D 413 22.24 19.34 -23.55
CA GLU D 413 23.46 18.54 -23.43
C GLU D 413 24.61 19.37 -22.87
N ARG D 414 24.82 20.52 -23.50
CA ARG D 414 25.89 21.44 -23.11
C ARG D 414 25.62 22.03 -21.75
N PHE D 415 24.33 22.27 -21.45
CA PHE D 415 23.94 22.87 -20.17
C PHE D 415 24.35 22.01 -19.00
N GLU D 416 24.10 20.71 -19.13
CA GLU D 416 24.49 19.76 -18.10
C GLU D 416 25.99 19.64 -17.99
N ASN D 417 26.63 19.53 -19.17
CA ASN D 417 28.06 19.19 -19.26
C ASN D 417 29.07 20.32 -19.02
N GLU D 418 28.66 21.55 -19.27
CA GLU D 418 29.57 22.69 -19.19
C GLU D 418 29.10 23.74 -18.17
N TYR D 419 27.78 23.87 -17.99
CA TYR D 419 27.24 24.86 -17.06
C TYR D 419 27.06 24.26 -15.67
N VAL D 420 26.24 23.22 -15.56
CA VAL D 420 26.01 22.59 -14.25
C VAL D 420 27.25 21.85 -13.79
N ASN D 421 27.85 21.10 -14.71
CA ASN D 421 29.05 20.34 -14.43
C ASN D 421 30.28 21.22 -14.42
N GLN D 422 30.53 21.88 -13.28
CA GLN D 422 31.66 22.79 -13.20
C GLN D 422 32.83 22.16 -12.47
N GLY D 423 32.58 21.13 -11.66
CA GLY D 423 33.64 20.51 -10.85
C GLY D 423 33.60 21.01 -9.41
N PHE D 424 33.98 20.15 -8.47
CA PHE D 424 33.88 20.47 -7.04
C PHE D 424 34.95 21.46 -6.56
N TYR D 425 35.91 21.80 -7.42
CA TYR D 425 36.95 22.73 -7.04
C TYR D 425 37.02 23.92 -7.98
N THR D 426 35.92 24.20 -8.65
CA THR D 426 35.83 25.38 -9.52
C THR D 426 34.99 26.48 -8.90
N ASN D 427 35.58 27.67 -8.75
CA ASN D 427 34.91 28.81 -8.11
C ASN D 427 34.52 29.86 -9.13
N ARG D 428 33.29 29.82 -9.60
CA ARG D 428 32.83 30.79 -10.57
C ARG D 428 32.25 32.07 -9.94
N THR D 429 32.77 33.21 -10.35
CA THR D 429 32.19 34.48 -9.98
C THR D 429 30.85 34.63 -10.69
N ILE D 430 29.97 35.44 -10.11
CA ILE D 430 28.63 35.66 -10.69
C ILE D 430 28.73 36.13 -12.13
N THR D 431 29.74 36.96 -12.39
CA THR D 431 29.98 37.52 -13.71
C THR D 431 30.27 36.37 -14.71
N GLU D 432 31.21 35.49 -14.33
CA GLU D 432 31.59 34.35 -15.15
C GLU D 432 30.40 33.44 -15.43
N THR D 433 29.58 33.24 -14.39
CA THR D 433 28.40 32.41 -14.51
C THR D 433 27.40 32.98 -15.47
N LEU D 434 27.07 34.27 -15.32
CA LEU D 434 26.09 34.93 -16.18
C LEU D 434 26.57 34.96 -17.62
N ASP D 435 27.88 35.16 -17.79
CA ASP D 435 28.49 35.18 -19.13
C ASP D 435 28.36 33.81 -19.81
N LEU D 436 28.57 32.74 -19.04
CA LEU D 436 28.47 31.38 -19.57
C LEU D 436 27.02 31.05 -19.96
N GLY D 437 26.07 31.55 -19.19
CA GLY D 437 24.67 31.40 -19.50
C GLY D 437 24.36 32.02 -20.85
N TRP D 438 24.88 33.23 -21.12
CA TRP D 438 24.69 33.94 -22.41
C TRP D 438 25.32 33.20 -23.57
N GLU D 439 26.48 32.55 -23.34
CA GLU D 439 27.15 31.79 -24.40
C GLU D 439 26.35 30.53 -24.79
N LEU D 440 25.67 29.96 -23.82
CA LEU D 440 24.81 28.84 -24.08
C LEU D 440 23.47 29.26 -24.73
N LEU D 441 22.94 30.40 -24.28
CA LEU D 441 21.71 30.96 -24.84
C LEU D 441 21.95 31.52 -26.24
N ALA D 442 23.22 31.75 -26.57
CA ALA D 442 23.62 32.20 -27.89
C ALA D 442 23.41 31.15 -28.97
N LEU D 444 20.68 29.66 -29.41
CA LEU D 444 19.33 29.85 -29.88
C LEU D 444 19.18 31.09 -30.71
N PRO D 445 18.32 31.04 -31.74
CA PRO D 445 17.97 32.25 -32.51
C PRO D 445 17.27 33.27 -31.60
N ARG D 446 17.33 34.54 -32.04
CA ARG D 446 16.69 35.67 -31.35
C ARG D 446 15.21 35.39 -31.05
N THR D 447 14.61 34.65 -31.98
CA THR D 447 13.19 34.35 -32.00
C THR D 447 12.79 33.51 -30.79
N GLU D 448 13.71 32.65 -30.32
CA GLU D 448 13.40 31.71 -29.25
C GLU D 448 13.54 32.33 -27.87
N LEU D 449 14.37 33.36 -27.77
CA LEU D 449 14.66 34.00 -26.49
C LEU D 449 13.54 34.97 -26.08
N LYS D 450 12.36 34.44 -25.81
CA LYS D 450 11.15 35.25 -25.59
C LYS D 450 11.11 35.96 -24.24
N ARG D 451 11.61 35.28 -23.20
CA ARG D 451 11.57 35.79 -21.82
C ARG D 451 12.58 36.90 -21.56
N ILE D 452 13.31 37.29 -22.61
CA ILE D 452 14.29 38.38 -22.51
C ILE D 452 13.92 39.54 -23.43
N LYS D 453 13.71 40.72 -22.82
CA LYS D 453 13.34 41.94 -23.54
C LYS D 453 14.48 42.34 -24.47
N ASP D 454 14.11 42.87 -25.64
CA ASP D 454 15.07 43.20 -26.69
C ASP D 454 16.09 44.21 -26.24
N ASP D 455 15.76 44.95 -25.19
CA ASP D 455 16.69 45.94 -24.62
C ASP D 455 17.95 45.26 -24.12
N LEU D 456 17.75 44.27 -23.25
CA LEU D 456 18.88 43.54 -22.65
C LEU D 456 19.41 42.40 -23.53
N LEU D 457 18.59 41.97 -24.49
CA LEU D 457 19.01 40.98 -25.47
C LEU D 457 20.05 41.59 -26.42
N ASP D 458 19.88 42.88 -26.73
CA ASP D 458 20.81 43.58 -27.63
C ASP D 458 22.08 44.01 -26.90
N LYS D 459 22.05 44.02 -25.56
CA LYS D 459 23.21 44.47 -24.78
C LYS D 459 24.17 43.34 -24.47
N TYR D 460 23.65 42.12 -24.29
CA TYR D 460 24.46 41.01 -23.80
C TYR D 460 24.65 39.82 -24.75
N LEU D 461 23.76 39.66 -25.73
CA LEU D 461 23.79 38.47 -26.59
C LEU D 461 24.96 38.47 -27.56
N PRO D 462 25.82 37.45 -27.44
CA PRO D 462 26.98 37.32 -28.33
C PRO D 462 26.60 36.67 -29.64
N GLU E 11 -28.00 10.24 41.86
CA GLU E 11 -27.09 11.35 41.45
C GLU E 11 -25.72 11.24 42.16
N TYR E 12 -24.66 11.18 41.37
CA TYR E 12 -23.32 10.89 41.91
C TYR E 12 -22.37 12.05 41.70
N ARG E 13 -21.56 12.39 42.70
CA ARG E 13 -20.50 13.40 42.52
C ARG E 13 -19.14 12.72 42.50
N THR E 14 -19.05 11.64 41.73
CA THR E 14 -17.93 10.72 41.84
C THR E 14 -17.20 10.46 40.54
N ILE E 15 -17.13 11.47 39.70
CA ILE E 15 -16.29 11.39 38.53
C ILE E 15 -14.84 11.20 38.97
N LYS E 16 -14.24 10.11 38.52
CA LYS E 16 -12.89 9.72 38.94
C LYS E 16 -11.81 10.09 37.88
N GLU E 17 -12.17 9.95 36.62
CA GLU E 17 -11.25 10.26 35.55
C GLU E 17 -11.91 10.98 34.40
N VAL E 18 -11.25 12.01 33.86
CA VAL E 18 -11.56 12.41 32.47
C VAL E 18 -10.35 12.34 31.60
N VAL E 19 -10.44 11.63 30.51
CA VAL E 19 -9.35 11.59 29.54
C VAL E 19 -9.97 11.80 28.17
N GLY E 20 -9.80 13.01 27.64
CA GLY E 20 -10.37 13.37 26.34
C GLY E 20 -11.88 13.39 26.44
N PRO E 21 -12.56 12.81 25.46
CA PRO E 21 -14.02 12.75 25.48
C PRO E 21 -14.59 11.71 26.45
N LEU E 22 -13.70 10.97 27.10
CA LEU E 22 -14.10 9.85 27.91
C LEU E 22 -14.03 10.17 29.38
N ALA E 24 -14.62 8.39 33.45
CA ALA E 24 -14.91 7.24 34.33
C ALA E 24 -15.57 7.63 35.63
N VAL E 25 -16.74 7.04 35.93
CA VAL E 25 -17.52 7.39 37.10
C VAL E 25 -17.57 6.20 38.05
N GLU E 26 -17.18 6.42 39.30
CA GLU E 26 -17.06 5.36 40.29
C GLU E 26 -18.18 5.45 41.33
N LYS E 27 -18.18 4.46 42.24
CA LYS E 27 -19.17 4.37 43.34
C LYS E 27 -20.63 4.39 42.86
N VAL E 28 -20.93 3.72 41.75
CA VAL E 28 -22.28 3.71 41.19
C VAL E 28 -22.92 2.35 41.35
N SER E 29 -24.24 2.28 41.20
CA SER E 29 -24.96 1.02 41.33
C SER E 29 -26.08 0.99 40.31
N GLY E 30 -26.27 -0.19 39.74
CA GLY E 30 -27.41 -0.47 38.87
C GLY E 30 -27.34 0.22 37.55
N VAL E 31 -26.12 0.53 37.12
CA VAL E 31 -25.91 1.15 35.81
C VAL E 31 -25.79 0.08 34.71
N LYS E 32 -26.41 0.34 33.58
CA LYS E 32 -26.44 -0.62 32.49
C LYS E 32 -25.66 -0.13 31.27
N TYR E 33 -25.29 -1.09 30.41
CA TYR E 33 -24.61 -0.81 29.18
C TYR E 33 -25.54 0.03 28.31
N GLU E 34 -24.99 1.06 27.67
CA GLU E 34 -25.70 1.94 26.74
C GLU E 34 -26.71 2.87 27.41
N GLU E 35 -26.75 2.87 28.73
CA GLU E 35 -27.64 3.73 29.48
C GLU E 35 -27.28 5.19 29.26
N LEU E 36 -28.30 6.02 29.05
CA LEU E 36 -28.08 7.44 28.80
C LEU E 36 -27.78 8.18 30.11
N ILE E 37 -26.84 9.13 30.09
CA ILE E 37 -26.48 9.87 31.32
C ILE E 37 -26.58 11.38 31.16
N GLU E 38 -26.53 12.11 32.28
CA GLU E 38 -26.61 13.56 32.29
C GLU E 38 -25.58 14.14 33.27
N VAL E 39 -24.64 14.93 32.75
CA VAL E 39 -23.59 15.56 33.58
C VAL E 39 -23.92 17.01 33.88
N ARG E 40 -24.10 17.31 35.17
CA ARG E 40 -24.32 18.68 35.60
C ARG E 40 -22.98 19.28 35.96
N GLN E 42 -20.00 22.15 36.91
CA GLN E 42 -19.87 23.03 38.04
C GLN E 42 -20.50 24.39 37.81
N ASN E 43 -20.70 24.78 36.54
CA ASN E 43 -21.31 26.08 36.22
C ASN E 43 -22.79 25.98 35.82
N GLY E 44 -23.42 24.85 36.13
CA GLY E 44 -24.85 24.66 35.85
C GLY E 44 -25.15 24.20 34.42
N GLU E 45 -24.13 24.18 33.56
CA GLU E 45 -24.27 23.69 32.21
C GLU E 45 -24.58 22.18 32.24
N ILE E 46 -25.50 21.74 31.36
CA ILE E 46 -25.88 20.31 31.30
C ILE E 46 -25.42 19.62 30.02
N ARG E 47 -24.59 18.58 30.19
CA ARG E 47 -24.15 17.78 29.05
C ARG E 47 -24.58 16.32 29.17
N ARG E 48 -25.05 15.77 28.05
CA ARG E 48 -25.56 14.40 28.05
C ARG E 48 -24.47 13.44 27.53
N GLY E 49 -24.65 12.15 27.81
CA GLY E 49 -23.69 11.14 27.43
C GLY E 49 -24.30 9.76 27.35
N GLN E 50 -23.43 8.78 27.17
CA GLN E 50 -23.84 7.39 26.99
C GLN E 50 -22.83 6.49 27.73
N VAL E 51 -23.30 5.42 28.37
CA VAL E 51 -22.38 4.48 29.06
C VAL E 51 -21.78 3.55 28.05
N LEU E 52 -20.46 3.54 27.91
CA LEU E 52 -19.82 2.71 26.90
C LEU E 52 -19.52 1.36 27.46
N GLU E 53 -19.39 1.34 28.78
CA GLU E 53 -18.84 0.16 29.45
C GLU E 53 -19.04 0.25 30.90
N VAL E 54 -19.44 -0.86 31.51
CA VAL E 54 -19.78 -0.84 32.93
C VAL E 54 -19.19 -2.07 33.69
N GLN E 55 -18.52 -1.80 34.82
CA GLN E 55 -17.71 -2.81 35.50
C GLN E 55 -17.74 -2.52 36.99
N GLU E 56 -18.32 -3.45 37.72
CA GLU E 56 -18.44 -3.37 39.17
C GLU E 56 -19.07 -2.06 39.60
N ASP E 57 -18.25 -1.16 40.13
CA ASP E 57 -18.76 0.13 40.57
C ASP E 57 -18.34 1.28 39.67
N LYS E 58 -17.73 0.94 38.53
CA LYS E 58 -17.29 1.93 37.55
C LYS E 58 -18.14 1.91 36.26
N ALA E 59 -18.34 3.10 35.68
CA ALA E 59 -18.94 3.23 34.38
C ALA E 59 -18.08 4.14 33.47
N VAL E 61 -18.11 6.48 30.41
CA VAL E 61 -19.10 7.20 29.60
C VAL E 61 -18.47 8.14 28.58
N GLN E 62 -19.20 8.43 27.51
CA GLN E 62 -18.76 9.43 26.52
C GLN E 62 -19.77 10.57 26.46
N ILE E 63 -19.26 11.81 26.55
CA ILE E 63 -20.13 12.99 26.54
C ILE E 63 -20.31 13.52 25.11
N PHE E 64 -21.55 13.75 24.70
CA PHE E 64 -21.86 14.11 23.33
C PHE E 64 -21.13 15.33 22.88
N GLU E 65 -21.06 16.33 23.75
CA GLU E 65 -20.54 17.64 23.44
C GLU E 65 -19.04 17.68 23.70
N GLY E 66 -18.46 16.62 24.24
CA GLY E 66 -17.04 16.67 24.65
C GLY E 66 -16.90 17.12 26.10
N THR E 67 -15.67 17.09 26.61
CA THR E 67 -15.41 17.26 28.04
C THR E 67 -14.62 18.53 28.34
N SER E 68 -14.48 19.40 27.35
CA SER E 68 -13.77 20.65 27.58
C SER E 68 -14.51 21.59 28.53
N GLY E 69 -13.78 22.11 29.51
CA GLY E 69 -14.35 22.98 30.51
C GLY E 69 -14.94 22.28 31.73
N ILE E 70 -14.96 20.94 31.75
CA ILE E 70 -15.56 20.22 32.88
C ILE E 70 -14.59 20.07 34.03
N ASN E 71 -14.98 20.55 35.22
CA ASN E 71 -14.23 20.33 36.44
C ASN E 71 -14.77 19.10 37.16
N LEU E 72 -13.88 18.12 37.37
CA LEU E 72 -14.27 16.80 37.89
C LEU E 72 -14.95 16.81 39.27
N LYS E 73 -14.28 17.42 40.25
CA LYS E 73 -14.72 17.37 41.64
C LYS E 73 -16.07 18.05 41.84
N ASN E 74 -16.34 19.09 41.06
CA ASN E 74 -17.54 19.89 41.25
C ASN E 74 -18.61 19.59 40.21
N SER E 75 -18.44 18.50 39.47
CA SER E 75 -19.48 18.05 38.54
C SER E 75 -20.17 16.78 39.03
N SER E 76 -21.42 16.59 38.64
CA SER E 76 -22.19 15.44 39.12
C SER E 76 -22.87 14.70 37.97
N VAL E 77 -23.21 13.41 38.16
CA VAL E 77 -23.75 12.58 37.07
C VAL E 77 -25.08 11.98 37.47
N ARG E 78 -26.09 12.14 36.61
CA ARG E 78 -27.37 11.42 36.77
C ARG E 78 -27.50 10.33 35.71
N PHE E 79 -27.78 9.12 36.16
CA PHE E 79 -28.05 8.01 35.22
C PHE E 79 -29.57 7.90 34.95
N LEU E 80 -29.96 8.13 33.71
CA LEU E 80 -31.37 8.29 33.37
C LEU E 80 -32.19 6.99 33.32
N GLY E 81 -31.51 5.84 33.20
CA GLY E 81 -32.18 4.56 33.28
C GLY E 81 -32.76 4.06 31.97
N HIS E 82 -32.41 4.70 30.85
CA HIS E 82 -32.95 4.30 29.54
C HIS E 82 -32.01 4.69 28.45
N PRO E 83 -32.07 4.00 27.30
CA PRO E 83 -31.13 4.38 26.24
C PRO E 83 -31.68 5.56 25.51
N LEU E 84 -30.97 5.97 24.45
CA LEU E 84 -31.35 7.12 23.63
C LEU E 84 -32.71 6.87 23.03
N GLN E 85 -33.57 7.87 23.17
CA GLN E 85 -35.00 7.72 22.88
C GLN E 85 -35.54 8.79 21.96
N LEU E 86 -36.59 8.44 21.21
CA LEU E 86 -37.34 9.46 20.47
C LEU E 86 -38.77 9.50 20.98
N GLY E 87 -39.25 10.69 21.33
CA GLY E 87 -40.64 10.85 21.75
C GLY E 87 -41.46 11.04 20.49
N VAL E 88 -42.26 10.03 20.13
CA VAL E 88 -43.00 10.05 18.86
C VAL E 88 -44.43 10.51 18.97
N SER E 89 -44.88 11.13 17.89
CA SER E 89 -46.23 11.61 17.78
C SER E 89 -46.62 11.69 16.31
N GLU E 90 -47.91 11.68 16.01
CA GLU E 90 -48.32 11.84 14.62
C GLU E 90 -48.25 13.32 14.19
N ASP E 91 -48.05 14.19 15.18
CA ASP E 91 -47.93 15.61 14.95
C ASP E 91 -46.56 15.97 14.42
N ILE E 93 -45.35 15.20 11.51
CA ILE E 93 -45.46 15.54 10.11
C ILE E 93 -45.54 17.05 9.96
N GLY E 94 -44.69 17.60 9.12
CA GLY E 94 -44.65 19.04 8.92
C GLY E 94 -43.71 19.77 9.85
N ARG E 95 -42.99 19.01 10.67
CA ARG E 95 -42.09 19.57 11.66
C ARG E 95 -40.60 19.26 11.35
N VAL E 96 -39.70 20.13 11.84
CA VAL E 96 -38.26 19.98 11.59
C VAL E 96 -37.50 19.81 12.88
N PHE E 97 -36.71 18.76 12.94
CA PHE E 97 -35.95 18.42 14.14
C PHE E 97 -34.44 18.33 13.84
N ASP E 98 -33.63 18.36 14.88
CA ASP E 98 -32.18 18.24 14.70
C ASP E 98 -31.82 16.78 14.82
N GLY E 99 -30.53 16.50 14.96
CA GLY E 99 -30.02 15.13 15.01
C GLY E 99 -30.52 14.31 16.18
N LEU E 100 -30.87 15.01 17.26
CA LEU E 100 -31.36 14.34 18.46
C LEU E 100 -32.84 14.48 18.66
N GLY E 101 -33.55 14.88 17.62
CA GLY E 101 -35.00 14.96 17.65
C GLY E 101 -35.56 16.17 18.36
N ARG E 102 -34.72 17.18 18.57
CA ARG E 102 -35.15 18.41 19.18
C ARG E 102 -35.68 19.35 18.11
N PRO E 103 -36.77 20.08 18.39
CA PRO E 103 -37.37 21.02 17.46
C PRO E 103 -36.41 22.08 17.00
N LYS E 104 -36.45 22.36 15.70
CA LYS E 104 -35.47 23.19 15.05
C LYS E 104 -36.20 24.31 14.33
N ASP E 105 -37.53 24.30 14.40
CA ASP E 105 -38.36 25.23 13.64
C ASP E 105 -39.08 26.20 14.56
N ASN E 106 -38.76 26.15 15.86
CA ASN E 106 -39.38 27.04 16.86
C ASN E 106 -40.88 26.90 16.88
N GLY E 107 -41.33 25.70 16.54
CA GLY E 107 -42.76 25.41 16.50
C GLY E 107 -43.31 25.17 17.90
N PRO E 108 -44.64 24.96 17.99
CA PRO E 108 -45.32 24.72 19.25
C PRO E 108 -44.83 23.43 19.95
N GLU E 109 -45.24 23.26 21.21
CA GLU E 109 -44.65 22.21 22.06
C GLU E 109 -45.13 20.83 21.60
N ILE E 110 -44.24 19.84 21.59
CA ILE E 110 -44.57 18.58 20.95
C ILE E 110 -44.82 17.43 21.92
N LEU E 111 -46.04 16.87 21.95
CA LEU E 111 -46.44 15.95 23.02
C LEU E 111 -46.41 14.46 22.58
N PRO E 112 -45.41 13.71 23.08
CA PRO E 112 -45.17 12.31 22.71
C PRO E 112 -46.23 11.34 23.19
N GLU E 113 -46.68 10.49 22.27
CA GLU E 113 -47.60 9.42 22.61
C GLU E 113 -46.87 8.37 23.42
N LYS E 114 -45.61 8.18 23.06
CA LYS E 114 -44.72 7.25 23.76
C LYS E 114 -43.26 7.56 23.36
N TYR E 115 -42.32 6.98 24.11
CA TYR E 115 -40.92 7.14 23.79
C TYR E 115 -40.32 5.83 23.32
N LEU E 116 -39.49 5.87 22.29
CA LEU E 116 -38.99 4.62 21.73
C LEU E 116 -37.47 4.56 21.68
N ASP E 117 -36.92 3.42 22.08
CA ASP E 117 -35.50 3.13 21.87
C ASP E 117 -35.14 3.30 20.38
N ILE E 118 -34.22 4.21 20.07
CA ILE E 118 -33.95 4.55 18.66
C ILE E 118 -33.28 3.45 17.86
N ASN E 119 -32.81 2.44 18.55
CA ASN E 119 -32.21 1.30 17.86
C ASN E 119 -33.34 0.41 17.23
N GLY E 120 -34.56 0.60 17.70
CA GLY E 120 -35.67 -0.25 17.27
C GLY E 120 -35.51 -1.69 17.78
N GLU E 121 -36.38 -2.54 17.24
CA GLU E 121 -36.29 -3.99 17.41
C GLU E 121 -36.32 -4.66 16.05
N VAL E 122 -35.86 -5.90 15.99
CA VAL E 122 -35.62 -6.56 14.74
C VAL E 122 -36.94 -7.18 14.19
N ILE E 123 -37.28 -6.98 12.92
CA ILE E 123 -38.38 -7.76 12.30
C ILE E 123 -38.11 -9.27 12.34
N ASN E 124 -39.03 -10.01 12.92
CA ASN E 124 -38.97 -11.43 12.87
C ASN E 124 -39.03 -11.89 11.44
N PRO E 125 -38.01 -12.63 10.95
CA PRO E 125 -37.99 -13.06 9.56
C PRO E 125 -39.23 -13.80 9.13
N ILE E 126 -39.88 -14.43 10.10
CA ILE E 126 -41.13 -15.17 9.87
C ILE E 126 -42.32 -14.21 9.75
N ALA E 127 -42.18 -13.03 10.37
CA ALA E 127 -43.23 -11.99 10.31
C ALA E 127 -43.02 -11.03 9.12
N ARG E 128 -41.81 -11.05 8.55
CA ARG E 128 -41.47 -10.12 7.47
C ARG E 128 -42.26 -10.40 6.20
N ASP E 129 -42.74 -9.33 5.57
CA ASP E 129 -43.44 -9.43 4.31
C ASP E 129 -42.56 -8.93 3.16
N TYR E 130 -42.51 -9.68 2.05
CA TYR E 130 -41.62 -9.30 0.95
C TYR E 130 -42.12 -7.97 0.39
N PRO E 131 -41.17 -7.07 -0.02
CA PRO E 131 -41.51 -5.81 -0.64
C PRO E 131 -42.42 -6.01 -1.86
N ASP E 132 -43.45 -5.21 -1.95
CA ASP E 132 -44.46 -5.42 -2.95
C ASP E 132 -45.06 -4.07 -3.30
N GLU E 133 -45.54 -3.98 -4.54
CA GLU E 133 -46.29 -2.83 -5.03
C GLU E 133 -45.41 -1.60 -5.42
N PHE E 134 -45.98 -0.72 -6.23
CA PHE E 134 -45.27 0.34 -6.91
C PHE E 134 -45.28 1.65 -6.13
N ILE E 135 -44.12 2.32 -6.10
CA ILE E 135 -44.07 3.72 -5.67
C ILE E 135 -43.65 4.53 -6.88
N GLN E 136 -44.48 5.48 -7.29
CA GLN E 136 -44.12 6.35 -8.42
C GLN E 136 -43.23 7.54 -7.99
N THR E 137 -41.96 7.52 -8.40
CA THR E 137 -41.03 8.61 -8.04
C THR E 137 -41.13 9.74 -9.03
N GLY E 138 -41.65 9.44 -10.22
CA GLY E 138 -41.79 10.46 -11.24
C GLY E 138 -40.56 10.55 -12.12
N ILE E 139 -39.52 9.78 -11.77
CA ILE E 139 -38.27 9.74 -12.56
C ILE E 139 -38.23 8.47 -13.44
N SER E 140 -38.22 8.67 -14.76
CA SER E 140 -38.40 7.57 -15.71
C SER E 140 -37.35 6.52 -15.54
N ALA E 141 -36.10 6.96 -15.42
CA ALA E 141 -35.00 6.01 -15.30
C ALA E 141 -35.16 5.08 -14.08
N ILE E 142 -35.86 5.57 -13.05
CA ILE E 142 -36.13 4.79 -11.88
C ILE E 142 -37.44 4.02 -12.07
N ASP E 143 -38.59 4.69 -12.25
CA ASP E 143 -39.88 4.01 -12.33
C ASP E 143 -39.99 2.87 -13.37
N HIS E 144 -39.32 3.01 -14.49
CA HIS E 144 -39.40 1.99 -15.55
C HIS E 144 -38.31 0.94 -15.45
N LEU E 145 -37.06 1.39 -15.48
CA LEU E 145 -35.93 0.48 -15.59
C LEU E 145 -35.38 0.01 -14.24
N ASN E 146 -35.54 0.82 -13.18
CA ASN E 146 -35.00 0.50 -11.85
C ASN E 146 -36.05 0.77 -10.77
N THR E 147 -37.23 0.12 -10.93
CA THR E 147 -38.48 0.47 -10.23
C THR E 147 -38.35 0.44 -8.71
N LEU E 148 -38.87 1.51 -8.09
CA LEU E 148 -38.86 1.57 -6.60
C LEU E 148 -40.07 0.83 -6.03
N VAL E 149 -39.85 -0.16 -5.14
CA VAL E 149 -40.93 -1.00 -4.61
C VAL E 149 -41.16 -0.66 -3.14
N ARG E 150 -42.39 -0.77 -2.66
CA ARG E 150 -42.66 -0.46 -1.27
C ARG E 150 -41.99 -1.51 -0.35
N GLY E 151 -41.10 -1.02 0.53
CA GLY E 151 -40.36 -1.84 1.51
C GLY E 151 -38.94 -2.12 1.05
N GLN E 152 -38.59 -1.52 -0.10
CA GLN E 152 -37.27 -1.66 -0.69
C GLN E 152 -36.26 -0.71 -0.05
N LYS E 153 -35.02 -1.13 -0.05
CA LYS E 153 -33.93 -0.25 0.27
C LYS E 153 -33.18 -0.09 -1.06
N LEU E 154 -33.21 1.11 -1.63
CA LEU E 154 -32.65 1.36 -2.94
C LEU E 154 -31.86 2.65 -2.92
N PRO E 155 -30.54 2.57 -2.83
CA PRO E 155 -29.68 3.71 -2.62
C PRO E 155 -29.27 4.43 -3.91
N VAL E 156 -28.80 5.68 -3.76
CA VAL E 156 -28.27 6.44 -4.89
C VAL E 156 -26.79 6.62 -4.66
N PHE E 157 -25.98 6.13 -5.61
CA PHE E 157 -24.51 6.30 -5.56
C PHE E 157 -24.15 7.47 -6.43
N SER E 158 -23.59 8.49 -5.82
CA SER E 158 -23.17 9.64 -6.55
C SER E 158 -21.67 9.92 -6.27
N GLY E 159 -21.34 11.19 -6.31
CA GLY E 159 -19.98 11.64 -6.03
C GLY E 159 -19.98 13.12 -5.78
N SER E 160 -18.87 13.68 -5.29
CA SER E 160 -18.90 15.12 -5.07
C SER E 160 -18.98 15.88 -6.37
N GLY E 161 -19.84 16.89 -6.37
CA GLY E 161 -19.98 17.76 -7.51
C GLY E 161 -21.16 17.30 -8.35
N LEU E 162 -21.66 16.09 -8.06
CA LEU E 162 -22.84 15.55 -8.77
C LEU E 162 -24.13 15.99 -8.08
N PRO E 163 -25.19 16.13 -8.87
CA PRO E 163 -26.42 16.73 -8.39
C PRO E 163 -27.36 15.82 -7.56
N HIS E 164 -26.82 15.06 -6.61
CA HIS E 164 -27.66 14.16 -5.83
C HIS E 164 -28.56 14.91 -4.88
N LYS E 165 -28.19 16.15 -4.51
CA LYS E 165 -29.06 16.96 -3.63
C LYS E 165 -30.33 17.40 -4.34
N GLU E 166 -30.19 17.67 -5.62
CA GLU E 166 -31.37 18.00 -6.44
C GLU E 166 -32.27 16.77 -6.67
N LEU E 167 -31.67 15.60 -6.87
CA LEU E 167 -32.42 14.37 -7.12
C LEU E 167 -33.16 13.90 -5.86
N ALA E 168 -32.50 14.07 -4.72
CA ALA E 168 -33.12 13.73 -3.45
C ALA E 168 -34.31 14.58 -3.16
N ALA E 169 -34.21 15.88 -3.39
CA ALA E 169 -35.32 16.80 -3.12
C ALA E 169 -36.44 16.60 -4.10
N GLN E 170 -36.08 16.16 -5.31
CA GLN E 170 -37.08 15.90 -6.36
C GLN E 170 -37.90 14.67 -6.00
N ILE E 171 -37.23 13.60 -5.55
CA ILE E 171 -37.94 12.40 -5.16
C ILE E 171 -38.81 12.66 -3.96
N ALA E 172 -38.28 13.42 -3.02
CA ALA E 172 -38.99 13.77 -1.80
C ALA E 172 -40.33 14.49 -2.05
N ARG E 173 -40.39 15.36 -3.04
CA ARG E 173 -41.66 16.03 -3.32
C ARG E 173 -42.51 15.30 -4.37
N GLN E 174 -41.88 14.46 -5.20
CA GLN E 174 -42.61 13.80 -6.29
C GLN E 174 -43.18 12.41 -5.94
N ALA E 175 -42.51 11.69 -5.03
CA ALA E 175 -42.86 10.30 -4.71
C ALA E 175 -44.30 10.19 -4.26
N THR E 176 -45.00 9.17 -4.78
CA THR E 176 -46.40 8.97 -4.41
C THR E 176 -46.86 7.52 -4.64
N VAL E 177 -47.96 7.14 -3.99
CA VAL E 177 -48.60 5.88 -4.30
C VAL E 177 -49.89 6.15 -5.05
N LEU E 178 -50.13 5.32 -6.05
CA LEU E 178 -51.34 5.43 -6.86
C LEU E 178 -52.52 4.68 -6.23
N ASP E 179 -53.72 5.23 -6.39
CA ASP E 179 -54.95 4.55 -5.94
C ASP E 179 -54.94 4.24 -4.44
N SER E 180 -54.57 5.28 -3.68
CA SER E 180 -54.43 5.23 -2.22
C SER E 180 -54.13 6.66 -1.72
N SER E 181 -55.14 7.33 -1.20
CA SER E 181 -55.04 8.75 -0.91
C SER E 181 -54.71 9.09 0.57
N ASP E 182 -53.82 10.08 0.75
CA ASP E 182 -53.49 10.67 2.07
C ASP E 182 -52.91 9.72 3.13
N ASP E 183 -52.11 8.74 2.72
CA ASP E 183 -51.45 7.82 3.68
C ASP E 183 -49.99 7.50 3.28
N PHE E 184 -49.38 8.51 2.65
CA PHE E 184 -47.98 8.51 2.26
C PHE E 184 -47.27 9.67 2.90
N ALA E 185 -46.06 9.45 3.37
CA ALA E 185 -45.25 10.50 4.00
C ALA E 185 -43.77 10.31 3.69
N VAL E 186 -43.01 11.40 3.74
CA VAL E 186 -41.54 11.34 3.60
C VAL E 186 -40.79 11.69 4.89
N VAL E 187 -39.82 10.87 5.29
CA VAL E 187 -38.95 11.18 6.41
C VAL E 187 -37.57 11.46 5.84
N PHE E 188 -37.12 12.71 6.00
CA PHE E 188 -35.89 13.17 5.41
C PHE E 188 -34.86 13.45 6.49
N ALA E 189 -33.77 12.70 6.42
CA ALA E 189 -32.70 12.83 7.38
C ALA E 189 -31.47 13.39 6.68
N ALA E 190 -31.01 14.55 7.13
CA ALA E 190 -29.79 15.13 6.62
C ALA E 190 -28.68 14.85 7.62
N ILE E 191 -27.59 14.27 7.14
CA ILE E 191 -26.48 13.88 8.01
C ILE E 191 -25.14 14.59 7.69
N GLY E 192 -24.68 15.40 8.64
CA GLY E 192 -23.40 16.07 8.52
C GLY E 192 -23.26 17.04 7.36
N ILE E 193 -24.38 17.65 6.96
CA ILE E 193 -24.36 18.60 5.86
C ILE E 193 -24.12 20.06 6.30
N THR E 194 -23.58 20.92 5.41
CA THR E 194 -23.32 22.33 5.79
C THR E 194 -24.61 23.10 5.96
N PHE E 195 -24.50 24.26 6.61
CA PHE E 195 -25.63 25.15 6.77
C PHE E 195 -26.37 25.45 5.45
N GLU E 196 -25.58 25.82 4.44
CA GLU E 196 -26.17 26.22 3.15
C GLU E 196 -26.94 25.10 2.44
N GLU E 197 -26.44 23.86 2.55
CA GLU E 197 -27.08 22.73 1.91
C GLU E 197 -28.33 22.34 2.68
N ALA E 198 -28.27 22.55 3.99
CA ALA E 198 -29.43 22.37 4.82
C ALA E 198 -30.50 23.38 4.45
N GLU E 199 -30.09 24.61 4.22
CA GLU E 199 -31.04 25.64 3.84
C GLU E 199 -31.64 25.35 2.47
N PHE E 200 -30.88 24.74 1.56
CA PHE E 200 -31.41 24.35 0.25
C PHE E 200 -32.59 23.40 0.40
N PHE E 201 -32.42 22.38 1.20
CA PHE E 201 -33.47 21.43 1.44
C PHE E 201 -34.64 22.10 2.17
N GLU E 203 -35.62 25.30 2.22
CA GLU E 203 -36.28 26.21 1.28
C GLU E 203 -37.11 25.45 0.26
N ASP E 204 -36.58 24.33 -0.21
CA ASP E 204 -37.22 23.57 -1.27
C ASP E 204 -38.47 22.89 -0.77
N PHE E 205 -38.39 22.25 0.38
CA PHE E 205 -39.55 21.61 0.98
C PHE E 205 -40.67 22.60 1.26
N ARG E 206 -40.32 23.76 1.81
CA ARG E 206 -41.34 24.80 2.12
C ARG E 206 -41.92 25.44 0.87
N GLN E 207 -41.10 25.63 -0.15
CA GLN E 207 -41.54 26.29 -1.38
C GLN E 207 -42.49 25.40 -2.19
N THR E 208 -42.20 24.12 -2.23
CA THR E 208 -43.02 23.19 -3.01
C THR E 208 -44.20 22.62 -2.19
N GLY E 209 -44.12 22.76 -0.87
CA GLY E 209 -45.18 22.31 0.01
C GLY E 209 -44.95 20.91 0.45
N ALA E 210 -43.79 20.37 0.11
CA ALA E 210 -43.43 19.02 0.48
C ALA E 210 -43.35 18.87 1.99
N ILE E 211 -43.14 20.00 2.66
CA ILE E 211 -43.04 20.06 4.12
C ILE E 211 -44.30 19.50 4.81
N ASP E 212 -45.44 19.71 4.17
CA ASP E 212 -46.73 19.30 4.75
C ASP E 212 -46.93 17.78 4.85
N ARG E 213 -46.13 17.03 4.10
CA ARG E 213 -46.22 15.59 4.12
C ARG E 213 -44.91 14.98 4.62
N SER E 214 -44.04 15.77 5.24
CA SER E 214 -42.71 15.30 5.62
C SER E 214 -42.40 15.41 7.12
N VAL E 215 -41.53 14.53 7.62
CA VAL E 215 -40.80 14.78 8.87
C VAL E 215 -39.33 15.01 8.53
N PHE E 217 -35.28 15.63 9.74
CA PHE E 217 -34.24 15.61 10.77
C PHE E 217 -32.94 16.21 10.18
N ASN E 219 -29.16 17.33 10.56
CA ASN E 219 -27.89 17.35 11.27
C ASN E 219 -26.80 17.99 10.45
N LEU E 220 -26.04 18.86 11.08
CA LEU E 220 -25.11 19.74 10.37
C LEU E 220 -23.67 19.29 10.50
N ALA E 221 -22.81 19.79 9.61
CA ALA E 221 -21.40 19.34 9.60
C ALA E 221 -20.64 19.70 10.89
N ASN E 222 -21.05 20.78 11.55
CA ASN E 222 -20.42 21.20 12.79
C ASN E 222 -21.12 20.74 14.07
N ASP E 223 -22.11 19.87 13.91
CA ASP E 223 -22.75 19.24 15.06
C ASP E 223 -21.89 18.08 15.57
N PRO E 224 -22.04 17.71 16.84
CA PRO E 224 -21.26 16.65 17.46
C PRO E 224 -21.34 15.35 16.67
N ALA E 225 -20.23 14.64 16.55
CA ALA E 225 -20.22 13.44 15.67
C ALA E 225 -21.13 12.32 16.18
N ILE E 226 -21.35 12.23 17.48
CA ILE E 226 -22.30 11.27 18.04
C ILE E 226 -23.70 11.63 17.59
N GLU E 227 -24.04 12.91 17.52
CA GLU E 227 -25.33 13.31 17.05
C GLU E 227 -25.50 12.99 15.58
N ARG E 228 -24.41 13.01 14.82
CA ARG E 228 -24.49 12.75 13.41
C ARG E 228 -24.84 11.31 13.19
N ILE E 229 -24.36 10.41 14.05
CA ILE E 229 -24.65 8.98 13.90
C ILE E 229 -25.99 8.60 14.55
N ALA E 230 -26.50 9.45 15.44
CA ALA E 230 -27.82 9.23 16.04
C ALA E 230 -28.91 9.62 15.05
N THR E 231 -28.60 10.56 14.18
CA THR E 231 -29.57 11.13 13.25
C THR E 231 -30.40 10.12 12.45
N PRO E 232 -29.74 9.22 11.68
CA PRO E 232 -30.58 8.30 10.88
C PRO E 232 -31.43 7.36 11.76
N ARG E 233 -30.99 7.12 13.02
CA ARG E 233 -31.73 6.25 13.95
C ARG E 233 -32.96 6.94 14.49
N ALA E 235 -34.54 9.20 12.74
CA ALA E 235 -35.40 9.25 11.56
C ALA E 235 -36.11 7.94 11.34
N LEU E 236 -35.38 6.82 11.44
CA LEU E 236 -35.94 5.51 11.22
C LEU E 236 -36.95 5.09 12.28
N THR E 237 -36.71 5.54 13.51
CA THR E 237 -37.65 5.25 14.58
C THR E 237 -38.99 5.97 14.33
N ALA E 238 -38.90 7.19 13.83
CA ALA E 238 -40.07 7.96 13.45
C ALA E 238 -40.79 7.35 12.29
N ALA E 239 -40.04 6.77 11.37
CA ALA E 239 -40.58 6.17 10.18
C ALA E 239 -41.38 4.91 10.52
N GLU E 240 -40.80 4.10 11.40
CA GLU E 240 -41.44 2.86 11.84
C GLU E 240 -42.73 3.12 12.61
N TYR E 241 -42.74 4.21 13.37
CA TYR E 241 -43.92 4.62 14.11
C TYR E 241 -45.04 5.05 13.18
N LEU E 242 -44.71 5.85 12.17
CA LEU E 242 -45.71 6.31 11.26
C LEU E 242 -46.18 5.21 10.35
N ALA E 243 -45.26 4.32 9.99
CA ALA E 243 -45.60 3.21 9.09
C ALA E 243 -46.41 2.13 9.77
N TYR E 244 -45.84 1.57 10.85
CA TYR E 244 -46.40 0.41 11.44
C TYR E 244 -47.48 0.69 12.48
N GLU E 245 -47.42 1.84 13.14
CA GLU E 245 -48.42 2.19 14.11
C GLU E 245 -49.50 3.08 13.56
N LYS E 246 -49.21 3.84 12.51
CA LYS E 246 -50.21 4.71 11.92
C LYS E 246 -50.64 4.27 10.54
N GLY E 247 -49.98 3.23 10.03
CA GLY E 247 -50.42 2.54 8.83
C GLY E 247 -50.00 3.25 7.55
N HIS E 249 -47.49 4.53 4.37
CA HIS E 249 -46.32 4.22 3.58
C HIS E 249 -45.32 5.36 3.71
N VAL E 250 -44.15 5.08 4.27
CA VAL E 250 -43.17 6.11 4.57
C VAL E 250 -41.92 5.87 3.76
N LEU E 251 -41.47 6.96 3.13
CA LEU E 251 -40.28 6.94 2.30
C LEU E 251 -39.19 7.65 3.07
N VAL E 252 -38.12 6.94 3.40
CA VAL E 252 -37.03 7.49 4.16
C VAL E 252 -35.85 7.75 3.23
N ILE E 253 -35.48 9.02 3.12
CA ILE E 253 -34.35 9.44 2.29
C ILE E 253 -33.29 9.98 3.23
N THR E 255 -29.18 11.44 3.44
CA THR E 255 -27.99 11.92 2.75
C THR E 255 -27.21 12.75 3.79
N ASP E 256 -25.89 12.74 3.76
CA ASP E 256 -25.07 11.92 2.88
C ASP E 256 -24.48 10.82 3.76
N THR E 258 -22.02 9.12 3.44
CA THR E 258 -20.57 9.17 3.51
C THR E 258 -20.17 10.00 4.69
N ASN E 259 -20.92 11.07 4.97
CA ASN E 259 -20.64 11.87 6.14
C ASN E 259 -20.92 11.07 7.44
N TYR E 260 -21.91 10.15 7.35
CA TYR E 260 -22.24 9.25 8.48
C TYR E 260 -21.10 8.36 8.82
N ALA E 261 -20.54 7.75 7.82
CA ALA E 261 -19.46 6.84 7.99
C ALA E 261 -18.19 7.52 8.48
N GLU E 262 -17.97 8.72 8.03
CA GLU E 262 -16.84 9.47 8.53
C GLU E 262 -17.00 9.75 10.03
N ALA E 263 -18.20 10.13 10.43
CA ALA E 263 -18.48 10.37 11.82
C ALA E 263 -18.26 9.11 12.64
N LEU E 264 -18.64 7.98 12.06
CA LEU E 264 -18.48 6.67 12.70
C LEU E 264 -17.00 6.39 12.92
N ARG E 265 -16.16 6.72 11.92
CA ARG E 265 -14.71 6.51 12.03
C ARG E 265 -14.14 7.46 13.06
N GLU E 266 -14.64 8.68 13.12
CA GLU E 266 -14.21 9.64 14.10
C GLU E 266 -14.48 9.12 15.54
N ILE E 267 -15.70 8.67 15.80
CA ILE E 267 -16.08 8.14 17.11
C ILE E 267 -15.36 6.85 17.45
N SER E 268 -15.24 5.96 16.46
CA SER E 268 -14.46 4.74 16.61
C SER E 268 -13.01 5.02 17.04
N ALA E 269 -12.36 5.96 16.37
CA ALA E 269 -10.98 6.22 16.65
C ALA E 269 -10.84 6.91 18.02
N ALA E 270 -11.87 7.66 18.42
CA ALA E 270 -11.86 8.31 19.73
C ALA E 270 -11.86 7.30 20.90
N ARG E 271 -12.47 6.15 20.66
CA ARG E 271 -12.43 5.06 21.65
C ARG E 271 -11.22 4.17 21.39
N ARG E 272 -10.41 4.59 20.43
CA ARG E 272 -9.20 3.89 20.04
C ARG E 272 -9.44 2.49 19.64
N GLU E 273 -10.56 2.21 18.96
CA GLU E 273 -10.83 0.90 18.48
C GLU E 273 -9.95 0.60 17.27
N VAL E 274 -9.69 -0.67 17.04
CA VAL E 274 -8.74 -1.10 16.05
C VAL E 274 -9.40 -0.91 14.69
N PRO E 275 -8.79 -0.09 13.83
CA PRO E 275 -9.30 0.25 12.52
C PRO E 275 -9.33 -0.91 11.54
N GLY E 276 -10.37 -0.97 10.73
CA GLY E 276 -10.51 -2.01 9.71
C GLY E 276 -10.04 -1.53 8.36
N ARG E 277 -10.58 -2.14 7.31
CA ARG E 277 -10.28 -1.83 5.93
C ARG E 277 -10.45 -0.36 5.61
N ARG E 278 -9.40 0.24 5.08
CA ARG E 278 -9.40 1.68 4.77
C ARG E 278 -9.66 2.64 5.93
N GLY E 279 -9.49 2.13 7.15
CA GLY E 279 -9.53 2.92 8.35
C GLY E 279 -10.90 2.90 9.02
N TYR E 280 -11.91 2.43 8.30
CA TYR E 280 -13.24 2.38 8.85
C TYR E 280 -13.35 1.26 9.85
N PRO E 281 -14.30 1.38 10.81
CA PRO E 281 -14.46 0.38 11.84
C PRO E 281 -14.62 -1.00 11.23
N GLY E 282 -14.17 -2.03 11.96
CA GLY E 282 -14.28 -3.43 11.52
C GLY E 282 -15.73 -3.79 11.33
N TYR E 283 -16.59 -3.09 12.08
CA TYR E 283 -18.01 -3.33 12.15
C TYR E 283 -18.86 -2.40 11.27
N LEU E 284 -18.22 -1.83 10.26
CA LEU E 284 -18.92 -0.88 9.40
C LEU E 284 -20.12 -1.54 8.73
N TYR E 285 -19.93 -2.77 8.23
CA TYR E 285 -21.02 -3.50 7.56
C TYR E 285 -22.18 -3.70 8.49
N THR E 286 -21.86 -4.25 9.67
CA THR E 286 -22.87 -4.54 10.62
C THR E 286 -23.64 -3.25 10.98
N ASN E 287 -22.88 -2.20 11.28
CA ASN E 287 -23.50 -0.93 11.64
C ASN E 287 -24.47 -0.35 10.55
N LEU E 288 -24.03 -0.40 9.30
CA LEU E 288 -24.87 0.03 8.21
C LEU E 288 -26.12 -0.82 8.06
N ALA E 289 -25.94 -2.11 8.33
CA ALA E 289 -27.05 -3.03 8.21
C ALA E 289 -28.13 -2.73 9.22
N THR E 290 -27.73 -2.30 10.41
CA THR E 290 -28.72 -1.99 11.44
C THR E 290 -29.59 -0.76 11.09
N LEU E 291 -29.15 0.04 10.11
CA LEU E 291 -29.96 1.12 9.61
C LEU E 291 -30.77 0.62 8.44
N PHE E 292 -30.12 0.07 7.42
CA PHE E 292 -30.81 -0.27 6.15
C PHE E 292 -31.83 -1.42 6.24
N GLU E 293 -31.61 -2.37 7.17
CA GLU E 293 -32.47 -3.53 7.35
C GLU E 293 -33.78 -3.14 8.01
N ARG E 294 -33.89 -1.89 8.49
CA ARG E 294 -35.14 -1.44 9.10
C ARG E 294 -36.18 -1.23 8.02
N ALA E 295 -35.76 -1.29 6.76
CA ALA E 295 -36.71 -1.16 5.67
C ALA E 295 -37.44 -2.48 5.48
N GLY E 296 -38.64 -2.39 4.93
CA GLY E 296 -39.40 -3.59 4.62
C GLY E 296 -40.88 -3.47 4.91
N ARG E 297 -41.52 -4.65 4.92
CA ARG E 297 -42.96 -4.71 5.18
C ARG E 297 -43.22 -5.79 6.18
N ILE E 298 -44.35 -5.73 6.84
CA ILE E 298 -44.70 -6.72 7.85
C ILE E 298 -46.02 -7.39 7.50
N ARG E 299 -46.04 -8.72 7.58
CA ARG E 299 -47.29 -9.47 7.30
C ARG E 299 -48.41 -9.02 8.22
N GLY E 300 -49.51 -8.62 7.62
CA GLY E 300 -50.71 -8.34 8.38
C GLY E 300 -50.81 -6.93 8.86
N LEU E 301 -49.79 -6.14 8.57
CA LEU E 301 -49.84 -4.72 8.84
C LEU E 301 -49.92 -3.90 7.56
N LYS E 302 -50.81 -2.91 7.54
CA LYS E 302 -50.79 -1.91 6.46
C LYS E 302 -49.65 -0.99 6.81
N GLY E 303 -48.96 -0.52 5.77
CA GLY E 303 -47.79 0.35 6.03
C GLY E 303 -46.44 -0.27 5.68
N SER E 304 -45.45 0.58 5.49
CA SER E 304 -44.15 0.12 5.01
C SER E 304 -43.11 1.18 5.22
N VAL E 305 -41.87 0.75 5.37
CA VAL E 305 -40.73 1.63 5.39
C VAL E 305 -39.91 1.33 4.14
N THR E 306 -39.75 2.36 3.30
CA THR E 306 -38.87 2.26 2.14
C THR E 306 -37.69 3.23 2.36
N GLN E 307 -36.46 2.76 2.11
CA GLN E 307 -35.27 3.62 2.31
C GLN E 307 -34.46 3.92 1.07
N ILE E 308 -34.14 5.17 0.86
CA ILE E 308 -33.21 5.56 -0.20
C ILE E 308 -32.01 6.29 0.44
N PRO E 309 -30.95 5.54 0.78
CA PRO E 309 -29.75 6.14 1.30
C PRO E 309 -29.03 6.77 0.10
N ILE E 310 -28.46 7.96 0.34
CA ILE E 310 -27.73 8.68 -0.66
C ILE E 310 -26.30 8.88 -0.19
N LEU E 311 -25.37 8.57 -1.06
CA LEU E 311 -23.99 8.61 -0.69
C LEU E 311 -23.13 9.08 -1.85
N THR E 312 -22.03 9.72 -1.50
CA THR E 312 -20.99 10.04 -2.44
C THR E 312 -19.85 9.01 -2.39
N PRO E 314 -16.23 8.11 -2.58
CA PRO E 314 -14.91 8.76 -2.53
C PRO E 314 -14.10 8.35 -3.76
N GLU E 315 -13.50 9.33 -4.43
CA GLU E 315 -12.69 9.09 -5.64
C GLU E 315 -13.54 8.42 -6.73
N ASP E 316 -14.87 8.48 -6.65
CA ASP E 316 -15.75 7.70 -7.54
C ASP E 316 -15.41 6.23 -7.57
N ASP E 317 -14.86 5.74 -6.46
CA ASP E 317 -14.41 4.37 -6.34
C ASP E 317 -15.49 3.52 -5.73
N LYS E 318 -16.02 2.61 -6.52
CA LYS E 318 -17.18 1.83 -6.09
C LYS E 318 -16.80 0.71 -5.11
N THR E 319 -15.50 0.44 -5.00
CA THR E 319 -14.99 -0.57 -4.12
C THR E 319 -14.59 0.04 -2.80
N HIS E 320 -14.71 1.34 -2.66
CA HIS E 320 -14.48 1.98 -1.35
C HIS E 320 -15.49 1.41 -0.38
N PRO E 321 -15.09 1.20 0.90
CA PRO E 321 -15.93 0.62 1.94
C PRO E 321 -17.35 1.13 1.99
N ILE E 322 -17.56 2.41 1.79
CA ILE E 322 -18.88 2.96 1.93
C ILE E 322 -19.84 2.53 0.83
N PRO E 323 -19.51 2.76 -0.47
CA PRO E 323 -20.45 2.19 -1.45
C PRO E 323 -20.44 0.65 -1.49
N ASP E 324 -19.29 0.03 -1.20
CA ASP E 324 -19.16 -1.39 -1.37
C ASP E 324 -19.99 -2.14 -0.37
N LEU E 325 -19.80 -1.83 0.92
CA LEU E 325 -20.58 -2.55 1.90
C LEU E 325 -22.06 -2.17 1.81
N THR E 326 -22.36 -0.92 1.45
CA THR E 326 -23.76 -0.53 1.17
C THR E 326 -24.43 -1.39 0.10
N GLY E 327 -23.68 -1.61 -0.98
CA GLY E 327 -24.13 -2.43 -2.10
C GLY E 327 -24.36 -3.83 -1.73
N TYR E 328 -23.62 -4.32 -0.75
CA TYR E 328 -23.82 -5.66 -0.24
C TYR E 328 -25.09 -5.80 0.64
N ILE E 329 -25.64 -4.64 1.03
CA ILE E 329 -26.76 -4.65 1.96
C ILE E 329 -28.04 -4.27 1.28
N THR E 330 -27.98 -3.31 0.39
CA THR E 330 -29.22 -2.82 -0.28
C THR E 330 -29.72 -3.76 -1.38
N GLU E 331 -30.90 -3.49 -1.90
CA GLU E 331 -31.49 -4.31 -2.94
C GLU E 331 -31.36 -3.60 -4.29
N GLY E 332 -30.13 -3.22 -4.65
CA GLY E 332 -29.86 -2.48 -5.90
C GLY E 332 -29.15 -1.17 -5.65
N GLN E 333 -28.97 -0.35 -6.67
CA GLN E 333 -28.29 0.92 -6.56
C GLN E 333 -28.53 1.77 -7.82
N ILE E 334 -28.76 3.04 -7.60
CA ILE E 334 -28.87 4.00 -8.71
C ILE E 334 -27.56 4.82 -8.87
N ILE E 335 -26.90 4.75 -10.02
CA ILE E 335 -25.57 5.35 -10.20
C ILE E 335 -25.65 6.63 -11.01
N LEU E 336 -25.11 7.72 -10.45
CA LEU E 336 -24.97 8.99 -11.19
C LEU E 336 -23.54 9.07 -11.73
N THR E 337 -23.39 9.50 -12.99
CA THR E 337 -22.03 9.54 -13.61
C THR E 337 -21.51 10.89 -14.05
N ARG E 338 -20.20 11.06 -14.03
CA ARG E 338 -19.61 12.28 -14.50
C ARG E 338 -19.85 12.50 -16.02
N GLU E 339 -19.71 11.45 -16.83
CA GLU E 339 -20.00 11.57 -18.27
C GLU E 339 -21.36 12.14 -18.61
N LEU E 340 -22.40 11.64 -17.95
CA LEU E 340 -23.77 12.05 -18.23
C LEU E 340 -24.07 13.41 -17.65
N TYR E 341 -23.44 13.72 -16.54
CA TYR E 341 -23.65 15.01 -15.93
C TYR E 341 -23.04 16.11 -16.77
N LYS E 342 -21.87 15.84 -17.36
CA LYS E 342 -21.21 16.84 -18.23
C LYS E 342 -21.94 16.97 -19.54
N SER E 343 -22.87 16.05 -19.83
CA SER E 343 -23.71 16.11 -21.03
C SER E 343 -25.03 16.83 -20.76
N GLY E 344 -25.21 17.26 -19.51
CA GLY E 344 -26.42 17.97 -19.10
C GLY E 344 -27.67 17.11 -18.92
N ILE E 345 -27.48 15.82 -18.71
CA ILE E 345 -28.58 14.90 -18.45
C ILE E 345 -29.06 15.04 -16.98
N GLN E 346 -30.34 15.35 -16.80
CA GLN E 346 -30.90 15.54 -15.44
C GLN E 346 -32.10 14.61 -15.16
N PRO E 347 -31.95 13.65 -14.24
CA PRO E 347 -30.74 13.31 -13.52
C PRO E 347 -29.76 12.48 -14.33
N PRO E 348 -28.46 12.58 -14.02
CA PRO E 348 -27.43 11.90 -14.79
C PRO E 348 -27.31 10.41 -14.42
N ILE E 349 -28.44 9.69 -14.51
CA ILE E 349 -28.48 8.30 -14.14
C ILE E 349 -27.91 7.42 -15.25
N ASP E 350 -26.89 6.62 -14.92
CA ASP E 350 -26.41 5.61 -15.85
C ASP E 350 -27.13 4.31 -15.61
N VAL E 351 -28.02 3.91 -16.53
CA VAL E 351 -28.86 2.74 -16.30
C VAL E 351 -28.12 1.42 -16.51
N LEU E 352 -26.95 1.48 -17.13
CA LEU E 352 -26.13 0.28 -17.37
C LEU E 352 -25.59 -0.39 -16.10
N PRO E 353 -24.97 0.38 -15.18
CA PRO E 353 -24.58 -0.23 -13.93
C PRO E 353 -25.61 -0.11 -12.80
N SER E 354 -26.70 0.60 -13.07
CA SER E 354 -27.78 0.69 -12.10
C SER E 354 -28.68 -0.57 -12.11
N LEU E 355 -29.27 -0.85 -10.96
CA LEU E 355 -30.16 -2.00 -10.80
C LEU E 355 -31.16 -1.82 -9.64
N SER E 356 -32.37 -2.32 -9.82
CA SER E 356 -33.31 -2.55 -8.73
C SER E 356 -33.65 -4.05 -8.73
N ARG E 357 -33.34 -4.72 -7.62
CA ARG E 357 -33.50 -6.14 -7.55
C ARG E 357 -34.96 -6.63 -7.36
N LEU E 358 -35.81 -5.79 -6.76
CA LEU E 358 -37.17 -6.21 -6.41
C LEU E 358 -38.24 -5.71 -7.35
N LYS E 359 -37.78 -5.11 -8.46
CA LYS E 359 -38.63 -4.36 -9.38
C LYS E 359 -39.83 -5.19 -9.90
N ASP E 360 -39.69 -6.52 -9.98
CA ASP E 360 -40.76 -7.36 -10.52
C ASP E 360 -42.02 -7.29 -9.65
N LYS E 361 -41.85 -6.99 -8.37
CA LYS E 361 -43.00 -6.95 -7.44
C LYS E 361 -43.76 -5.64 -7.49
N GLY E 362 -43.35 -4.73 -8.34
CA GLY E 362 -44.00 -3.46 -8.41
C GLY E 362 -44.40 -3.07 -9.80
N THR E 363 -44.29 -4.00 -10.74
CA THR E 363 -44.55 -3.69 -12.14
C THR E 363 -45.58 -4.64 -12.73
N GLY E 364 -46.05 -4.32 -13.94
CA GLY E 364 -47.01 -5.15 -14.62
C GLY E 364 -48.41 -4.65 -14.41
N ALA E 365 -49.32 -5.45 -14.95
CA ALA E 365 -50.76 -5.21 -14.86
C ALA E 365 -51.23 -4.89 -13.45
N GLY E 366 -51.99 -3.80 -13.33
CA GLY E 366 -52.65 -3.42 -12.10
C GLY E 366 -51.75 -2.81 -11.05
N LYS E 367 -50.45 -2.79 -11.34
CA LYS E 367 -49.45 -2.12 -10.51
C LYS E 367 -48.88 -0.92 -11.28
N THR E 368 -48.35 -1.18 -12.47
CA THR E 368 -48.05 -0.11 -13.40
C THR E 368 -48.87 -0.29 -14.64
N ARG E 369 -48.31 -1.01 -15.62
CA ARG E 369 -49.03 -1.34 -16.84
C ARG E 369 -48.47 -2.62 -17.44
N GLU E 370 -49.32 -3.34 -18.16
CA GLU E 370 -49.02 -4.66 -18.69
C GLU E 370 -47.76 -4.76 -19.58
N ASP E 371 -47.36 -3.64 -20.16
CA ASP E 371 -46.22 -3.61 -21.08
C ASP E 371 -44.87 -3.23 -20.40
N HIS E 372 -44.88 -3.21 -19.07
CA HIS E 372 -43.77 -2.66 -18.32
C HIS E 372 -42.52 -3.49 -18.48
N ALA E 373 -42.58 -4.79 -18.17
CA ALA E 373 -41.37 -5.63 -18.12
C ALA E 373 -40.68 -5.79 -19.48
N ALA E 374 -41.51 -5.97 -20.50
CA ALA E 374 -41.05 -6.23 -21.86
C ALA E 374 -40.30 -5.04 -22.44
N THR E 375 -40.86 -3.85 -22.27
CA THR E 375 -40.24 -2.65 -22.83
C THR E 375 -38.96 -2.30 -22.12
N ASN E 377 -36.86 -4.43 -20.73
CA ASN E 377 -35.85 -5.32 -21.23
C ASN E 377 -35.39 -4.91 -22.59
N GLN E 378 -36.29 -4.40 -23.41
CA GLN E 378 -35.96 -4.02 -24.78
C GLN E 378 -35.21 -2.72 -24.85
N LEU E 379 -35.64 -1.74 -24.05
CA LEU E 379 -34.97 -0.43 -23.99
C LEU E 379 -33.56 -0.60 -23.48
N PHE E 380 -33.42 -1.34 -22.38
CA PHE E 380 -32.11 -1.57 -21.78
C PHE E 380 -31.18 -2.28 -22.75
N ALA E 381 -31.66 -3.31 -23.42
CA ALA E 381 -30.81 -4.08 -24.31
C ALA E 381 -30.45 -3.28 -25.59
N ALA E 382 -31.37 -2.44 -26.07
CA ALA E 382 -31.10 -1.60 -27.25
C ALA E 382 -30.13 -0.50 -26.91
N TYR E 383 -30.24 0.02 -25.69
CA TYR E 383 -29.38 1.10 -25.21
C TYR E 383 -27.94 0.61 -25.04
N ALA E 384 -27.79 -0.62 -24.54
CA ALA E 384 -26.48 -1.20 -24.35
C ALA E 384 -25.78 -1.41 -25.66
N GLN E 385 -26.56 -1.87 -26.66
CA GLN E 385 -26.05 -2.05 -28.03
C GLN E 385 -25.78 -0.71 -28.70
N GLY E 386 -26.61 0.28 -28.41
CA GLY E 386 -26.44 1.63 -28.94
C GLY E 386 -25.17 2.29 -28.48
N LYS E 387 -24.92 2.17 -27.18
CA LYS E 387 -23.75 2.78 -26.60
C LYS E 387 -22.52 2.05 -27.11
N GLN E 388 -22.66 0.73 -27.34
CA GLN E 388 -21.56 -0.09 -27.85
C GLN E 388 -21.18 0.33 -29.25
N ALA E 389 -22.17 0.65 -30.06
CA ALA E 389 -21.92 1.11 -31.42
C ALA E 389 -21.27 2.51 -31.44
N LYS E 390 -21.64 3.33 -30.47
CA LYS E 390 -21.07 4.68 -30.31
C LYS E 390 -19.56 4.62 -29.99
N GLU E 391 -19.22 3.73 -29.07
CA GLU E 391 -17.83 3.49 -28.64
C GLU E 391 -17.02 2.86 -29.78
N LEU E 392 -17.68 2.09 -30.64
CA LEU E 392 -17.03 1.48 -31.80
C LEU E 392 -16.67 2.56 -32.82
N ALA E 393 -17.52 3.58 -32.96
CA ALA E 393 -17.24 4.72 -33.85
C ALA E 393 -16.01 5.54 -33.35
N VAL E 394 -15.83 5.54 -32.04
CA VAL E 394 -14.70 6.25 -31.41
C VAL E 394 -13.34 5.56 -31.69
N VAL E 395 -13.31 4.25 -31.52
CA VAL E 395 -12.09 3.43 -31.63
C VAL E 395 -11.71 3.06 -33.08
N LEU E 396 -12.71 2.84 -33.95
CA LEU E 396 -12.46 2.40 -35.32
C LEU E 396 -12.97 3.35 -36.41
N GLY E 397 -13.68 4.41 -36.03
CA GLY E 397 -14.23 5.36 -37.00
C GLY E 397 -15.69 5.08 -37.34
N GLU E 398 -16.37 6.06 -37.93
CA GLU E 398 -17.78 5.90 -38.31
C GLU E 398 -17.96 4.91 -39.48
N SER E 399 -16.91 4.74 -40.28
CA SER E 399 -16.90 3.83 -41.41
C SER E 399 -16.83 2.35 -40.99
N ALA E 400 -16.71 2.10 -39.69
CA ALA E 400 -16.63 0.74 -39.18
C ALA E 400 -18.01 0.13 -38.93
N LEU E 401 -19.05 0.97 -39.01
CA LEU E 401 -20.37 0.57 -38.56
C LEU E 401 -21.29 0.18 -39.71
N SER E 402 -22.12 -0.83 -39.47
CA SER E 402 -23.21 -1.17 -40.40
C SER E 402 -24.31 -0.14 -40.24
N ASP E 403 -25.27 -0.07 -41.15
CA ASP E 403 -26.25 0.92 -40.86
C ASP E 403 -26.74 0.61 -39.45
N ILE E 404 -27.51 -0.46 -39.32
CA ILE E 404 -28.26 -0.64 -38.09
C ILE E 404 -27.43 -0.28 -36.86
N ASP E 405 -26.12 -0.50 -36.97
CA ASP E 405 -25.22 -0.10 -35.89
C ASP E 405 -25.40 1.41 -35.74
N LYS E 406 -25.54 2.08 -36.88
CA LYS E 406 -25.74 3.51 -36.90
C LYS E 406 -27.10 3.88 -36.30
N ILE E 407 -28.11 3.02 -36.54
CA ILE E 407 -29.46 3.23 -36.00
C ILE E 407 -29.46 3.11 -34.48
N TYR E 408 -28.79 2.09 -33.97
CA TYR E 408 -28.66 1.86 -32.53
C TYR E 408 -27.92 3.01 -31.85
N ALA E 409 -26.88 3.51 -32.50
CA ALA E 409 -26.12 4.66 -31.99
C ALA E 409 -27.01 5.91 -31.83
N LYS E 410 -27.80 6.17 -32.86
CA LYS E 410 -28.74 7.28 -32.82
C LYS E 410 -29.80 7.06 -31.73
N PHE E 411 -30.18 5.80 -31.53
CA PHE E 411 -31.15 5.44 -30.49
C PHE E 411 -30.67 5.83 -29.10
N ALA E 412 -29.40 5.52 -28.83
CA ALA E 412 -28.83 5.78 -27.53
C ALA E 412 -28.74 7.26 -27.25
N GLU E 413 -28.63 8.08 -28.30
CA GLU E 413 -28.58 9.52 -28.15
C GLU E 413 -29.92 10.05 -27.64
N ARG E 414 -31.00 9.65 -28.32
CA ARG E 414 -32.36 10.10 -27.97
C ARG E 414 -32.72 9.60 -26.59
N PHE E 415 -32.30 8.37 -26.32
CA PHE E 415 -32.60 7.73 -25.04
C PHE E 415 -32.03 8.57 -23.90
N GLU E 416 -30.79 9.02 -24.07
CA GLU E 416 -30.15 9.81 -23.04
C GLU E 416 -30.72 11.22 -22.99
N ASN E 417 -30.91 11.82 -24.15
CA ASN E 417 -31.33 13.21 -24.23
C ASN E 417 -32.83 13.44 -23.93
N GLU E 418 -33.65 12.46 -24.26
CA GLU E 418 -35.09 12.65 -24.14
C GLU E 418 -35.76 11.76 -23.07
N TYR E 419 -35.22 10.58 -22.86
CA TYR E 419 -35.80 9.67 -21.89
C TYR E 419 -35.19 9.84 -20.49
N VAL E 420 -33.90 9.53 -20.35
CA VAL E 420 -33.21 9.66 -19.07
C VAL E 420 -33.20 11.13 -18.56
N ASN E 421 -32.95 12.04 -19.48
CA ASN E 421 -33.00 13.46 -19.19
C ASN E 421 -34.45 13.95 -19.16
N GLN E 422 -34.92 14.34 -17.98
CA GLN E 422 -36.30 14.69 -17.79
C GLN E 422 -36.46 15.97 -17.02
N GLY E 423 -35.41 16.40 -16.35
CA GLY E 423 -35.40 17.68 -15.62
C GLY E 423 -35.59 17.42 -14.13
N PHE E 424 -35.06 18.31 -13.29
CA PHE E 424 -35.14 18.12 -11.83
C PHE E 424 -36.46 18.63 -11.24
N TYR E 425 -37.26 19.33 -12.06
CA TYR E 425 -38.55 19.80 -11.58
C TYR E 425 -39.69 19.24 -12.42
N THR E 426 -39.41 18.13 -13.11
CA THR E 426 -40.37 17.50 -14.01
C THR E 426 -40.79 16.09 -13.56
N ASN E 427 -42.07 15.90 -13.31
CA ASN E 427 -42.61 14.69 -12.80
C ASN E 427 -43.35 13.98 -13.88
N ARG E 428 -42.89 12.78 -14.21
CA ARG E 428 -43.54 11.93 -15.22
C ARG E 428 -44.34 10.82 -14.55
N THR E 429 -45.62 10.76 -14.89
CA THR E 429 -46.47 9.61 -14.52
C THR E 429 -45.93 8.34 -15.15
N ILE E 430 -46.25 7.20 -14.57
CA ILE E 430 -45.75 5.93 -15.11
C ILE E 430 -46.28 5.70 -16.52
N THR E 431 -47.50 6.20 -16.78
CA THR E 431 -48.10 6.15 -18.10
C THR E 431 -47.26 6.96 -19.10
N GLU E 432 -46.78 8.15 -18.70
CA GLU E 432 -45.97 9.00 -19.56
C GLU E 432 -44.63 8.37 -19.84
N THR E 433 -44.07 7.72 -18.82
CA THR E 433 -42.80 7.00 -18.96
C THR E 433 -42.89 5.85 -19.97
N LEU E 434 -43.93 5.05 -19.83
CA LEU E 434 -44.10 3.92 -20.68
C LEU E 434 -44.41 4.32 -22.13
N ASP E 435 -45.25 5.34 -22.30
CA ASP E 435 -45.54 5.86 -23.64
C ASP E 435 -44.31 6.36 -24.36
N LEU E 436 -43.48 7.06 -23.61
CA LEU E 436 -42.27 7.63 -24.15
C LEU E 436 -41.30 6.52 -24.55
N GLY E 437 -41.36 5.41 -23.83
CA GLY E 437 -40.53 4.24 -24.13
C GLY E 437 -40.87 3.63 -25.45
N TRP E 438 -42.17 3.64 -25.77
CA TRP E 438 -42.61 3.08 -27.03
C TRP E 438 -42.20 3.96 -28.19
N GLU E 439 -42.10 5.26 -27.97
CA GLU E 439 -41.71 6.18 -29.03
C GLU E 439 -40.26 5.92 -29.46
N LEU E 440 -39.43 5.63 -28.47
CA LEU E 440 -38.02 5.38 -28.75
C LEU E 440 -37.83 4.05 -29.42
N LEU E 441 -38.62 3.07 -29.00
CA LEU E 441 -38.55 1.73 -29.58
C LEU E 441 -38.99 1.72 -31.04
N ALA E 442 -39.82 2.68 -31.43
CA ALA E 442 -40.32 2.75 -32.78
C ALA E 442 -39.21 3.12 -33.79
N LEU E 444 -36.38 1.64 -33.90
CA LEU E 444 -35.84 0.35 -34.33
C LEU E 444 -36.82 -0.40 -35.27
N PRO E 445 -36.28 -1.26 -36.16
CA PRO E 445 -37.14 -2.11 -36.95
C PRO E 445 -37.79 -3.06 -35.97
N ARG E 446 -39.07 -3.36 -36.20
CA ARG E 446 -39.82 -4.35 -35.41
C ARG E 446 -39.18 -5.73 -35.38
N THR E 447 -38.44 -6.04 -36.43
CA THR E 447 -37.72 -7.31 -36.52
C THR E 447 -36.60 -7.34 -35.48
N GLU E 448 -36.23 -6.16 -34.99
CA GLU E 448 -35.13 -6.03 -34.01
C GLU E 448 -35.64 -6.03 -32.57
N LEU E 449 -36.96 -6.01 -32.38
CA LEU E 449 -37.54 -5.97 -31.03
C LEU E 449 -37.76 -7.38 -30.49
N LYS E 450 -36.67 -8.13 -30.43
CA LYS E 450 -36.74 -9.54 -30.20
C LYS E 450 -37.03 -9.93 -28.73
N ARG E 451 -37.03 -8.96 -27.83
CA ARG E 451 -37.30 -9.24 -26.43
C ARG E 451 -38.79 -9.13 -26.07
N ILE E 452 -39.59 -8.66 -27.03
CA ILE E 452 -41.03 -8.45 -26.80
C ILE E 452 -41.88 -9.34 -27.70
N LYS E 453 -42.80 -10.09 -27.06
CA LYS E 453 -43.76 -10.94 -27.79
C LYS E 453 -44.70 -10.15 -28.70
N ASP E 454 -45.32 -10.87 -29.62
CA ASP E 454 -46.06 -10.29 -30.73
C ASP E 454 -47.33 -9.54 -30.29
N ASP E 455 -47.97 -10.11 -29.27
CA ASP E 455 -49.24 -9.59 -28.79
C ASP E 455 -49.06 -8.20 -28.22
N LEU E 456 -47.97 -7.96 -27.49
CA LEU E 456 -47.70 -6.67 -26.91
C LEU E 456 -47.25 -5.66 -27.97
N LEU E 457 -46.47 -6.13 -28.95
CA LEU E 457 -45.99 -5.26 -30.00
C LEU E 457 -47.15 -4.73 -30.83
N ASP E 458 -48.05 -5.63 -31.25
CA ASP E 458 -49.21 -5.27 -32.03
C ASP E 458 -50.09 -4.25 -31.35
N LYS E 459 -50.20 -4.32 -30.03
CA LYS E 459 -51.10 -3.46 -29.26
C LYS E 459 -50.56 -2.07 -28.99
N TYR E 460 -49.27 -1.99 -28.63
CA TYR E 460 -48.70 -0.75 -28.14
C TYR E 460 -47.77 0.05 -29.07
N LEU E 461 -47.03 -0.65 -29.94
CA LEU E 461 -46.06 0.00 -30.81
C LEU E 461 -46.71 1.06 -31.72
N PRO E 462 -46.34 2.35 -31.55
CA PRO E 462 -46.89 3.49 -32.33
C PRO E 462 -46.41 3.52 -33.78
N ILE F 9 4.98 -38.90 41.64
CA ILE F 9 4.32 -38.34 40.42
C ILE F 9 3.87 -36.88 40.62
N LYS F 10 4.37 -35.94 39.80
CA LYS F 10 4.22 -34.50 40.08
C LYS F 10 2.93 -33.98 39.47
N GLU F 11 1.94 -33.65 40.32
CA GLU F 11 0.61 -33.28 39.88
C GLU F 11 0.02 -32.25 40.84
N TYR F 12 -0.57 -31.21 40.31
CA TYR F 12 -1.16 -30.17 41.13
C TYR F 12 -2.60 -29.96 40.68
N ARG F 13 -3.46 -29.64 41.63
CA ARG F 13 -4.86 -29.33 41.31
C ARG F 13 -5.09 -27.83 41.53
N THR F 14 -4.14 -27.04 41.03
CA THR F 14 -4.17 -25.60 41.20
C THR F 14 -4.19 -24.79 39.91
N ILE F 15 -5.11 -25.14 39.00
CA ILE F 15 -5.24 -24.42 37.74
C ILE F 15 -5.88 -23.06 37.99
N LYS F 16 -5.20 -22.00 37.56
CA LYS F 16 -5.61 -20.64 37.88
C LYS F 16 -6.49 -20.04 36.78
N GLU F 17 -6.11 -20.23 35.51
CA GLU F 17 -6.88 -19.65 34.40
C GLU F 17 -6.73 -20.43 33.10
N VAL F 18 -7.78 -20.37 32.26
CA VAL F 18 -7.72 -21.09 31.00
C VAL F 18 -8.17 -20.18 29.89
N VAL F 19 -7.26 -19.81 28.99
CA VAL F 19 -7.55 -18.82 27.94
C VAL F 19 -7.13 -19.33 26.55
N GLY F 20 -8.09 -19.82 25.77
CA GLY F 20 -7.77 -20.49 24.51
C GLY F 20 -6.89 -21.73 24.76
N PRO F 21 -5.78 -21.85 24.02
CA PRO F 21 -4.84 -22.94 24.12
C PRO F 21 -3.91 -22.73 25.25
N LEU F 22 -4.02 -21.61 25.99
CA LEU F 22 -3.11 -21.33 27.15
C LEU F 22 -3.74 -21.56 28.52
N ALA F 24 -2.81 -21.34 32.88
CA ALA F 24 -1.83 -20.90 33.88
C ALA F 24 -2.05 -21.71 35.16
N VAL F 25 -0.97 -22.24 35.74
CA VAL F 25 -1.01 -23.08 36.95
C VAL F 25 -0.15 -22.43 38.00
N GLU F 26 -0.63 -22.42 39.25
CA GLU F 26 0.16 -21.79 40.32
C GLU F 26 0.48 -22.67 41.50
N LYS F 27 1.28 -22.15 42.42
CA LYS F 27 1.76 -22.90 43.58
C LYS F 27 2.50 -24.19 43.16
N VAL F 28 3.22 -24.10 42.04
CA VAL F 28 4.03 -25.22 41.58
C VAL F 28 5.49 -25.05 42.03
N SER F 29 6.27 -26.13 41.98
CA SER F 29 7.68 -26.06 42.24
C SER F 29 8.43 -27.04 41.38
N GLY F 30 9.62 -26.65 40.97
CA GLY F 30 10.50 -27.57 40.25
C GLY F 30 10.04 -27.92 38.84
N VAL F 31 9.20 -27.06 38.29
CA VAL F 31 8.76 -27.18 36.90
C VAL F 31 9.78 -26.54 35.99
N LYS F 32 10.05 -27.15 34.84
CA LYS F 32 11.08 -26.68 33.93
C LYS F 32 10.53 -26.21 32.61
N TYR F 33 11.24 -25.26 32.01
CA TYR F 33 10.90 -24.74 30.69
C TYR F 33 10.89 -25.86 29.67
N GLU F 34 9.81 -25.85 28.88
CA GLU F 34 9.57 -26.83 27.79
C GLU F 34 9.20 -28.20 28.28
N GLU F 35 8.89 -28.33 29.57
CA GLU F 35 8.55 -29.62 30.15
C GLU F 35 7.19 -30.07 29.64
N LEU F 36 7.07 -31.34 29.31
CA LEU F 36 5.84 -31.87 28.78
C LEU F 36 4.83 -32.05 29.92
N ILE F 37 3.59 -31.64 29.72
CA ILE F 37 2.55 -31.79 30.75
C ILE F 37 1.36 -32.59 30.27
N GLU F 38 0.51 -33.03 31.20
CA GLU F 38 -0.78 -33.67 30.90
C GLU F 38 -1.88 -33.10 31.78
N VAL F 39 -2.94 -32.62 31.15
CA VAL F 39 -4.06 -32.09 31.90
C VAL F 39 -5.03 -33.23 32.07
N ARG F 40 -5.40 -33.47 33.33
CA ARG F 40 -6.39 -34.51 33.64
C ARG F 40 -7.69 -33.81 33.88
N GLN F 42 -11.82 -33.12 34.42
CA GLN F 42 -12.81 -33.59 35.40
C GLN F 42 -13.51 -34.86 34.96
N ASN F 43 -13.51 -35.17 33.67
CA ASN F 43 -14.16 -36.34 33.12
C ASN F 43 -13.19 -37.48 32.84
N GLY F 44 -11.91 -37.24 33.13
CA GLY F 44 -10.91 -38.27 32.91
C GLY F 44 -10.24 -38.28 31.55
N GLU F 45 -10.67 -37.36 30.69
CA GLU F 45 -9.94 -37.10 29.47
C GLU F 45 -8.52 -36.56 29.75
N ILE F 46 -7.57 -37.08 28.97
CA ILE F 46 -6.18 -36.70 29.12
C ILE F 46 -5.70 -35.90 27.90
N ARG F 47 -5.16 -34.71 28.13
CA ARG F 47 -4.65 -33.88 27.04
C ARG F 47 -3.27 -33.37 27.39
N ARG F 48 -2.35 -33.67 26.49
CA ARG F 48 -0.97 -33.27 26.66
C ARG F 48 -0.71 -31.77 26.32
N GLY F 49 0.36 -31.22 26.88
CA GLY F 49 0.71 -29.79 26.68
C GLY F 49 2.19 -29.47 26.90
N GLN F 50 2.59 -28.20 26.90
CA GLN F 50 4.02 -27.87 26.99
C GLN F 50 4.25 -26.57 27.75
N VAL F 51 5.19 -26.58 28.70
CA VAL F 51 5.45 -25.40 29.51
C VAL F 51 6.17 -24.33 28.69
N LEU F 52 5.53 -23.17 28.52
CA LEU F 52 6.10 -22.09 27.71
C LEU F 52 6.94 -21.15 28.53
N GLU F 53 6.65 -21.12 29.82
CA GLU F 53 7.19 -20.07 30.70
C GLU F 53 7.03 -20.51 32.14
N VAL F 54 8.08 -20.29 32.92
CA VAL F 54 8.04 -20.60 34.36
C VAL F 54 8.62 -19.45 35.15
N GLN F 55 7.87 -18.98 36.14
CA GLN F 55 8.35 -17.94 37.01
C GLN F 55 7.75 -18.03 38.36
N GLU F 56 8.61 -17.82 39.38
CA GLU F 56 8.26 -18.04 40.79
C GLU F 56 7.64 -19.45 40.96
N ASP F 57 6.39 -19.50 41.40
CA ASP F 57 5.63 -20.68 41.58
C ASP F 57 4.54 -20.84 40.53
N LYS F 58 4.72 -20.24 39.36
CA LYS F 58 3.72 -20.32 38.29
C LYS F 58 4.28 -20.96 37.03
N ALA F 59 3.40 -21.54 36.20
CA ALA F 59 3.79 -22.05 34.90
C ALA F 59 2.69 -21.76 33.88
N VAL F 61 1.26 -22.87 30.26
CA VAL F 61 1.35 -24.03 29.37
C VAL F 61 0.41 -23.94 28.17
N GLN F 62 0.86 -24.45 27.02
CA GLN F 62 0.03 -24.53 25.83
C GLN F 62 -0.52 -25.95 25.68
N ILE F 63 -1.82 -26.10 25.37
CA ILE F 63 -2.44 -27.44 25.26
C ILE F 63 -2.59 -27.89 23.82
N PHE F 64 -2.00 -29.03 23.49
CA PHE F 64 -1.95 -29.42 22.09
C PHE F 64 -3.31 -29.73 21.47
N GLU F 65 -4.17 -30.36 22.27
CA GLU F 65 -5.52 -30.78 21.84
C GLU F 65 -6.59 -29.78 22.26
N GLY F 66 -6.19 -28.60 22.72
CA GLY F 66 -7.17 -27.57 23.08
C GLY F 66 -7.78 -27.72 24.47
N THR F 67 -8.58 -26.74 24.94
CA THR F 67 -9.09 -26.72 26.33
C THR F 67 -10.59 -26.75 26.42
N SER F 68 -11.23 -27.24 25.36
CA SER F 68 -12.67 -27.22 25.28
C SER F 68 -13.27 -28.16 26.33
N GLY F 69 -14.23 -27.65 27.09
CA GLY F 69 -14.97 -28.46 28.08
C GLY F 69 -14.32 -28.59 29.46
N ILE F 70 -13.16 -27.95 29.61
CA ILE F 70 -12.42 -28.06 30.87
C ILE F 70 -13.08 -27.31 32.02
N ASN F 71 -13.19 -27.97 33.17
CA ASN F 71 -13.58 -27.33 34.43
C ASN F 71 -12.32 -27.07 35.25
N LEU F 72 -12.08 -25.79 35.55
CA LEU F 72 -10.86 -25.40 36.27
C LEU F 72 -10.66 -26.08 37.60
N LYS F 73 -11.72 -26.03 38.43
CA LYS F 73 -11.62 -26.52 39.82
C LYS F 73 -11.24 -27.98 39.85
N ASN F 74 -11.93 -28.75 39.03
CA ASN F 74 -11.89 -30.19 39.13
C ASN F 74 -10.93 -30.84 38.15
N SER F 75 -10.01 -30.05 37.59
CA SER F 75 -8.97 -30.59 36.72
C SER F 75 -7.60 -30.48 37.36
N SER F 76 -6.67 -31.32 36.91
CA SER F 76 -5.32 -31.36 37.49
C SER F 76 -4.30 -31.24 36.38
N VAL F 77 -3.12 -30.70 36.72
CA VAL F 77 -2.00 -30.72 35.75
C VAL F 77 -0.86 -31.62 36.23
N ARG F 78 -0.52 -32.65 35.45
CA ARG F 78 0.62 -33.49 35.75
C ARG F 78 1.86 -33.03 34.97
N PHE F 79 3.00 -32.96 35.62
CA PHE F 79 4.23 -32.51 34.98
C PHE F 79 5.18 -33.68 34.85
N LEU F 80 5.51 -34.04 33.63
CA LEU F 80 6.13 -35.31 33.36
C LEU F 80 7.64 -35.35 33.38
N GLY F 81 8.31 -34.28 33.77
CA GLY F 81 9.78 -34.31 33.99
C GLY F 81 10.70 -34.44 32.76
N HIS F 82 10.18 -34.19 31.56
CA HIS F 82 10.96 -34.25 30.33
C HIS F 82 10.26 -33.50 29.23
N PRO F 83 11.01 -33.03 28.21
CA PRO F 83 10.33 -32.33 27.10
C PRO F 83 9.62 -33.29 26.20
N LEU F 84 8.92 -32.78 25.22
CA LEU F 84 8.36 -33.65 24.19
C LEU F 84 9.35 -34.68 23.53
N GLN F 85 9.01 -35.99 23.46
CA GLN F 85 9.98 -36.99 22.94
C GLN F 85 9.40 -37.95 21.93
N LEU F 86 10.26 -38.53 21.10
CA LEU F 86 9.86 -39.57 20.13
C LEU F 86 10.49 -40.90 20.48
N GLY F 87 9.66 -41.95 20.57
CA GLY F 87 10.19 -43.30 20.84
C GLY F 87 10.63 -43.92 19.53
N VAL F 88 11.95 -43.98 19.32
CA VAL F 88 12.46 -44.42 18.01
C VAL F 88 12.86 -45.88 17.99
N SER F 89 12.75 -46.46 16.79
CA SER F 89 13.02 -47.88 16.58
C SER F 89 13.07 -48.15 15.09
N GLU F 90 13.81 -49.18 14.68
CA GLU F 90 13.73 -49.68 13.30
C GLU F 90 12.29 -50.14 12.93
N ASP F 91 11.54 -50.51 13.98
CA ASP F 91 10.15 -50.96 13.84
C ASP F 91 9.22 -49.86 13.33
N ILE F 93 9.56 -48.35 10.56
CA ILE F 93 9.52 -48.44 9.11
C ILE F 93 8.18 -49.08 8.67
N GLY F 94 7.43 -48.40 7.80
CA GLY F 94 6.13 -48.92 7.33
C GLY F 94 4.96 -48.56 8.22
N ARG F 95 5.24 -47.76 9.25
CA ARG F 95 4.22 -47.42 10.23
C ARG F 95 3.70 -45.99 10.03
N VAL F 96 2.45 -45.79 10.43
CA VAL F 96 1.82 -44.49 10.35
C VAL F 96 1.49 -43.96 11.75
N PHE F 97 1.98 -42.77 12.07
CA PHE F 97 1.71 -42.10 13.34
C PHE F 97 0.90 -40.83 13.12
N ASP F 98 0.38 -40.26 14.22
CA ASP F 98 -0.34 -38.99 14.15
C ASP F 98 0.62 -37.83 14.34
N GLY F 99 0.07 -36.64 14.56
CA GLY F 99 0.87 -35.44 14.75
C GLY F 99 1.69 -35.39 16.01
N LEU F 100 1.33 -36.23 16.98
CA LEU F 100 2.03 -36.26 18.26
C LEU F 100 2.87 -37.53 18.39
N GLY F 101 2.91 -38.34 17.32
CA GLY F 101 3.77 -39.52 17.20
C GLY F 101 3.18 -40.79 17.76
N ARG F 102 1.87 -40.80 17.93
CA ARG F 102 1.15 -41.96 18.40
C ARG F 102 0.71 -42.79 17.18
N PRO F 103 0.84 -44.12 17.26
CA PRO F 103 0.42 -44.98 16.16
C PRO F 103 -1.05 -44.78 15.77
N LYS F 104 -1.26 -44.71 14.46
CA LYS F 104 -2.53 -44.29 13.89
C LYS F 104 -3.05 -45.37 12.96
N ASP F 105 -2.30 -46.46 12.83
CA ASP F 105 -2.63 -47.52 11.87
C ASP F 105 -3.20 -48.78 12.52
N ASN F 106 -3.51 -48.72 13.82
CA ASN F 106 -4.04 -49.88 14.56
C ASN F 106 -3.12 -51.13 14.50
N GLY F 107 -1.84 -50.88 14.27
CA GLY F 107 -0.82 -51.91 14.41
C GLY F 107 -0.26 -51.93 15.83
N PRO F 108 0.74 -52.82 16.12
CA PRO F 108 1.32 -52.95 17.46
C PRO F 108 1.94 -51.65 17.95
N GLU F 109 1.97 -51.49 19.28
CA GLU F 109 2.69 -50.42 19.90
C GLU F 109 4.17 -50.76 19.76
N ILE F 110 4.99 -49.76 19.47
CA ILE F 110 6.42 -49.94 19.35
C ILE F 110 7.06 -50.07 20.74
N LEU F 111 7.94 -51.04 20.93
CA LEU F 111 8.81 -51.05 22.11
C LEU F 111 10.07 -50.26 21.74
N PRO F 112 10.15 -49.00 22.19
CA PRO F 112 11.16 -48.06 21.67
C PRO F 112 12.58 -48.43 22.07
N GLU F 113 13.51 -48.30 21.12
CA GLU F 113 14.93 -48.63 21.33
C GLU F 113 15.57 -47.59 22.25
N LYS F 114 15.13 -46.34 22.11
CA LYS F 114 15.43 -45.21 23.01
C LYS F 114 14.37 -44.10 22.80
N TYR F 115 14.43 -43.08 23.65
CA TYR F 115 13.63 -41.87 23.44
C TYR F 115 14.50 -40.69 23.05
N LEU F 116 14.03 -39.96 22.06
CA LEU F 116 14.72 -38.76 21.65
C LEU F 116 13.88 -37.50 21.84
N ASP F 117 14.46 -36.53 22.55
CA ASP F 117 13.99 -35.16 22.51
C ASP F 117 13.82 -34.74 21.02
N ILE F 118 12.62 -34.35 20.63
CA ILE F 118 12.33 -34.09 19.23
C ILE F 118 12.98 -32.82 18.73
N ASN F 119 13.61 -32.09 19.64
CA ASN F 119 14.36 -30.88 19.25
C ASN F 119 15.69 -31.28 18.56
N GLY F 120 16.21 -32.46 18.93
CA GLY F 120 17.42 -32.99 18.32
C GLY F 120 18.68 -32.22 18.64
N GLU F 121 19.74 -32.38 17.85
CA GLU F 121 21.01 -31.67 18.10
C GLU F 121 21.64 -31.06 16.84
N VAL F 122 22.44 -30.01 17.08
CA VAL F 122 23.24 -29.39 16.02
C VAL F 122 24.42 -30.30 15.65
N ILE F 123 24.62 -30.56 14.37
CA ILE F 123 25.84 -31.26 13.97
C ILE F 123 27.00 -30.26 13.94
N ASN F 124 28.13 -30.66 14.55
CA ASN F 124 29.38 -29.89 14.49
C ASN F 124 29.77 -29.61 13.03
N PRO F 125 29.87 -28.32 12.66
CA PRO F 125 30.31 -27.85 11.35
C PRO F 125 31.52 -28.58 10.79
N ILE F 126 32.49 -28.88 11.65
CA ILE F 126 33.70 -29.58 11.21
C ILE F 126 33.43 -31.07 10.99
N ALA F 127 32.38 -31.58 11.62
CA ALA F 127 32.04 -32.96 11.47
C ALA F 127 31.22 -33.22 10.17
N ARG F 128 30.66 -32.15 9.61
CA ARG F 128 29.83 -32.28 8.42
C ARG F 128 30.63 -32.77 7.18
N ASP F 129 30.02 -33.63 6.37
CA ASP F 129 30.58 -34.02 5.07
C ASP F 129 29.79 -33.31 4.00
N TYR F 130 30.48 -32.72 3.03
CA TYR F 130 29.80 -31.94 2.00
C TYR F 130 29.01 -32.81 1.01
N PRO F 131 27.70 -32.53 0.86
CA PRO F 131 26.85 -33.30 -0.08
C PRO F 131 27.22 -33.04 -1.54
N ASP F 132 27.48 -34.11 -2.29
CA ASP F 132 27.85 -33.97 -3.70
C ASP F 132 27.47 -35.17 -4.56
N GLU F 133 26.69 -36.09 -3.98
CA GLU F 133 26.27 -37.31 -4.66
C GLU F 133 25.02 -37.10 -5.53
N PHE F 134 25.20 -37.05 -6.86
CA PHE F 134 24.09 -36.82 -7.81
C PHE F 134 22.93 -37.82 -7.66
N ILE F 135 21.74 -37.30 -7.44
CA ILE F 135 20.53 -38.12 -7.36
C ILE F 135 19.77 -37.91 -8.66
N GLN F 136 19.59 -38.97 -9.42
CA GLN F 136 18.78 -38.88 -10.65
C GLN F 136 17.27 -38.91 -10.32
N THR F 137 16.61 -37.75 -10.44
CA THR F 137 15.17 -37.72 -10.19
C THR F 137 14.36 -38.14 -11.43
N GLY F 138 15.01 -38.10 -12.58
CA GLY F 138 14.35 -38.43 -13.85
C GLY F 138 13.59 -37.22 -14.39
N ILE F 139 13.62 -36.12 -13.65
CA ILE F 139 12.97 -34.89 -14.07
C ILE F 139 14.03 -33.93 -14.59
N SER F 140 14.00 -33.69 -15.92
CA SER F 140 14.99 -32.87 -16.63
C SER F 140 15.23 -31.49 -15.98
N ALA F 141 14.13 -30.79 -15.64
CA ALA F 141 14.18 -29.45 -15.04
C ALA F 141 14.94 -29.44 -13.75
N ILE F 142 14.99 -30.60 -13.10
CA ILE F 142 15.73 -30.75 -11.86
C ILE F 142 17.13 -31.30 -12.14
N ASP F 143 17.23 -32.48 -12.74
CA ASP F 143 18.52 -33.16 -12.96
C ASP F 143 19.61 -32.32 -13.65
N HIS F 144 19.20 -31.58 -14.67
CA HIS F 144 20.12 -30.77 -15.46
C HIS F 144 20.29 -29.36 -14.92
N LEU F 145 19.19 -28.68 -14.66
CA LEU F 145 19.24 -27.26 -14.36
C LEU F 145 19.24 -26.91 -12.86
N ASN F 146 18.60 -27.77 -12.06
CA ASN F 146 18.47 -27.52 -10.60
C ASN F 146 18.82 -28.76 -9.78
N THR F 147 20.03 -29.29 -10.05
CA THR F 147 20.46 -30.63 -9.66
C THR F 147 20.37 -30.97 -8.19
N LEU F 148 19.69 -32.09 -7.91
CA LEU F 148 19.53 -32.57 -6.54
C LEU F 148 20.65 -33.55 -6.15
N VAL F 149 21.32 -33.30 -5.01
CA VAL F 149 22.34 -34.20 -4.49
C VAL F 149 21.93 -34.81 -3.15
N ARG F 150 22.52 -35.96 -2.79
CA ARG F 150 22.20 -36.65 -1.55
C ARG F 150 22.73 -35.87 -0.33
N GLY F 151 21.83 -35.49 0.56
CA GLY F 151 22.14 -34.68 1.77
C GLY F 151 21.70 -33.22 1.64
N GLN F 152 21.17 -32.84 0.47
CA GLN F 152 20.72 -31.48 0.18
C GLN F 152 19.35 -31.19 0.81
N LYS F 153 19.07 -29.92 1.11
CA LYS F 153 17.69 -29.52 1.40
C LYS F 153 17.16 -28.64 0.27
N LEU F 154 16.28 -29.22 -0.56
CA LEU F 154 15.77 -28.56 -1.76
C LEU F 154 14.24 -28.60 -1.76
N PRO F 155 13.57 -27.49 -1.41
CA PRO F 155 12.11 -27.44 -1.26
C PRO F 155 11.35 -27.18 -2.57
N VAL F 156 10.07 -27.55 -2.58
CA VAL F 156 9.16 -27.19 -3.67
C VAL F 156 8.28 -26.01 -3.21
N PHE F 157 8.37 -24.89 -3.92
CA PHE F 157 7.49 -23.74 -3.66
C PHE F 157 6.34 -23.84 -4.63
N SER F 158 5.11 -23.82 -4.12
CA SER F 158 3.93 -23.97 -4.98
C SER F 158 2.86 -22.94 -4.63
N GLY F 159 1.62 -23.30 -4.85
CA GLY F 159 0.45 -22.46 -4.47
C GLY F 159 -0.79 -23.35 -4.38
N SER F 160 -1.87 -22.83 -3.77
CA SER F 160 -3.10 -23.58 -3.66
C SER F 160 -3.55 -24.06 -5.03
N GLY F 161 -3.88 -25.35 -5.09
CA GLY F 161 -4.46 -25.98 -6.28
C GLY F 161 -3.50 -26.32 -7.39
N LEU F 162 -2.22 -26.16 -7.06
CA LEU F 162 -1.20 -26.57 -7.95
C LEU F 162 -0.79 -28.02 -7.64
N PRO F 163 -0.25 -28.74 -8.64
CA PRO F 163 0.13 -30.11 -8.47
C PRO F 163 1.47 -30.36 -7.75
N HIS F 164 1.69 -29.74 -6.60
CA HIS F 164 2.87 -30.04 -5.82
C HIS F 164 2.83 -31.44 -5.25
N LYS F 165 1.63 -31.99 -5.01
CA LYS F 165 1.56 -33.37 -4.48
C LYS F 165 1.94 -34.44 -5.52
N GLU F 166 1.57 -34.16 -6.75
CA GLU F 166 1.98 -34.97 -7.87
C GLU F 166 3.51 -34.95 -8.04
N LEU F 167 4.12 -33.77 -7.98
CA LEU F 167 5.56 -33.63 -8.16
C LEU F 167 6.32 -34.33 -7.05
N ALA F 168 5.89 -34.10 -5.82
CA ALA F 168 6.54 -34.71 -4.67
C ALA F 168 6.51 -36.21 -4.73
N ALA F 169 5.37 -36.76 -5.08
CA ALA F 169 5.22 -38.20 -5.20
C ALA F 169 6.12 -38.78 -6.33
N GLN F 170 6.21 -38.06 -7.45
CA GLN F 170 7.04 -38.49 -8.59
C GLN F 170 8.52 -38.52 -8.21
N ILE F 171 8.98 -37.49 -7.51
CA ILE F 171 10.38 -37.40 -7.09
C ILE F 171 10.73 -38.59 -6.22
N ALA F 172 9.91 -38.82 -5.19
CA ALA F 172 10.14 -39.92 -4.25
C ALA F 172 10.11 -41.28 -4.96
N ARG F 173 9.26 -41.36 -5.98
CA ARG F 173 9.09 -42.58 -6.82
C ARG F 173 10.35 -42.86 -7.65
N GLN F 174 10.92 -41.81 -8.25
CA GLN F 174 11.94 -41.96 -9.28
C GLN F 174 13.38 -41.75 -8.82
N ALA F 175 13.56 -41.04 -7.70
CA ALA F 175 14.89 -40.66 -7.24
C ALA F 175 15.82 -41.85 -6.98
N ASP F 179 25.49 -45.72 -9.55
CA ASP F 179 26.57 -46.70 -9.43
C ASP F 179 26.40 -47.58 -8.18
N SER F 180 25.16 -47.87 -7.78
CA SER F 180 24.85 -48.45 -6.47
C SER F 180 23.37 -48.86 -6.43
N SER F 181 23.02 -49.82 -5.60
CA SER F 181 21.61 -50.21 -5.44
C SER F 181 21.03 -49.74 -4.10
N ASP F 182 21.63 -48.67 -3.57
CA ASP F 182 21.07 -47.91 -2.44
C ASP F 182 19.66 -47.43 -2.78
N ASP F 183 18.74 -47.52 -1.82
CA ASP F 183 17.42 -46.85 -1.95
C ASP F 183 17.29 -45.68 -0.94
N PHE F 184 16.10 -45.09 -0.87
CA PHE F 184 15.81 -44.06 0.12
C PHE F 184 14.72 -44.54 1.06
N ALA F 185 14.97 -44.44 2.36
CA ALA F 185 13.89 -44.58 3.33
C ALA F 185 13.26 -43.19 3.32
N VAL F 186 11.93 -43.15 3.26
CA VAL F 186 11.21 -41.87 3.11
C VAL F 186 10.46 -41.54 4.39
N VAL F 187 10.72 -40.35 4.91
CA VAL F 187 9.93 -39.86 5.99
C VAL F 187 8.98 -38.76 5.49
N PHE F 188 7.69 -38.96 5.69
CA PHE F 188 6.66 -38.09 5.19
C PHE F 188 5.85 -37.47 6.35
N ALA F 189 5.80 -36.13 6.35
CA ALA F 189 5.07 -35.41 7.39
C ALA F 189 3.87 -34.69 6.77
N ALA F 190 2.66 -35.04 7.20
CA ALA F 190 1.45 -34.27 6.84
C ALA F 190 1.19 -33.21 7.88
N ILE F 191 1.06 -31.98 7.40
CA ILE F 191 0.93 -30.87 8.31
C ILE F 191 -0.28 -30.01 7.94
N GLY F 192 -1.38 -30.25 8.67
CA GLY F 192 -2.64 -29.52 8.46
C GLY F 192 -3.33 -29.74 7.14
N ILE F 193 -2.90 -30.76 6.39
CA ILE F 193 -3.46 -31.02 5.07
C ILE F 193 -4.81 -31.68 5.18
N THR F 194 -5.57 -31.55 4.11
CA THR F 194 -6.92 -32.07 4.08
C THR F 194 -6.87 -33.59 3.93
N PHE F 195 -8.01 -34.24 4.17
CA PHE F 195 -8.12 -35.64 3.99
C PHE F 195 -7.68 -36.10 2.60
N GLU F 196 -8.22 -35.44 1.61
CA GLU F 196 -7.96 -35.83 0.24
C GLU F 196 -6.53 -35.61 -0.20
N GLU F 197 -5.87 -34.63 0.40
CA GLU F 197 -4.47 -34.39 0.09
C GLU F 197 -3.60 -35.52 0.70
N ALA F 198 -3.89 -35.86 1.96
CA ALA F 198 -3.21 -36.95 2.63
C ALA F 198 -3.46 -38.29 1.95
N GLU F 199 -4.71 -38.49 1.53
CA GLU F 199 -5.07 -39.75 0.91
C GLU F 199 -4.37 -39.97 -0.44
N PHE F 200 -4.02 -38.88 -1.11
CA PHE F 200 -3.29 -39.00 -2.35
C PHE F 200 -1.92 -39.63 -2.14
N PHE F 201 -1.26 -39.25 -1.05
CA PHE F 201 0.04 -39.83 -0.71
C PHE F 201 -0.06 -41.28 -0.27
N GLU F 203 -2.28 -43.43 -1.03
CA GLU F 203 -2.59 -44.24 -2.19
C GLU F 203 -1.40 -44.51 -3.09
N ASP F 204 -0.61 -43.47 -3.33
CA ASP F 204 0.60 -43.61 -4.13
C ASP F 204 1.62 -44.49 -3.43
N PHE F 205 1.80 -44.31 -2.11
CA PHE F 205 2.75 -45.13 -1.36
C PHE F 205 2.41 -46.61 -1.36
N ARG F 206 1.09 -46.90 -1.33
CA ARG F 206 0.59 -48.28 -1.30
C ARG F 206 0.76 -48.91 -2.67
N GLN F 207 0.49 -48.15 -3.72
CA GLN F 207 0.55 -48.67 -5.08
C GLN F 207 1.98 -48.94 -5.54
N THR F 208 2.92 -48.09 -5.19
CA THR F 208 4.32 -48.28 -5.54
C THR F 208 5.03 -49.21 -4.57
N GLY F 209 4.40 -49.46 -3.42
CA GLY F 209 4.98 -50.32 -2.37
C GLY F 209 6.01 -49.60 -1.51
N ALA F 210 6.15 -48.30 -1.77
CA ALA F 210 7.12 -47.47 -1.07
C ALA F 210 6.74 -47.33 0.40
N ILE F 211 5.46 -47.59 0.72
CA ILE F 211 4.95 -47.56 2.10
C ILE F 211 5.76 -48.42 3.04
N ASP F 212 6.38 -49.47 2.50
CA ASP F 212 7.17 -50.40 3.28
C ASP F 212 8.57 -49.82 3.53
N ARG F 213 8.88 -48.66 2.93
CA ARG F 213 10.17 -47.97 3.16
C ARG F 213 9.96 -46.64 3.88
N SER F 214 8.74 -46.41 4.34
CA SER F 214 8.30 -45.08 4.77
C SER F 214 7.89 -45.04 6.23
N VAL F 215 8.09 -43.85 6.80
CA VAL F 215 7.56 -43.54 8.12
C VAL F 215 6.74 -42.31 7.93
N PHE F 217 3.97 -39.36 9.54
CA PHE F 217 3.46 -38.62 10.69
C PHE F 217 2.33 -37.77 10.17
N ASN F 219 -0.70 -35.18 10.63
CA ASN F 219 -1.59 -34.15 11.19
C ASN F 219 -2.49 -33.58 10.11
N LEU F 220 -3.80 -33.74 10.27
CA LEU F 220 -4.76 -33.32 9.25
C LEU F 220 -5.50 -32.03 9.60
N ALA F 221 -6.25 -31.50 8.62
CA ALA F 221 -6.95 -30.22 8.77
C ALA F 221 -7.99 -30.19 9.87
N ASN F 222 -8.47 -31.35 10.27
CA ASN F 222 -9.45 -31.42 11.30
C ASN F 222 -8.81 -31.72 12.66
N ASP F 223 -7.50 -31.95 12.68
CA ASP F 223 -6.76 -32.17 13.94
C ASP F 223 -6.46 -30.81 14.60
N PRO F 224 -6.42 -30.76 15.95
CA PRO F 224 -6.00 -29.55 16.69
C PRO F 224 -4.69 -28.98 16.14
N ALA F 225 -4.67 -27.67 16.03
CA ALA F 225 -3.69 -27.00 15.21
C ALA F 225 -2.39 -26.85 15.94
N ILE F 226 -2.46 -26.72 17.26
CA ILE F 226 -1.27 -26.49 18.10
C ILE F 226 -0.32 -27.71 18.06
N GLU F 227 -0.91 -28.83 17.72
CA GLU F 227 -0.20 -30.07 17.46
C GLU F 227 0.87 -29.97 16.34
N ARG F 228 0.61 -29.11 15.37
CA ARG F 228 1.46 -29.06 14.17
C ARG F 228 2.83 -28.45 14.42
N ILE F 229 2.97 -27.82 15.59
CA ILE F 229 4.25 -27.22 15.96
C ILE F 229 5.22 -28.34 16.31
N ALA F 230 4.67 -29.49 16.72
CA ALA F 230 5.49 -30.64 17.09
C ALA F 230 5.80 -31.54 15.89
N THR F 231 4.85 -31.66 14.97
CA THR F 231 4.86 -32.69 13.95
C THR F 231 6.14 -32.77 13.10
N PRO F 232 6.61 -31.67 12.53
CA PRO F 232 7.83 -31.83 11.71
C PRO F 232 9.09 -32.10 12.54
N ARG F 233 9.10 -31.69 13.81
CA ARG F 233 10.21 -32.02 14.73
C ARG F 233 10.22 -33.53 14.97
N ALA F 235 9.03 -35.82 12.87
CA ALA F 235 9.50 -36.39 11.62
C ALA F 235 11.00 -36.36 11.42
N LEU F 236 11.60 -35.22 11.76
CA LEU F 236 13.03 -35.02 11.55
C LEU F 236 13.88 -35.81 12.56
N THR F 237 13.30 -36.03 13.73
CA THR F 237 13.93 -36.87 14.75
C THR F 237 13.95 -38.33 14.26
N ALA F 238 12.87 -38.77 13.65
CA ALA F 238 12.82 -40.08 13.04
C ALA F 238 13.86 -40.21 11.92
N ALA F 239 13.92 -39.19 11.09
CA ALA F 239 14.83 -39.20 9.97
C ALA F 239 16.31 -39.31 10.36
N GLU F 240 16.74 -38.44 11.25
CA GLU F 240 18.17 -38.38 11.65
C GLU F 240 18.55 -39.64 12.44
N TYR F 241 17.54 -40.25 13.08
CA TYR F 241 17.75 -41.50 13.76
C TYR F 241 18.10 -42.62 12.76
N LEU F 242 17.25 -42.80 11.76
CA LEU F 242 17.44 -43.84 10.74
C LEU F 242 18.72 -43.60 9.96
N ALA F 243 19.09 -42.34 9.77
CA ALA F 243 20.29 -41.97 8.99
C ALA F 243 21.58 -42.17 9.77
N TYR F 244 21.65 -41.59 10.97
CA TYR F 244 22.93 -41.52 11.70
C TYR F 244 23.13 -42.62 12.75
N GLU F 245 22.01 -43.26 13.14
CA GLU F 245 22.11 -44.34 14.09
C GLU F 245 21.83 -45.68 13.41
N LYS F 246 21.19 -45.68 12.25
CA LYS F 246 20.90 -46.94 11.56
C LYS F 246 21.46 -46.97 10.12
N GLY F 247 22.36 -46.03 9.82
CA GLY F 247 23.11 -45.98 8.58
C GLY F 247 22.31 -45.97 7.30
N HIS F 249 19.92 -44.08 4.08
CA HIS F 249 19.77 -42.85 3.30
C HIS F 249 18.33 -42.42 3.37
N VAL F 250 18.08 -41.28 4.00
CA VAL F 250 16.70 -40.85 4.25
C VAL F 250 16.27 -39.64 3.40
N LEU F 251 15.10 -39.73 2.75
CA LEU F 251 14.49 -38.59 2.03
C LEU F 251 13.31 -38.08 2.81
N VAL F 252 13.37 -36.83 3.24
CA VAL F 252 12.27 -36.26 4.00
C VAL F 252 11.37 -35.33 3.18
N ILE F 253 10.09 -35.65 3.06
CA ILE F 253 9.12 -34.82 2.37
C ILE F 253 8.04 -34.32 3.34
N THR F 255 4.71 -31.61 3.76
CA THR F 255 3.70 -30.67 3.28
C THR F 255 2.52 -30.59 4.31
N ASP F 256 1.96 -29.40 4.54
CA ASP F 256 2.35 -28.15 3.93
C ASP F 256 3.02 -27.29 4.98
N THR F 258 3.52 -24.28 5.17
CA THR F 258 2.78 -23.06 5.45
C THR F 258 1.84 -23.22 6.66
N ASN F 259 1.25 -24.41 6.77
CA ASN F 259 0.36 -24.70 7.91
C ASN F 259 1.07 -24.77 9.23
N TYR F 260 2.36 -25.12 9.18
CA TYR F 260 3.23 -25.12 10.36
C TYR F 260 3.38 -23.69 10.83
N ALA F 261 3.68 -22.79 9.91
CA ALA F 261 3.95 -21.43 10.26
C ALA F 261 2.70 -20.77 10.81
N GLU F 262 1.54 -21.16 10.28
CA GLU F 262 0.27 -20.60 10.75
C GLU F 262 -0.01 -20.97 12.19
N ALA F 263 0.37 -22.19 12.55
CA ALA F 263 0.19 -22.65 13.91
C ALA F 263 1.09 -21.87 14.86
N LEU F 264 2.33 -21.62 14.41
CA LEU F 264 3.29 -20.86 15.19
C LEU F 264 2.68 -19.47 15.48
N ARG F 265 2.06 -18.87 14.46
CA ARG F 265 1.43 -17.54 14.58
C ARG F 265 0.25 -17.57 15.58
N GLU F 266 -0.52 -18.66 15.59
CA GLU F 266 -1.64 -18.82 16.53
C GLU F 266 -1.17 -18.77 17.97
N ILE F 267 -0.09 -19.49 18.24
CA ILE F 267 0.46 -19.48 19.60
C ILE F 267 1.07 -18.13 19.89
N SER F 268 1.78 -17.55 18.93
CA SER F 268 2.42 -16.29 19.10
C SER F 268 1.35 -15.21 19.39
N ALA F 269 0.20 -15.28 18.74
CA ALA F 269 -0.93 -14.35 18.97
C ALA F 269 -1.54 -14.55 20.35
N ALA F 270 -1.69 -15.83 20.73
CA ALA F 270 -2.23 -16.21 22.05
C ALA F 270 -1.39 -15.64 23.20
N ARG F 271 -0.08 -15.65 22.96
CA ARG F 271 0.89 -15.25 23.94
C ARG F 271 1.05 -13.73 23.93
N ARG F 272 0.38 -13.04 23.02
CA ARG F 272 0.51 -11.59 22.93
C ARG F 272 1.98 -11.19 22.72
N GLU F 273 2.68 -11.93 21.86
CA GLU F 273 4.05 -11.57 21.55
C GLU F 273 4.13 -10.30 20.75
N VAL F 274 5.27 -9.62 20.84
CA VAL F 274 5.65 -8.54 19.92
C VAL F 274 5.80 -9.10 18.52
N PRO F 275 4.97 -8.68 17.61
CA PRO F 275 4.85 -9.37 16.29
C PRO F 275 5.98 -9.04 15.32
N GLY F 276 6.20 -9.87 14.31
CA GLY F 276 7.19 -9.59 13.24
C GLY F 276 6.43 -9.24 11.98
N ARG F 277 6.89 -9.65 10.80
CA ARG F 277 6.14 -9.33 9.54
C ARG F 277 4.81 -10.09 9.47
N ARG F 278 3.74 -9.41 9.11
CA ARG F 278 2.45 -10.08 8.85
C ARG F 278 1.84 -10.75 10.11
N GLY F 279 2.38 -10.40 11.27
CA GLY F 279 1.92 -10.96 12.53
C GLY F 279 2.56 -12.33 12.82
N TYR F 280 3.47 -12.75 11.94
CA TYR F 280 4.37 -13.90 12.21
C TYR F 280 5.37 -13.51 13.26
N PRO F 281 5.70 -14.40 14.17
CA PRO F 281 6.64 -14.06 15.23
C PRO F 281 8.04 -13.66 14.70
N GLY F 282 8.78 -12.90 15.50
CA GLY F 282 10.07 -12.39 15.10
C GLY F 282 11.08 -13.53 14.94
N TYR F 283 10.78 -14.71 15.51
CA TYR F 283 11.71 -15.82 15.48
C TYR F 283 11.48 -16.78 14.34
N LEU F 284 10.82 -16.32 13.29
CA LEU F 284 10.41 -17.25 12.25
C LEU F 284 11.55 -17.89 11.50
N TYR F 285 12.56 -17.08 11.21
CA TYR F 285 13.71 -17.63 10.49
C TYR F 285 14.45 -18.70 11.28
N THR F 286 14.75 -18.37 12.53
CA THR F 286 15.38 -19.28 13.45
C THR F 286 14.56 -20.56 13.58
N ASN F 287 13.26 -20.43 13.79
CA ASN F 287 12.37 -21.54 13.97
C ASN F 287 12.40 -22.48 12.75
N LEU F 288 12.33 -21.91 11.54
CA LEU F 288 12.37 -22.71 10.34
C LEU F 288 13.73 -23.36 10.12
N ALA F 289 14.77 -22.66 10.53
CA ALA F 289 16.13 -23.18 10.39
C ALA F 289 16.36 -24.39 11.25
N THR F 290 15.70 -24.42 12.41
CA THR F 290 15.87 -25.54 13.33
C THR F 290 15.34 -26.82 12.71
N LEU F 291 14.51 -26.67 11.67
CA LEU F 291 13.98 -27.84 10.95
C LEU F 291 14.85 -28.18 9.74
N PHE F 292 15.02 -27.21 8.86
CA PHE F 292 15.73 -27.42 7.59
C PHE F 292 17.24 -27.76 7.68
N GLU F 293 17.88 -27.31 8.74
CA GLU F 293 19.29 -27.58 8.91
C GLU F 293 19.51 -29.00 9.44
N ARG F 294 18.40 -29.69 9.73
CA ARG F 294 18.45 -31.10 10.07
C ARG F 294 18.54 -31.94 8.78
N ALA F 295 19.65 -31.82 8.06
CA ALA F 295 19.87 -32.50 6.78
C ALA F 295 21.33 -32.41 6.37
N GLY F 296 21.81 -33.40 5.63
CA GLY F 296 23.22 -33.47 5.22
C GLY F 296 23.91 -34.79 5.52
N ARG F 297 25.24 -34.76 5.67
CA ARG F 297 26.06 -35.95 5.91
C ARG F 297 27.10 -35.68 6.97
N ILE F 298 27.61 -36.72 7.62
CA ILE F 298 28.58 -36.59 8.69
C ILE F 298 29.82 -37.40 8.31
N ARG F 299 31.01 -36.82 8.47
CA ARG F 299 32.31 -37.46 8.13
C ARG F 299 32.43 -38.79 8.84
N GLY F 300 32.57 -39.86 8.07
CA GLY F 300 32.74 -41.21 8.62
C GLY F 300 31.45 -42.01 8.84
N LEU F 301 30.30 -41.39 8.61
CA LEU F 301 29.02 -42.08 8.76
C LEU F 301 28.30 -42.36 7.45
N LYS F 302 27.72 -43.56 7.35
CA LYS F 302 27.23 -44.09 6.07
C LYS F 302 25.92 -43.47 5.60
N GLY F 303 25.12 -42.98 6.55
CA GLY F 303 23.79 -42.47 6.25
C GLY F 303 23.75 -41.03 5.75
N SER F 304 22.54 -40.55 5.47
CA SER F 304 22.35 -39.18 5.03
C SER F 304 20.89 -38.75 5.23
N VAL F 305 20.68 -37.44 5.34
CA VAL F 305 19.32 -36.86 5.35
C VAL F 305 19.11 -35.85 4.23
N THR F 306 18.22 -36.15 3.29
CA THR F 306 17.90 -35.25 2.18
C THR F 306 16.47 -34.70 2.40
N GLN F 307 16.32 -33.37 2.37
CA GLN F 307 15.00 -32.74 2.61
C GLN F 307 14.33 -32.11 1.41
N ILE F 308 13.06 -32.41 1.20
CA ILE F 308 12.27 -31.74 0.20
C ILE F 308 11.02 -31.17 0.87
N PRO F 309 11.15 -30.02 1.55
CA PRO F 309 9.95 -29.38 2.14
C PRO F 309 9.04 -28.88 1.03
N ILE F 310 7.73 -28.90 1.26
CA ILE F 310 6.77 -28.32 0.32
C ILE F 310 5.92 -27.29 1.06
N LEU F 311 5.80 -26.14 0.41
CA LEU F 311 5.01 -25.06 0.94
C LEU F 311 4.24 -24.43 -0.20
N THR F 312 3.05 -23.96 0.13
CA THR F 312 2.31 -23.13 -0.79
C THR F 312 2.60 -21.70 -0.44
N PRO F 314 1.55 -18.16 0.00
CA PRO F 314 0.25 -17.52 0.20
C PRO F 314 0.09 -16.39 -0.77
N GLU F 315 -1.09 -16.35 -1.39
CA GLU F 315 -1.43 -15.35 -2.41
C GLU F 315 -0.42 -15.42 -3.58
N ASP F 316 0.19 -16.60 -3.76
CA ASP F 316 1.17 -16.84 -4.79
C ASP F 316 2.34 -15.86 -4.68
N ASP F 317 2.60 -15.34 -3.49
CA ASP F 317 3.57 -14.24 -3.28
C ASP F 317 4.89 -14.76 -2.75
N LYS F 318 5.93 -14.66 -3.58
CA LYS F 318 7.24 -15.19 -3.19
C LYS F 318 7.88 -14.36 -2.07
N THR F 319 7.40 -13.13 -1.89
CA THR F 319 7.94 -12.23 -0.84
C THR F 319 7.26 -12.44 0.48
N HIS F 320 6.29 -13.36 0.54
CA HIS F 320 5.62 -13.68 1.79
C HIS F 320 6.66 -14.22 2.71
N PRO F 321 6.58 -13.91 4.00
CA PRO F 321 7.54 -14.40 4.96
C PRO F 321 7.84 -15.91 4.85
N ILE F 322 6.83 -16.72 4.53
CA ILE F 322 7.01 -18.17 4.48
C ILE F 322 7.94 -18.63 3.37
N PRO F 323 7.64 -18.34 2.10
CA PRO F 323 8.64 -18.68 1.09
C PRO F 323 9.96 -17.89 1.16
N ASP F 324 9.89 -16.62 1.56
CA ASP F 324 11.08 -15.79 1.55
C ASP F 324 12.09 -16.27 2.53
N LEU F 325 11.67 -16.49 3.76
CA LEU F 325 12.57 -16.97 4.78
C LEU F 325 13.04 -18.41 4.55
N THR F 326 12.15 -19.23 4.05
CA THR F 326 12.52 -20.58 3.67
C THR F 326 13.67 -20.57 2.64
N GLY F 327 13.54 -19.69 1.67
CA GLY F 327 14.52 -19.56 0.62
C GLY F 327 15.87 -19.11 1.09
N TYR F 328 15.90 -18.33 2.18
CA TYR F 328 17.13 -17.89 2.77
C TYR F 328 17.85 -19.01 3.50
N ILE F 329 17.14 -20.08 3.78
CA ILE F 329 17.72 -21.15 4.55
C ILE F 329 18.12 -22.31 3.65
N THR F 330 17.15 -22.77 2.84
CA THR F 330 17.36 -23.94 2.02
C THR F 330 18.43 -23.72 0.94
N GLU F 331 18.81 -24.82 0.28
CA GLU F 331 19.88 -24.81 -0.70
C GLU F 331 19.30 -24.75 -2.13
N GLY F 332 18.49 -23.71 -2.36
CA GLY F 332 17.78 -23.51 -3.62
C GLY F 332 16.30 -23.73 -3.43
N GLN F 333 15.54 -23.78 -4.53
CA GLN F 333 14.10 -24.06 -4.48
C GLN F 333 13.59 -24.44 -5.87
N ILE F 334 12.57 -25.28 -5.90
CA ILE F 334 11.88 -25.61 -7.14
C ILE F 334 10.50 -24.95 -7.12
N ILE F 335 10.28 -24.00 -8.03
CA ILE F 335 9.03 -23.23 -8.06
C ILE F 335 8.05 -23.69 -9.15
N LEU F 336 6.83 -24.02 -8.74
CA LEU F 336 5.74 -24.32 -9.67
C LEU F 336 4.89 -23.06 -9.89
N THR F 337 4.46 -22.77 -11.12
CA THR F 337 3.66 -21.54 -11.34
C THR F 337 2.31 -21.85 -11.91
N ARG F 338 1.34 -20.99 -11.64
CA ARG F 338 -0.01 -21.18 -12.13
C ARG F 338 -0.08 -20.97 -13.66
N GLU F 339 0.81 -20.14 -14.20
CA GLU F 339 0.94 -19.92 -15.66
C GLU F 339 1.29 -21.18 -16.42
N LEU F 340 2.30 -21.89 -15.94
CA LEU F 340 2.74 -23.14 -16.57
C LEU F 340 1.73 -24.24 -16.34
N TYR F 341 1.12 -24.25 -15.17
CA TYR F 341 0.08 -25.20 -14.85
C TYR F 341 -1.13 -25.04 -15.75
N LYS F 342 -1.54 -23.81 -16.01
CA LYS F 342 -2.73 -23.56 -16.87
C LYS F 342 -2.46 -23.94 -18.34
N SER F 343 -1.18 -23.94 -18.73
CA SER F 343 -0.78 -24.33 -20.07
C SER F 343 -0.64 -25.83 -20.21
N GLY F 344 -0.87 -26.57 -19.12
CA GLY F 344 -0.81 -28.03 -19.08
C GLY F 344 0.60 -28.60 -18.97
N ILE F 345 1.55 -27.76 -18.58
CA ILE F 345 2.93 -28.19 -18.38
C ILE F 345 3.06 -29.09 -17.12
N GLN F 346 3.69 -30.25 -17.30
CA GLN F 346 3.82 -31.23 -16.21
C GLN F 346 5.23 -31.78 -16.12
N PRO F 347 5.96 -31.44 -15.04
CA PRO F 347 5.54 -30.58 -13.95
C PRO F 347 5.64 -29.11 -14.31
N PRO F 348 4.79 -28.27 -13.69
CA PRO F 348 4.78 -26.87 -14.07
C PRO F 348 5.92 -26.10 -13.43
N ILE F 349 7.16 -26.56 -13.64
CA ILE F 349 8.32 -25.94 -13.05
C ILE F 349 8.80 -24.72 -13.84
N ASP F 350 8.88 -23.57 -13.17
CA ASP F 350 9.50 -22.37 -13.76
C ASP F 350 10.96 -22.38 -13.36
N VAL F 351 11.80 -22.73 -14.32
CA VAL F 351 13.23 -22.92 -14.08
C VAL F 351 13.98 -21.62 -13.86
N LEU F 352 13.42 -20.51 -14.34
CA LEU F 352 14.09 -19.22 -14.23
C LEU F 352 14.22 -18.74 -12.75
N PRO F 353 13.11 -18.77 -11.96
CA PRO F 353 13.30 -18.42 -10.54
C PRO F 353 13.67 -19.62 -9.67
N SER F 354 13.79 -20.81 -10.25
CA SER F 354 14.25 -21.99 -9.51
C SER F 354 15.76 -21.99 -9.37
N LEU F 355 16.27 -22.77 -8.40
CA LEU F 355 17.71 -22.79 -8.08
C LEU F 355 18.12 -24.07 -7.36
N SER F 356 19.36 -24.51 -7.57
CA SER F 356 20.01 -25.50 -6.71
C SER F 356 21.42 -25.02 -6.35
N ARG F 357 21.71 -24.96 -5.05
CA ARG F 357 22.98 -24.41 -4.58
C ARG F 357 24.12 -25.44 -4.53
N LEU F 358 23.79 -26.71 -4.67
CA LEU F 358 24.79 -27.78 -4.56
C LEU F 358 24.90 -28.56 -5.89
N LYS F 359 24.62 -27.91 -7.02
CA LYS F 359 24.69 -28.57 -8.32
C LYS F 359 26.09 -28.66 -8.89
N ASP F 360 26.95 -27.70 -8.53
CA ASP F 360 28.29 -27.57 -9.12
C ASP F 360 29.20 -28.78 -8.84
N LYS F 361 29.26 -29.17 -7.58
CA LYS F 361 30.09 -30.27 -7.11
C LYS F 361 29.42 -31.63 -7.30
N GLY F 362 28.18 -31.67 -7.75
CA GLY F 362 27.50 -32.94 -7.98
C GLY F 362 27.46 -33.35 -9.45
N THR F 363 28.05 -32.53 -10.32
CA THR F 363 27.88 -32.70 -11.78
C THR F 363 29.20 -32.62 -12.54
N GLY F 364 29.17 -32.94 -13.83
CA GLY F 364 30.35 -32.94 -14.69
C GLY F 364 30.88 -34.32 -14.99
N ALA F 365 32.10 -34.40 -15.52
CA ALA F 365 32.68 -35.66 -15.96
C ALA F 365 32.84 -36.64 -14.83
N GLY F 366 32.33 -37.86 -14.99
CA GLY F 366 32.43 -38.90 -13.97
C GLY F 366 31.47 -38.71 -12.82
N LYS F 367 30.54 -37.78 -12.99
CA LYS F 367 29.43 -37.60 -12.07
C LYS F 367 28.12 -37.63 -12.87
N THR F 368 27.99 -36.71 -13.83
CA THR F 368 26.95 -36.82 -14.85
C THR F 368 27.61 -36.99 -16.23
N ARG F 369 27.83 -35.88 -16.94
CA ARG F 369 28.64 -35.89 -18.17
C ARG F 369 29.32 -34.54 -18.29
N GLU F 370 30.39 -34.49 -19.08
CA GLU F 370 31.24 -33.31 -19.16
C GLU F 370 30.51 -32.06 -19.67
N ASP F 371 29.42 -32.26 -20.40
CA ASP F 371 28.69 -31.18 -21.04
C ASP F 371 27.62 -30.54 -20.13
N HIS F 372 27.46 -31.09 -18.93
CA HIS F 372 26.41 -30.68 -18.00
C HIS F 372 26.33 -29.20 -17.69
N ALA F 373 27.42 -28.64 -17.15
CA ALA F 373 27.43 -27.25 -16.67
C ALA F 373 27.27 -26.24 -17.82
N ALA F 374 27.98 -26.49 -18.92
CA ALA F 374 27.96 -25.58 -20.06
C ALA F 374 26.58 -25.48 -20.69
N THR F 375 25.97 -26.64 -20.93
CA THR F 375 24.64 -26.69 -21.54
C THR F 375 23.55 -26.11 -20.63
N ASN F 377 23.97 -23.63 -18.45
CA ASN F 377 24.06 -22.18 -18.51
C ASN F 377 23.55 -21.61 -19.85
N GLN F 378 23.88 -22.28 -20.96
CA GLN F 378 23.43 -21.85 -22.27
C GLN F 378 21.92 -21.98 -22.43
N LEU F 379 21.34 -23.06 -21.85
CA LEU F 379 19.88 -23.27 -21.87
C LEU F 379 19.13 -22.22 -21.08
N PHE F 380 19.63 -21.90 -19.90
CA PHE F 380 19.05 -20.86 -19.06
C PHE F 380 19.07 -19.52 -19.78
N ALA F 381 20.22 -19.17 -20.36
CA ALA F 381 20.35 -17.88 -21.06
C ALA F 381 19.44 -17.83 -22.31
N ALA F 382 19.36 -18.94 -23.05
CA ALA F 382 18.54 -19.01 -24.27
C ALA F 382 17.06 -18.92 -23.90
N TYR F 383 16.68 -19.56 -22.80
CA TYR F 383 15.28 -19.60 -22.40
C TYR F 383 14.80 -18.27 -21.87
N ALA F 384 15.64 -17.59 -21.12
CA ALA F 384 15.32 -16.26 -20.59
C ALA F 384 15.16 -15.25 -21.72
N GLN F 385 15.99 -15.37 -22.76
CA GLN F 385 15.91 -14.48 -23.91
C GLN F 385 14.71 -14.86 -24.78
N GLY F 386 14.45 -16.15 -24.93
CA GLY F 386 13.28 -16.60 -25.69
C GLY F 386 11.94 -16.30 -25.03
N LYS F 387 11.91 -16.40 -23.71
CA LYS F 387 10.71 -16.09 -22.95
C LYS F 387 10.43 -14.60 -23.06
N GLN F 388 11.50 -13.80 -23.07
CA GLN F 388 11.40 -12.36 -23.25
C GLN F 388 10.84 -12.02 -24.63
N ALA F 389 11.29 -12.72 -25.66
CA ALA F 389 10.83 -12.47 -27.02
C ALA F 389 9.37 -12.90 -27.25
N LYS F 390 8.95 -14.02 -26.67
CA LYS F 390 7.53 -14.42 -26.70
C LYS F 390 6.63 -13.30 -26.12
N GLU F 391 6.99 -12.81 -24.93
CA GLU F 391 6.27 -11.72 -24.25
C GLU F 391 6.25 -10.46 -25.11
N LEU F 392 7.28 -10.24 -25.92
CA LEU F 392 7.32 -9.10 -26.83
C LEU F 392 6.40 -9.33 -28.02
N ALA F 393 6.41 -10.54 -28.56
CA ALA F 393 5.56 -10.87 -29.72
C ALA F 393 4.05 -10.86 -29.39
N VAL F 394 3.72 -11.15 -28.14
CA VAL F 394 2.32 -11.15 -27.70
C VAL F 394 1.76 -9.73 -27.55
N VAL F 395 2.66 -8.75 -27.48
CA VAL F 395 2.28 -7.37 -27.24
C VAL F 395 2.54 -6.46 -28.44
N LEU F 396 3.64 -6.71 -29.15
CA LEU F 396 3.99 -5.88 -30.32
C LEU F 396 3.76 -6.58 -31.66
N GLY F 397 3.45 -7.88 -31.63
CA GLY F 397 3.26 -8.66 -32.87
C GLY F 397 4.41 -9.58 -33.26
N GLU F 398 4.07 -10.63 -34.01
CA GLU F 398 5.00 -11.69 -34.36
C GLU F 398 6.21 -11.17 -35.14
N SER F 399 5.96 -10.19 -36.01
CA SER F 399 7.02 -9.64 -36.86
C SER F 399 7.61 -8.37 -36.25
N SER F 402 13.02 -9.04 -34.06
CA SER F 402 14.10 -9.19 -35.05
C SER F 402 14.16 -10.64 -35.52
N ASP F 403 14.91 -10.89 -36.60
CA ASP F 403 15.00 -12.24 -37.15
C ASP F 403 15.56 -13.26 -36.13
N ILE F 404 16.52 -12.84 -35.31
CA ILE F 404 17.15 -13.74 -34.33
C ILE F 404 16.27 -13.96 -33.08
N ASP F 405 15.62 -12.88 -32.64
CA ASP F 405 14.71 -12.97 -31.50
C ASP F 405 13.51 -13.89 -31.81
N LYS F 406 13.15 -13.96 -33.09
CA LYS F 406 12.08 -14.85 -33.56
C LYS F 406 12.50 -16.31 -33.42
N ILE F 407 13.79 -16.58 -33.53
CA ILE F 407 14.34 -17.92 -33.32
C ILE F 407 14.25 -18.28 -31.85
N TYR F 408 14.60 -17.33 -31.00
CA TYR F 408 14.56 -17.52 -29.54
C TYR F 408 13.16 -17.74 -29.03
N ALA F 409 12.21 -17.03 -29.64
CA ALA F 409 10.80 -17.18 -29.28
C ALA F 409 10.31 -18.61 -29.53
N LYS F 410 10.79 -19.22 -30.61
CA LYS F 410 10.42 -20.59 -30.96
C LYS F 410 11.15 -21.57 -30.04
N PHE F 411 12.37 -21.22 -29.63
CA PHE F 411 13.14 -22.03 -28.70
C PHE F 411 12.41 -22.20 -27.37
N ALA F 412 11.95 -21.06 -26.84
CA ALA F 412 11.30 -21.02 -25.53
C ALA F 412 10.04 -21.83 -25.54
N GLU F 413 9.44 -21.93 -26.71
CA GLU F 413 8.20 -22.67 -26.89
C GLU F 413 8.48 -24.16 -26.85
N ARG F 414 9.51 -24.57 -27.61
CA ARG F 414 9.89 -25.97 -27.66
C ARG F 414 10.42 -26.41 -26.30
N PHE F 415 11.13 -25.49 -25.65
CA PHE F 415 11.70 -25.76 -24.34
C PHE F 415 10.62 -26.09 -23.28
N GLU F 416 9.57 -25.27 -23.24
CA GLU F 416 8.47 -25.47 -22.28
C GLU F 416 7.69 -26.73 -22.59
N ASN F 417 7.43 -26.94 -23.88
CA ASN F 417 6.52 -27.99 -24.33
C ASN F 417 7.11 -29.37 -24.42
N GLU F 418 8.41 -29.44 -24.68
CA GLU F 418 9.06 -30.72 -24.92
C GLU F 418 10.10 -31.10 -23.86
N TYR F 419 10.73 -30.08 -23.27
CA TYR F 419 11.81 -30.31 -22.28
C TYR F 419 11.29 -30.31 -20.85
N VAL F 420 10.72 -29.18 -20.44
CA VAL F 420 10.14 -29.08 -19.10
C VAL F 420 8.92 -30.00 -18.94
N ASN F 421 7.97 -29.88 -19.86
CA ASN F 421 6.75 -30.72 -19.87
C ASN F 421 7.08 -32.13 -20.35
N GLN F 422 7.08 -33.07 -19.42
CA GLN F 422 7.43 -34.45 -19.71
C GLN F 422 6.38 -35.44 -19.18
N GLY F 423 5.54 -35.01 -18.23
CA GLY F 423 4.58 -35.93 -17.61
C GLY F 423 5.02 -36.40 -16.23
N PHE F 424 4.08 -36.64 -15.33
CA PHE F 424 4.44 -37.00 -13.92
C PHE F 424 4.87 -38.45 -13.73
N TYR F 425 4.84 -39.21 -14.81
CA TYR F 425 5.25 -40.61 -14.76
C TYR F 425 6.38 -40.90 -15.74
N THR F 426 7.06 -39.84 -16.22
CA THR F 426 8.19 -39.96 -17.16
C THR F 426 9.55 -39.82 -16.44
N ASN F 427 10.37 -40.87 -16.54
CA ASN F 427 11.64 -40.96 -15.82
C ASN F 427 12.81 -40.98 -16.79
N ARG F 428 13.44 -39.82 -17.00
CA ARG F 428 14.49 -39.66 -18.01
C ARG F 428 15.87 -39.84 -17.40
N THR F 429 16.73 -40.54 -18.15
CA THR F 429 18.11 -40.68 -17.73
C THR F 429 18.77 -39.32 -17.94
N ILE F 430 19.86 -39.07 -17.21
CA ILE F 430 20.63 -37.83 -17.35
C ILE F 430 21.14 -37.64 -18.79
N THR F 431 21.55 -38.74 -19.42
CA THR F 431 22.06 -38.75 -20.80
C THR F 431 20.96 -38.27 -21.76
N GLU F 432 19.77 -38.85 -21.62
CA GLU F 432 18.61 -38.49 -22.42
C GLU F 432 18.28 -37.00 -22.25
N THR F 433 18.38 -36.51 -21.01
CA THR F 433 18.09 -35.12 -20.69
C THR F 433 19.11 -34.18 -21.36
N LEU F 434 20.40 -34.48 -21.20
CA LEU F 434 21.46 -33.65 -21.78
C LEU F 434 21.46 -33.66 -23.32
N ASP F 435 21.22 -34.83 -23.91
CA ASP F 435 21.13 -34.95 -25.37
C ASP F 435 19.95 -34.15 -25.92
N LEU F 436 18.82 -34.18 -25.22
CA LEU F 436 17.64 -33.41 -25.63
C LEU F 436 17.94 -31.91 -25.55
N GLY F 437 18.71 -31.51 -24.54
CA GLY F 437 19.12 -30.10 -24.38
C GLY F 437 19.91 -29.61 -25.57
N TRP F 438 20.81 -30.47 -26.07
CA TRP F 438 21.59 -30.17 -27.27
C TRP F 438 20.76 -30.04 -28.53
N GLU F 439 19.67 -30.80 -28.62
CA GLU F 439 18.76 -30.72 -29.78
C GLU F 439 18.06 -29.37 -29.83
N LEU F 440 17.86 -28.78 -28.66
CA LEU F 440 17.22 -27.49 -28.55
C LEU F 440 18.23 -26.36 -28.82
N LEU F 441 19.47 -26.54 -28.36
CA LEU F 441 20.54 -25.56 -28.62
C LEU F 441 20.88 -25.51 -30.11
N ALA F 442 20.62 -26.61 -30.82
CA ALA F 442 20.86 -26.72 -32.26
C ALA F 442 19.91 -25.84 -33.05
N LEU F 444 19.62 -22.71 -32.36
CA LEU F 444 20.28 -21.42 -32.37
C LEU F 444 21.52 -21.42 -33.26
N PRO F 445 21.85 -20.25 -33.86
CA PRO F 445 23.13 -20.08 -34.53
C PRO F 445 24.29 -20.33 -33.56
N ARG F 446 25.33 -21.01 -34.07
CA ARG F 446 26.53 -21.31 -33.33
C ARG F 446 27.16 -20.05 -32.73
N THR F 447 27.01 -18.92 -33.43
CA THR F 447 27.55 -17.62 -33.00
C THR F 447 26.91 -17.11 -31.71
N GLU F 448 25.71 -17.61 -31.45
CA GLU F 448 24.93 -17.16 -30.30
C GLU F 448 25.26 -17.99 -29.04
N LEU F 449 25.97 -19.09 -29.23
CA LEU F 449 26.29 -20.00 -28.12
C LEU F 449 27.59 -19.58 -27.41
N LYS F 450 27.52 -18.44 -26.73
CA LYS F 450 28.72 -17.83 -26.18
C LYS F 450 29.06 -18.32 -24.77
N ARG F 451 28.14 -19.05 -24.13
CA ARG F 451 28.40 -19.62 -22.81
C ARG F 451 29.18 -20.94 -22.89
N ILE F 452 29.32 -21.47 -24.11
CA ILE F 452 29.99 -22.75 -24.36
C ILE F 452 31.28 -22.56 -25.16
N LYS F 453 32.37 -23.11 -24.65
CA LYS F 453 33.69 -22.99 -25.29
C LYS F 453 33.77 -23.91 -26.54
N ASP F 454 34.78 -23.66 -27.36
CA ASP F 454 34.96 -24.31 -28.66
C ASP F 454 35.01 -25.84 -28.59
N ASP F 455 35.68 -26.37 -27.57
CA ASP F 455 35.90 -27.82 -27.43
C ASP F 455 34.59 -28.59 -27.28
N LEU F 456 33.65 -28.02 -26.53
CA LEU F 456 32.36 -28.67 -26.31
C LEU F 456 31.46 -28.54 -27.55
N LEU F 457 31.50 -27.36 -28.19
CA LEU F 457 30.72 -27.09 -29.41
C LEU F 457 31.10 -28.05 -30.54
N ASP F 458 32.41 -28.17 -30.78
CA ASP F 458 32.93 -29.05 -31.85
C ASP F 458 32.55 -30.51 -31.61
N LYS F 459 32.44 -30.89 -30.34
CA LYS F 459 32.22 -32.28 -29.96
C LYS F 459 30.75 -32.69 -29.97
N TYR F 460 29.86 -31.78 -29.53
CA TYR F 460 28.45 -32.13 -29.33
C TYR F 460 27.54 -31.38 -30.30
N ASN G 13 7.72 -6.45 -2.85
CA ASN G 13 7.09 -5.92 -4.09
C ASN G 13 6.50 -4.50 -3.86
N PRO G 14 5.57 -4.36 -2.90
CA PRO G 14 5.01 -3.02 -2.76
C PRO G 14 5.86 -2.15 -1.85
N THR G 15 6.98 -1.69 -2.40
CA THR G 15 7.84 -0.78 -1.67
C THR G 15 7.63 0.63 -2.21
N ARG G 16 8.11 1.59 -1.43
CA ARG G 16 7.96 3.00 -1.77
C ARG G 16 8.89 3.38 -2.94
N GLU G 18 9.53 1.28 -5.48
CA GLU G 18 8.77 0.81 -6.64
C GLU G 18 7.70 1.82 -6.98
N LEU G 19 7.05 2.39 -5.96
CA LEU G 19 5.95 3.32 -6.15
C LEU G 19 6.39 4.56 -6.93
N THR G 20 7.44 5.19 -6.44
CA THR G 20 8.01 6.36 -7.10
C THR G 20 8.51 6.06 -8.54
N ARG G 21 9.08 4.87 -8.75
CA ARG G 21 9.60 4.45 -10.07
C ARG G 21 8.47 4.18 -11.05
N LEU G 22 7.42 3.50 -10.57
CA LEU G 22 6.29 3.19 -11.42
C LEU G 22 5.52 4.43 -11.75
N LYS G 23 5.48 5.38 -10.81
CA LYS G 23 4.84 6.67 -11.06
C LYS G 23 5.59 7.41 -12.18
N LYS G 24 6.91 7.24 -12.22
CA LYS G 24 7.75 7.81 -13.30
C LYS G 24 7.51 7.14 -14.66
N GLN G 25 7.39 5.83 -14.65
CA GLN G 25 7.14 5.09 -15.88
C GLN G 25 5.78 5.43 -16.45
N LEU G 26 4.80 5.68 -15.58
CA LEU G 26 3.46 6.07 -16.02
C LEU G 26 3.47 7.42 -16.74
N THR G 27 4.20 8.39 -16.17
CA THR G 27 4.31 9.73 -16.80
C THR G 27 4.96 9.63 -18.19
N THR G 28 6.05 8.86 -18.26
CA THR G 28 6.77 8.60 -19.50
C THR G 28 5.87 7.91 -20.51
N ALA G 29 5.20 6.84 -20.08
CA ALA G 29 4.35 6.08 -20.97
C ALA G 29 3.19 6.89 -21.50
N THR G 30 2.67 7.75 -20.65
CA THR G 30 1.60 8.67 -21.04
C THR G 30 2.04 9.67 -22.15
N ARG G 31 3.26 10.21 -21.99
CA ARG G 31 3.85 11.12 -22.98
C ARG G 31 4.16 10.41 -24.29
N GLY G 32 4.72 9.19 -24.18
CA GLY G 32 4.99 8.36 -25.36
C GLY G 32 3.75 8.03 -26.15
N HIS G 33 2.65 7.80 -25.43
CA HIS G 33 1.35 7.58 -26.04
C HIS G 33 0.89 8.76 -26.87
N LYS G 34 1.11 9.96 -26.34
CA LYS G 34 0.67 11.19 -27.02
C LYS G 34 1.52 11.45 -28.25
N LEU G 35 2.81 11.20 -28.12
CA LEU G 35 3.73 11.39 -29.20
C LEU G 35 3.47 10.43 -30.37
N LEU G 36 3.23 9.16 -30.04
CA LEU G 36 3.01 8.18 -31.08
C LEU G 36 1.67 8.41 -31.78
N LYS G 37 0.67 8.86 -31.01
CA LYS G 37 -0.65 9.17 -31.57
C LYS G 37 -0.56 10.34 -32.56
N ASP G 38 0.27 11.34 -32.25
CA ASP G 38 0.53 12.49 -33.14
C ASP G 38 1.25 12.06 -34.42
N LYS G 39 2.21 11.16 -34.28
CA LYS G 39 2.94 10.60 -35.43
C LYS G 39 1.97 9.87 -36.38
N GLN G 40 1.10 9.06 -35.81
CA GLN G 40 0.10 8.34 -36.58
C GLN G 40 -0.82 9.28 -37.34
N ASP G 41 -1.19 10.38 -36.69
CA ASP G 41 -2.04 11.40 -37.30
C ASP G 41 -1.30 12.13 -38.45
N GLU G 42 -0.01 12.41 -38.22
CA GLU G 42 0.80 13.11 -39.23
C GLU G 42 1.02 12.20 -40.44
N LEU G 43 1.23 10.90 -40.18
CA LEU G 43 1.34 9.93 -41.26
C LEU G 43 0.03 9.83 -42.04
N ARG G 45 -2.36 12.08 -42.55
CA ARG G 45 -2.58 13.27 -43.42
C ARG G 45 -1.82 13.17 -44.74
N GLN G 46 -0.54 12.82 -44.63
CA GLN G 46 0.32 12.67 -45.79
C GLN G 46 -0.18 11.49 -46.66
N PHE G 47 -0.66 10.44 -46.00
CA PHE G 47 -1.21 9.27 -46.69
C PHE G 47 -2.44 9.66 -47.50
N ILE G 48 -3.28 10.53 -46.91
CA ILE G 48 -4.51 11.00 -47.56
C ILE G 48 -4.19 11.64 -48.92
N LEU G 49 -3.17 12.50 -48.95
CA LEU G 49 -2.76 13.15 -50.20
C LEU G 49 -2.24 12.13 -51.21
N LEU G 50 -1.42 11.18 -50.77
CA LEU G 50 -0.86 10.18 -51.68
C LEU G 50 -1.89 9.18 -52.18
N ILE G 51 -2.78 8.75 -51.30
CA ILE G 51 -3.78 7.76 -51.64
C ILE G 51 -4.82 8.28 -52.65
N ARG G 52 -5.05 9.59 -52.63
CA ARG G 52 -5.95 10.20 -53.60
C ARG G 52 -5.25 10.24 -54.96
N LYS G 53 -3.93 10.51 -54.97
CA LYS G 53 -3.12 10.50 -56.20
C LYS G 53 -3.06 9.08 -56.78
N ASN G 54 -3.00 8.09 -55.88
CA ASN G 54 -3.04 6.69 -56.27
C ASN G 54 -4.36 6.31 -56.91
N ASN G 55 -5.46 6.86 -56.40
CA ASN G 55 -6.80 6.56 -56.92
C ASN G 55 -7.00 7.13 -58.31
N GLU G 56 -6.61 8.39 -58.50
CA GLU G 56 -6.71 9.06 -59.79
C GLU G 56 -5.83 8.40 -60.85
N LEU G 57 -4.60 8.06 -60.45
CA LEU G 57 -3.67 7.34 -61.32
C LEU G 57 -4.26 6.01 -61.78
N ARG G 58 -4.76 5.20 -60.83
CA ARG G 58 -5.28 3.87 -61.15
C ARG G 58 -6.48 3.93 -62.07
N GLN G 59 -7.44 4.82 -61.77
CA GLN G 59 -8.65 4.98 -62.61
C GLN G 59 -8.29 5.26 -64.08
N ALA G 60 -7.32 6.16 -64.28
CA ALA G 60 -6.88 6.55 -65.60
C ALA G 60 -6.10 5.43 -66.28
N ILE G 61 -5.11 4.85 -65.60
CA ILE G 61 -4.23 3.84 -66.20
C ILE G 61 -4.97 2.53 -66.47
N GLU G 62 -6.02 2.27 -65.70
CA GLU G 62 -6.84 1.08 -65.94
C GLU G 62 -7.63 1.21 -67.23
N LYS G 63 -8.17 2.41 -67.48
CA LYS G 63 -8.90 2.71 -68.71
C LYS G 63 -7.94 2.71 -69.91
N GLU G 64 -6.74 3.25 -69.75
CA GLU G 64 -5.74 3.32 -70.82
C GLU G 64 -5.21 1.96 -71.19
N THR G 65 -4.84 1.17 -70.18
CA THR G 65 -4.32 -0.18 -70.41
C THR G 65 -5.32 -1.11 -71.11
N GLN G 66 -6.55 -1.19 -70.60
CA GLN G 66 -7.58 -2.06 -71.19
C GLN G 66 -7.92 -1.64 -72.61
N THR G 67 -7.95 -0.33 -72.84
CA THR G 67 -8.19 0.21 -74.18
C THR G 67 -7.05 -0.17 -75.14
N ALA G 68 -5.81 -0.03 -74.66
CA ALA G 68 -4.62 -0.44 -75.43
C ALA G 68 -4.65 -1.94 -75.71
N LYS G 70 -7.51 -3.86 -75.86
CA LYS G 70 -8.64 -4.11 -76.79
C LYS G 70 -8.28 -3.75 -78.23
N ASP G 71 -7.35 -2.80 -78.38
CA ASP G 71 -6.89 -2.38 -79.70
C ASP G 71 -5.84 -3.34 -80.28
N PHE G 72 -5.14 -4.05 -79.38
CA PHE G 72 -4.15 -5.05 -79.79
C PHE G 72 -4.82 -6.37 -80.14
N VAL G 73 -5.96 -6.67 -79.51
CA VAL G 73 -6.67 -7.91 -79.78
C VAL G 73 -7.38 -7.85 -81.15
N LEU G 74 -7.76 -6.66 -81.56
CA LEU G 74 -8.49 -6.46 -82.81
C LEU G 74 -7.58 -6.66 -84.01
N PHE G 83 2.62 -15.47 -87.72
CA PHE G 83 3.52 -14.38 -88.07
C PHE G 83 3.81 -13.46 -86.88
N ILE G 84 2.79 -13.23 -86.06
CA ILE G 84 2.93 -12.38 -84.88
C ILE G 84 3.92 -12.94 -83.84
N ASP G 85 4.01 -14.27 -83.74
CA ASP G 85 4.96 -14.93 -82.83
C ASP G 85 6.40 -14.80 -83.29
N GLU G 86 6.58 -14.73 -84.62
CA GLU G 86 7.90 -14.60 -85.23
C GLU G 86 8.45 -13.22 -84.93
N LEU G 87 7.61 -12.20 -85.11
CA LEU G 87 8.02 -10.81 -84.88
C LEU G 87 8.35 -10.52 -83.41
N LEU G 88 7.67 -11.22 -82.51
CA LEU G 88 7.81 -10.97 -81.06
C LEU G 88 8.94 -11.78 -80.44
N ALA G 89 9.88 -12.19 -81.27
CA ALA G 89 10.99 -13.03 -80.84
C ALA G 89 12.31 -12.27 -80.61
N LEU G 90 12.86 -11.68 -81.64
CA LEU G 90 14.17 -11.06 -81.45
C LEU G 90 14.27 -9.76 -80.55
N GLU G 93 14.90 -4.90 -76.76
CA GLU G 93 15.78 -3.93 -76.11
C GLU G 93 15.84 -4.06 -74.57
N ASN G 94 16.83 -4.79 -74.06
CA ASN G 94 17.01 -4.85 -72.61
C ASN G 94 17.96 -3.78 -71.99
N VAL G 95 17.41 -2.66 -71.55
CA VAL G 95 18.19 -1.61 -71.01
C VAL G 95 18.41 -1.75 -69.51
N VAL G 99 15.28 1.67 -58.45
CA VAL G 99 14.65 2.15 -57.22
C VAL G 99 15.65 2.84 -56.31
N VAL G 100 15.46 4.15 -56.18
CA VAL G 100 16.22 4.98 -55.27
C VAL G 100 15.38 5.25 -54.02
N GLU G 101 16.01 5.12 -52.85
CA GLU G 101 15.31 5.17 -51.56
C GLU G 101 15.34 6.58 -50.96
N LYS G 102 14.18 7.06 -50.50
CA LYS G 102 14.03 8.39 -49.91
C LYS G 102 12.98 8.33 -48.81
N ASN G 103 12.94 9.39 -48.00
CA ASN G 103 12.10 9.40 -46.81
C ASN G 103 10.87 10.29 -46.98
N ILE G 104 9.68 9.73 -46.71
CA ILE G 104 8.50 10.54 -46.42
C ILE G 104 8.35 10.54 -44.89
N SER G 106 9.19 9.54 -41.72
CA SER G 106 9.88 8.42 -41.10
C SER G 106 9.89 7.16 -41.97
N VAL G 107 9.22 7.21 -43.12
CA VAL G 107 9.02 6.02 -43.95
C VAL G 107 9.98 5.92 -45.15
N LYS G 108 10.58 4.74 -45.32
CA LYS G 108 11.45 4.48 -46.45
C LYS G 108 10.60 4.19 -47.70
N VAL G 109 10.82 4.98 -48.75
CA VAL G 109 9.95 4.96 -49.93
C VAL G 109 10.74 4.89 -51.25
N PRO G 110 10.29 4.06 -52.21
CA PRO G 110 11.02 3.90 -53.49
C PRO G 110 10.71 4.98 -54.52
N LEU G 111 11.71 5.41 -55.27
CA LEU G 111 11.51 6.35 -56.40
C LEU G 111 11.97 5.62 -57.66
N ASN G 113 12.55 4.86 -61.87
CA ASN G 113 12.79 5.38 -63.23
C ASN G 113 13.31 4.27 -64.16
N PHE G 114 12.94 4.31 -65.44
CA PHE G 114 13.35 3.26 -66.38
C PHE G 114 14.85 3.22 -66.64
N SER G 139 -0.68 -0.33 -82.69
CA SER G 139 -1.03 -0.74 -81.33
C SER G 139 0.21 -0.86 -80.44
N ILE G 140 1.36 -1.15 -81.06
CA ILE G 140 2.64 -1.15 -80.34
C ILE G 140 2.97 0.22 -79.76
N ASP G 141 2.75 1.28 -80.55
CA ASP G 141 2.94 2.65 -80.05
C ASP G 141 1.96 2.98 -78.89
N GLY G 142 0.91 2.17 -78.80
CA GLY G 142 -0.08 2.31 -77.74
C GLY G 142 0.45 1.81 -76.42
N PHE G 143 1.10 0.63 -76.46
CA PHE G 143 1.71 0.03 -75.28
C PHE G 143 2.94 0.83 -74.86
N THR G 144 3.67 1.36 -75.85
CA THR G 144 4.87 2.15 -75.59
C THR G 144 4.55 3.44 -74.81
N GLN G 145 3.36 3.98 -75.06
CA GLN G 145 2.92 5.19 -74.40
C GLN G 145 2.41 4.91 -72.95
N LEU G 146 2.01 3.67 -72.69
CA LEU G 146 1.51 3.26 -71.40
C LEU G 146 2.61 3.17 -70.34
N LEU G 147 3.82 2.80 -70.78
CA LEU G 147 4.95 2.45 -69.87
C LEU G 147 5.29 3.49 -68.77
N PRO G 148 5.45 4.78 -69.14
CA PRO G 148 5.77 5.78 -68.13
C PRO G 148 4.72 5.87 -67.02
N LYS G 149 3.44 5.83 -67.40
CA LYS G 149 2.34 5.92 -66.45
C LYS G 149 2.20 4.59 -65.68
N LEU G 150 2.55 3.47 -66.31
CA LEU G 150 2.51 2.19 -65.62
C LEU G 150 3.57 2.10 -64.50
N LEU G 151 4.75 2.65 -64.75
CA LEU G 151 5.80 2.69 -63.74
C LEU G 151 5.48 3.68 -62.63
N LYS G 152 4.81 4.79 -62.99
CA LYS G 152 4.38 5.79 -62.01
C LYS G 152 3.36 5.18 -61.08
N LEU G 153 2.49 4.33 -61.63
CA LEU G 153 1.49 3.61 -60.84
C LEU G 153 2.18 2.74 -59.82
N ALA G 154 3.17 1.98 -60.28
CA ALA G 154 3.96 1.13 -59.40
C ALA G 154 4.59 1.90 -58.24
N GLU G 155 5.18 3.05 -58.55
CA GLU G 155 5.88 3.87 -57.56
C GLU G 155 4.95 4.48 -56.52
N VAL G 156 3.83 4.99 -56.98
CA VAL G 156 2.85 5.59 -56.09
C VAL G 156 2.11 4.55 -55.24
N GLU G 157 1.70 3.45 -55.88
CA GLU G 157 0.91 2.41 -55.22
C GLU G 157 1.76 1.76 -54.13
N LYS G 158 3.02 1.47 -54.45
CA LYS G 158 3.99 0.95 -53.47
C LYS G 158 4.19 1.88 -52.29
N THR G 159 4.37 3.15 -52.61
CA THR G 159 4.54 4.16 -51.57
C THR G 159 3.37 4.14 -50.59
N CYS G 160 2.15 4.07 -51.12
CA CYS G 160 0.95 4.02 -50.28
C CYS G 160 0.90 2.76 -49.42
N GLN G 161 1.35 1.64 -50.00
CA GLN G 161 1.42 0.35 -49.28
C GLN G 161 2.41 0.45 -48.13
N LEU G 162 3.52 1.16 -48.34
CA LEU G 162 4.54 1.31 -47.33
C LEU G 162 4.12 2.26 -46.22
N ALA G 164 0.96 2.74 -45.42
CA ALA G 164 -0.08 1.98 -44.73
C ALA G 164 0.47 1.00 -43.68
N GLU G 165 1.58 0.32 -44.02
CA GLU G 165 2.24 -0.60 -43.08
C GLU G 165 2.77 0.14 -41.82
N GLU G 166 3.34 1.33 -42.05
CA GLU G 166 3.92 2.14 -40.97
C GLU G 166 2.81 2.62 -40.07
N ILE G 167 1.67 3.00 -40.67
CA ILE G 167 0.46 3.44 -39.95
C ILE G 167 0.01 2.37 -39.00
N GLU G 168 -0.04 1.13 -39.51
CA GLU G 168 -0.51 0.01 -38.70
C GLU G 168 0.42 -0.37 -37.59
N LYS G 169 1.71 -0.29 -37.88
CA LYS G 169 2.71 -0.58 -36.86
C LYS G 169 2.72 0.49 -35.78
N THR G 170 2.46 1.74 -36.16
CA THR G 170 2.33 2.84 -35.21
C THR G 170 1.09 2.63 -34.33
N ARG G 171 0.01 2.22 -34.98
CA ARG G 171 -1.29 2.00 -34.32
C ARG G 171 -1.23 0.93 -33.25
N ARG G 172 -0.48 -0.13 -33.52
CA ARG G 172 -0.36 -1.26 -32.60
C ARG G 172 0.38 -0.83 -31.35
N ARG G 173 1.42 -0.03 -31.53
CA ARG G 173 2.22 0.47 -30.41
C ARG G 173 1.37 1.43 -29.57
N VAL G 174 0.52 2.22 -30.23
CA VAL G 174 -0.37 3.13 -29.54
C VAL G 174 -1.38 2.36 -28.69
N ASN G 175 -1.98 1.34 -29.29
CA ASN G 175 -2.97 0.56 -28.60
C ASN G 175 -2.39 -0.34 -27.49
N ALA G 176 -1.16 -0.79 -27.66
CA ALA G 176 -0.48 -1.53 -26.60
C ALA G 176 -0.29 -0.66 -25.35
N LEU G 177 0.13 0.59 -25.55
CA LEU G 177 0.27 1.54 -24.47
C LEU G 177 -1.10 1.89 -23.87
N GLU G 178 -2.09 2.15 -24.72
CA GLU G 178 -3.41 2.64 -24.30
C GLU G 178 -4.23 1.59 -23.56
N TYR G 179 -4.17 0.35 -24.03
CA TYR G 179 -5.04 -0.71 -23.50
C TYR G 179 -4.31 -1.72 -22.62
N THR G 181 -0.16 -1.39 -21.39
CA THR G 181 0.94 -0.83 -20.60
C THR G 181 0.52 0.20 -19.55
N ILE G 182 -0.19 1.25 -19.99
CA ILE G 182 -0.63 2.28 -19.06
C ILE G 182 -1.61 1.78 -17.97
N PRO G 183 -2.65 1.03 -18.37
CA PRO G 183 -3.55 0.50 -17.34
C PRO G 183 -2.86 -0.44 -16.36
N GLN G 184 -1.87 -1.20 -16.83
CA GLN G 184 -1.11 -2.06 -15.92
C GLN G 184 -0.28 -1.28 -14.88
N LEU G 185 0.21 -0.16 -15.32
CA LEU G 185 0.93 0.71 -14.42
C LEU G 185 -0.05 1.41 -13.43
N GLU G 186 -1.22 1.83 -13.95
CA GLU G 186 -2.25 2.47 -13.13
C GLU G 186 -2.74 1.53 -12.01
N GLU G 187 -3.03 0.28 -12.38
CA GLU G 187 -3.54 -0.72 -11.44
C GLU G 187 -2.51 -1.09 -10.36
N THR G 188 -1.23 -1.12 -10.74
CA THR G 188 -0.17 -1.50 -9.81
C THR G 188 0.11 -0.40 -8.78
N ILE G 189 0.10 0.83 -9.26
CA ILE G 189 0.30 2.01 -8.42
C ILE G 189 -0.79 2.06 -7.35
N TYR G 190 -2.04 1.82 -7.78
CA TYR G 190 -3.19 1.79 -6.90
C TYR G 190 -3.00 0.71 -5.85
N TYR G 191 -2.54 -0.46 -6.28
CA TYR G 191 -2.38 -1.61 -5.38
C TYR G 191 -1.33 -1.34 -4.29
N ILE G 192 -0.14 -0.92 -4.74
CA ILE G 192 0.96 -0.61 -3.83
C ILE G 192 0.53 0.41 -2.80
N LYS G 193 -0.09 1.47 -3.31
CA LYS G 193 -0.51 2.60 -2.51
C LYS G 193 -1.43 2.14 -1.41
N LYS G 195 -1.78 -1.05 -0.21
CA LYS G 195 -1.11 -2.02 0.66
C LYS G 195 -0.19 -1.32 1.67
N LEU G 196 0.53 -0.31 1.19
CA LEU G 196 1.38 0.49 2.06
C LEU G 196 0.55 1.11 3.17
N GLU G 197 -0.62 1.63 2.78
CA GLU G 197 -1.48 2.34 3.68
C GLU G 197 -1.96 1.42 4.80
N GLU G 198 -2.36 0.21 4.40
CA GLU G 198 -2.88 -0.80 5.33
C GLU G 198 -1.86 -1.22 6.38
N ASN G 199 -0.66 -1.50 5.92
CA ASN G 199 0.40 -1.94 6.80
C ASN G 199 0.80 -0.90 7.81
N GLU G 200 0.77 0.38 7.41
CA GLU G 200 1.14 1.45 8.32
C GLU G 200 0.14 1.64 9.41
N ARG G 201 -1.13 1.42 9.11
CA ARG G 201 -2.18 1.42 10.15
C ARG G 201 -2.06 0.25 11.13
N ALA G 202 -1.73 -0.92 10.58
CA ALA G 202 -1.56 -2.12 11.38
C ALA G 202 -0.35 -1.98 12.29
N GLU G 203 0.65 -1.24 11.80
CA GLU G 203 1.93 -1.05 12.50
C GLU G 203 1.74 -0.16 13.70
N VAL G 204 1.00 0.92 13.52
CA VAL G 204 0.79 1.85 14.62
C VAL G 204 -0.16 1.23 15.67
N THR G 205 -1.07 0.38 15.19
CA THR G 205 -1.98 -0.34 16.08
C THR G 205 -1.21 -1.26 17.04
N ARG G 206 -0.22 -1.97 16.50
CA ARG G 206 0.62 -2.87 17.26
C ARG G 206 1.53 -2.09 18.22
N LEU G 207 2.03 -0.94 17.77
CA LEU G 207 2.89 -0.11 18.61
C LEU G 207 2.17 0.37 19.83
N ILE G 208 0.89 0.73 19.64
CA ILE G 208 0.11 1.14 20.79
C ILE G 208 -0.15 0.00 21.77
N LYS G 209 -0.33 -1.19 21.22
CA LYS G 209 -0.36 -2.40 22.06
C LYS G 209 0.94 -2.69 22.83
N VAL G 210 2.07 -2.60 22.11
CA VAL G 210 3.39 -2.81 22.74
C VAL G 210 3.66 -1.71 23.80
N LYS G 211 3.22 -0.48 23.49
CA LYS G 211 3.27 0.65 24.45
C LYS G 211 2.64 0.29 25.81
N ASN G 212 1.44 -0.27 25.78
CA ASN G 212 0.74 -0.64 27.00
C ASN G 212 1.39 -1.81 27.79
N THR H 2 19.92 -2.96 -60.10
CA THR H 2 19.09 -2.98 -61.33
C THR H 2 18.09 -4.15 -61.29
N TYR H 3 16.79 -3.83 -61.38
CA TYR H 3 15.72 -4.79 -61.19
C TYR H 3 14.93 -5.07 -62.47
N LYS H 4 14.46 -6.31 -62.55
CA LYS H 4 13.70 -6.80 -63.69
C LYS H 4 12.20 -6.66 -63.44
N ILE H 5 11.43 -6.73 -64.52
CA ILE H 5 9.99 -6.61 -64.45
C ILE H 5 9.36 -7.90 -64.95
N GLY H 6 8.39 -8.40 -64.20
CA GLY H 6 7.63 -9.55 -64.64
C GLY H 6 6.17 -9.27 -64.86
N VAL H 7 5.55 -10.05 -65.72
CA VAL H 7 4.14 -9.88 -66.06
C VAL H 7 3.40 -11.22 -66.04
N VAL H 8 2.21 -11.23 -65.43
CA VAL H 8 1.41 -12.45 -65.29
C VAL H 8 -0.03 -12.20 -65.77
N GLY H 9 -0.45 -12.99 -66.75
CA GLY H 9 -1.81 -12.89 -67.26
C GLY H 9 -1.99 -13.77 -68.47
N ASP H 10 -3.20 -13.75 -69.01
CA ASP H 10 -3.55 -14.49 -70.22
C ASP H 10 -2.76 -14.00 -71.43
N LYS H 11 -2.44 -14.93 -72.33
CA LYS H 11 -1.61 -14.67 -73.51
C LYS H 11 -2.10 -13.50 -74.35
N ASP H 12 -3.42 -13.44 -74.58
CA ASP H 12 -4.03 -12.42 -75.40
C ASP H 12 -3.85 -11.00 -74.84
N SER H 13 -3.58 -10.88 -73.54
CA SER H 13 -3.51 -9.58 -72.88
C SER H 13 -2.08 -9.06 -72.66
N VAL H 14 -1.20 -9.93 -72.22
CA VAL H 14 0.11 -9.50 -71.72
C VAL H 14 1.29 -9.81 -72.64
N SER H 15 0.99 -10.34 -73.83
CA SER H 15 2.01 -10.77 -74.79
C SER H 15 2.95 -9.65 -75.30
N PRO H 16 2.39 -8.48 -75.69
CA PRO H 16 3.27 -7.42 -76.24
C PRO H 16 4.29 -6.86 -75.26
N PHE H 17 4.14 -7.15 -73.96
CA PHE H 17 5.09 -6.69 -72.93
C PHE H 17 6.45 -7.38 -73.10
N ARG H 18 6.46 -8.51 -73.80
CA ARG H 18 7.68 -9.27 -74.07
C ARG H 18 8.63 -8.49 -74.95
N LEU H 19 8.09 -7.54 -75.70
CA LEU H 19 8.86 -6.69 -76.62
C LEU H 19 9.88 -5.81 -75.90
N PHE H 20 9.63 -5.55 -74.62
CA PHE H 20 10.49 -4.66 -73.84
C PHE H 20 11.41 -5.46 -72.90
N GLY H 21 11.39 -6.79 -73.04
CA GLY H 21 12.25 -7.66 -72.25
C GLY H 21 11.70 -7.91 -70.85
N PHE H 22 10.38 -7.95 -70.72
CA PHE H 22 9.74 -8.34 -69.46
C PHE H 22 9.55 -9.87 -69.39
N ASP H 23 9.73 -10.43 -68.20
CA ASP H 23 9.43 -11.83 -67.96
C ASP H 23 7.92 -12.03 -68.02
N VAL H 24 7.42 -12.38 -69.20
CA VAL H 24 5.97 -12.57 -69.39
C VAL H 24 5.53 -14.01 -69.23
N GLN H 25 4.82 -14.29 -68.15
CA GLN H 25 4.36 -15.63 -67.84
C GLN H 25 2.83 -15.74 -67.95
N HIS H 26 2.32 -16.96 -68.17
CA HIS H 26 0.91 -17.15 -68.45
C HIS H 26 0.32 -18.17 -67.51
N THR H 29 -4.05 -21.12 -62.87
CA THR H 29 -4.52 -21.73 -61.62
C THR H 29 -3.79 -21.18 -60.40
N LYS H 30 -4.51 -21.15 -59.27
CA LYS H 30 -3.98 -20.68 -57.99
C LYS H 30 -2.57 -21.21 -57.67
N THR H 31 -2.30 -22.47 -57.99
CA THR H 31 -1.00 -23.06 -57.66
C THR H 31 0.12 -22.54 -58.57
N GLU H 32 -0.10 -22.55 -59.88
CA GLU H 32 0.94 -22.12 -60.83
C GLU H 32 1.24 -20.60 -60.77
N ILE H 33 0.22 -19.79 -60.48
CA ILE H 33 0.39 -18.34 -60.37
C ILE H 33 1.19 -18.01 -59.10
N ARG H 34 0.90 -18.74 -58.02
CA ARG H 34 1.60 -18.60 -56.74
C ARG H 34 3.07 -19.01 -56.85
N LYS H 35 3.35 -20.01 -57.66
CA LYS H 35 4.72 -20.48 -57.90
C LYS H 35 5.55 -19.41 -58.62
N THR H 36 4.97 -18.83 -59.66
CA THR H 36 5.65 -17.80 -60.45
C THR H 36 5.98 -16.56 -59.63
N ILE H 37 5.00 -16.06 -58.89
CA ILE H 37 5.19 -14.88 -58.03
C ILE H 37 6.29 -15.11 -56.99
N ASP H 38 6.31 -16.30 -56.39
CA ASP H 38 7.30 -16.67 -55.38
C ASP H 38 8.73 -16.70 -55.93
N GLU H 39 8.88 -17.29 -57.12
CA GLU H 39 10.17 -17.33 -57.78
C GLU H 39 10.60 -15.96 -58.23
N ALA H 41 9.79 -13.13 -56.85
CA ALA H 41 10.19 -12.42 -55.63
C ALA H 41 11.56 -12.88 -55.18
N LYS H 42 11.78 -14.19 -55.26
CA LYS H 42 13.06 -14.81 -54.87
C LYS H 42 14.20 -14.32 -55.76
N ASN H 43 13.87 -14.02 -57.02
CA ASN H 43 14.86 -13.54 -57.97
C ASN H 43 15.00 -12.05 -57.97
N GLU H 44 14.44 -11.38 -56.95
CA GLU H 44 14.56 -9.92 -56.79
C GLU H 44 14.07 -9.09 -58.02
N TYR H 45 12.85 -9.38 -58.46
CA TYR H 45 12.18 -8.55 -59.45
C TYR H 45 11.74 -7.23 -58.78
N GLY H 46 11.87 -6.12 -59.52
CA GLY H 46 11.46 -4.79 -59.01
C GLY H 46 9.95 -4.60 -58.96
N VAL H 47 9.31 -4.95 -60.08
CA VAL H 47 7.86 -4.88 -60.20
C VAL H 47 7.30 -6.16 -60.83
N ILE H 48 6.16 -6.59 -60.34
CA ILE H 48 5.41 -7.70 -60.96
C ILE H 48 4.01 -7.22 -61.35
N TYR H 49 3.75 -7.08 -62.64
CA TYR H 49 2.40 -6.76 -63.12
C TYR H 49 1.59 -8.04 -63.28
N ILE H 50 0.33 -7.99 -62.90
CA ILE H 50 -0.54 -9.17 -62.99
C ILE H 50 -2.00 -8.78 -63.22
N THR H 51 -2.66 -9.49 -64.12
CA THR H 51 -4.08 -9.26 -64.39
C THR H 51 -4.93 -9.60 -63.16
N GLU H 52 -6.04 -8.88 -62.99
CA GLU H 52 -6.94 -9.07 -61.85
C GLU H 52 -7.56 -10.48 -61.80
N GLN H 53 -7.69 -11.09 -62.98
CA GLN H 53 -8.24 -12.43 -63.08
C GLN H 53 -7.28 -13.49 -62.53
N CYS H 54 -5.98 -13.22 -62.60
CA CYS H 54 -4.97 -14.11 -62.01
C CYS H 54 -4.79 -13.79 -60.54
N ALA H 55 -4.87 -12.49 -60.23
CA ALA H 55 -4.71 -12.02 -58.87
C ALA H 55 -5.86 -12.48 -57.96
N ASN H 56 -7.03 -12.70 -58.57
CA ASN H 56 -8.21 -13.16 -57.84
C ASN H 56 -8.00 -14.56 -57.29
N LEU H 57 -7.01 -15.28 -57.83
CA LEU H 57 -6.75 -16.66 -57.43
C LEU H 57 -5.68 -16.77 -56.35
N VAL H 58 -4.85 -15.75 -56.21
CA VAL H 58 -3.75 -15.81 -55.23
C VAL H 58 -3.70 -14.62 -54.24
N PRO H 59 -4.79 -14.39 -53.48
CA PRO H 59 -4.84 -13.20 -52.63
C PRO H 59 -3.90 -13.29 -51.41
N GLU H 60 -3.62 -14.51 -50.95
CA GLU H 60 -2.78 -14.71 -49.76
C GLU H 60 -1.29 -14.56 -50.10
N THR H 61 -0.94 -14.86 -51.35
CA THR H 61 0.41 -14.73 -51.84
C THR H 61 0.77 -13.25 -52.02
N ILE H 62 -0.15 -12.51 -52.64
CA ILE H 62 0.05 -11.09 -52.88
C ILE H 62 0.12 -10.30 -51.58
N GLU H 63 -0.76 -10.66 -50.63
CA GLU H 63 -0.85 -9.96 -49.35
C GLU H 63 0.47 -10.05 -48.57
N ARG H 64 1.25 -11.10 -48.82
CA ARG H 64 2.50 -11.35 -48.10
C ARG H 64 3.58 -10.33 -48.48
N TYR H 65 3.55 -9.89 -49.73
CA TYR H 65 4.59 -9.03 -50.26
C TYR H 65 4.22 -7.55 -50.23
N LYS H 66 2.99 -7.27 -49.81
CA LYS H 66 2.48 -5.91 -49.78
C LYS H 66 3.34 -5.00 -48.90
N PRO H 71 9.34 -7.08 -54.46
CA PRO H 71 8.74 -6.52 -55.64
C PRO H 71 7.43 -5.77 -55.35
N ALA H 72 7.10 -4.83 -56.23
CA ALA H 72 5.78 -4.21 -56.20
C ALA H 72 4.79 -5.01 -57.05
N ILE H 73 3.84 -5.68 -56.41
CA ILE H 73 2.82 -6.45 -57.16
C ILE H 73 1.67 -5.55 -57.63
N ILE H 74 1.65 -5.30 -58.94
CA ILE H 74 0.70 -4.34 -59.50
C ILE H 74 -0.39 -5.03 -60.31
N LEU H 75 -1.61 -4.95 -59.82
CA LEU H 75 -2.77 -5.47 -60.54
C LEU H 75 -3.17 -4.55 -61.73
N ILE H 76 -3.25 -5.15 -62.90
CA ILE H 76 -3.65 -4.48 -64.14
C ILE H 76 -4.89 -5.19 -64.72
N PRO H 77 -5.58 -4.55 -65.68
CA PRO H 77 -6.74 -5.26 -66.26
C PRO H 77 -6.32 -6.27 -67.32
N SER H 78 -7.25 -7.13 -67.75
CA SER H 78 -7.05 -7.89 -68.97
C SER H 78 -7.82 -7.16 -70.08
N HIS H 79 -7.85 -7.75 -71.28
CA HIS H 79 -8.62 -7.18 -72.38
C HIS H 79 -10.11 -7.29 -72.15
N GLN H 80 -10.49 -8.02 -71.10
CA GLN H 80 -11.87 -8.23 -70.70
C GLN H 80 -12.31 -7.21 -69.63
N GLY H 81 -11.34 -6.65 -68.92
CA GLY H 81 -11.60 -5.64 -67.87
C GLY H 81 -11.03 -5.98 -66.51
N THR H 82 -11.42 -5.21 -65.48
CA THR H 82 -11.06 -5.55 -64.10
C THR H 82 -12.25 -6.14 -63.36
N LEU H 83 -11.96 -6.66 -62.17
CA LEU H 83 -13.01 -7.09 -61.25
C LEU H 83 -13.14 -6.02 -60.15
N GLY H 84 -12.43 -4.93 -60.31
CA GLY H 84 -12.43 -3.84 -59.34
C GLY H 84 -11.58 -4.12 -58.12
N ILE H 85 -10.68 -5.07 -58.24
CA ILE H 85 -9.81 -5.51 -57.12
C ILE H 85 -8.78 -4.45 -56.70
N GLY H 86 -8.11 -3.86 -57.68
CA GLY H 86 -7.05 -2.89 -57.40
C GLY H 86 -7.60 -1.67 -56.68
N LEU H 87 -8.78 -1.22 -57.12
CA LEU H 87 -9.42 -0.06 -56.51
C LEU H 87 -10.12 -0.40 -55.19
N GLU H 88 -10.50 -1.67 -55.02
CA GLU H 88 -11.05 -2.16 -53.75
C GLU H 88 -9.98 -2.20 -52.66
N GLU H 89 -8.77 -2.60 -53.06
CA GLU H 89 -7.62 -2.66 -52.14
C GLU H 89 -7.26 -1.28 -51.62
N ILE H 90 -7.25 -0.32 -52.55
CA ILE H 90 -7.07 1.08 -52.23
C ILE H 90 -8.18 1.56 -51.31
N GLN H 91 -9.42 1.26 -51.68
CA GLN H 91 -10.62 1.65 -50.89
C GLN H 91 -10.54 1.11 -49.48
N ASN H 92 -10.16 -0.17 -49.34
CA ASN H 92 -10.08 -0.80 -48.02
C ASN H 92 -9.01 -0.18 -47.10
N SER H 93 -7.83 0.10 -47.68
CA SER H 93 -6.70 0.67 -46.95
C SER H 93 -7.04 2.06 -46.44
N VAL H 94 -7.84 2.81 -47.21
CA VAL H 94 -8.33 4.13 -46.79
C VAL H 94 -9.20 4.04 -45.53
N GLU H 95 -10.08 3.03 -45.50
CA GLU H 95 -11.04 2.86 -44.42
C GLU H 95 -10.36 2.62 -43.06
N LYS H 96 -9.25 1.88 -43.08
CA LYS H 96 -8.58 1.49 -41.83
C LYS H 96 -7.43 2.44 -41.43
N ALA H 97 -6.97 3.29 -42.35
CA ALA H 97 -5.87 4.20 -42.08
C ALA H 97 -6.36 5.61 -41.77
N VAL H 98 -7.47 5.99 -42.40
CA VAL H 98 -8.05 7.32 -42.21
C VAL H 98 -9.31 7.28 -41.34
N GLY H 99 -10.18 6.30 -41.57
CA GLY H 99 -11.37 6.14 -40.73
C GLY H 99 -12.68 6.51 -41.41
N GLN H 100 -12.59 6.98 -42.66
CA GLN H 100 -13.75 7.34 -43.47
C GLN H 100 -13.32 7.30 -44.92
N ASN H 101 -14.29 7.20 -45.83
CA ASN H 101 -14.02 7.27 -47.28
C ASN H 101 -13.45 8.64 -47.69
#